data_2C34
#
_entry.id   2C34
#
_cell.length_a   1.000
_cell.length_b   1.000
_cell.length_c   1.000
_cell.angle_alpha   90.00
_cell.angle_beta   90.00
_cell.angle_gamma   90.00
#
_symmetry.space_group_name_H-M   'P 1'
#
_entity_poly.entity_id   1
_entity_poly.type   'polypeptide(L)'
_entity_poly.pdbx_seq_one_letter_code
;GSHMIAPLSVKDNDKWVDTHVGKTTEIHLKGNPTTGYMWTRVGFVGKDVLSDEILEVVCKYTPTPSSTPMVGVGGIYVVL
VKPRKRGHHTLELVYTRPFEGIKPENERYTLHLNVK
;
_entity_poly.pdbx_strand_id   A
#
# COMPACT_ATOMS: atom_id res chain seq x y z
N GLY A 1 -20.80 2.20 -13.19
CA GLY A 1 -20.99 3.55 -13.78
C GLY A 1 -21.82 4.45 -12.88
N SER A 2 -21.47 4.49 -11.60
CA SER A 2 -22.18 5.32 -10.64
C SER A 2 -21.23 5.94 -9.63
N HIS A 3 -21.04 7.26 -9.73
CA HIS A 3 -20.15 7.97 -8.82
C HIS A 3 -18.72 7.44 -8.91
N MET A 4 -17.88 8.13 -9.68
CA MET A 4 -16.49 7.73 -9.85
C MET A 4 -15.67 8.05 -8.61
N ILE A 5 -14.42 7.62 -8.60
CA ILE A 5 -13.52 7.86 -7.47
C ILE A 5 -13.08 9.32 -7.42
N ALA A 6 -13.08 9.97 -8.59
CA ALA A 6 -12.69 11.37 -8.69
C ALA A 6 -11.26 11.58 -8.16
N PRO A 7 -10.24 11.42 -9.02
CA PRO A 7 -8.85 11.61 -8.62
C PRO A 7 -8.50 13.07 -8.37
N LEU A 8 -8.05 13.36 -7.16
CA LEU A 8 -7.69 14.72 -6.78
C LEU A 8 -6.35 15.11 -7.40
N SER A 9 -6.21 16.39 -7.73
CA SER A 9 -4.98 16.89 -8.34
C SER A 9 -3.96 17.29 -7.27
N VAL A 10 -4.22 16.89 -6.03
CA VAL A 10 -3.32 17.20 -4.93
C VAL A 10 -2.63 15.93 -4.42
N LYS A 11 -2.84 14.83 -5.12
CA LYS A 11 -2.25 13.56 -4.76
C LYS A 11 -2.18 12.64 -5.96
N ASP A 12 -0.99 12.11 -6.22
CA ASP A 12 -0.79 11.21 -7.34
C ASP A 12 -0.41 9.81 -6.84
N ASN A 13 -1.29 8.85 -7.09
CA ASN A 13 -1.05 7.48 -6.65
C ASN A 13 -1.18 6.48 -7.78
N ASP A 14 -2.39 5.99 -7.98
CA ASP A 14 -2.71 5.01 -9.01
C ASP A 14 -1.74 5.07 -10.18
N LYS A 15 -0.86 4.08 -10.23
CA LYS A 15 0.13 3.98 -11.29
C LYS A 15 -0.38 3.09 -12.43
N TRP A 16 -1.04 3.72 -13.39
CA TRP A 16 -1.59 3.01 -14.53
C TRP A 16 -0.48 2.62 -15.50
N VAL A 17 -0.04 1.36 -15.42
CA VAL A 17 1.04 0.88 -16.29
C VAL A 17 0.98 -0.62 -16.48
N ASP A 18 1.88 -1.13 -17.30
CA ASP A 18 1.96 -2.56 -17.59
C ASP A 18 3.03 -3.24 -16.74
N THR A 19 3.27 -4.53 -16.97
CA THR A 19 4.27 -5.26 -16.20
C THR A 19 4.48 -6.67 -16.74
N HIS A 20 5.27 -7.46 -16.00
CA HIS A 20 5.57 -8.85 -16.37
C HIS A 20 4.98 -9.80 -15.32
N VAL A 21 5.38 -11.07 -15.38
CA VAL A 21 4.87 -12.05 -14.42
C VAL A 21 5.78 -12.21 -13.22
N GLY A 22 5.16 -12.25 -12.03
CA GLY A 22 5.90 -12.41 -10.79
C GLY A 22 6.97 -11.36 -10.60
N LYS A 23 6.90 -10.27 -11.36
CA LYS A 23 7.87 -9.20 -11.22
C LYS A 23 7.73 -8.55 -9.86
N THR A 24 8.34 -9.19 -8.86
CA THR A 24 8.28 -8.71 -7.48
C THR A 24 8.57 -7.21 -7.40
N THR A 25 7.51 -6.42 -7.30
CA THR A 25 7.64 -4.98 -7.19
C THR A 25 7.64 -4.55 -5.74
N GLU A 26 8.84 -4.31 -5.22
CA GLU A 26 9.02 -3.89 -3.85
C GLU A 26 8.76 -2.40 -3.70
N ILE A 27 7.96 -2.06 -2.70
CA ILE A 27 7.63 -0.66 -2.45
C ILE A 27 7.73 -0.32 -0.98
N HIS A 28 8.80 0.38 -0.62
CA HIS A 28 9.01 0.82 0.75
C HIS A 28 8.30 2.14 0.97
N LEU A 29 7.09 2.07 1.50
CA LEU A 29 6.29 3.27 1.73
C LEU A 29 6.50 3.77 3.15
N LYS A 30 6.56 5.07 3.31
CA LYS A 30 6.76 5.67 4.61
C LYS A 30 5.44 6.17 5.18
N GLY A 31 5.45 6.52 6.46
CA GLY A 31 4.24 6.99 7.10
C GLY A 31 4.41 7.16 8.60
N ASN A 32 3.47 6.61 9.36
CA ASN A 32 3.52 6.70 10.82
C ASN A 32 2.39 5.87 11.44
N PRO A 33 2.64 4.59 11.73
CA PRO A 33 1.63 3.69 12.33
C PRO A 33 0.94 4.30 13.55
N THR A 34 1.56 5.32 14.13
CA THR A 34 1.01 5.98 15.31
C THR A 34 0.24 7.25 14.93
N THR A 35 -0.25 7.31 13.70
CA THR A 35 -0.99 8.48 13.23
C THR A 35 -2.49 8.20 13.21
N GLY A 36 -2.85 6.96 12.90
CA GLY A 36 -4.26 6.59 12.83
C GLY A 36 -4.58 5.71 11.64
N TYR A 37 -4.05 6.08 10.48
CA TYR A 37 -4.29 5.32 9.26
C TYR A 37 -3.26 4.21 9.07
N MET A 38 -3.36 3.50 7.95
CA MET A 38 -2.49 2.41 7.62
C MET A 38 -2.32 2.33 6.11
N TRP A 39 -1.18 1.83 5.68
CA TRP A 39 -0.91 1.69 4.26
C TRP A 39 -0.92 0.21 3.88
N THR A 40 -2.09 -0.27 3.49
CA THR A 40 -2.24 -1.67 3.11
C THR A 40 -3.16 -1.80 1.89
N ARG A 41 -3.62 -3.01 1.58
CA ARG A 41 -4.50 -3.22 0.44
C ARG A 41 -5.96 -3.13 0.87
N VAL A 42 -6.71 -2.24 0.22
CA VAL A 42 -8.12 -2.06 0.53
C VAL A 42 -8.87 -3.38 0.48
N GLY A 43 -9.83 -3.56 1.39
CA GLY A 43 -10.59 -4.80 1.45
C GLY A 43 -9.87 -5.87 2.21
N PHE A 44 -8.63 -5.57 2.61
CA PHE A 44 -7.81 -6.51 3.36
C PHE A 44 -7.27 -5.84 4.61
N VAL A 45 -7.63 -4.58 4.78
CA VAL A 45 -7.20 -3.79 5.94
C VAL A 45 -7.58 -4.51 7.24
N GLY A 46 -6.58 -5.08 7.90
CA GLY A 46 -6.82 -5.78 9.14
C GLY A 46 -6.55 -7.27 9.02
N LYS A 47 -6.75 -7.81 7.82
CA LYS A 47 -6.53 -9.22 7.54
C LYS A 47 -5.05 -9.56 7.64
N ASP A 48 -4.74 -10.85 7.52
CA ASP A 48 -3.36 -11.31 7.59
C ASP A 48 -2.68 -11.22 6.23
N VAL A 49 -3.43 -11.58 5.17
CA VAL A 49 -2.90 -11.53 3.82
C VAL A 49 -3.75 -10.66 2.92
N LEU A 50 -3.09 -9.77 2.19
CA LEU A 50 -3.78 -8.87 1.27
C LEU A 50 -4.01 -9.56 -0.06
N SER A 51 -2.93 -10.12 -0.62
CA SER A 51 -2.98 -10.84 -1.88
C SER A 51 -4.05 -11.93 -1.87
N ASP A 52 -4.16 -12.66 -2.97
CA ASP A 52 -5.14 -13.74 -3.09
C ASP A 52 -4.72 -14.75 -4.15
N GLU A 53 -5.10 -14.48 -5.40
CA GLU A 53 -4.79 -15.36 -6.50
C GLU A 53 -4.26 -14.58 -7.70
N ILE A 54 -4.72 -13.34 -7.83
CA ILE A 54 -4.31 -12.48 -8.94
C ILE A 54 -2.90 -11.95 -8.73
N LEU A 55 -2.75 -11.02 -7.81
CA LEU A 55 -1.45 -10.44 -7.50
C LEU A 55 -0.91 -10.97 -6.19
N GLU A 56 0.21 -11.69 -6.25
CA GLU A 56 0.85 -12.22 -5.05
C GLU A 56 1.47 -11.08 -4.24
N VAL A 57 0.61 -10.25 -3.68
CA VAL A 57 1.05 -9.11 -2.90
C VAL A 57 1.60 -9.53 -1.55
N VAL A 58 2.86 -9.89 -1.51
CA VAL A 58 3.51 -10.27 -0.27
C VAL A 58 3.94 -9.01 0.47
N CYS A 59 3.01 -8.46 1.22
CA CYS A 59 3.26 -7.23 1.96
C CYS A 59 3.50 -7.50 3.44
N LYS A 60 4.42 -6.73 4.02
CA LYS A 60 4.75 -6.86 5.41
C LYS A 60 4.78 -5.49 6.07
N TYR A 61 3.85 -5.27 6.98
CA TYR A 61 3.77 -4.00 7.69
C TYR A 61 4.76 -4.00 8.84
N THR A 62 5.87 -3.31 8.65
CA THR A 62 6.92 -3.25 9.67
C THR A 62 6.88 -1.93 10.44
N PRO A 63 6.50 -1.98 11.72
CA PRO A 63 6.43 -0.80 12.57
C PRO A 63 7.65 -0.69 13.47
N THR A 64 8.82 -0.97 12.91
CA THR A 64 10.08 -0.92 13.65
C THR A 64 10.14 0.28 14.60
N PRO A 65 10.69 0.10 15.81
CA PRO A 65 10.81 1.17 16.81
C PRO A 65 11.72 2.30 16.32
N SER A 66 11.93 3.28 17.20
CA SER A 66 12.78 4.42 16.88
C SER A 66 14.24 3.99 16.73
N SER A 67 15.13 4.97 16.59
CA SER A 67 16.55 4.70 16.45
C SER A 67 17.11 4.00 17.69
N THR A 68 17.22 4.76 18.78
CA THR A 68 17.74 4.23 20.03
C THR A 68 16.62 3.92 21.03
N PRO A 69 15.69 4.87 21.25
CA PRO A 69 14.57 4.69 22.19
C PRO A 69 13.54 3.69 21.68
N MET A 70 12.35 3.75 22.26
CA MET A 70 11.26 2.84 21.87
C MET A 70 9.93 3.58 21.92
N VAL A 71 10.00 4.90 21.97
CA VAL A 71 8.81 5.73 22.02
C VAL A 71 8.29 6.05 20.61
N GLY A 72 8.57 5.14 19.70
CA GLY A 72 8.13 5.32 18.32
C GLY A 72 8.14 4.02 17.53
N VAL A 73 7.05 3.27 17.65
CA VAL A 73 6.93 2.00 16.94
C VAL A 73 6.46 2.22 15.51
N GLY A 74 7.13 3.14 14.82
CA GLY A 74 6.78 3.44 13.44
C GLY A 74 7.83 3.01 12.43
N GLY A 75 7.42 2.30 11.41
CA GLY A 75 8.34 1.84 10.38
C GLY A 75 7.88 2.22 8.99
N ILE A 76 7.66 1.22 8.14
CA ILE A 76 7.21 1.45 6.78
C ILE A 76 6.25 0.37 6.33
N TYR A 77 6.00 0.32 5.03
CA TYR A 77 5.11 -0.66 4.45
C TYR A 77 5.76 -1.32 3.24
N VAL A 78 6.32 -2.51 3.45
CA VAL A 78 7.00 -3.24 2.38
C VAL A 78 6.01 -4.08 1.59
N VAL A 79 5.71 -3.63 0.38
CA VAL A 79 4.76 -4.35 -0.47
C VAL A 79 5.44 -5.02 -1.66
N LEU A 80 5.30 -6.34 -1.75
CA LEU A 80 5.87 -7.11 -2.87
C LEU A 80 4.76 -7.63 -3.75
N VAL A 81 4.53 -6.96 -4.87
CA VAL A 81 3.47 -7.36 -5.77
C VAL A 81 4.00 -8.26 -6.89
N LYS A 82 3.71 -9.55 -6.77
CA LYS A 82 4.16 -10.53 -7.76
C LYS A 82 2.99 -11.00 -8.64
N PRO A 83 2.89 -10.49 -9.88
CA PRO A 83 1.83 -10.86 -10.81
C PRO A 83 1.70 -12.37 -10.97
N ARG A 84 0.76 -12.97 -10.24
CA ARG A 84 0.53 -14.40 -10.30
C ARG A 84 -0.01 -14.82 -11.67
N LYS A 85 -0.95 -14.04 -12.19
CA LYS A 85 -1.55 -14.34 -13.49
C LYS A 85 -1.21 -13.25 -14.50
N ARG A 86 -1.60 -13.49 -15.76
CA ARG A 86 -1.34 -12.53 -16.83
C ARG A 86 -2.63 -11.86 -17.27
N GLY A 87 -2.64 -10.54 -17.26
CA GLY A 87 -3.82 -9.79 -17.66
C GLY A 87 -3.89 -8.42 -17.03
N HIS A 88 -5.08 -8.02 -16.58
CA HIS A 88 -5.27 -6.72 -15.96
C HIS A 88 -5.25 -6.84 -14.44
N HIS A 89 -4.09 -6.61 -13.85
CA HIS A 89 -3.93 -6.68 -12.41
C HIS A 89 -3.65 -5.30 -11.82
N THR A 90 -3.84 -5.16 -10.52
CA THR A 90 -3.63 -3.88 -9.86
C THR A 90 -3.42 -4.05 -8.35
N LEU A 91 -2.56 -3.21 -7.78
CA LEU A 91 -2.27 -3.26 -6.35
C LEU A 91 -3.03 -2.15 -5.64
N GLU A 92 -4.21 -2.47 -5.16
CA GLU A 92 -5.06 -1.50 -4.48
C GLU A 92 -4.56 -1.20 -3.07
N LEU A 93 -3.67 -0.22 -2.96
CA LEU A 93 -3.16 0.19 -1.66
C LEU A 93 -3.81 1.49 -1.23
N VAL A 94 -4.44 1.47 -0.06
CA VAL A 94 -5.13 2.64 0.45
C VAL A 94 -4.65 3.01 1.86
N TYR A 95 -4.87 4.28 2.23
CA TYR A 95 -4.49 4.77 3.55
C TYR A 95 -5.74 4.87 4.43
N THR A 96 -6.02 3.80 5.16
CA THR A 96 -7.21 3.74 6.01
C THR A 96 -6.90 3.50 7.48
N ARG A 97 -7.89 3.69 8.34
CA ARG A 97 -7.73 3.47 9.77
C ARG A 97 -8.33 2.12 10.17
N PRO A 98 -7.50 1.06 10.23
CA PRO A 98 -7.97 -0.29 10.60
C PRO A 98 -8.86 -0.27 11.85
N PHE A 99 -8.62 0.70 12.72
CA PHE A 99 -9.38 0.84 13.94
C PHE A 99 -10.80 1.34 13.67
N GLU A 100 -10.91 2.31 12.77
CA GLU A 100 -12.21 2.87 12.43
C GLU A 100 -12.79 2.21 11.18
N GLY A 101 -12.16 2.47 10.04
CA GLY A 101 -12.61 1.91 8.78
C GLY A 101 -12.04 2.64 7.59
N ILE A 102 -12.38 2.17 6.40
CA ILE A 102 -11.90 2.78 5.18
C ILE A 102 -12.92 3.74 4.59
N LYS A 103 -12.43 4.85 4.06
CA LYS A 103 -13.30 5.87 3.48
C LYS A 103 -12.67 6.46 2.22
N PRO A 104 -13.50 7.07 1.35
CA PRO A 104 -13.04 7.67 0.09
C PRO A 104 -12.09 8.84 0.32
N GLU A 105 -12.34 9.61 1.36
CA GLU A 105 -11.51 10.77 1.69
C GLU A 105 -10.09 10.35 2.07
N ASN A 106 -9.83 9.05 2.03
CA ASN A 106 -8.52 8.52 2.38
C ASN A 106 -7.58 8.54 1.18
N GLU A 107 -6.28 8.52 1.45
CA GLU A 107 -5.28 8.52 0.40
C GLU A 107 -5.36 7.25 -0.44
N ARG A 108 -4.70 7.27 -1.59
CA ARG A 108 -4.72 6.13 -2.50
C ARG A 108 -3.32 5.77 -2.99
N TYR A 109 -3.19 4.57 -3.55
CA TYR A 109 -1.93 4.09 -4.13
C TYR A 109 -2.21 2.78 -4.87
N THR A 110 -2.92 2.89 -5.98
CA THR A 110 -3.28 1.73 -6.79
C THR A 110 -2.27 1.48 -7.90
N LEU A 111 -1.25 0.68 -7.61
CA LEU A 111 -0.23 0.37 -8.60
C LEU A 111 -0.81 -0.54 -9.68
N HIS A 112 -1.35 0.09 -10.73
CA HIS A 112 -1.94 -0.66 -11.83
C HIS A 112 -0.87 -1.31 -12.68
N LEU A 113 -1.12 -2.57 -13.04
CA LEU A 113 -0.19 -3.35 -13.83
C LEU A 113 -0.90 -4.20 -14.87
N ASN A 114 -0.86 -3.78 -16.12
CA ASN A 114 -1.48 -4.52 -17.21
C ASN A 114 -0.57 -5.67 -17.59
N VAL A 115 -0.40 -6.61 -16.65
CA VAL A 115 0.46 -7.76 -16.85
C VAL A 115 0.28 -8.38 -18.24
N LYS A 116 1.34 -8.36 -19.04
CA LYS A 116 1.29 -8.91 -20.38
C LYS A 116 1.50 -10.42 -20.36
N GLY A 1 -17.37 13.92 5.85
CA GLY A 1 -17.95 12.76 5.12
C GLY A 1 -18.52 13.16 3.77
N SER A 2 -17.80 12.85 2.70
CA SER A 2 -18.25 13.18 1.36
C SER A 2 -17.92 12.05 0.39
N HIS A 3 -18.81 11.84 -0.58
CA HIS A 3 -18.62 10.79 -1.58
C HIS A 3 -18.45 11.38 -2.98
N MET A 4 -17.27 11.18 -3.55
CA MET A 4 -16.98 11.70 -4.89
C MET A 4 -16.31 10.63 -5.74
N ILE A 5 -15.64 9.68 -5.09
CA ILE A 5 -14.96 8.59 -5.78
C ILE A 5 -13.90 9.15 -6.74
N ALA A 6 -13.57 10.42 -6.57
CA ALA A 6 -12.57 11.08 -7.41
C ALA A 6 -11.58 11.88 -6.57
N PRO A 7 -10.34 12.06 -7.06
CA PRO A 7 -9.31 12.82 -6.34
C PRO A 7 -9.77 14.22 -5.98
N LEU A 8 -9.33 14.71 -4.83
CA LEU A 8 -9.70 16.05 -4.37
C LEU A 8 -8.45 16.88 -4.07
N SER A 9 -7.68 16.44 -3.08
CA SER A 9 -6.46 17.14 -2.69
C SER A 9 -5.30 16.74 -3.59
N VAL A 10 -4.18 17.44 -3.45
CA VAL A 10 -2.99 17.15 -4.24
C VAL A 10 -2.33 15.85 -3.80
N LYS A 11 -2.58 14.78 -4.54
CA LYS A 11 -2.02 13.48 -4.23
C LYS A 11 -1.97 12.61 -5.48
N ASP A 12 -0.80 12.08 -5.77
CA ASP A 12 -0.62 11.22 -6.93
C ASP A 12 -0.25 9.80 -6.50
N ASN A 13 -1.16 8.87 -6.76
CA ASN A 13 -0.94 7.48 -6.38
C ASN A 13 -1.13 6.54 -7.56
N ASP A 14 -2.38 6.13 -7.76
CA ASP A 14 -2.75 5.22 -8.83
C ASP A 14 -1.79 5.25 -10.00
N LYS A 15 -1.02 4.18 -10.12
CA LYS A 15 -0.04 4.03 -11.19
C LYS A 15 -0.54 2.99 -12.20
N TRP A 16 -1.14 3.48 -13.26
CA TRP A 16 -1.69 2.63 -14.31
C TRP A 16 -0.61 2.26 -15.32
N VAL A 17 -0.15 1.00 -15.27
CA VAL A 17 0.91 0.57 -16.19
C VAL A 17 0.86 -0.93 -16.47
N ASP A 18 1.82 -1.37 -17.26
CA ASP A 18 1.94 -2.77 -17.65
C ASP A 18 3.07 -3.46 -16.87
N THR A 19 3.28 -4.75 -17.15
CA THR A 19 4.33 -5.51 -16.46
C THR A 19 4.42 -6.94 -16.97
N HIS A 20 5.24 -7.75 -16.29
CA HIS A 20 5.41 -9.15 -16.65
C HIS A 20 5.04 -10.05 -15.47
N VAL A 21 5.02 -11.35 -15.68
CA VAL A 21 4.67 -12.30 -14.63
C VAL A 21 5.71 -12.34 -13.51
N GLY A 22 5.22 -12.40 -12.27
CA GLY A 22 6.09 -12.46 -11.11
C GLY A 22 6.98 -11.25 -10.95
N LYS A 23 6.70 -10.19 -11.71
CA LYS A 23 7.49 -8.97 -11.61
C LYS A 23 7.39 -8.41 -10.19
N THR A 24 8.21 -8.95 -9.29
CA THR A 24 8.22 -8.53 -7.89
C THR A 24 8.47 -7.03 -7.76
N THR A 25 7.40 -6.27 -7.59
CA THR A 25 7.50 -4.83 -7.44
C THR A 25 7.48 -4.44 -5.97
N GLU A 26 8.68 -4.17 -5.44
CA GLU A 26 8.84 -3.78 -4.05
C GLU A 26 8.59 -2.30 -3.86
N ILE A 27 7.80 -1.96 -2.85
CA ILE A 27 7.49 -0.58 -2.57
C ILE A 27 7.50 -0.28 -1.08
N HIS A 28 8.54 0.40 -0.64
CA HIS A 28 8.66 0.79 0.75
C HIS A 28 8.00 2.16 0.94
N LEU A 29 6.93 2.17 1.71
CA LEU A 29 6.19 3.40 1.95
C LEU A 29 6.38 3.85 3.40
N LYS A 30 6.39 5.16 3.61
CA LYS A 30 6.57 5.68 4.95
C LYS A 30 5.22 6.10 5.55
N GLY A 31 5.19 6.24 6.86
CA GLY A 31 3.97 6.61 7.54
C GLY A 31 4.05 6.43 9.04
N ASN A 32 2.90 6.25 9.69
CA ASN A 32 2.86 6.06 11.14
C ASN A 32 1.44 5.68 11.58
N PRO A 33 1.27 4.49 12.18
CA PRO A 33 -0.05 4.01 12.64
C PRO A 33 -0.62 4.83 13.80
N THR A 34 0.05 4.79 14.95
CA THR A 34 -0.41 5.51 16.13
C THR A 34 -0.67 7.00 15.84
N THR A 35 -0.03 7.51 14.79
CA THR A 35 -0.20 8.91 14.43
C THR A 35 -1.41 9.10 13.52
N GLY A 36 -1.32 8.58 12.31
CA GLY A 36 -2.41 8.70 11.36
C GLY A 36 -3.13 7.40 11.11
N TYR A 37 -3.08 6.94 9.86
CA TYR A 37 -3.74 5.69 9.47
C TYR A 37 -2.71 4.62 9.12
N MET A 38 -3.20 3.50 8.59
CA MET A 38 -2.35 2.39 8.19
C MET A 38 -2.29 2.29 6.67
N TRP A 39 -1.19 1.76 6.18
CA TRP A 39 -1.00 1.59 4.75
C TRP A 39 -1.05 0.12 4.37
N THR A 40 -2.18 -0.30 3.82
CA THR A 40 -2.35 -1.69 3.42
C THR A 40 -3.22 -1.79 2.17
N ARG A 41 -3.56 -3.01 1.75
CA ARG A 41 -4.38 -3.21 0.56
C ARG A 41 -5.86 -2.92 0.85
N VAL A 42 -6.51 -2.24 -0.10
CA VAL A 42 -7.92 -1.89 0.04
C VAL A 42 -8.78 -3.12 0.33
N GLY A 43 -9.68 -2.98 1.31
CA GLY A 43 -10.55 -4.08 1.67
C GLY A 43 -9.85 -5.12 2.52
N PHE A 44 -8.57 -5.32 2.26
CA PHE A 44 -7.78 -6.30 3.00
C PHE A 44 -7.19 -5.66 4.25
N VAL A 45 -7.86 -4.63 4.73
CA VAL A 45 -7.42 -3.92 5.93
C VAL A 45 -7.82 -4.68 7.19
N GLY A 46 -6.84 -5.29 7.84
CA GLY A 46 -7.10 -6.04 9.05
C GLY A 46 -6.92 -7.53 8.85
N LYS A 47 -6.96 -7.96 7.59
CA LYS A 47 -6.80 -9.36 7.25
C LYS A 47 -5.40 -9.85 7.59
N ASP A 48 -5.20 -11.16 7.51
CA ASP A 48 -3.92 -11.78 7.79
C ASP A 48 -3.03 -11.73 6.56
N VAL A 49 -3.67 -11.64 5.40
CA VAL A 49 -2.98 -11.58 4.13
C VAL A 49 -3.69 -10.65 3.15
N LEU A 50 -2.91 -9.86 2.44
CA LEU A 50 -3.47 -8.92 1.48
C LEU A 50 -3.61 -9.60 0.13
N SER A 51 -2.50 -10.18 -0.35
CA SER A 51 -2.49 -10.90 -1.62
C SER A 51 -3.61 -11.94 -1.68
N ASP A 52 -3.74 -12.62 -2.82
CA ASP A 52 -4.78 -13.62 -3.00
C ASP A 52 -4.39 -14.68 -4.03
N GLU A 53 -4.84 -14.47 -5.26
CA GLU A 53 -4.55 -15.42 -6.35
C GLU A 53 -4.05 -14.68 -7.58
N ILE A 54 -4.53 -13.47 -7.77
CA ILE A 54 -4.14 -12.65 -8.92
C ILE A 54 -2.72 -12.15 -8.77
N LEU A 55 -2.53 -11.22 -7.85
CA LEU A 55 -1.21 -10.65 -7.59
C LEU A 55 -0.63 -11.19 -6.28
N GLU A 56 0.48 -11.92 -6.37
CA GLU A 56 1.15 -12.43 -5.19
C GLU A 56 1.74 -11.27 -4.40
N VAL A 57 0.87 -10.51 -3.75
CA VAL A 57 1.29 -9.35 -3.00
C VAL A 57 1.92 -9.73 -1.67
N VAL A 58 3.20 -10.04 -1.70
CA VAL A 58 3.92 -10.37 -0.48
C VAL A 58 4.32 -9.09 0.23
N CYS A 59 3.38 -8.55 0.98
CA CYS A 59 3.60 -7.31 1.70
C CYS A 59 3.71 -7.55 3.20
N LYS A 60 4.51 -6.73 3.84
CA LYS A 60 4.71 -6.83 5.27
C LYS A 60 4.72 -5.44 5.91
N TYR A 61 3.87 -5.25 6.89
CA TYR A 61 3.79 -3.98 7.59
C TYR A 61 4.89 -3.94 8.65
N THR A 62 6.00 -3.30 8.31
CA THR A 62 7.15 -3.19 9.21
C THR A 62 7.05 -1.94 10.07
N PRO A 63 6.92 -2.11 11.39
CA PRO A 63 6.83 -1.01 12.33
C PRO A 63 8.19 -0.73 13.00
N THR A 64 8.16 -0.04 14.14
CA THR A 64 9.39 0.28 14.85
C THR A 64 9.67 -0.77 15.93
N PRO A 65 10.95 -1.13 16.13
CA PRO A 65 11.34 -2.13 17.13
C PRO A 65 10.96 -1.70 18.55
N SER A 66 10.14 -2.51 19.20
CA SER A 66 9.70 -2.22 20.56
C SER A 66 10.63 -2.86 21.60
N SER A 67 10.70 -2.25 22.78
CA SER A 67 11.56 -2.76 23.84
C SER A 67 10.79 -3.73 24.74
N THR A 68 9.48 -3.53 24.82
CA THR A 68 8.63 -4.38 25.65
C THR A 68 7.17 -4.35 25.19
N PRO A 69 6.59 -3.15 25.01
CA PRO A 69 5.20 -3.00 24.58
C PRO A 69 5.02 -3.33 23.10
N MET A 70 3.87 -2.94 22.55
CA MET A 70 3.57 -3.19 21.15
C MET A 70 2.54 -2.19 20.64
N VAL A 71 2.42 -1.08 21.36
CA VAL A 71 1.47 -0.04 21.01
C VAL A 71 2.19 1.28 20.74
N GLY A 72 2.09 1.76 19.50
CA GLY A 72 2.73 3.01 19.14
C GLY A 72 4.10 2.79 18.53
N VAL A 73 4.14 2.33 17.28
CA VAL A 73 5.38 2.07 16.59
C VAL A 73 5.70 3.20 15.61
N GLY A 74 5.65 2.89 14.32
CA GLY A 74 5.94 3.88 13.30
C GLY A 74 7.07 3.45 12.38
N GLY A 75 6.76 2.55 11.44
CA GLY A 75 7.75 2.07 10.52
C GLY A 75 7.39 2.39 9.08
N ILE A 76 7.46 1.38 8.21
CA ILE A 76 7.11 1.56 6.81
C ILE A 76 6.16 0.48 6.34
N TYR A 77 6.02 0.36 5.03
CA TYR A 77 5.13 -0.63 4.43
C TYR A 77 5.75 -1.17 3.14
N VAL A 78 6.30 -2.38 3.20
CA VAL A 78 6.92 -2.98 2.04
C VAL A 78 5.95 -3.90 1.32
N VAL A 79 5.77 -3.65 0.03
CA VAL A 79 4.86 -4.44 -0.78
C VAL A 79 5.54 -5.12 -1.97
N LEU A 80 5.44 -6.44 -2.04
CA LEU A 80 6.01 -7.21 -3.14
C LEU A 80 4.90 -7.76 -4.01
N VAL A 81 4.58 -7.07 -5.09
CA VAL A 81 3.52 -7.51 -5.97
C VAL A 81 4.06 -8.38 -7.10
N LYS A 82 3.81 -9.69 -6.98
CA LYS A 82 4.27 -10.64 -8.00
C LYS A 82 3.10 -11.19 -8.81
N PRO A 83 2.90 -10.67 -10.03
CA PRO A 83 1.80 -11.11 -10.90
C PRO A 83 1.72 -12.63 -11.02
N ARG A 84 0.84 -13.23 -10.22
CA ARG A 84 0.63 -14.66 -10.24
C ARG A 84 0.09 -15.12 -11.59
N LYS A 85 -0.76 -14.30 -12.17
CA LYS A 85 -1.36 -14.60 -13.47
C LYS A 85 -0.94 -13.57 -14.51
N ARG A 86 -1.52 -13.66 -15.70
CA ARG A 86 -1.19 -12.72 -16.77
C ARG A 86 -2.47 -12.20 -17.43
N GLY A 87 -2.66 -10.89 -17.37
CA GLY A 87 -3.83 -10.28 -17.96
C GLY A 87 -4.14 -8.92 -17.37
N HIS A 88 -5.10 -8.87 -16.46
CA HIS A 88 -5.49 -7.62 -15.81
C HIS A 88 -5.31 -7.70 -14.30
N HIS A 89 -4.22 -7.12 -13.82
CA HIS A 89 -3.91 -7.12 -12.39
C HIS A 89 -3.87 -5.68 -11.85
N THR A 90 -3.99 -5.54 -10.54
CA THR A 90 -3.97 -4.22 -9.92
C THR A 90 -3.65 -4.29 -8.43
N LEU A 91 -3.03 -3.25 -7.90
CA LEU A 91 -2.67 -3.19 -6.50
C LEU A 91 -3.09 -1.86 -5.90
N GLU A 92 -4.35 -1.76 -5.52
CA GLU A 92 -4.88 -0.53 -4.95
C GLU A 92 -4.67 -0.49 -3.45
N LEU A 93 -3.72 0.34 -3.03
CA LEU A 93 -3.42 0.49 -1.61
C LEU A 93 -4.27 1.62 -1.03
N VAL A 94 -4.31 1.71 0.29
CA VAL A 94 -5.11 2.73 0.94
C VAL A 94 -4.59 3.07 2.34
N TYR A 95 -4.75 4.34 2.73
CA TYR A 95 -4.32 4.82 4.04
C TYR A 95 -5.51 4.83 5.00
N THR A 96 -5.82 3.67 5.57
CA THR A 96 -6.98 3.55 6.46
C THR A 96 -6.60 3.06 7.86
N ARG A 97 -7.48 3.34 8.82
CA ARG A 97 -7.29 2.92 10.20
C ARG A 97 -8.15 1.69 10.51
N PRO A 98 -7.54 0.49 10.51
CA PRO A 98 -8.25 -0.76 10.79
C PRO A 98 -9.16 -0.69 12.01
N PHE A 99 -8.68 -0.02 13.06
CA PHE A 99 -9.42 0.12 14.29
C PHE A 99 -10.61 1.07 14.16
N GLU A 100 -10.93 1.47 12.93
CA GLU A 100 -12.05 2.37 12.70
C GLU A 100 -12.67 2.13 11.32
N GLY A 101 -12.19 1.11 10.63
CA GLY A 101 -12.71 0.81 9.31
C GLY A 101 -12.08 1.66 8.24
N ILE A 102 -12.61 1.58 7.03
CA ILE A 102 -12.07 2.35 5.92
C ILE A 102 -13.04 3.43 5.45
N LYS A 103 -12.48 4.50 4.93
CA LYS A 103 -13.28 5.63 4.45
C LYS A 103 -12.75 6.12 3.10
N PRO A 104 -13.55 6.91 2.37
CA PRO A 104 -13.17 7.46 1.07
C PRO A 104 -12.21 8.63 1.22
N GLU A 105 -12.20 9.22 2.40
CA GLU A 105 -11.34 10.36 2.69
C GLU A 105 -9.90 9.91 2.93
N ASN A 106 -9.67 8.60 2.83
CA ASN A 106 -8.34 8.03 3.04
C ASN A 106 -7.49 8.14 1.77
N GLU A 107 -6.18 8.27 1.96
CA GLU A 107 -5.25 8.37 0.86
C GLU A 107 -5.31 7.11 -0.01
N ARG A 108 -4.62 7.16 -1.15
CA ARG A 108 -4.60 6.03 -2.07
C ARG A 108 -3.19 5.78 -2.61
N TYR A 109 -2.98 4.57 -3.10
CA TYR A 109 -1.71 4.18 -3.71
C TYR A 109 -1.94 2.93 -4.54
N THR A 110 -2.61 3.09 -5.67
CA THR A 110 -2.91 1.99 -6.55
C THR A 110 -1.75 1.73 -7.50
N LEU A 111 -1.62 0.48 -7.91
CA LEU A 111 -0.56 0.09 -8.83
C LEU A 111 -1.08 -0.91 -9.84
N HIS A 112 -1.64 -0.40 -10.93
CA HIS A 112 -2.18 -1.23 -12.00
C HIS A 112 -1.06 -1.85 -12.81
N LEU A 113 -1.28 -3.09 -13.24
CA LEU A 113 -0.29 -3.83 -14.00
C LEU A 113 -0.95 -4.71 -15.06
N ASN A 114 -0.91 -4.27 -16.30
CA ASN A 114 -1.47 -5.05 -17.39
C ASN A 114 -0.47 -6.13 -17.80
N VAL A 115 -0.17 -7.00 -16.83
CA VAL A 115 0.78 -8.08 -17.01
C VAL A 115 0.68 -8.70 -18.40
N LYS A 116 1.84 -9.03 -18.98
CA LYS A 116 1.88 -9.64 -20.31
C LYS A 116 1.68 -11.15 -20.23
N GLY A 1 3.29 34.60 9.13
CA GLY A 1 2.54 33.58 8.34
C GLY A 1 2.63 32.19 8.95
N SER A 2 2.00 31.22 8.30
CA SER A 2 2.02 29.84 8.77
C SER A 2 2.04 28.86 7.60
N HIS A 3 2.61 27.69 7.84
CA HIS A 3 2.70 26.66 6.80
C HIS A 3 1.49 25.73 6.85
N MET A 4 1.04 25.29 5.68
CA MET A 4 -0.11 24.40 5.59
C MET A 4 0.19 23.21 4.68
N ILE A 5 -0.82 22.36 4.48
CA ILE A 5 -0.66 21.19 3.62
C ILE A 5 -0.38 21.60 2.18
N ALA A 6 -0.97 22.72 1.75
CA ALA A 6 -0.79 23.23 0.40
C ALA A 6 -1.21 22.19 -0.64
N PRO A 7 -2.49 22.22 -1.07
CA PRO A 7 -3.01 21.27 -2.07
C PRO A 7 -2.51 21.59 -3.47
N LEU A 8 -1.66 22.60 -3.58
CA LEU A 8 -1.10 23.00 -4.88
C LEU A 8 -0.29 21.87 -5.49
N SER A 9 0.28 21.02 -4.64
CA SER A 9 1.09 19.90 -5.10
C SER A 9 0.20 18.77 -5.62
N VAL A 10 0.83 17.77 -6.22
CA VAL A 10 0.10 16.63 -6.78
C VAL A 10 0.41 15.35 -6.02
N LYS A 11 -0.64 14.60 -5.68
CA LYS A 11 -0.48 13.34 -4.96
C LYS A 11 -0.74 12.15 -5.87
N ASP A 12 -0.52 12.35 -7.16
CA ASP A 12 -0.72 11.30 -8.16
C ASP A 12 -0.29 9.94 -7.63
N ASN A 13 -1.25 9.02 -7.55
CA ASN A 13 -0.98 7.68 -7.05
C ASN A 13 -1.16 6.63 -8.13
N ASP A 14 -2.41 6.21 -8.31
CA ASP A 14 -2.77 5.20 -9.29
C ASP A 14 -1.77 5.15 -10.45
N LYS A 15 -0.92 4.13 -10.42
CA LYS A 15 0.09 3.94 -11.46
C LYS A 15 -0.44 2.97 -12.52
N TRP A 16 -1.08 3.53 -13.54
CA TRP A 16 -1.63 2.74 -14.63
C TRP A 16 -0.54 2.32 -15.61
N VAL A 17 -0.12 1.06 -15.52
CA VAL A 17 0.95 0.57 -16.40
C VAL A 17 0.87 -0.93 -16.61
N ASP A 18 1.77 -1.44 -17.43
CA ASP A 18 1.86 -2.87 -17.73
C ASP A 18 2.95 -3.54 -16.91
N THR A 19 3.15 -4.84 -17.13
CA THR A 19 4.19 -5.58 -16.39
C THR A 19 4.31 -7.02 -16.87
N HIS A 20 5.14 -7.78 -16.18
CA HIS A 20 5.37 -9.19 -16.51
C HIS A 20 4.88 -10.08 -15.35
N VAL A 21 5.20 -11.37 -15.42
CA VAL A 21 4.77 -12.31 -14.39
C VAL A 21 5.70 -12.30 -13.18
N GLY A 22 5.10 -12.37 -11.99
CA GLY A 22 5.85 -12.40 -10.75
C GLY A 22 6.85 -11.27 -10.63
N LYS A 23 6.63 -10.19 -11.36
CA LYS A 23 7.53 -9.04 -11.28
C LYS A 23 7.42 -8.41 -9.91
N THR A 24 8.12 -8.99 -8.95
CA THR A 24 8.10 -8.52 -7.58
C THR A 24 8.40 -7.04 -7.48
N THR A 25 7.35 -6.23 -7.42
CA THR A 25 7.49 -4.79 -7.31
C THR A 25 7.51 -4.38 -5.85
N GLU A 26 8.71 -4.12 -5.34
CA GLU A 26 8.90 -3.72 -3.96
C GLU A 26 8.72 -2.23 -3.78
N ILE A 27 7.89 -1.86 -2.80
CA ILE A 27 7.63 -0.46 -2.52
C ILE A 27 7.58 -0.19 -1.03
N HIS A 28 8.68 0.32 -0.48
CA HIS A 28 8.75 0.67 0.92
C HIS A 28 8.08 2.02 1.11
N LEU A 29 6.89 2.01 1.69
CA LEU A 29 6.15 3.25 1.90
C LEU A 29 6.33 3.72 3.33
N LYS A 30 6.41 5.03 3.51
CA LYS A 30 6.59 5.60 4.83
C LYS A 30 5.26 5.96 5.46
N GLY A 31 5.28 6.23 6.75
CA GLY A 31 4.06 6.57 7.46
C GLY A 31 4.28 6.69 8.95
N ASN A 32 3.36 6.14 9.74
CA ASN A 32 3.46 6.19 11.19
C ASN A 32 2.30 5.42 11.83
N PRO A 33 2.54 4.16 12.26
CA PRO A 33 1.50 3.32 12.88
C PRO A 33 0.94 3.94 14.16
N THR A 34 1.52 5.04 14.61
CA THR A 34 1.06 5.70 15.82
C THR A 34 0.11 6.85 15.51
N THR A 35 -0.34 6.92 14.26
CA THR A 35 -1.27 7.98 13.85
C THR A 35 -2.70 7.46 13.77
N GLY A 36 -2.95 6.55 12.84
CA GLY A 36 -4.28 5.99 12.68
C GLY A 36 -4.45 5.28 11.35
N TYR A 37 -4.19 5.99 10.26
CA TYR A 37 -4.34 5.42 8.92
C TYR A 37 -3.26 4.36 8.67
N MET A 38 -3.43 3.63 7.57
CA MET A 38 -2.52 2.57 7.20
C MET A 38 -2.36 2.53 5.69
N TRP A 39 -1.20 2.13 5.24
CA TRP A 39 -0.92 2.03 3.82
C TRP A 39 -0.90 0.56 3.41
N THR A 40 -2.07 -0.02 3.26
CA THR A 40 -2.18 -1.42 2.87
C THR A 40 -3.05 -1.57 1.62
N ARG A 41 -3.53 -2.78 1.34
CA ARG A 41 -4.36 -3.00 0.16
C ARG A 41 -5.84 -2.79 0.51
N VAL A 42 -6.64 -2.48 -0.51
CA VAL A 42 -8.07 -2.23 -0.31
C VAL A 42 -8.83 -3.52 -0.07
N GLY A 43 -9.65 -3.53 0.98
CA GLY A 43 -10.43 -4.71 1.30
C GLY A 43 -9.64 -5.74 2.11
N PHE A 44 -8.48 -5.32 2.59
CA PHE A 44 -7.63 -6.21 3.37
C PHE A 44 -7.09 -5.49 4.61
N VAL A 45 -7.47 -4.22 4.74
CA VAL A 45 -7.05 -3.40 5.87
C VAL A 45 -7.41 -4.09 7.19
N GLY A 46 -6.38 -4.41 7.96
CA GLY A 46 -6.59 -5.06 9.24
C GLY A 46 -6.37 -6.56 9.15
N LYS A 47 -6.60 -7.12 7.97
CA LYS A 47 -6.42 -8.54 7.74
C LYS A 47 -4.94 -8.91 7.78
N ASP A 48 -4.66 -10.21 7.73
CA ASP A 48 -3.30 -10.71 7.75
C ASP A 48 -2.63 -10.56 6.39
N VAL A 49 -3.19 -11.22 5.40
CA VAL A 49 -2.67 -11.18 4.04
C VAL A 49 -3.56 -10.33 3.14
N LEU A 50 -2.94 -9.60 2.23
CA LEU A 50 -3.66 -8.74 1.30
C LEU A 50 -3.88 -9.49 -0.02
N SER A 51 -2.80 -10.05 -0.55
CA SER A 51 -2.83 -10.81 -1.78
C SER A 51 -3.88 -11.92 -1.73
N ASP A 52 -3.98 -12.68 -2.82
CA ASP A 52 -4.94 -13.78 -2.91
C ASP A 52 -4.51 -14.82 -3.93
N GLU A 53 -4.95 -14.66 -5.16
CA GLU A 53 -4.62 -15.57 -6.23
C GLU A 53 -4.10 -14.84 -7.46
N ILE A 54 -4.56 -13.60 -7.63
CA ILE A 54 -4.15 -12.77 -8.76
C ILE A 54 -2.75 -12.22 -8.57
N LEU A 55 -2.64 -11.23 -7.69
CA LEU A 55 -1.36 -10.61 -7.40
C LEU A 55 -0.80 -11.07 -6.06
N GLU A 56 0.34 -11.77 -6.10
CA GLU A 56 0.99 -12.23 -4.87
C GLU A 56 1.59 -11.04 -4.13
N VAL A 57 0.72 -10.20 -3.59
CA VAL A 57 1.14 -9.02 -2.87
C VAL A 57 1.67 -9.36 -1.48
N VAL A 58 2.96 -9.63 -1.40
CA VAL A 58 3.59 -9.93 -0.13
C VAL A 58 4.01 -8.62 0.54
N CYS A 59 3.11 -8.07 1.32
CA CYS A 59 3.35 -6.80 1.99
C CYS A 59 3.87 -7.00 3.40
N LYS A 60 4.75 -6.09 3.81
CA LYS A 60 5.32 -6.13 5.15
C LYS A 60 5.23 -4.76 5.80
N TYR A 61 4.15 -4.56 6.53
CA TYR A 61 3.89 -3.30 7.20
C TYR A 61 5.04 -2.96 8.15
N THR A 62 5.81 -3.98 8.46
CA THR A 62 6.96 -3.90 9.35
C THR A 62 6.76 -2.85 10.44
N PRO A 63 5.99 -3.20 11.47
CA PRO A 63 5.67 -2.32 12.59
C PRO A 63 6.47 -2.63 13.85
N THR A 64 7.42 -3.55 13.72
CA THR A 64 8.24 -3.96 14.85
C THR A 64 8.97 -2.77 15.46
N PRO A 65 9.01 -2.66 16.81
CA PRO A 65 9.69 -1.56 17.50
C PRO A 65 11.20 -1.75 17.54
N SER A 66 11.92 -0.77 17.00
CA SER A 66 13.37 -0.82 16.98
C SER A 66 13.96 -0.41 18.33
N SER A 67 15.04 -1.07 18.73
CA SER A 67 15.68 -0.78 20.00
C SER A 67 17.04 -0.10 19.79
N THR A 68 17.76 -0.57 18.77
CA THR A 68 19.08 -0.01 18.45
C THR A 68 19.44 -0.24 16.98
N PRO A 69 19.38 -1.50 16.51
CA PRO A 69 19.71 -1.87 15.15
C PRO A 69 18.46 -2.04 14.28
N MET A 70 18.56 -2.92 13.30
CA MET A 70 17.43 -3.19 12.39
C MET A 70 17.02 -1.92 11.66
N VAL A 71 17.50 -1.76 10.43
CA VAL A 71 17.17 -0.59 9.63
C VAL A 71 15.93 -0.84 8.78
N GLY A 72 15.04 0.14 8.75
CA GLY A 72 13.82 0.02 7.97
C GLY A 72 12.74 -0.76 8.70
N VAL A 73 12.63 -0.53 10.00
CA VAL A 73 11.64 -1.23 10.81
C VAL A 73 11.03 -0.28 11.84
N GLY A 74 10.06 0.51 11.40
CA GLY A 74 9.40 1.45 12.28
C GLY A 74 7.94 1.64 11.92
N GLY A 75 7.43 0.74 11.09
CA GLY A 75 6.04 0.81 10.67
C GLY A 75 5.91 1.36 9.28
N ILE A 76 6.36 0.60 8.30
CA ILE A 76 6.25 1.03 6.91
C ILE A 76 5.32 0.12 6.15
N TYR A 77 5.52 0.00 4.84
CA TYR A 77 4.66 -0.83 4.02
C TYR A 77 5.44 -1.39 2.83
N VAL A 78 6.18 -2.48 3.07
CA VAL A 78 6.95 -3.11 2.01
C VAL A 78 6.05 -3.99 1.16
N VAL A 79 5.52 -3.42 0.10
CA VAL A 79 4.61 -4.14 -0.79
C VAL A 79 5.34 -4.86 -1.92
N LEU A 80 5.21 -6.18 -1.94
CA LEU A 80 5.82 -7.00 -2.98
C LEU A 80 4.73 -7.57 -3.88
N VAL A 81 4.46 -6.90 -4.97
CA VAL A 81 3.41 -7.34 -5.88
C VAL A 81 3.95 -8.27 -6.94
N LYS A 82 3.66 -9.57 -6.77
CA LYS A 82 4.13 -10.59 -7.72
C LYS A 82 2.95 -11.16 -8.52
N PRO A 83 2.68 -10.62 -9.71
CA PRO A 83 1.59 -11.08 -10.57
C PRO A 83 1.59 -12.60 -10.73
N ARG A 84 0.73 -13.26 -9.97
CA ARG A 84 0.61 -14.71 -10.02
C ARG A 84 0.10 -15.17 -11.38
N LYS A 85 -0.73 -14.34 -12.01
CA LYS A 85 -1.29 -14.67 -13.31
C LYS A 85 -0.91 -13.59 -14.34
N ARG A 86 -1.43 -13.73 -15.55
CA ARG A 86 -1.15 -12.76 -16.61
C ARG A 86 -2.44 -12.27 -17.26
N GLY A 87 -2.70 -10.97 -17.14
CA GLY A 87 -3.90 -10.40 -17.72
C GLY A 87 -4.18 -9.01 -17.18
N HIS A 88 -5.20 -8.90 -16.34
CA HIS A 88 -5.57 -7.62 -15.76
C HIS A 88 -5.41 -7.65 -14.24
N HIS A 89 -4.23 -7.25 -13.78
CA HIS A 89 -3.93 -7.23 -12.34
C HIS A 89 -3.79 -5.79 -11.85
N THR A 90 -3.97 -5.60 -10.55
CA THR A 90 -3.86 -4.26 -9.97
C THR A 90 -3.61 -4.32 -8.46
N LEU A 91 -2.84 -3.37 -7.96
CA LEU A 91 -2.51 -3.30 -6.54
C LEU A 91 -3.16 -2.07 -5.90
N GLU A 92 -4.36 -2.25 -5.37
CA GLU A 92 -5.09 -1.17 -4.75
C GLU A 92 -4.57 -0.87 -3.34
N LEU A 93 -3.67 0.10 -3.23
CA LEU A 93 -3.15 0.50 -1.93
C LEU A 93 -3.82 1.79 -1.49
N VAL A 94 -4.23 1.83 -0.24
CA VAL A 94 -4.92 3.00 0.29
C VAL A 94 -4.49 3.34 1.71
N TYR A 95 -4.63 4.62 2.07
CA TYR A 95 -4.29 5.11 3.40
C TYR A 95 -5.57 5.19 4.23
N THR A 96 -5.85 4.13 4.99
CA THR A 96 -7.07 4.06 5.79
C THR A 96 -6.81 3.68 7.24
N ARG A 97 -7.75 4.06 8.12
CA ARG A 97 -7.65 3.73 9.53
C ARG A 97 -8.36 2.39 9.80
N PRO A 98 -7.60 1.29 9.91
CA PRO A 98 -8.15 -0.05 10.16
C PRO A 98 -9.34 -0.05 11.14
N PHE A 99 -9.11 0.49 12.34
CA PHE A 99 -10.13 0.53 13.37
C PHE A 99 -11.16 1.64 13.13
N GLU A 100 -11.30 2.07 11.89
CA GLU A 100 -12.26 3.14 11.55
C GLU A 100 -12.79 2.99 10.14
N GLY A 101 -12.35 1.95 9.43
CA GLY A 101 -12.81 1.75 8.07
C GLY A 101 -12.11 2.63 7.07
N ILE A 102 -12.44 2.47 5.80
CA ILE A 102 -11.83 3.25 4.74
C ILE A 102 -12.76 4.34 4.21
N LYS A 103 -12.18 5.36 3.59
CA LYS A 103 -12.94 6.48 3.05
C LYS A 103 -12.45 6.84 1.64
N PRO A 104 -13.23 7.64 0.90
CA PRO A 104 -12.88 8.06 -0.46
C PRO A 104 -11.79 9.14 -0.46
N GLU A 105 -11.89 10.07 0.48
CA GLU A 105 -10.92 11.15 0.60
C GLU A 105 -9.54 10.62 0.98
N ASN A 106 -9.53 9.47 1.65
CA ASN A 106 -8.27 8.85 2.06
C ASN A 106 -7.28 8.76 0.90
N GLU A 107 -5.99 8.84 1.22
CA GLU A 107 -4.94 8.78 0.21
C GLU A 107 -5.08 7.53 -0.65
N ARG A 108 -4.46 7.54 -1.81
CA ARG A 108 -4.53 6.42 -2.74
C ARG A 108 -3.15 6.05 -3.29
N TYR A 109 -3.06 4.83 -3.81
CA TYR A 109 -1.83 4.32 -4.43
C TYR A 109 -2.13 2.99 -5.11
N THR A 110 -2.97 3.06 -6.13
CA THR A 110 -3.37 1.87 -6.88
C THR A 110 -2.39 1.56 -8.00
N LEU A 111 -1.43 0.69 -7.71
CA LEU A 111 -0.43 0.29 -8.69
C LEU A 111 -1.02 -0.65 -9.72
N HIS A 112 -1.50 -0.08 -10.82
CA HIS A 112 -2.09 -0.87 -11.90
C HIS A 112 -1.01 -1.54 -12.75
N LEU A 113 -1.25 -2.79 -13.10
CA LEU A 113 -0.31 -3.58 -13.89
C LEU A 113 -1.04 -4.49 -14.87
N ASN A 114 -1.04 -4.10 -16.14
CA ASN A 114 -1.68 -4.90 -17.18
C ASN A 114 -0.73 -6.02 -17.58
N VAL A 115 -0.50 -6.93 -16.64
CA VAL A 115 0.40 -8.05 -16.86
C VAL A 115 0.18 -8.72 -18.21
N LYS A 116 1.17 -8.61 -19.09
CA LYS A 116 1.08 -9.21 -20.41
C LYS A 116 1.68 -10.62 -20.42
N GLY A 1 14.24 13.91 1.64
CA GLY A 1 13.66 13.97 0.27
C GLY A 1 13.00 15.31 -0.02
N SER A 2 11.92 15.27 -0.80
CA SER A 2 11.19 16.49 -1.15
C SER A 2 10.06 16.73 -0.17
N HIS A 3 9.59 15.67 0.48
CA HIS A 3 8.50 15.78 1.45
C HIS A 3 8.89 15.15 2.77
N MET A 4 8.17 15.50 3.84
CA MET A 4 8.44 14.98 5.17
C MET A 4 7.87 13.57 5.32
N ILE A 5 7.98 13.02 6.53
CA ILE A 5 7.48 11.69 6.81
C ILE A 5 5.96 11.68 6.94
N ALA A 6 5.36 12.87 6.90
CA ALA A 6 3.91 12.99 7.01
C ALA A 6 3.34 13.77 5.83
N PRO A 7 2.11 13.41 5.39
CA PRO A 7 1.45 14.08 4.26
C PRO A 7 1.22 15.55 4.51
N LEU A 8 0.92 16.30 3.45
CA LEU A 8 0.68 17.73 3.57
C LEU A 8 0.05 18.27 2.28
N SER A 9 0.58 17.84 1.15
CA SER A 9 0.06 18.27 -0.15
C SER A 9 -0.30 17.06 -1.02
N VAL A 10 -0.28 17.25 -2.33
CA VAL A 10 -0.60 16.17 -3.26
C VAL A 10 0.28 14.94 -3.01
N LYS A 11 -0.04 13.84 -3.67
CA LYS A 11 0.73 12.61 -3.51
C LYS A 11 0.41 11.63 -4.63
N ASP A 12 1.46 11.10 -5.23
CA ASP A 12 1.30 10.13 -6.32
C ASP A 12 0.75 8.81 -5.78
N ASN A 13 -0.37 8.37 -6.33
CA ASN A 13 -0.99 7.15 -5.90
C ASN A 13 -1.19 6.16 -7.04
N ASP A 14 -2.37 6.21 -7.64
CA ASP A 14 -2.72 5.33 -8.73
C ASP A 14 -1.65 5.31 -9.80
N LYS A 15 -0.86 4.24 -9.80
CA LYS A 15 0.21 4.07 -10.78
C LYS A 15 -0.27 3.18 -11.92
N TRP A 16 -0.77 3.81 -12.97
CA TRP A 16 -1.29 3.11 -14.14
C TRP A 16 -0.17 2.70 -15.08
N VAL A 17 0.25 1.43 -15.01
CA VAL A 17 1.34 0.95 -15.86
C VAL A 17 1.20 -0.53 -16.20
N ASP A 18 2.23 -1.07 -16.83
CA ASP A 18 2.26 -2.48 -17.23
C ASP A 18 3.08 -3.28 -16.22
N THR A 19 3.49 -4.50 -16.60
CA THR A 19 4.27 -5.35 -15.72
C THR A 19 4.58 -6.71 -16.36
N HIS A 20 5.20 -7.58 -15.57
CA HIS A 20 5.55 -8.93 -16.01
C HIS A 20 4.89 -9.96 -15.12
N VAL A 21 5.34 -11.21 -15.19
CA VAL A 21 4.77 -12.27 -14.37
C VAL A 21 5.57 -12.48 -13.09
N GLY A 22 4.93 -12.21 -11.95
CA GLY A 22 5.58 -12.37 -10.67
C GLY A 22 6.70 -11.38 -10.44
N LYS A 23 6.81 -10.38 -11.31
CA LYS A 23 7.85 -9.37 -11.14
C LYS A 23 7.67 -8.67 -9.80
N THR A 24 8.28 -9.24 -8.77
CA THR A 24 8.17 -8.70 -7.42
C THR A 24 8.35 -7.19 -7.40
N THR A 25 7.24 -6.47 -7.28
CA THR A 25 7.27 -5.02 -7.24
C THR A 25 7.38 -4.53 -5.80
N GLU A 26 8.62 -4.27 -5.39
CA GLU A 26 8.89 -3.79 -4.05
C GLU A 26 8.64 -2.30 -3.95
N ILE A 27 7.86 -1.92 -2.96
CA ILE A 27 7.53 -0.51 -2.77
C ILE A 27 7.62 -0.12 -1.30
N HIS A 28 8.69 0.60 -0.96
CA HIS A 28 8.89 1.06 0.39
C HIS A 28 8.11 2.36 0.60
N LEU A 29 6.92 2.23 1.17
CA LEU A 29 6.06 3.37 1.40
C LEU A 29 6.32 3.95 2.79
N LYS A 30 6.31 5.27 2.89
CA LYS A 30 6.56 5.93 4.16
C LYS A 30 5.24 6.33 4.81
N GLY A 31 5.31 6.67 6.08
CA GLY A 31 4.12 7.05 6.82
C GLY A 31 4.37 7.20 8.30
N ASN A 32 3.49 6.61 9.10
CA ASN A 32 3.60 6.66 10.56
C ASN A 32 2.54 5.79 11.22
N PRO A 33 2.88 4.53 11.57
CA PRO A 33 1.94 3.60 12.21
C PRO A 33 1.34 4.16 13.51
N THR A 34 1.92 5.24 14.01
CA THR A 34 1.44 5.86 15.24
C THR A 34 0.60 7.10 14.95
N THR A 35 0.07 7.20 13.74
CA THR A 35 -0.74 8.35 13.36
C THR A 35 -2.23 8.02 13.44
N GLY A 36 -2.57 6.76 13.19
CA GLY A 36 -3.96 6.34 13.23
C GLY A 36 -4.35 5.48 12.04
N TYR A 37 -3.85 5.84 10.86
CA TYR A 37 -4.15 5.09 9.65
C TYR A 37 -3.10 4.02 9.37
N MET A 38 -3.25 3.35 8.23
CA MET A 38 -2.35 2.30 7.81
C MET A 38 -2.27 2.27 6.30
N TRP A 39 -1.12 1.87 5.78
CA TRP A 39 -0.93 1.77 4.35
C TRP A 39 -1.00 0.32 3.92
N THR A 40 -2.22 -0.16 3.68
CA THR A 40 -2.43 -1.54 3.28
C THR A 40 -3.47 -1.62 2.16
N ARG A 41 -3.54 -2.77 1.49
CA ARG A 41 -4.50 -2.96 0.40
C ARG A 41 -5.93 -2.83 0.90
N VAL A 42 -6.73 -2.06 0.16
CA VAL A 42 -8.13 -1.84 0.51
C VAL A 42 -8.86 -3.17 0.65
N GLY A 43 -9.85 -3.23 1.55
CA GLY A 43 -10.57 -4.46 1.77
C GLY A 43 -9.71 -5.49 2.45
N PHE A 44 -8.43 -5.18 2.57
CA PHE A 44 -7.46 -6.05 3.21
C PHE A 44 -6.87 -5.39 4.43
N VAL A 45 -7.71 -4.59 5.09
CA VAL A 45 -7.33 -3.89 6.30
C VAL A 45 -7.81 -4.67 7.52
N GLY A 46 -6.97 -5.60 7.97
CA GLY A 46 -7.32 -6.45 9.09
C GLY A 46 -7.59 -7.87 8.62
N LYS A 47 -7.32 -8.08 7.33
CA LYS A 47 -7.52 -9.36 6.67
C LYS A 47 -6.57 -10.43 7.21
N ASP A 48 -6.40 -11.49 6.43
CA ASP A 48 -5.49 -12.57 6.78
C ASP A 48 -4.26 -12.49 5.89
N VAL A 49 -4.49 -12.20 4.61
CA VAL A 49 -3.44 -12.05 3.62
C VAL A 49 -3.86 -11.10 2.50
N LEU A 50 -3.12 -10.01 2.37
CA LEU A 50 -3.40 -9.03 1.32
C LEU A 50 -3.41 -9.72 -0.03
N SER A 51 -2.27 -10.32 -0.35
CA SER A 51 -2.09 -11.07 -1.58
C SER A 51 -3.27 -11.99 -1.87
N ASP A 52 -3.31 -12.52 -3.09
CA ASP A 52 -4.38 -13.43 -3.52
C ASP A 52 -3.93 -14.29 -4.68
N GLU A 53 -4.92 -14.82 -5.40
CA GLU A 53 -4.66 -15.67 -6.55
C GLU A 53 -4.18 -14.85 -7.75
N ILE A 54 -4.64 -13.60 -7.80
CA ILE A 54 -4.28 -12.70 -8.89
C ILE A 54 -2.91 -12.08 -8.66
N LEU A 55 -2.84 -11.14 -7.74
CA LEU A 55 -1.59 -10.46 -7.42
C LEU A 55 -1.01 -10.95 -6.10
N GLU A 56 0.09 -11.70 -6.17
CA GLU A 56 0.76 -12.18 -4.97
C GLU A 56 1.38 -11.02 -4.20
N VAL A 57 0.54 -10.25 -3.52
CA VAL A 57 1.02 -9.10 -2.77
C VAL A 57 1.56 -9.48 -1.40
N VAL A 58 2.85 -9.75 -1.34
CA VAL A 58 3.50 -10.09 -0.09
C VAL A 58 4.06 -8.85 0.56
N CYS A 59 3.30 -8.26 1.46
CA CYS A 59 3.73 -7.05 2.13
C CYS A 59 4.03 -7.27 3.60
N LYS A 60 4.97 -6.50 4.11
CA LYS A 60 5.36 -6.57 5.50
C LYS A 60 5.29 -5.18 6.12
N TYR A 61 4.31 -5.00 7.00
CA TYR A 61 4.13 -3.73 7.67
C TYR A 61 5.08 -3.63 8.86
N THR A 62 6.16 -2.88 8.69
CA THR A 62 7.14 -2.71 9.75
C THR A 62 7.02 -1.33 10.39
N PRO A 63 6.68 -1.27 11.69
CA PRO A 63 6.53 -0.02 12.41
C PRO A 63 7.78 0.34 13.22
N THR A 64 8.86 -0.37 12.95
CA THR A 64 10.12 -0.14 13.65
C THR A 64 10.63 1.28 13.39
N PRO A 65 11.11 1.97 14.44
CA PRO A 65 11.62 3.34 14.31
C PRO A 65 12.71 3.46 13.26
N SER A 66 12.84 4.66 12.68
CA SER A 66 13.84 4.91 11.65
C SER A 66 15.24 4.97 12.25
N SER A 67 16.21 5.32 11.43
CA SER A 67 17.60 5.41 11.87
C SER A 67 17.76 6.50 12.93
N THR A 68 17.12 7.64 12.69
CA THR A 68 17.21 8.77 13.61
C THR A 68 16.16 8.64 14.72
N PRO A 69 16.41 9.26 15.89
CA PRO A 69 15.49 9.23 17.03
C PRO A 69 14.30 10.15 16.83
N MET A 70 13.69 10.57 17.94
CA MET A 70 12.53 11.45 17.89
C MET A 70 11.36 10.81 17.15
N VAL A 71 11.42 9.49 16.99
CA VAL A 71 10.37 8.76 16.29
C VAL A 71 9.90 7.56 17.12
N GLY A 72 8.67 7.65 17.62
CA GLY A 72 8.12 6.56 18.42
C GLY A 72 7.50 5.47 17.58
N VAL A 73 8.24 4.37 17.39
CA VAL A 73 7.76 3.26 16.59
C VAL A 73 7.19 3.73 15.25
N GLY A 74 8.08 3.94 14.28
CA GLY A 74 7.66 4.38 12.97
C GLY A 74 8.52 3.81 11.86
N GLY A 75 7.95 2.90 11.08
CA GLY A 75 8.69 2.28 9.99
C GLY A 75 8.12 2.62 8.63
N ILE A 76 7.81 1.59 7.85
CA ILE A 76 7.27 1.77 6.51
C ILE A 76 6.35 0.62 6.14
N TYR A 77 6.05 0.52 4.85
CA TYR A 77 5.19 -0.53 4.34
C TYR A 77 5.82 -1.16 3.10
N VAL A 78 6.50 -2.30 3.28
CA VAL A 78 7.15 -2.99 2.18
C VAL A 78 6.17 -3.89 1.43
N VAL A 79 5.73 -3.43 0.28
CA VAL A 79 4.77 -4.20 -0.53
C VAL A 79 5.43 -4.92 -1.70
N LEU A 80 5.26 -6.23 -1.75
CA LEU A 80 5.80 -7.04 -2.85
C LEU A 80 4.67 -7.60 -3.68
N VAL A 81 4.32 -6.89 -4.74
CA VAL A 81 3.22 -7.33 -5.60
C VAL A 81 3.73 -8.19 -6.75
N LYS A 82 3.46 -9.48 -6.66
CA LYS A 82 3.89 -10.44 -7.67
C LYS A 82 2.72 -10.96 -8.49
N PRO A 83 2.45 -10.36 -9.66
CA PRO A 83 1.35 -10.78 -10.52
C PRO A 83 1.42 -12.27 -10.83
N ARG A 84 0.58 -13.04 -10.15
CA ARG A 84 0.53 -14.49 -10.33
C ARG A 84 0.08 -14.87 -11.73
N LYS A 85 -0.99 -14.21 -12.19
CA LYS A 85 -1.53 -14.49 -13.52
C LYS A 85 -1.19 -13.37 -14.49
N ARG A 86 -1.53 -13.59 -15.77
CA ARG A 86 -1.27 -12.60 -16.81
C ARG A 86 -2.57 -11.95 -17.28
N GLY A 87 -2.51 -10.65 -17.58
CA GLY A 87 -3.68 -9.94 -18.04
C GLY A 87 -3.83 -8.59 -17.39
N HIS A 88 -5.06 -8.12 -17.25
CA HIS A 88 -5.34 -6.83 -16.64
C HIS A 88 -5.47 -6.96 -15.12
N HIS A 89 -4.35 -6.78 -14.42
CA HIS A 89 -4.35 -6.88 -12.97
C HIS A 89 -4.16 -5.49 -12.34
N THR A 90 -4.60 -5.35 -11.10
CA THR A 90 -4.48 -4.07 -10.41
C THR A 90 -4.59 -4.22 -8.90
N LEU A 91 -3.94 -3.32 -8.18
CA LEU A 91 -3.97 -3.32 -6.73
C LEU A 91 -4.35 -1.93 -6.24
N GLU A 92 -5.13 -1.85 -5.18
CA GLU A 92 -5.55 -0.55 -4.67
C GLU A 92 -5.17 -0.34 -3.21
N LEU A 93 -3.95 0.14 -2.98
CA LEU A 93 -3.48 0.42 -1.63
C LEU A 93 -4.13 1.68 -1.10
N VAL A 94 -4.76 1.56 0.06
CA VAL A 94 -5.44 2.71 0.68
C VAL A 94 -4.89 2.99 2.08
N TYR A 95 -5.06 4.24 2.53
CA TYR A 95 -4.62 4.66 3.85
C TYR A 95 -5.81 4.73 4.79
N THR A 96 -6.05 3.67 5.56
CA THR A 96 -7.20 3.61 6.46
C THR A 96 -6.81 3.31 7.90
N ARG A 97 -7.77 3.44 8.80
CA ARG A 97 -7.56 3.15 10.22
C ARG A 97 -8.14 1.78 10.57
N PRO A 98 -7.30 0.72 10.53
CA PRO A 98 -7.74 -0.64 10.84
C PRO A 98 -8.62 -0.71 12.09
N PHE A 99 -8.40 0.24 13.01
CA PHE A 99 -9.16 0.31 14.23
C PHE A 99 -10.60 0.74 13.99
N GLU A 100 -10.77 1.78 13.18
CA GLU A 100 -12.10 2.31 12.86
C GLU A 100 -12.66 1.67 11.59
N GLY A 101 -12.03 2.01 10.46
CA GLY A 101 -12.47 1.48 9.18
C GLY A 101 -11.97 2.32 8.04
N ILE A 102 -12.19 1.83 6.83
CA ILE A 102 -11.75 2.52 5.63
C ILE A 102 -12.77 3.55 5.19
N LYS A 103 -12.28 4.71 4.76
CA LYS A 103 -13.15 5.79 4.32
C LYS A 103 -12.74 6.31 2.95
N PRO A 104 -13.63 7.08 2.29
CA PRO A 104 -13.37 7.63 0.96
C PRO A 104 -12.34 8.76 1.00
N GLU A 105 -12.37 9.54 2.07
CA GLU A 105 -11.46 10.66 2.24
C GLU A 105 -10.06 10.17 2.62
N ASN A 106 -9.84 8.87 2.48
CA ASN A 106 -8.55 8.26 2.80
C ASN A 106 -7.60 8.29 1.60
N GLU A 107 -6.30 8.36 1.89
CA GLU A 107 -5.29 8.40 0.85
C GLU A 107 -5.44 7.21 -0.09
N ARG A 108 -4.83 7.30 -1.26
CA ARG A 108 -4.92 6.23 -2.26
C ARG A 108 -3.55 5.87 -2.81
N TYR A 109 -3.47 4.72 -3.46
CA TYR A 109 -2.26 4.24 -4.10
C TYR A 109 -2.56 2.96 -4.86
N THR A 110 -3.29 3.11 -5.96
CA THR A 110 -3.69 1.99 -6.79
C THR A 110 -2.59 1.61 -7.78
N LEU A 111 -1.85 0.55 -7.46
CA LEU A 111 -0.77 0.09 -8.32
C LEU A 111 -1.32 -0.72 -9.50
N HIS A 112 -1.62 -0.02 -10.58
CA HIS A 112 -2.13 -0.66 -11.79
C HIS A 112 -1.00 -1.36 -12.55
N LEU A 113 -1.29 -2.56 -13.02
CA LEU A 113 -0.30 -3.37 -13.73
C LEU A 113 -0.94 -4.20 -14.83
N ASN A 114 -0.77 -3.77 -16.08
CA ASN A 114 -1.33 -4.50 -17.21
C ASN A 114 -0.41 -5.67 -17.55
N VAL A 115 -0.46 -6.69 -16.71
CA VAL A 115 0.38 -7.88 -16.88
C VAL A 115 0.24 -8.45 -18.28
N LYS A 116 1.38 -8.58 -18.97
CA LYS A 116 1.40 -9.11 -20.32
C LYS A 116 1.61 -10.62 -20.31
N GLY A 1 -11.54 31.67 -11.74
CA GLY A 1 -10.64 30.61 -12.23
C GLY A 1 -10.13 29.72 -11.12
N SER A 2 -8.84 29.39 -11.17
CA SER A 2 -8.23 28.54 -10.16
C SER A 2 -6.82 29.03 -9.81
N HIS A 3 -6.48 28.97 -8.53
CA HIS A 3 -5.19 29.41 -8.06
C HIS A 3 -4.42 28.26 -7.41
N MET A 4 -3.28 27.91 -8.01
CA MET A 4 -2.44 26.82 -7.50
C MET A 4 -3.23 25.51 -7.43
N ILE A 5 -2.63 24.50 -6.82
CA ILE A 5 -3.28 23.19 -6.70
C ILE A 5 -4.14 23.13 -5.44
N ALA A 6 -3.63 23.69 -4.35
CA ALA A 6 -4.34 23.70 -3.07
C ALA A 6 -4.66 22.28 -2.62
N PRO A 7 -3.76 21.65 -1.86
CA PRO A 7 -3.96 20.28 -1.36
C PRO A 7 -5.22 20.16 -0.52
N LEU A 8 -6.08 19.20 -0.88
CA LEU A 8 -7.33 18.98 -0.15
C LEU A 8 -7.54 17.49 0.11
N SER A 9 -7.71 16.72 -0.97
CA SER A 9 -7.92 15.28 -0.86
C SER A 9 -7.41 14.56 -2.09
N VAL A 10 -7.15 15.32 -3.15
CA VAL A 10 -6.66 14.75 -4.40
C VAL A 10 -5.13 14.80 -4.47
N LYS A 11 -4.53 13.68 -4.83
CA LYS A 11 -3.08 13.59 -4.94
C LYS A 11 -2.72 12.71 -6.13
N ASP A 12 -1.49 12.21 -6.14
CA ASP A 12 -1.05 11.35 -7.23
C ASP A 12 -0.58 10.01 -6.68
N ASN A 13 -1.36 8.97 -6.92
CA ASN A 13 -1.04 7.64 -6.43
C ASN A 13 -1.11 6.60 -7.55
N ASP A 14 -2.30 6.06 -7.75
CA ASP A 14 -2.55 5.03 -8.76
C ASP A 14 -1.62 5.18 -9.95
N LYS A 15 -0.66 4.26 -10.02
CA LYS A 15 0.30 4.22 -11.11
C LYS A 15 -0.17 3.26 -12.19
N TRP A 16 -0.74 3.81 -13.26
CA TRP A 16 -1.25 3.03 -14.37
C TRP A 16 -0.16 2.68 -15.36
N VAL A 17 0.32 1.43 -15.29
CA VAL A 17 1.39 0.97 -16.19
C VAL A 17 1.25 -0.50 -16.54
N ASP A 18 2.30 -1.05 -17.15
CA ASP A 18 2.32 -2.46 -17.54
C ASP A 18 3.38 -3.22 -16.74
N THR A 19 3.52 -4.51 -17.01
CA THR A 19 4.50 -5.33 -16.28
C THR A 19 4.58 -6.76 -16.82
N HIS A 20 5.33 -7.60 -16.11
CA HIS A 20 5.50 -8.99 -16.49
C HIS A 20 4.92 -9.91 -15.41
N VAL A 21 5.29 -11.18 -15.45
CA VAL A 21 4.78 -12.14 -14.48
C VAL A 21 5.71 -12.29 -13.27
N GLY A 22 5.10 -12.33 -12.08
CA GLY A 22 5.86 -12.48 -10.85
C GLY A 22 6.91 -11.41 -10.66
N LYS A 23 6.83 -10.33 -11.43
CA LYS A 23 7.78 -9.25 -11.30
C LYS A 23 7.64 -8.61 -9.92
N THR A 24 8.27 -9.23 -8.94
CA THR A 24 8.22 -8.75 -7.56
C THR A 24 8.48 -7.26 -7.46
N THR A 25 7.40 -6.49 -7.39
CA THR A 25 7.51 -5.04 -7.29
C THR A 25 7.54 -4.61 -5.83
N GLU A 26 8.75 -4.34 -5.35
CA GLU A 26 8.95 -3.91 -3.99
C GLU A 26 8.69 -2.42 -3.84
N ILE A 27 7.88 -2.07 -2.85
CA ILE A 27 7.54 -0.68 -2.60
C ILE A 27 7.65 -0.32 -1.13
N HIS A 28 8.71 0.40 -0.79
CA HIS A 28 8.91 0.84 0.58
C HIS A 28 8.18 2.16 0.79
N LEU A 29 6.97 2.07 1.34
CA LEU A 29 6.17 3.25 1.58
C LEU A 29 6.41 3.81 2.97
N LYS A 30 6.37 5.12 3.11
CA LYS A 30 6.60 5.76 4.39
C LYS A 30 5.29 6.15 5.03
N GLY A 31 5.33 6.42 6.33
CA GLY A 31 4.13 6.80 7.05
C GLY A 31 4.38 7.02 8.52
N ASN A 32 3.44 6.59 9.36
CA ASN A 32 3.55 6.73 10.80
C ASN A 32 2.39 6.04 11.51
N PRO A 33 2.59 4.77 11.93
CA PRO A 33 1.54 4.00 12.62
C PRO A 33 0.96 4.71 13.84
N THR A 34 1.65 5.73 14.32
CA THR A 34 1.21 6.48 15.49
C THR A 34 0.24 7.60 15.10
N THR A 35 -0.25 7.56 13.87
CA THR A 35 -1.19 8.58 13.39
C THR A 35 -2.63 8.11 13.55
N GLY A 36 -2.95 6.98 12.92
CA GLY A 36 -4.30 6.45 13.00
C GLY A 36 -4.66 5.58 11.81
N TYR A 37 -4.05 5.88 10.66
CA TYR A 37 -4.32 5.12 9.45
C TYR A 37 -3.24 4.06 9.21
N MET A 38 -3.34 3.36 8.09
CA MET A 38 -2.42 2.32 7.72
C MET A 38 -2.28 2.23 6.22
N TRP A 39 -1.13 1.80 5.75
CA TRP A 39 -0.90 1.64 4.33
C TRP A 39 -0.91 0.17 3.96
N THR A 40 -2.09 -0.35 3.68
CA THR A 40 -2.24 -1.75 3.31
C THR A 40 -3.11 -1.88 2.05
N ARG A 41 -3.56 -3.09 1.72
CA ARG A 41 -4.39 -3.29 0.54
C ARG A 41 -5.87 -3.10 0.86
N VAL A 42 -6.63 -2.65 -0.13
CA VAL A 42 -8.06 -2.40 0.03
C VAL A 42 -8.83 -3.71 0.18
N GLY A 43 -9.70 -3.75 1.19
CA GLY A 43 -10.49 -4.94 1.44
C GLY A 43 -9.74 -6.00 2.21
N PHE A 44 -8.54 -5.65 2.65
CA PHE A 44 -7.70 -6.57 3.42
C PHE A 44 -7.18 -5.91 4.68
N VAL A 45 -7.56 -4.65 4.85
CA VAL A 45 -7.15 -3.88 6.02
C VAL A 45 -7.53 -4.60 7.31
N GLY A 46 -6.54 -5.21 7.95
CA GLY A 46 -6.81 -5.93 9.19
C GLY A 46 -6.70 -7.43 9.01
N LYS A 47 -6.99 -7.90 7.80
CA LYS A 47 -6.93 -9.32 7.49
C LYS A 47 -5.50 -9.85 7.61
N ASP A 48 -5.36 -11.17 7.51
CA ASP A 48 -4.04 -11.79 7.60
C ASP A 48 -3.21 -11.50 6.37
N VAL A 49 -3.76 -11.84 5.21
CA VAL A 49 -3.07 -11.63 3.95
C VAL A 49 -3.84 -10.67 3.05
N LEU A 50 -3.09 -9.85 2.34
CA LEU A 50 -3.67 -8.87 1.43
C LEU A 50 -3.86 -9.51 0.05
N SER A 51 -2.82 -10.20 -0.40
CA SER A 51 -2.84 -10.90 -1.69
C SER A 51 -4.00 -11.90 -1.75
N ASP A 52 -4.11 -12.60 -2.89
CA ASP A 52 -5.17 -13.59 -3.07
C ASP A 52 -4.86 -14.52 -4.23
N GLU A 53 -5.28 -14.12 -5.44
CA GLU A 53 -5.06 -14.93 -6.63
C GLU A 53 -4.46 -14.09 -7.75
N ILE A 54 -4.91 -12.85 -7.85
CA ILE A 54 -4.44 -11.94 -8.89
C ILE A 54 -2.96 -11.66 -8.75
N LEU A 55 -2.61 -10.80 -7.79
CA LEU A 55 -1.22 -10.44 -7.55
C LEU A 55 -0.74 -10.99 -6.21
N GLU A 56 0.36 -11.75 -6.24
CA GLU A 56 0.96 -12.28 -5.02
C GLU A 56 1.53 -11.15 -4.20
N VAL A 57 0.66 -10.35 -3.61
CA VAL A 57 1.08 -9.21 -2.82
C VAL A 57 1.62 -9.61 -1.46
N VAL A 58 2.91 -9.92 -1.43
CA VAL A 58 3.56 -10.28 -0.17
C VAL A 58 4.01 -9.01 0.52
N CYS A 59 3.08 -8.43 1.26
CA CYS A 59 3.35 -7.19 1.97
C CYS A 59 3.65 -7.45 3.44
N LYS A 60 4.48 -6.60 4.01
CA LYS A 60 4.86 -6.72 5.41
C LYS A 60 4.90 -5.35 6.06
N TYR A 61 3.95 -5.12 6.96
CA TYR A 61 3.87 -3.86 7.68
C TYR A 61 4.95 -3.82 8.76
N THR A 62 6.02 -3.10 8.50
CA THR A 62 7.13 -3.00 9.44
C THR A 62 7.09 -1.70 10.24
N PRO A 63 6.78 -1.78 11.54
CA PRO A 63 6.72 -0.64 12.43
C PRO A 63 8.00 -0.54 13.27
N THR A 64 8.94 0.28 12.82
CA THR A 64 10.21 0.43 13.54
C THR A 64 10.04 1.30 14.78
N PRO A 65 10.72 0.95 15.88
CA PRO A 65 10.65 1.70 17.14
C PRO A 65 11.19 3.12 16.99
N SER A 66 11.19 3.86 18.10
CA SER A 66 11.68 5.24 18.10
C SER A 66 12.23 5.61 19.47
N SER A 67 12.98 6.72 19.52
CA SER A 67 13.56 7.17 20.77
C SER A 67 12.47 7.37 21.84
N THR A 68 11.26 7.65 21.38
CA THR A 68 10.14 7.85 22.28
C THR A 68 9.86 6.59 23.10
N PRO A 69 9.13 6.72 24.22
CA PRO A 69 8.81 5.58 25.10
C PRO A 69 7.88 4.59 24.41
N MET A 70 7.09 3.86 25.20
CA MET A 70 6.17 2.87 24.67
C MET A 70 5.26 3.46 23.59
N VAL A 71 5.19 4.79 23.55
CA VAL A 71 4.37 5.47 22.57
C VAL A 71 5.22 6.07 21.45
N GLY A 72 5.26 5.38 20.32
CA GLY A 72 6.03 5.85 19.19
C GLY A 72 6.75 4.72 18.46
N VAL A 73 6.25 4.38 17.28
CA VAL A 73 6.85 3.32 16.47
C VAL A 73 6.62 3.57 14.99
N GLY A 74 7.51 4.34 14.37
CA GLY A 74 7.39 4.65 12.96
C GLY A 74 8.21 3.74 12.08
N GLY A 75 7.60 3.23 11.01
CA GLY A 75 8.29 2.34 10.10
C GLY A 75 7.87 2.58 8.65
N ILE A 76 7.65 1.50 7.92
CA ILE A 76 7.24 1.61 6.53
C ILE A 76 6.30 0.46 6.15
N TYR A 77 6.08 0.31 4.85
CA TYR A 77 5.21 -0.72 4.34
C TYR A 77 5.85 -1.38 3.12
N VAL A 78 6.46 -2.56 3.32
CA VAL A 78 7.12 -3.28 2.25
C VAL A 78 6.13 -4.14 1.48
N VAL A 79 5.74 -3.68 0.31
CA VAL A 79 4.78 -4.41 -0.52
C VAL A 79 5.45 -5.09 -1.71
N LEU A 80 5.35 -6.42 -1.77
CA LEU A 80 5.90 -7.19 -2.89
C LEU A 80 4.78 -7.74 -3.74
N VAL A 81 4.49 -7.07 -4.84
CA VAL A 81 3.42 -7.50 -5.73
C VAL A 81 3.95 -8.36 -6.87
N LYS A 82 3.74 -9.67 -6.75
CA LYS A 82 4.20 -10.62 -7.76
C LYS A 82 3.03 -11.07 -8.65
N PRO A 83 2.91 -10.51 -9.86
CA PRO A 83 1.84 -10.85 -10.80
C PRO A 83 1.63 -12.35 -10.95
N ARG A 84 0.64 -12.87 -10.24
CA ARG A 84 0.31 -14.29 -10.30
C ARG A 84 -0.41 -14.61 -11.62
N LYS A 85 -1.24 -13.67 -12.06
CA LYS A 85 -1.99 -13.83 -13.29
C LYS A 85 -1.51 -12.84 -14.35
N ARG A 86 -2.00 -12.99 -15.57
CA ARG A 86 -1.62 -12.11 -16.66
C ARG A 86 -2.84 -11.37 -17.23
N GLY A 87 -2.78 -10.04 -17.19
CA GLY A 87 -3.88 -9.25 -17.70
C GLY A 87 -4.16 -8.03 -16.84
N HIS A 88 -5.43 -7.61 -16.80
CA HIS A 88 -5.82 -6.45 -16.02
C HIS A 88 -5.66 -6.73 -14.52
N HIS A 89 -4.55 -6.27 -13.97
CA HIS A 89 -4.26 -6.47 -12.54
C HIS A 89 -3.81 -5.16 -11.91
N THR A 90 -3.97 -5.05 -10.60
CA THR A 90 -3.58 -3.83 -9.89
C THR A 90 -3.37 -4.08 -8.40
N LEU A 91 -2.55 -3.22 -7.78
CA LEU A 91 -2.27 -3.31 -6.35
C LEU A 91 -3.03 -2.22 -5.61
N GLU A 92 -4.20 -2.58 -5.11
CA GLU A 92 -5.04 -1.64 -4.39
C GLU A 92 -4.49 -1.34 -2.99
N LEU A 93 -3.75 -0.24 -2.88
CA LEU A 93 -3.21 0.17 -1.58
C LEU A 93 -3.89 1.46 -1.15
N VAL A 94 -4.28 1.52 0.12
CA VAL A 94 -4.97 2.69 0.64
C VAL A 94 -4.53 3.01 2.07
N TYR A 95 -4.68 4.29 2.44
CA TYR A 95 -4.35 4.75 3.78
C TYR A 95 -5.63 4.83 4.62
N THR A 96 -5.98 3.72 5.26
CA THR A 96 -7.21 3.65 6.05
C THR A 96 -6.95 3.40 7.53
N ARG A 97 -8.02 3.47 8.32
CA ARG A 97 -7.95 3.22 9.75
C ARG A 97 -8.47 1.83 10.08
N PRO A 98 -7.60 0.82 10.16
CA PRO A 98 -7.99 -0.56 10.46
C PRO A 98 -8.98 -0.64 11.61
N PHE A 99 -8.82 0.25 12.59
CA PHE A 99 -9.69 0.28 13.75
C PHE A 99 -11.08 0.81 13.39
N GLU A 100 -11.12 1.83 12.53
CA GLU A 100 -12.38 2.43 12.12
C GLU A 100 -12.86 1.86 10.79
N GLY A 101 -12.18 2.24 9.71
CA GLY A 101 -12.56 1.77 8.39
C GLY A 101 -11.95 2.61 7.30
N ILE A 102 -12.21 2.23 6.06
CA ILE A 102 -11.67 2.95 4.91
C ILE A 102 -12.63 4.05 4.44
N LYS A 103 -12.07 5.13 3.93
CA LYS A 103 -12.86 6.25 3.46
C LYS A 103 -12.36 6.74 2.10
N PRO A 104 -13.19 7.51 1.38
CA PRO A 104 -12.84 8.05 0.06
C PRO A 104 -11.74 9.11 0.14
N GLU A 105 -11.85 9.97 1.16
CA GLU A 105 -10.87 11.03 1.36
C GLU A 105 -9.50 10.46 1.67
N ASN A 106 -9.48 9.25 2.24
CA ASN A 106 -8.24 8.57 2.60
C ASN A 106 -7.29 8.50 1.41
N GLU A 107 -5.98 8.52 1.70
CA GLU A 107 -4.97 8.45 0.67
C GLU A 107 -5.16 7.22 -0.21
N ARG A 108 -4.56 7.24 -1.39
CA ARG A 108 -4.67 6.13 -2.33
C ARG A 108 -3.30 5.74 -2.88
N TYR A 109 -3.23 4.55 -3.47
CA TYR A 109 -2.01 4.05 -4.09
C TYR A 109 -2.31 2.74 -4.82
N THR A 110 -3.04 2.86 -5.93
CA THR A 110 -3.41 1.71 -6.73
C THR A 110 -2.43 1.49 -7.88
N LEU A 111 -1.40 0.70 -7.63
CA LEU A 111 -0.40 0.42 -8.65
C LEU A 111 -0.98 -0.48 -9.74
N HIS A 112 -1.54 0.14 -10.77
CA HIS A 112 -2.12 -0.60 -11.87
C HIS A 112 -1.04 -1.24 -12.72
N LEU A 113 -1.34 -2.41 -13.26
CA LEU A 113 -0.39 -3.17 -14.06
C LEU A 113 -1.09 -3.95 -15.17
N ASN A 114 -0.78 -3.60 -16.42
CA ASN A 114 -1.34 -4.29 -17.57
C ASN A 114 -0.50 -5.52 -17.84
N VAL A 115 -0.30 -6.31 -16.78
CA VAL A 115 0.51 -7.53 -16.84
C VAL A 115 0.34 -8.26 -18.17
N LYS A 116 1.44 -8.45 -18.89
CA LYS A 116 1.42 -9.13 -20.17
C LYS A 116 0.98 -10.58 -20.01
N GLY A 1 18.59 20.03 -8.51
CA GLY A 1 19.32 20.68 -7.38
C GLY A 1 18.43 20.92 -6.17
N SER A 2 17.22 21.43 -6.42
CA SER A 2 16.27 21.71 -5.35
C SER A 2 15.26 20.57 -5.21
N HIS A 3 15.20 19.97 -4.03
CA HIS A 3 14.27 18.87 -3.76
C HIS A 3 13.78 18.92 -2.33
N MET A 4 12.47 18.79 -2.15
CA MET A 4 11.86 18.81 -0.82
C MET A 4 10.89 17.65 -0.65
N ILE A 5 10.98 16.97 0.49
CA ILE A 5 10.12 15.84 0.78
C ILE A 5 8.88 16.28 1.57
N ALA A 6 8.63 17.58 1.58
CA ALA A 6 7.50 18.14 2.31
C ALA A 6 6.19 17.48 1.86
N PRO A 7 5.55 16.70 2.76
CA PRO A 7 4.29 16.02 2.45
C PRO A 7 3.12 16.99 2.29
N LEU A 8 2.38 16.85 1.19
CA LEU A 8 1.25 17.71 0.93
C LEU A 8 0.04 16.90 0.47
N SER A 9 -1.03 17.59 0.08
CA SER A 9 -2.24 16.93 -0.39
C SER A 9 -1.96 16.09 -1.63
N VAL A 10 -1.16 16.62 -2.54
CA VAL A 10 -0.82 15.91 -3.77
C VAL A 10 0.28 14.89 -3.51
N LYS A 11 0.19 13.75 -4.20
CA LYS A 11 1.17 12.68 -4.05
C LYS A 11 0.93 11.59 -5.08
N ASP A 12 2.00 11.16 -5.73
CA ASP A 12 1.93 10.12 -6.74
C ASP A 12 1.41 8.83 -6.12
N ASN A 13 0.29 8.33 -6.64
CA ASN A 13 -0.30 7.11 -6.13
C ASN A 13 -0.52 6.08 -7.23
N ASP A 14 -1.72 6.07 -7.78
CA ASP A 14 -2.09 5.14 -8.83
C ASP A 14 -1.12 5.21 -9.99
N LYS A 15 -0.20 4.24 -10.03
CA LYS A 15 0.78 4.15 -11.08
C LYS A 15 0.28 3.25 -12.21
N TRP A 16 -0.34 3.87 -13.21
CA TRP A 16 -0.89 3.14 -14.36
C TRP A 16 0.22 2.73 -15.31
N VAL A 17 0.60 1.45 -15.27
CA VAL A 17 1.68 0.96 -16.13
C VAL A 17 1.49 -0.51 -16.50
N ASP A 18 2.51 -1.06 -17.15
CA ASP A 18 2.51 -2.46 -17.58
C ASP A 18 3.47 -3.28 -16.72
N THR A 19 3.55 -4.58 -17.00
CA THR A 19 4.44 -5.46 -16.24
C THR A 19 4.46 -6.88 -16.80
N HIS A 20 5.17 -7.77 -16.11
CA HIS A 20 5.27 -9.17 -16.51
C HIS A 20 4.69 -10.07 -15.43
N VAL A 21 4.87 -11.38 -15.58
CA VAL A 21 4.35 -12.35 -14.61
C VAL A 21 5.26 -12.46 -13.39
N GLY A 22 4.66 -12.27 -12.21
CA GLY A 22 5.40 -12.36 -10.97
C GLY A 22 6.44 -11.27 -10.80
N LYS A 23 6.30 -10.19 -11.56
CA LYS A 23 7.24 -9.08 -11.46
C LYS A 23 7.23 -8.51 -10.05
N THR A 24 8.02 -9.11 -9.17
CA THR A 24 8.10 -8.68 -7.78
C THR A 24 8.44 -7.20 -7.67
N THR A 25 7.42 -6.38 -7.50
CA THR A 25 7.61 -4.94 -7.37
C THR A 25 7.66 -4.53 -5.90
N GLU A 26 8.88 -4.27 -5.43
CA GLU A 26 9.09 -3.87 -4.06
C GLU A 26 8.85 -2.38 -3.89
N ILE A 27 8.07 -2.04 -2.88
CA ILE A 27 7.74 -0.65 -2.60
C ILE A 27 7.82 -0.32 -1.13
N HIS A 28 8.87 0.39 -0.75
CA HIS A 28 9.05 0.80 0.63
C HIS A 28 8.33 2.12 0.86
N LEU A 29 7.15 2.06 1.43
CA LEU A 29 6.35 3.25 1.69
C LEU A 29 6.56 3.74 3.10
N LYS A 30 6.45 5.06 3.28
CA LYS A 30 6.64 5.65 4.60
C LYS A 30 5.29 6.04 5.20
N GLY A 31 5.27 6.25 6.51
CA GLY A 31 4.05 6.61 7.18
C GLY A 31 4.23 6.78 8.67
N ASN A 32 3.22 6.38 9.44
CA ASN A 32 3.27 6.50 10.90
C ASN A 32 2.04 5.84 11.53
N PRO A 33 2.15 4.56 11.93
CA PRO A 33 1.03 3.83 12.55
C PRO A 33 0.50 4.51 13.80
N THR A 34 1.31 5.37 14.40
CA THR A 34 0.91 6.08 15.62
C THR A 34 -0.11 7.17 15.31
N THR A 35 -0.48 7.29 14.04
CA THR A 35 -1.45 8.30 13.62
C THR A 35 -2.87 7.76 13.67
N GLY A 36 -3.09 6.61 13.02
CA GLY A 36 -4.39 6.00 13.01
C GLY A 36 -4.65 5.18 11.76
N TYR A 37 -4.19 5.68 10.61
CA TYR A 37 -4.37 5.00 9.35
C TYR A 37 -3.28 3.95 9.12
N MET A 38 -3.41 3.22 8.01
CA MET A 38 -2.47 2.19 7.65
C MET A 38 -2.29 2.16 6.14
N TRP A 39 -1.11 1.75 5.71
CA TRP A 39 -0.83 1.65 4.29
C TRP A 39 -0.87 0.19 3.87
N THR A 40 -2.07 -0.29 3.62
CA THR A 40 -2.27 -1.68 3.23
C THR A 40 -3.11 -1.75 1.95
N ARG A 41 -3.52 -2.95 1.55
CA ARG A 41 -4.33 -3.11 0.35
C ARG A 41 -5.81 -2.91 0.64
N VAL A 42 -6.52 -2.31 -0.31
CA VAL A 42 -7.95 -2.03 -0.17
C VAL A 42 -8.76 -3.31 0.04
N GLY A 43 -9.81 -3.20 0.85
CA GLY A 43 -10.66 -4.34 1.11
C GLY A 43 -9.97 -5.45 1.88
N PHE A 44 -8.93 -5.10 2.63
CA PHE A 44 -8.19 -6.08 3.41
C PHE A 44 -7.85 -5.56 4.79
N VAL A 45 -7.52 -4.26 4.86
CA VAL A 45 -7.15 -3.60 6.12
C VAL A 45 -7.60 -4.39 7.34
N GLY A 46 -6.64 -4.80 8.17
CA GLY A 46 -6.94 -5.57 9.36
C GLY A 46 -6.86 -7.06 9.12
N LYS A 47 -6.39 -7.43 7.93
CA LYS A 47 -6.25 -8.82 7.52
C LYS A 47 -4.89 -9.39 7.93
N ASP A 48 -4.56 -10.53 7.33
CA ASP A 48 -3.29 -11.19 7.58
C ASP A 48 -2.46 -11.22 6.30
N VAL A 49 -3.17 -11.31 5.17
CA VAL A 49 -2.54 -11.31 3.86
C VAL A 49 -3.40 -10.58 2.84
N LEU A 50 -2.82 -9.57 2.21
CA LEU A 50 -3.52 -8.79 1.22
C LEU A 50 -3.76 -9.62 -0.03
N SER A 51 -2.68 -10.15 -0.60
CA SER A 51 -2.74 -10.99 -1.79
C SER A 51 -3.81 -12.09 -1.67
N ASP A 52 -3.98 -12.86 -2.73
CA ASP A 52 -4.96 -13.95 -2.74
C ASP A 52 -4.68 -14.94 -3.85
N GLU A 53 -5.04 -14.56 -5.07
CA GLU A 53 -4.84 -15.41 -6.23
C GLU A 53 -4.32 -14.62 -7.42
N ILE A 54 -4.79 -13.38 -7.57
CA ILE A 54 -4.37 -12.53 -8.67
C ILE A 54 -2.94 -12.04 -8.48
N LEU A 55 -2.78 -11.03 -7.65
CA LEU A 55 -1.47 -10.46 -7.37
C LEU A 55 -0.89 -11.00 -6.07
N GLU A 56 0.20 -11.75 -6.16
CA GLU A 56 0.87 -12.27 -4.97
C GLU A 56 1.53 -11.13 -4.21
N VAL A 57 0.70 -10.26 -3.63
CA VAL A 57 1.18 -9.12 -2.89
C VAL A 57 1.76 -9.52 -1.54
N VAL A 58 3.03 -9.91 -1.55
CA VAL A 58 3.71 -10.27 -0.32
C VAL A 58 4.16 -9.02 0.38
N CYS A 59 3.27 -8.45 1.17
CA CYS A 59 3.54 -7.23 1.91
C CYS A 59 3.85 -7.50 3.37
N LYS A 60 4.75 -6.72 3.91
CA LYS A 60 5.14 -6.85 5.31
C LYS A 60 5.10 -5.49 5.99
N TYR A 61 4.10 -5.30 6.84
CA TYR A 61 3.95 -4.05 7.56
C TYR A 61 4.90 -4.05 8.76
N THR A 62 5.94 -3.22 8.67
CA THR A 62 6.92 -3.13 9.74
C THR A 62 6.87 -1.75 10.41
N PRO A 63 6.54 -1.71 11.71
CA PRO A 63 6.47 -0.48 12.48
C PRO A 63 7.72 -0.26 13.32
N THR A 64 8.89 -0.45 12.68
CA THR A 64 10.16 -0.29 13.35
C THR A 64 10.21 0.97 14.22
N PRO A 65 11.06 0.98 15.25
CA PRO A 65 11.18 2.13 16.16
C PRO A 65 11.43 3.45 15.41
N SER A 66 10.56 4.41 15.64
CA SER A 66 10.68 5.71 14.99
C SER A 66 11.92 6.46 15.48
N SER A 67 12.19 7.60 14.86
CA SER A 67 13.35 8.41 15.23
C SER A 67 13.04 9.30 16.43
N THR A 68 11.96 8.96 17.15
CA THR A 68 11.56 9.72 18.32
C THR A 68 12.67 9.79 19.35
N PRO A 69 12.67 10.82 20.22
CA PRO A 69 13.68 11.00 21.26
C PRO A 69 13.48 10.07 22.44
N MET A 70 12.59 9.12 22.28
CA MET A 70 12.29 8.16 23.33
C MET A 70 11.36 7.05 22.83
N VAL A 71 10.05 7.28 22.97
CA VAL A 71 9.06 6.31 22.54
C VAL A 71 8.62 6.56 21.11
N GLY A 72 8.71 5.53 20.27
CA GLY A 72 8.32 5.65 18.88
C GLY A 72 8.27 4.31 18.17
N VAL A 73 7.18 4.07 17.46
CA VAL A 73 6.99 2.82 16.73
C VAL A 73 6.44 3.08 15.33
N GLY A 74 7.32 3.51 14.43
CA GLY A 74 6.90 3.80 13.07
C GLY A 74 7.93 3.35 12.05
N GLY A 75 7.56 2.36 11.23
CA GLY A 75 8.47 1.86 10.22
C GLY A 75 8.03 2.21 8.81
N ILE A 76 7.81 1.19 7.99
CA ILE A 76 7.38 1.39 6.63
C ILE A 76 6.44 0.28 6.18
N TYR A 77 6.24 0.18 4.87
CA TYR A 77 5.37 -0.83 4.30
C TYR A 77 6.03 -1.48 3.09
N VAL A 78 6.63 -2.66 3.30
CA VAL A 78 7.31 -3.38 2.22
C VAL A 78 6.33 -4.21 1.43
N VAL A 79 5.95 -3.72 0.26
CA VAL A 79 4.98 -4.42 -0.59
C VAL A 79 5.64 -5.07 -1.80
N LEU A 80 5.48 -6.39 -1.90
CA LEU A 80 6.02 -7.15 -3.03
C LEU A 80 4.87 -7.67 -3.88
N VAL A 81 4.59 -6.99 -4.97
CA VAL A 81 3.49 -7.38 -5.84
C VAL A 81 3.96 -8.32 -6.94
N LYS A 82 3.62 -9.59 -6.82
CA LYS A 82 4.00 -10.60 -7.80
C LYS A 82 2.78 -11.12 -8.55
N PRO A 83 2.47 -10.52 -9.72
CA PRO A 83 1.32 -10.93 -10.53
C PRO A 83 1.30 -12.42 -10.80
N ARG A 84 0.46 -13.15 -10.06
CA ARG A 84 0.34 -14.59 -10.23
C ARG A 84 -0.20 -14.91 -11.61
N LYS A 85 -1.01 -14.00 -12.14
CA LYS A 85 -1.60 -14.17 -13.46
C LYS A 85 -1.32 -12.95 -14.34
N ARG A 86 -1.86 -12.96 -15.55
CA ARG A 86 -1.68 -11.84 -16.47
C ARG A 86 -3.01 -11.22 -16.86
N GLY A 87 -3.04 -9.89 -16.94
CA GLY A 87 -4.26 -9.20 -17.31
C GLY A 87 -4.21 -7.71 -16.94
N HIS A 88 -5.13 -7.30 -16.08
CA HIS A 88 -5.21 -5.90 -15.66
C HIS A 88 -4.95 -5.78 -14.16
N HIS A 89 -4.13 -6.68 -13.64
CA HIS A 89 -3.78 -6.68 -12.21
C HIS A 89 -3.40 -5.29 -11.73
N THR A 90 -3.62 -5.04 -10.44
CA THR A 90 -3.32 -3.75 -9.84
C THR A 90 -3.14 -3.87 -8.32
N LEU A 91 -2.20 -3.12 -7.79
CA LEU A 91 -1.93 -3.12 -6.35
C LEU A 91 -2.72 -2.02 -5.66
N GLU A 92 -3.92 -2.35 -5.23
CA GLU A 92 -4.78 -1.39 -4.55
C GLU A 92 -4.29 -1.09 -3.14
N LEU A 93 -3.53 -0.01 -3.00
CA LEU A 93 -3.03 0.40 -1.69
C LEU A 93 -3.70 1.68 -1.25
N VAL A 94 -4.08 1.74 0.02
CA VAL A 94 -4.76 2.90 0.56
C VAL A 94 -4.37 3.16 2.02
N TYR A 95 -4.55 4.39 2.46
CA TYR A 95 -4.25 4.79 3.84
C TYR A 95 -5.54 4.74 4.66
N THR A 96 -5.82 3.58 5.27
CA THR A 96 -7.04 3.40 6.04
C THR A 96 -6.78 3.03 7.50
N ARG A 97 -7.70 3.41 8.38
CA ARG A 97 -7.58 3.10 9.80
C ARG A 97 -8.19 1.74 10.11
N PRO A 98 -7.36 0.69 10.27
CA PRO A 98 -7.83 -0.66 10.58
C PRO A 98 -8.76 -0.66 11.79
N PHE A 99 -8.52 0.28 12.71
CA PHE A 99 -9.32 0.40 13.91
C PHE A 99 -10.71 0.95 13.60
N GLU A 100 -10.79 1.80 12.58
CA GLU A 100 -12.07 2.41 12.18
C GLU A 100 -12.56 1.83 10.85
N GLY A 101 -11.98 2.32 9.76
CA GLY A 101 -12.38 1.86 8.44
C GLY A 101 -11.71 2.64 7.33
N ILE A 102 -12.05 2.29 6.10
CA ILE A 102 -11.47 2.95 4.94
C ILE A 102 -12.37 4.08 4.45
N LYS A 103 -11.76 5.09 3.83
CA LYS A 103 -12.50 6.24 3.33
C LYS A 103 -11.89 6.75 2.02
N PRO A 104 -12.70 7.42 1.18
CA PRO A 104 -12.24 7.96 -0.10
C PRO A 104 -11.21 9.08 0.07
N GLU A 105 -11.50 10.02 0.95
CA GLU A 105 -10.61 11.15 1.21
C GLU A 105 -9.22 10.68 1.64
N ASN A 106 -9.10 9.41 2.01
CA ASN A 106 -7.83 8.86 2.46
C ASN A 106 -6.84 8.76 1.31
N GLU A 107 -5.55 8.69 1.66
CA GLU A 107 -4.49 8.59 0.66
C GLU A 107 -4.72 7.39 -0.25
N ARG A 108 -4.13 7.44 -1.44
CA ARG A 108 -4.27 6.37 -2.41
C ARG A 108 -2.92 5.95 -2.97
N TYR A 109 -2.88 4.77 -3.58
CA TYR A 109 -1.68 4.26 -4.21
C TYR A 109 -1.99 2.95 -4.93
N THR A 110 -2.68 3.07 -6.06
CA THR A 110 -3.07 1.91 -6.85
C THR A 110 -2.09 1.64 -7.98
N LEU A 111 -1.06 0.86 -7.69
CA LEU A 111 -0.07 0.53 -8.69
C LEU A 111 -0.66 -0.38 -9.76
N HIS A 112 -1.19 0.23 -10.82
CA HIS A 112 -1.79 -0.53 -11.91
C HIS A 112 -0.72 -1.20 -12.75
N LEU A 113 -1.03 -2.39 -13.22
CA LEU A 113 -0.10 -3.18 -14.02
C LEU A 113 -0.83 -3.97 -15.10
N ASN A 114 -0.60 -3.60 -16.35
CA ASN A 114 -1.21 -4.29 -17.47
C ASN A 114 -0.38 -5.52 -17.81
N VAL A 115 -0.24 -6.40 -16.82
CA VAL A 115 0.54 -7.63 -16.96
C VAL A 115 0.36 -8.26 -18.34
N LYS A 116 1.48 -8.64 -18.95
CA LYS A 116 1.46 -9.25 -20.27
C LYS A 116 0.91 -10.67 -20.22
N GLY A 1 -7.85 28.24 -9.36
CA GLY A 1 -7.84 29.31 -8.32
C GLY A 1 -8.94 29.14 -7.30
N SER A 2 -9.52 27.95 -7.24
CA SER A 2 -10.58 27.66 -6.29
C SER A 2 -10.04 26.95 -5.05
N HIS A 3 -10.13 27.62 -3.91
CA HIS A 3 -9.65 27.06 -2.65
C HIS A 3 -10.79 26.45 -1.86
N MET A 4 -10.71 25.15 -1.61
CA MET A 4 -11.74 24.44 -0.86
C MET A 4 -11.13 23.56 0.22
N ILE A 5 -11.98 22.92 1.02
CA ILE A 5 -11.52 22.05 2.09
C ILE A 5 -11.50 20.60 1.64
N ALA A 6 -12.39 20.26 0.71
CA ALA A 6 -12.47 18.89 0.18
C ALA A 6 -11.13 18.43 -0.38
N PRO A 7 -10.89 17.11 -0.39
CA PRO A 7 -9.64 16.54 -0.91
C PRO A 7 -9.33 17.01 -2.32
N LEU A 8 -8.06 17.34 -2.57
CA LEU A 8 -7.63 17.80 -3.88
C LEU A 8 -6.99 16.67 -4.67
N SER A 9 -6.60 16.96 -5.91
CA SER A 9 -5.96 15.97 -6.77
C SER A 9 -4.45 16.21 -6.87
N VAL A 10 -3.96 17.17 -6.07
CA VAL A 10 -2.55 17.50 -6.08
C VAL A 10 -1.78 16.63 -5.08
N LYS A 11 -2.41 15.54 -4.65
CA LYS A 11 -1.80 14.62 -3.70
C LYS A 11 -0.96 13.59 -4.43
N ASP A 12 -1.50 13.08 -5.51
CA ASP A 12 -0.84 12.07 -6.33
C ASP A 12 -0.59 10.80 -5.53
N ASN A 13 -0.89 9.66 -6.14
CA ASN A 13 -0.71 8.38 -5.47
C ASN A 13 0.56 7.67 -5.95
N ASP A 14 0.41 6.82 -6.96
CA ASP A 14 1.53 6.07 -7.50
C ASP A 14 1.65 6.23 -9.02
N LYS A 15 1.42 5.14 -9.75
CA LYS A 15 1.53 5.16 -11.20
C LYS A 15 0.80 3.97 -11.82
N TRP A 16 0.30 4.16 -13.04
CA TRP A 16 -0.42 3.12 -13.77
C TRP A 16 0.47 2.55 -14.87
N VAL A 17 0.82 1.26 -14.79
CA VAL A 17 1.69 0.65 -15.81
C VAL A 17 1.41 -0.82 -16.02
N ASP A 18 2.25 -1.44 -16.84
CA ASP A 18 2.13 -2.86 -17.17
C ASP A 18 3.15 -3.68 -16.38
N THR A 19 3.26 -4.97 -16.70
CA THR A 19 4.20 -5.85 -16.01
C THR A 19 4.26 -7.24 -16.62
N HIS A 20 5.11 -8.09 -16.05
CA HIS A 20 5.25 -9.46 -16.51
C HIS A 20 4.68 -10.40 -15.45
N VAL A 21 5.28 -11.58 -15.27
CA VAL A 21 4.78 -12.53 -14.28
C VAL A 21 5.69 -12.57 -13.05
N GLY A 22 5.06 -12.51 -11.88
CA GLY A 22 5.79 -12.54 -10.63
C GLY A 22 6.80 -11.42 -10.48
N LYS A 23 6.64 -10.36 -11.27
CA LYS A 23 7.53 -9.22 -11.20
C LYS A 23 7.46 -8.59 -9.82
N THR A 24 8.22 -9.16 -8.88
CA THR A 24 8.24 -8.68 -7.50
C THR A 24 8.59 -7.20 -7.43
N THR A 25 7.56 -6.37 -7.23
CA THR A 25 7.76 -4.93 -7.12
C THR A 25 7.62 -4.48 -5.67
N GLU A 26 8.76 -4.35 -5.01
CA GLU A 26 8.79 -3.93 -3.62
C GLU A 26 8.45 -2.46 -3.47
N ILE A 27 7.41 -2.18 -2.69
CA ILE A 27 6.97 -0.82 -2.46
C ILE A 27 7.09 -0.42 -1.01
N HIS A 28 8.14 0.32 -0.70
CA HIS A 28 8.35 0.82 0.66
C HIS A 28 7.68 2.17 0.80
N LEU A 29 6.69 2.24 1.66
CA LEU A 29 5.96 3.49 1.89
C LEU A 29 6.24 4.01 3.29
N LYS A 30 6.25 5.33 3.42
CA LYS A 30 6.50 5.95 4.71
C LYS A 30 5.21 6.39 5.37
N GLY A 31 5.27 6.62 6.67
CA GLY A 31 4.09 7.04 7.40
C GLY A 31 4.33 7.09 8.89
N ASN A 32 3.39 6.51 9.65
CA ASN A 32 3.50 6.49 11.11
C ASN A 32 2.34 5.69 11.72
N PRO A 33 2.58 4.41 12.05
CA PRO A 33 1.54 3.55 12.64
C PRO A 33 0.92 4.17 13.89
N THR A 34 1.58 5.16 14.45
CA THR A 34 1.10 5.85 15.65
C THR A 34 -0.11 6.72 15.33
N THR A 35 -0.15 7.27 14.12
CA THR A 35 -1.25 8.12 13.69
C THR A 35 -2.59 7.43 13.89
N GLY A 36 -2.82 6.36 13.15
CA GLY A 36 -4.07 5.62 13.26
C GLY A 36 -4.39 4.80 12.03
N TYR A 37 -4.37 5.45 10.86
CA TYR A 37 -4.66 4.76 9.61
C TYR A 37 -3.45 3.99 9.10
N MET A 38 -3.70 2.81 8.55
CA MET A 38 -2.68 1.95 8.02
C MET A 38 -2.61 2.07 6.50
N TRP A 39 -1.42 1.80 5.96
CA TRP A 39 -1.19 1.84 4.53
C TRP A 39 -1.17 0.41 4.00
N THR A 40 -2.34 -0.11 3.63
CA THR A 40 -2.44 -1.47 3.13
C THR A 40 -3.28 -1.53 1.85
N ARG A 41 -3.64 -2.75 1.42
CA ARG A 41 -4.43 -2.92 0.20
C ARG A 41 -5.92 -2.72 0.47
N VAL A 42 -6.61 -2.11 -0.49
CA VAL A 42 -8.04 -1.81 -0.38
C VAL A 42 -8.86 -3.06 -0.06
N GLY A 43 -9.91 -2.88 0.73
CA GLY A 43 -10.78 -3.98 1.11
C GLY A 43 -10.03 -5.09 1.82
N PHE A 44 -8.76 -4.85 2.13
CA PHE A 44 -7.93 -5.83 2.80
C PHE A 44 -7.27 -5.23 4.03
N VAL A 45 -7.95 -4.26 4.60
CA VAL A 45 -7.46 -3.57 5.79
C VAL A 45 -7.40 -4.52 6.98
N GLY A 46 -6.28 -4.49 7.70
CA GLY A 46 -6.12 -5.34 8.86
C GLY A 46 -5.52 -6.69 8.49
N LYS A 47 -5.64 -7.07 7.23
CA LYS A 47 -5.10 -8.33 6.76
C LYS A 47 -3.57 -8.31 6.71
N ASP A 48 -2.98 -9.47 6.45
CA ASP A 48 -1.53 -9.58 6.38
C ASP A 48 -1.05 -9.72 4.95
N VAL A 49 -1.58 -10.70 4.23
CA VAL A 49 -1.20 -10.96 2.85
C VAL A 49 -1.92 -10.01 1.89
N LEU A 50 -3.16 -9.69 2.21
CA LEU A 50 -3.98 -8.79 1.40
C LEU A 50 -4.42 -9.47 0.11
N SER A 51 -3.45 -9.92 -0.68
CA SER A 51 -3.71 -10.60 -1.93
C SER A 51 -4.45 -11.93 -1.72
N ASP A 52 -4.42 -12.79 -2.74
CA ASP A 52 -5.08 -14.09 -2.66
C ASP A 52 -4.55 -15.03 -3.72
N GLU A 53 -4.94 -14.78 -4.96
CA GLU A 53 -4.53 -15.61 -6.08
C GLU A 53 -4.26 -14.79 -7.34
N ILE A 54 -4.87 -13.61 -7.44
CA ILE A 54 -4.69 -12.74 -8.59
C ILE A 54 -3.29 -12.14 -8.62
N LEU A 55 -3.01 -11.30 -7.65
CA LEU A 55 -1.72 -10.64 -7.55
C LEU A 55 -1.00 -11.04 -6.27
N GLU A 56 0.02 -11.89 -6.39
CA GLU A 56 0.79 -12.33 -5.25
C GLU A 56 1.42 -11.14 -4.53
N VAL A 57 0.64 -10.51 -3.67
CA VAL A 57 1.11 -9.34 -2.94
C VAL A 57 1.64 -9.72 -1.56
N VAL A 58 2.94 -9.95 -1.48
CA VAL A 58 3.56 -10.27 -0.21
C VAL A 58 3.89 -8.99 0.53
N CYS A 59 2.86 -8.41 1.11
CA CYS A 59 2.98 -7.16 1.84
C CYS A 59 3.24 -7.40 3.31
N LYS A 60 4.20 -6.67 3.86
CA LYS A 60 4.54 -6.79 5.26
C LYS A 60 4.56 -5.42 5.93
N TYR A 61 3.70 -5.25 6.92
CA TYR A 61 3.63 -4.00 7.65
C TYR A 61 4.69 -3.99 8.75
N THR A 62 5.81 -3.34 8.47
CA THR A 62 6.93 -3.28 9.41
C THR A 62 6.85 -2.06 10.33
N PRO A 63 6.53 -2.28 11.62
CA PRO A 63 6.43 -1.25 12.62
C PRO A 63 7.67 -1.21 13.52
N THR A 64 8.64 -0.37 13.16
CA THR A 64 9.87 -0.27 13.92
C THR A 64 9.66 0.50 15.23
N PRO A 65 10.26 0.03 16.33
CA PRO A 65 10.14 0.67 17.64
C PRO A 65 10.71 2.08 17.65
N SER A 66 9.83 3.08 17.82
CA SER A 66 10.25 4.46 17.85
C SER A 66 10.29 5.00 19.28
N SER A 67 10.53 6.31 19.41
CA SER A 67 10.59 6.94 20.72
C SER A 67 9.20 7.06 21.33
N THR A 68 8.17 6.73 20.54
CA THR A 68 6.80 6.81 20.99
C THR A 68 6.54 5.83 22.15
N PRO A 69 5.51 6.12 22.97
CA PRO A 69 5.17 5.25 24.12
C PRO A 69 4.50 3.95 23.67
N MET A 70 3.73 3.37 24.57
CA MET A 70 3.03 2.12 24.28
C MET A 70 1.99 2.33 23.19
N VAL A 71 1.67 3.59 22.91
CA VAL A 71 0.69 3.93 21.89
C VAL A 71 1.36 4.28 20.58
N GLY A 72 1.24 3.40 19.59
CA GLY A 72 1.85 3.63 18.29
C GLY A 72 3.24 3.04 18.18
N VAL A 73 3.74 2.93 16.96
CA VAL A 73 5.07 2.38 16.73
C VAL A 73 5.93 3.33 15.90
N GLY A 74 6.09 3.01 14.61
CA GLY A 74 6.89 3.85 13.75
C GLY A 74 7.73 3.06 12.77
N GLY A 75 7.15 2.72 11.62
CA GLY A 75 7.87 1.97 10.60
C GLY A 75 7.45 2.35 9.20
N ILE A 76 7.30 1.36 8.33
CA ILE A 76 6.89 1.62 6.96
C ILE A 76 5.91 0.56 6.48
N TYR A 77 5.72 0.50 5.17
CA TYR A 77 4.80 -0.46 4.57
C TYR A 77 5.39 -1.03 3.29
N VAL A 78 5.95 -2.24 3.38
CA VAL A 78 6.55 -2.87 2.22
C VAL A 78 5.53 -3.75 1.52
N VAL A 79 5.45 -3.63 0.21
CA VAL A 79 4.48 -4.39 -0.57
C VAL A 79 5.09 -5.05 -1.79
N LEU A 80 5.40 -6.34 -1.70
CA LEU A 80 5.94 -7.09 -2.82
C LEU A 80 4.81 -7.55 -3.71
N VAL A 81 4.64 -6.90 -4.84
CA VAL A 81 3.57 -7.25 -5.76
C VAL A 81 4.09 -8.18 -6.85
N LYS A 82 3.61 -9.42 -6.83
CA LYS A 82 4.04 -10.43 -7.80
C LYS A 82 2.85 -10.92 -8.64
N PRO A 83 2.72 -10.42 -9.88
CA PRO A 83 1.63 -10.82 -10.76
C PRO A 83 1.47 -12.34 -10.84
N ARG A 84 0.48 -12.84 -10.12
CA ARG A 84 0.19 -14.27 -10.07
C ARG A 84 -0.50 -14.74 -11.35
N LYS A 85 -1.44 -13.95 -11.84
CA LYS A 85 -2.17 -14.30 -13.06
C LYS A 85 -1.85 -13.32 -14.18
N ARG A 86 -2.11 -13.73 -15.41
CA ARG A 86 -1.86 -12.90 -16.58
C ARG A 86 -3.13 -12.16 -17.00
N GLY A 87 -3.03 -10.85 -17.18
CA GLY A 87 -4.16 -10.05 -17.59
C GLY A 87 -4.08 -8.62 -17.10
N HIS A 88 -5.05 -8.21 -16.29
CA HIS A 88 -5.07 -6.86 -15.76
C HIS A 88 -5.06 -6.86 -14.23
N HIS A 89 -3.87 -6.65 -13.67
CA HIS A 89 -3.71 -6.63 -12.21
C HIS A 89 -3.40 -5.22 -11.72
N THR A 90 -3.54 -5.01 -10.41
CA THR A 90 -3.28 -3.70 -9.82
C THR A 90 -3.08 -3.80 -8.32
N LEU A 91 -2.32 -2.85 -7.77
CA LEU A 91 -2.04 -2.79 -6.35
C LEU A 91 -2.57 -1.50 -5.76
N GLU A 92 -3.87 -1.45 -5.55
CA GLU A 92 -4.50 -0.25 -5.00
C GLU A 92 -4.38 -0.22 -3.49
N LEU A 93 -3.52 0.68 -3.01
CA LEU A 93 -3.30 0.83 -1.57
C LEU A 93 -4.05 2.05 -1.05
N VAL A 94 -4.37 2.03 0.24
CA VAL A 94 -5.10 3.13 0.86
C VAL A 94 -4.69 3.35 2.31
N TYR A 95 -4.96 4.56 2.80
CA TYR A 95 -4.68 4.93 4.17
C TYR A 95 -5.94 4.69 5.00
N THR A 96 -6.29 3.42 5.16
CA THR A 96 -7.50 3.03 5.88
C THR A 96 -7.29 2.95 7.38
N ARG A 97 -8.40 2.85 8.12
CA ARG A 97 -8.35 2.75 9.57
C ARG A 97 -8.77 1.35 10.02
N PRO A 98 -7.78 0.44 10.20
CA PRO A 98 -8.06 -0.93 10.64
C PRO A 98 -8.97 -0.99 11.86
N PHE A 99 -8.84 0.00 12.73
CA PHE A 99 -9.64 0.09 13.94
C PHE A 99 -11.10 0.40 13.62
N GLU A 100 -11.33 1.14 12.54
CA GLU A 100 -12.69 1.50 12.13
C GLU A 100 -13.04 0.89 10.78
N GLY A 101 -12.60 1.55 9.71
CA GLY A 101 -12.90 1.07 8.36
C GLY A 101 -12.21 1.90 7.31
N ILE A 102 -12.55 1.64 6.05
CA ILE A 102 -11.95 2.36 4.94
C ILE A 102 -12.90 3.41 4.37
N LYS A 103 -12.49 4.66 4.47
CA LYS A 103 -13.27 5.78 3.97
C LYS A 103 -12.63 6.36 2.71
N PRO A 104 -13.32 7.27 2.01
CA PRO A 104 -12.80 7.89 0.78
C PRO A 104 -11.62 8.81 1.06
N GLU A 105 -11.68 9.50 2.20
CA GLU A 105 -10.64 10.43 2.61
C GLU A 105 -9.28 9.74 2.69
N ASN A 106 -9.29 8.41 2.78
CA ASN A 106 -8.06 7.64 2.88
C ASN A 106 -7.15 7.91 1.69
N GLU A 107 -5.87 8.17 1.98
CA GLU A 107 -4.88 8.42 0.94
C GLU A 107 -4.91 7.29 -0.08
N ARG A 108 -4.37 7.54 -1.26
CA ARG A 108 -4.36 6.54 -2.31
C ARG A 108 -2.96 6.29 -2.86
N TYR A 109 -2.76 5.07 -3.37
CA TYR A 109 -1.50 4.67 -3.97
C TYR A 109 -1.72 3.39 -4.77
N THR A 110 -2.19 3.57 -6.00
CA THR A 110 -2.50 2.47 -6.88
C THR A 110 -1.37 2.15 -7.84
N LEU A 111 -0.75 0.99 -7.63
CA LEU A 111 0.33 0.53 -8.50
C LEU A 111 -0.20 -0.43 -9.54
N HIS A 112 -0.54 0.09 -10.72
CA HIS A 112 -1.08 -0.75 -11.78
C HIS A 112 0.03 -1.55 -12.46
N LEU A 113 -0.31 -2.79 -12.79
CA LEU A 113 0.65 -3.68 -13.42
C LEU A 113 -0.04 -4.59 -14.44
N ASN A 114 -0.33 -4.04 -15.61
CA ASN A 114 -0.97 -4.82 -16.67
C ASN A 114 -0.11 -6.04 -17.01
N VAL A 115 -0.36 -7.13 -16.30
CA VAL A 115 0.39 -8.36 -16.48
C VAL A 115 0.30 -8.86 -17.92
N LYS A 116 1.46 -9.24 -18.46
CA LYS A 116 1.52 -9.75 -19.83
C LYS A 116 1.07 -11.20 -19.90
N GLY A 1 4.87 18.12 -18.11
CA GLY A 1 3.68 18.36 -17.25
C GLY A 1 4.00 18.27 -15.77
N SER A 2 3.86 19.40 -15.08
CA SER A 2 4.14 19.44 -13.64
C SER A 2 3.16 20.37 -12.92
N HIS A 3 2.53 19.85 -11.88
CA HIS A 3 1.57 20.63 -11.11
C HIS A 3 2.26 21.38 -9.97
N MET A 4 2.78 20.64 -9.00
CA MET A 4 3.48 21.24 -7.88
C MET A 4 4.77 20.50 -7.57
N ILE A 5 5.68 21.16 -6.86
CA ILE A 5 6.96 20.56 -6.51
C ILE A 5 6.87 19.82 -5.18
N ALA A 6 6.00 20.29 -4.30
CA ALA A 6 5.81 19.67 -3.00
C ALA A 6 4.64 18.67 -3.01
N PRO A 7 4.86 17.44 -2.54
CA PRO A 7 3.82 16.41 -2.51
C PRO A 7 2.89 16.56 -1.32
N LEU A 8 2.84 17.77 -0.76
CA LEU A 8 1.98 18.05 0.39
C LEU A 8 0.51 18.02 -0.01
N SER A 9 0.14 18.91 -0.93
CA SER A 9 -1.24 19.00 -1.40
C SER A 9 -1.65 17.71 -2.12
N VAL A 10 -1.11 17.50 -3.30
CA VAL A 10 -1.43 16.31 -4.10
C VAL A 10 -0.49 15.17 -3.75
N LYS A 11 -0.64 14.05 -4.46
CA LYS A 11 0.21 12.88 -4.23
C LYS A 11 -0.02 11.85 -5.33
N ASP A 12 1.08 11.32 -5.86
CA ASP A 12 1.02 10.34 -6.92
C ASP A 12 0.59 8.98 -6.35
N ASN A 13 -0.51 8.46 -6.86
CA ASN A 13 -1.03 7.18 -6.38
C ASN A 13 -1.28 6.21 -7.53
N ASP A 14 -2.51 6.23 -8.04
CA ASP A 14 -2.92 5.37 -9.12
C ASP A 14 -1.93 5.37 -10.27
N LYS A 15 -1.07 4.36 -10.27
CA LYS A 15 -0.06 4.20 -11.31
C LYS A 15 -0.51 3.11 -12.29
N TRP A 16 -1.07 3.55 -13.41
CA TRP A 16 -1.58 2.63 -14.43
C TRP A 16 -0.48 2.26 -15.42
N VAL A 17 0.04 1.04 -15.29
CA VAL A 17 1.11 0.58 -16.19
C VAL A 17 1.02 -0.91 -16.47
N ASP A 18 2.05 -1.43 -17.13
CA ASP A 18 2.13 -2.85 -17.49
C ASP A 18 3.15 -3.57 -16.62
N THR A 19 3.39 -4.85 -16.89
CA THR A 19 4.34 -5.63 -16.11
C THR A 19 4.53 -7.05 -16.66
N HIS A 20 5.34 -7.83 -15.97
CA HIS A 20 5.61 -9.22 -16.34
C HIS A 20 5.06 -10.16 -15.28
N VAL A 21 5.45 -11.44 -15.35
CA VAL A 21 4.97 -12.42 -14.39
C VAL A 21 5.83 -12.43 -13.11
N GLY A 22 5.16 -12.33 -11.98
CA GLY A 22 5.84 -12.33 -10.69
C GLY A 22 6.80 -11.18 -10.51
N LYS A 23 6.62 -10.11 -11.29
CA LYS A 23 7.47 -8.94 -11.18
C LYS A 23 7.40 -8.37 -9.76
N THR A 24 8.21 -8.93 -8.87
CA THR A 24 8.22 -8.50 -7.48
C THR A 24 8.49 -7.01 -7.37
N THR A 25 7.42 -6.22 -7.31
CA THR A 25 7.55 -4.78 -7.19
C THR A 25 7.48 -4.35 -5.73
N GLU A 26 8.66 -4.05 -5.18
CA GLU A 26 8.77 -3.62 -3.80
C GLU A 26 8.48 -2.13 -3.68
N ILE A 27 7.67 -1.77 -2.71
CA ILE A 27 7.31 -0.38 -2.50
C ILE A 27 7.36 0.01 -1.04
N HIS A 28 8.44 0.69 -0.66
CA HIS A 28 8.60 1.18 0.70
C HIS A 28 7.88 2.51 0.84
N LEU A 29 6.75 2.50 1.55
CA LEU A 29 5.97 3.70 1.74
C LEU A 29 6.23 4.29 3.11
N LYS A 30 6.22 5.60 3.20
CA LYS A 30 6.46 6.27 4.47
C LYS A 30 5.15 6.52 5.20
N GLY A 31 5.25 6.82 6.48
CA GLY A 31 4.06 7.07 7.27
C GLY A 31 4.36 7.14 8.75
N ASN A 32 3.48 6.56 9.56
CA ASN A 32 3.66 6.55 11.01
C ASN A 32 2.55 5.72 11.67
N PRO A 33 2.78 4.40 11.83
CA PRO A 33 1.80 3.49 12.43
C PRO A 33 1.31 3.97 13.80
N THR A 34 2.04 4.91 14.40
CA THR A 34 1.68 5.44 15.71
C THR A 34 0.61 6.53 15.59
N THR A 35 0.04 6.67 14.39
CA THR A 35 -0.98 7.68 14.16
C THR A 35 -2.39 7.05 14.19
N GLY A 36 -2.65 6.15 13.26
CA GLY A 36 -3.94 5.50 13.20
C GLY A 36 -4.20 4.82 11.86
N TYR A 37 -3.89 5.53 10.78
CA TYR A 37 -4.10 4.98 9.44
C TYR A 37 -3.08 3.88 9.13
N MET A 38 -3.21 3.31 7.93
CA MET A 38 -2.34 2.25 7.49
C MET A 38 -2.23 2.27 5.97
N TRP A 39 -1.10 1.80 5.47
CA TRP A 39 -0.89 1.74 4.03
C TRP A 39 -0.90 0.29 3.57
N THR A 40 -2.07 -0.22 3.23
CA THR A 40 -2.21 -1.60 2.80
C THR A 40 -3.14 -1.70 1.58
N ARG A 41 -3.53 -2.93 1.21
CA ARG A 41 -4.42 -3.12 0.06
C ARG A 41 -5.88 -2.87 0.45
N VAL A 42 -6.62 -2.23 -0.45
CA VAL A 42 -8.04 -1.91 -0.21
C VAL A 42 -8.83 -3.16 0.15
N GLY A 43 -9.81 -2.99 1.04
CA GLY A 43 -10.63 -4.11 1.47
C GLY A 43 -9.83 -5.13 2.25
N PHE A 44 -8.54 -4.86 2.40
CA PHE A 44 -7.64 -5.75 3.11
C PHE A 44 -6.85 -4.98 4.16
N VAL A 45 -7.59 -4.28 5.01
CA VAL A 45 -7.00 -3.51 6.08
C VAL A 45 -7.27 -4.20 7.42
N GLY A 46 -6.21 -4.52 8.14
CA GLY A 46 -6.36 -5.23 9.40
C GLY A 46 -6.64 -6.70 9.13
N LYS A 47 -6.58 -7.04 7.86
CA LYS A 47 -6.80 -8.40 7.38
C LYS A 47 -5.69 -9.35 7.81
N ASP A 48 -5.61 -10.50 7.16
CA ASP A 48 -4.59 -11.49 7.43
C ASP A 48 -3.58 -11.51 6.28
N VAL A 49 -4.11 -11.54 5.05
CA VAL A 49 -3.29 -11.56 3.85
C VAL A 49 -3.96 -10.76 2.74
N LEU A 50 -3.22 -9.83 2.17
CA LEU A 50 -3.71 -9.00 1.08
C LEU A 50 -3.91 -9.85 -0.17
N SER A 51 -2.80 -10.38 -0.66
CA SER A 51 -2.79 -11.23 -1.84
C SER A 51 -3.87 -12.31 -1.78
N ASP A 52 -4.01 -13.05 -2.87
CA ASP A 52 -5.00 -14.13 -2.96
C ASP A 52 -4.60 -15.15 -4.01
N GLU A 53 -4.92 -14.85 -5.26
CA GLU A 53 -4.61 -15.73 -6.37
C GLU A 53 -4.06 -14.96 -7.57
N ILE A 54 -4.54 -13.73 -7.72
CA ILE A 54 -4.11 -12.87 -8.83
C ILE A 54 -2.70 -12.34 -8.61
N LEU A 55 -2.59 -11.31 -7.78
CA LEU A 55 -1.29 -10.71 -7.48
C LEU A 55 -0.75 -11.18 -6.14
N GLU A 56 0.38 -11.89 -6.17
CA GLU A 56 1.02 -12.36 -4.95
C GLU A 56 1.58 -11.16 -4.17
N VAL A 57 0.68 -10.36 -3.62
CA VAL A 57 1.07 -9.17 -2.89
C VAL A 57 1.62 -9.51 -1.51
N VAL A 58 2.89 -9.83 -1.46
CA VAL A 58 3.54 -10.14 -0.20
C VAL A 58 3.99 -8.85 0.46
N CYS A 59 3.07 -8.23 1.17
CA CYS A 59 3.34 -6.97 1.84
C CYS A 59 3.65 -7.17 3.31
N LYS A 60 4.78 -6.64 3.73
CA LYS A 60 5.18 -6.74 5.12
C LYS A 60 5.06 -5.38 5.79
N TYR A 61 4.06 -5.24 6.64
CA TYR A 61 3.85 -4.00 7.35
C TYR A 61 4.78 -3.93 8.55
N THR A 62 5.84 -3.14 8.43
CA THR A 62 6.79 -2.98 9.50
C THR A 62 6.56 -1.65 10.21
N PRO A 63 6.24 -1.69 11.52
CA PRO A 63 5.98 -0.50 12.31
C PRO A 63 7.20 0.01 13.06
N THR A 64 6.97 0.95 13.97
CA THR A 64 8.04 1.53 14.76
C THR A 64 8.48 0.59 15.89
N PRO A 65 9.71 0.79 16.40
CA PRO A 65 10.26 -0.05 17.49
C PRO A 65 9.39 -0.01 18.74
N SER A 66 9.00 -1.20 19.21
CA SER A 66 8.17 -1.32 20.41
C SER A 66 9.03 -1.38 21.66
N SER A 67 8.41 -1.72 22.79
CA SER A 67 9.12 -1.81 24.05
C SER A 67 10.19 -2.90 24.00
N THR A 68 10.09 -3.76 22.99
CA THR A 68 11.06 -4.85 22.83
C THR A 68 12.47 -4.30 22.63
N PRO A 69 13.49 -5.12 22.96
CA PRO A 69 14.90 -4.71 22.82
C PRO A 69 15.35 -4.67 21.37
N MET A 70 14.39 -4.80 20.48
CA MET A 70 14.66 -4.79 19.04
C MET A 70 14.58 -3.37 18.49
N VAL A 71 15.50 -2.52 18.93
CA VAL A 71 15.54 -1.13 18.49
C VAL A 71 15.79 -1.03 16.99
N GLY A 72 15.05 -0.16 16.33
CA GLY A 72 15.20 0.01 14.90
C GLY A 72 14.50 -1.07 14.10
N VAL A 73 13.18 -1.11 14.19
CA VAL A 73 12.39 -2.10 13.47
C VAL A 73 12.10 -1.66 12.05
N GLY A 74 11.01 -0.93 11.88
CA GLY A 74 10.62 -0.45 10.57
C GLY A 74 9.97 0.92 10.61
N GLY A 75 8.65 0.94 10.52
CA GLY A 75 7.93 2.21 10.54
C GLY A 75 7.42 2.59 9.16
N ILE A 76 7.36 1.61 8.26
CA ILE A 76 6.89 1.85 6.91
C ILE A 76 6.01 0.70 6.41
N TYR A 77 5.84 0.63 5.10
CA TYR A 77 5.03 -0.40 4.48
C TYR A 77 5.71 -0.91 3.21
N VAL A 78 6.22 -2.14 3.24
CA VAL A 78 6.89 -2.71 2.08
C VAL A 78 5.98 -3.72 1.37
N VAL A 79 5.55 -3.35 0.17
CA VAL A 79 4.66 -4.19 -0.61
C VAL A 79 5.37 -4.89 -1.77
N LEU A 80 5.28 -6.23 -1.80
CA LEU A 80 5.88 -7.01 -2.87
C LEU A 80 4.78 -7.59 -3.75
N VAL A 81 4.54 -6.96 -4.89
CA VAL A 81 3.51 -7.42 -5.80
C VAL A 81 4.06 -8.34 -6.87
N LYS A 82 3.72 -9.63 -6.75
CA LYS A 82 4.19 -10.64 -7.69
C LYS A 82 3.03 -11.24 -8.49
N PRO A 83 2.76 -10.69 -9.69
CA PRO A 83 1.67 -11.17 -10.54
C PRO A 83 1.71 -12.68 -10.75
N ARG A 84 0.80 -13.38 -10.07
CA ARG A 84 0.73 -14.83 -10.16
C ARG A 84 0.23 -15.27 -11.54
N LYS A 85 -0.69 -14.47 -12.10
CA LYS A 85 -1.26 -14.77 -13.41
C LYS A 85 -0.94 -13.67 -14.41
N ARG A 86 -1.45 -13.80 -15.62
CA ARG A 86 -1.22 -12.81 -16.67
C ARG A 86 -2.55 -12.25 -17.17
N GLY A 87 -2.56 -10.96 -17.46
CA GLY A 87 -3.76 -10.31 -17.94
C GLY A 87 -3.94 -8.92 -17.39
N HIS A 88 -4.89 -8.75 -16.47
CA HIS A 88 -5.15 -7.46 -15.86
C HIS A 88 -5.10 -7.53 -14.34
N HIS A 89 -3.94 -7.22 -13.78
CA HIS A 89 -3.74 -7.25 -12.34
C HIS A 89 -3.59 -5.83 -11.80
N THR A 90 -3.77 -5.65 -10.50
CA THR A 90 -3.65 -4.33 -9.90
C THR A 90 -3.39 -4.40 -8.39
N LEU A 91 -2.68 -3.39 -7.88
CA LEU A 91 -2.36 -3.30 -6.46
C LEU A 91 -2.95 -2.03 -5.88
N GLU A 92 -4.25 -2.06 -5.58
CA GLU A 92 -4.92 -0.91 -5.02
C GLU A 92 -4.61 -0.76 -3.54
N LEU A 93 -3.79 0.24 -3.22
CA LEU A 93 -3.42 0.52 -1.85
C LEU A 93 -4.19 1.72 -1.32
N VAL A 94 -4.39 1.77 0.00
CA VAL A 94 -5.13 2.86 0.60
C VAL A 94 -4.60 3.20 1.99
N TYR A 95 -4.78 4.46 2.39
CA TYR A 95 -4.34 4.93 3.71
C TYR A 95 -5.55 5.04 4.65
N THR A 96 -5.82 3.97 5.39
CA THR A 96 -6.98 3.93 6.27
C THR A 96 -6.65 3.44 7.69
N ARG A 97 -7.56 3.73 8.62
CA ARG A 97 -7.38 3.31 10.01
C ARG A 97 -8.10 1.98 10.26
N PRO A 98 -7.38 0.85 10.18
CA PRO A 98 -7.95 -0.48 10.40
C PRO A 98 -8.84 -0.56 11.64
N PHE A 99 -8.47 0.21 12.66
CA PHE A 99 -9.22 0.24 13.91
C PHE A 99 -10.56 0.96 13.76
N GLU A 100 -10.57 2.02 12.96
CA GLU A 100 -11.79 2.80 12.75
C GLU A 100 -12.45 2.47 11.42
N GLY A 101 -11.92 1.48 10.72
CA GLY A 101 -12.48 1.10 9.43
C GLY A 101 -11.91 1.93 8.31
N ILE A 102 -12.51 1.85 7.14
CA ILE A 102 -12.03 2.59 5.98
C ILE A 102 -13.06 3.59 5.47
N LYS A 103 -12.56 4.63 4.83
CA LYS A 103 -13.40 5.68 4.28
C LYS A 103 -12.93 6.06 2.87
N PRO A 104 -13.79 6.75 2.10
CA PRO A 104 -13.46 7.19 0.74
C PRO A 104 -12.52 8.38 0.74
N GLU A 105 -12.44 9.05 1.89
CA GLU A 105 -11.58 10.22 2.04
C GLU A 105 -10.13 9.82 2.25
N ASN A 106 -9.88 8.52 2.40
CA ASN A 106 -8.54 8.01 2.61
C ASN A 106 -7.68 8.15 1.36
N GLU A 107 -6.37 8.30 1.56
CA GLU A 107 -5.44 8.43 0.46
C GLU A 107 -5.47 7.19 -0.42
N ARG A 108 -4.88 7.29 -1.61
CA ARG A 108 -4.86 6.18 -2.55
C ARG A 108 -3.46 5.91 -3.07
N TYR A 109 -3.28 4.73 -3.66
CA TYR A 109 -2.03 4.32 -4.27
C TYR A 109 -2.25 3.00 -4.99
N THR A 110 -3.03 3.06 -6.06
CA THR A 110 -3.37 1.89 -6.84
C THR A 110 -2.36 1.63 -7.96
N LEU A 111 -1.49 0.65 -7.73
CA LEU A 111 -0.48 0.29 -8.72
C LEU A 111 -1.02 -0.71 -9.74
N HIS A 112 -1.58 -0.20 -10.83
CA HIS A 112 -2.11 -1.05 -11.87
C HIS A 112 -0.98 -1.67 -12.68
N LEU A 113 -1.21 -2.90 -13.14
CA LEU A 113 -0.21 -3.64 -13.90
C LEU A 113 -0.87 -4.55 -14.93
N ASN A 114 -0.82 -4.14 -16.20
CA ASN A 114 -1.38 -4.94 -17.28
C ASN A 114 -0.42 -6.06 -17.63
N VAL A 115 -0.31 -7.02 -16.72
CA VAL A 115 0.59 -8.15 -16.88
C VAL A 115 0.45 -8.77 -18.27
N LYS A 116 1.52 -8.73 -19.04
CA LYS A 116 1.53 -9.29 -20.39
C LYS A 116 1.62 -10.81 -20.36
N GLY A 1 -8.77 14.86 -3.05
CA GLY A 1 -9.15 15.63 -1.83
C GLY A 1 -10.65 15.84 -1.73
N SER A 2 -11.18 15.62 -0.53
CA SER A 2 -12.61 15.79 -0.31
C SER A 2 -12.93 17.22 0.11
N HIS A 3 -12.22 17.73 1.10
CA HIS A 3 -12.43 19.08 1.58
C HIS A 3 -11.28 19.99 1.17
N MET A 4 -10.06 19.45 1.20
CA MET A 4 -8.87 20.22 0.82
C MET A 4 -7.89 19.34 0.06
N ILE A 5 -6.84 19.96 -0.46
CA ILE A 5 -5.81 19.23 -1.21
C ILE A 5 -4.82 18.55 -0.28
N ALA A 6 -4.56 19.17 0.86
CA ALA A 6 -3.63 18.63 1.85
C ALA A 6 -2.26 18.37 1.24
N PRO A 7 -1.38 19.39 1.24
CA PRO A 7 -0.03 19.27 0.68
C PRO A 7 0.91 18.47 1.59
N LEU A 8 0.35 17.93 2.66
CA LEU A 8 1.14 17.14 3.61
C LEU A 8 1.55 15.81 3.00
N SER A 9 2.86 15.59 2.91
CA SER A 9 3.41 14.36 2.34
C SER A 9 2.95 14.16 0.90
N VAL A 10 3.30 13.03 0.32
CA VAL A 10 2.93 12.71 -1.05
C VAL A 10 1.62 11.94 -1.09
N LYS A 11 0.85 12.13 -2.17
CA LYS A 11 -0.43 11.46 -2.32
C LYS A 11 -0.44 10.61 -3.58
N ASP A 12 0.62 10.74 -4.37
CA ASP A 12 0.76 9.99 -5.61
C ASP A 12 0.34 8.54 -5.39
N ASN A 13 -0.70 8.11 -6.11
CA ASN A 13 -1.22 6.77 -5.99
C ASN A 13 -1.22 6.02 -7.31
N ASP A 14 -2.13 6.40 -8.19
CA ASP A 14 -2.28 5.77 -9.48
C ASP A 14 -0.94 5.53 -10.17
N LYS A 15 -0.52 4.27 -10.14
CA LYS A 15 0.71 3.83 -10.77
C LYS A 15 0.38 2.78 -11.82
N TRP A 16 -0.48 3.18 -12.74
CA TRP A 16 -0.96 2.31 -13.78
C TRP A 16 0.05 2.14 -14.91
N VAL A 17 0.42 0.88 -15.18
CA VAL A 17 1.40 0.58 -16.22
C VAL A 17 1.57 -0.91 -16.43
N ASP A 18 2.12 -1.24 -17.60
CA ASP A 18 2.36 -2.62 -17.98
C ASP A 18 3.33 -3.30 -17.02
N THR A 19 3.57 -4.59 -17.22
CA THR A 19 4.48 -5.34 -16.36
C THR A 19 4.70 -6.77 -16.87
N HIS A 20 5.39 -7.57 -16.07
CA HIS A 20 5.67 -8.96 -16.42
C HIS A 20 5.03 -9.91 -15.42
N VAL A 21 5.37 -11.19 -15.50
CA VAL A 21 4.80 -12.18 -14.60
C VAL A 21 5.64 -12.34 -13.34
N GLY A 22 4.97 -12.27 -12.18
CA GLY A 22 5.65 -12.41 -10.91
C GLY A 22 6.75 -11.39 -10.70
N LYS A 23 6.76 -10.34 -11.51
CA LYS A 23 7.76 -9.30 -11.37
C LYS A 23 7.61 -8.62 -10.02
N THR A 24 8.23 -9.23 -9.00
CA THR A 24 8.15 -8.71 -7.65
C THR A 24 8.33 -7.20 -7.60
N THR A 25 7.21 -6.50 -7.41
CA THR A 25 7.23 -5.05 -7.33
C THR A 25 7.32 -4.60 -5.88
N GLU A 26 8.53 -4.34 -5.43
CA GLU A 26 8.77 -3.90 -4.07
C GLU A 26 8.54 -2.40 -3.94
N ILE A 27 7.79 -2.03 -2.92
CA ILE A 27 7.47 -0.62 -2.69
C ILE A 27 7.53 -0.26 -1.22
N HIS A 28 8.62 0.39 -0.82
CA HIS A 28 8.77 0.83 0.56
C HIS A 28 8.04 2.15 0.75
N LEU A 29 6.87 2.06 1.37
CA LEU A 29 6.04 3.25 1.59
C LEU A 29 6.29 3.81 2.98
N LYS A 30 6.23 5.13 3.08
CA LYS A 30 6.45 5.79 4.35
C LYS A 30 5.12 6.15 5.00
N GLY A 31 5.14 6.41 6.30
CA GLY A 31 3.92 6.74 7.01
C GLY A 31 4.14 6.94 8.49
N ASN A 32 3.14 6.59 9.30
CA ASN A 32 3.23 6.73 10.74
C ASN A 32 2.00 6.13 11.42
N PRO A 33 2.07 4.85 11.84
CA PRO A 33 0.96 4.16 12.51
C PRO A 33 0.46 4.91 13.75
N THR A 34 1.35 5.63 14.40
CA THR A 34 0.98 6.38 15.61
C THR A 34 -0.11 7.40 15.32
N THR A 35 -0.30 7.71 14.04
CA THR A 35 -1.32 8.68 13.64
C THR A 35 -2.72 8.10 13.84
N GLY A 36 -2.95 6.90 13.31
CA GLY A 36 -4.24 6.26 13.44
C GLY A 36 -4.63 5.45 12.22
N TYR A 37 -3.88 5.64 11.13
CA TYR A 37 -4.17 4.92 9.89
C TYR A 37 -3.09 3.88 9.60
N MET A 38 -3.25 3.19 8.48
CA MET A 38 -2.32 2.16 8.04
C MET A 38 -2.27 2.14 6.53
N TRP A 39 -1.13 1.73 5.99
CA TRP A 39 -0.97 1.65 4.56
C TRP A 39 -1.03 0.19 4.11
N THR A 40 -2.24 -0.31 3.95
CA THR A 40 -2.45 -1.69 3.53
C THR A 40 -3.38 -1.75 2.32
N ARG A 41 -3.37 -2.87 1.60
CA ARG A 41 -4.21 -3.03 0.42
C ARG A 41 -5.69 -2.76 0.74
N VAL A 42 -6.37 -2.08 -0.18
CA VAL A 42 -7.78 -1.74 -0.01
C VAL A 42 -8.60 -2.99 0.34
N GLY A 43 -9.57 -2.80 1.24
CA GLY A 43 -10.42 -3.91 1.65
C GLY A 43 -9.65 -4.98 2.40
N PHE A 44 -8.34 -4.76 2.56
CA PHE A 44 -7.49 -5.71 3.26
C PHE A 44 -6.89 -5.08 4.52
N VAL A 45 -7.75 -4.42 5.30
CA VAL A 45 -7.33 -3.81 6.54
C VAL A 45 -7.57 -4.77 7.70
N GLY A 46 -6.53 -4.99 8.53
CA GLY A 46 -6.67 -5.93 9.63
C GLY A 46 -6.98 -7.32 9.14
N LYS A 47 -6.76 -7.52 7.84
CA LYS A 47 -7.00 -8.79 7.18
C LYS A 47 -6.00 -9.87 7.62
N ASP A 48 -5.94 -10.96 6.85
CA ASP A 48 -5.02 -12.05 7.14
C ASP A 48 -3.94 -12.11 6.06
N VAL A 49 -4.35 -11.95 4.81
CA VAL A 49 -3.43 -11.97 3.68
C VAL A 49 -3.90 -11.03 2.58
N LEU A 50 -3.10 -10.00 2.32
CA LEU A 50 -3.40 -9.03 1.29
C LEU A 50 -3.55 -9.73 -0.06
N SER A 51 -2.47 -10.37 -0.48
CA SER A 51 -2.44 -11.12 -1.73
C SER A 51 -3.61 -12.11 -1.80
N ASP A 52 -3.73 -12.79 -2.94
CA ASP A 52 -4.80 -13.76 -3.13
C ASP A 52 -4.45 -14.78 -4.22
N GLU A 53 -4.98 -14.55 -5.42
CA GLU A 53 -4.74 -15.44 -6.55
C GLU A 53 -4.22 -14.66 -7.75
N ILE A 54 -4.69 -13.41 -7.87
CA ILE A 54 -4.29 -12.55 -8.97
C ILE A 54 -2.86 -12.06 -8.79
N LEU A 55 -2.69 -11.14 -7.85
CA LEU A 55 -1.38 -10.59 -7.55
C LEU A 55 -0.82 -11.14 -6.24
N GLU A 56 0.30 -11.85 -6.32
CA GLU A 56 0.94 -12.39 -5.13
C GLU A 56 1.55 -11.24 -4.32
N VAL A 57 0.68 -10.47 -3.67
CA VAL A 57 1.13 -9.34 -2.89
C VAL A 57 1.68 -9.73 -1.54
N VAL A 58 2.98 -9.98 -1.49
CA VAL A 58 3.64 -10.32 -0.26
C VAL A 58 4.19 -9.06 0.39
N CYS A 59 3.38 -8.45 1.24
CA CYS A 59 3.78 -7.23 1.91
C CYS A 59 3.90 -7.43 3.41
N LYS A 60 4.86 -6.73 3.99
CA LYS A 60 5.09 -6.80 5.42
C LYS A 60 5.07 -5.40 6.02
N TYR A 61 4.23 -5.23 7.02
CA TYR A 61 4.10 -3.96 7.70
C TYR A 61 5.16 -3.87 8.81
N THR A 62 6.21 -3.11 8.56
CA THR A 62 7.30 -2.96 9.51
C THR A 62 7.27 -1.60 10.20
N PRO A 63 7.32 -1.58 11.55
CA PRO A 63 7.32 -0.36 12.33
C PRO A 63 8.74 0.01 12.76
N THR A 64 8.84 0.72 13.89
CA THR A 64 10.13 1.13 14.42
C THR A 64 10.80 -0.03 15.14
N PRO A 65 12.14 -0.16 15.01
CA PRO A 65 12.90 -1.24 15.66
C PRO A 65 12.78 -1.19 17.18
N SER A 66 11.86 -1.97 17.73
CA SER A 66 11.65 -2.01 19.17
C SER A 66 12.13 -3.33 19.76
N SER A 67 11.76 -3.59 21.00
CA SER A 67 12.16 -4.82 21.68
C SER A 67 10.94 -5.68 22.03
N THR A 68 9.92 -5.05 22.59
CA THR A 68 8.70 -5.76 22.98
C THR A 68 7.59 -5.58 21.95
N PRO A 69 7.30 -4.33 21.55
CA PRO A 69 6.24 -4.03 20.56
C PRO A 69 6.61 -4.50 19.17
N MET A 70 5.60 -4.83 18.37
CA MET A 70 5.80 -5.30 17.01
C MET A 70 4.55 -5.06 16.17
N VAL A 71 3.70 -4.15 16.66
CA VAL A 71 2.45 -3.82 15.99
C VAL A 71 2.22 -2.32 15.97
N GLY A 72 2.44 -1.71 14.80
CA GLY A 72 2.26 -0.27 14.66
C GLY A 72 3.11 0.51 15.65
N VAL A 73 4.36 0.75 15.29
CA VAL A 73 5.27 1.49 16.15
C VAL A 73 5.89 2.68 15.43
N GLY A 74 5.91 2.59 14.11
CA GLY A 74 6.46 3.67 13.30
C GLY A 74 7.54 3.19 12.34
N GLY A 75 7.12 2.70 11.18
CA GLY A 75 8.07 2.21 10.19
C GLY A 75 7.59 2.48 8.77
N ILE A 76 7.60 1.44 7.94
CA ILE A 76 7.17 1.57 6.56
C ILE A 76 6.26 0.42 6.16
N TYR A 77 6.02 0.30 4.87
CA TYR A 77 5.16 -0.75 4.33
C TYR A 77 5.78 -1.30 3.05
N VAL A 78 6.49 -2.43 3.15
CA VAL A 78 7.12 -3.02 1.98
C VAL A 78 6.19 -3.99 1.29
N VAL A 79 5.78 -3.63 0.08
CA VAL A 79 4.85 -4.44 -0.70
C VAL A 79 5.53 -5.16 -1.86
N LEU A 80 5.35 -6.48 -1.93
CA LEU A 80 5.89 -7.28 -3.01
C LEU A 80 4.77 -7.85 -3.86
N VAL A 81 4.38 -7.11 -4.88
CA VAL A 81 3.28 -7.56 -5.74
C VAL A 81 3.80 -8.38 -6.91
N LYS A 82 3.60 -9.70 -6.82
CA LYS A 82 4.04 -10.62 -7.86
C LYS A 82 2.85 -11.12 -8.68
N PRO A 83 2.57 -10.50 -9.84
CA PRO A 83 1.46 -10.91 -10.69
C PRO A 83 1.45 -12.40 -10.99
N ARG A 84 0.57 -13.11 -10.30
CA ARG A 84 0.44 -14.56 -10.47
C ARG A 84 -0.09 -14.90 -11.85
N LYS A 85 -0.99 -14.07 -12.35
CA LYS A 85 -1.59 -14.28 -13.66
C LYS A 85 -1.24 -13.14 -14.62
N ARG A 86 -1.71 -13.24 -15.86
CA ARG A 86 -1.45 -12.22 -16.86
C ARG A 86 -2.74 -11.57 -17.32
N GLY A 87 -2.67 -10.27 -17.65
CA GLY A 87 -3.85 -9.56 -18.11
C GLY A 87 -3.89 -8.12 -17.64
N HIS A 88 -5.09 -7.60 -17.44
CA HIS A 88 -5.27 -6.22 -16.99
C HIS A 88 -5.34 -6.15 -15.47
N HIS A 89 -4.68 -7.11 -14.82
CA HIS A 89 -4.65 -7.17 -13.36
C HIS A 89 -4.33 -5.81 -12.75
N THR A 90 -4.72 -5.62 -11.49
CA THR A 90 -4.47 -4.35 -10.81
C THR A 90 -4.48 -4.51 -9.30
N LEU A 91 -3.68 -3.70 -8.63
CA LEU A 91 -3.58 -3.72 -7.17
C LEU A 91 -4.26 -2.48 -6.59
N GLU A 92 -4.52 -2.49 -5.29
CA GLU A 92 -5.16 -1.36 -4.65
C GLU A 92 -4.76 -1.24 -3.19
N LEU A 93 -4.19 -0.10 -2.83
CA LEU A 93 -3.78 0.19 -1.47
C LEU A 93 -4.56 1.37 -0.92
N VAL A 94 -4.57 1.52 0.40
CA VAL A 94 -5.31 2.60 1.03
C VAL A 94 -4.79 2.90 2.44
N TYR A 95 -5.02 4.14 2.87
CA TYR A 95 -4.63 4.58 4.21
C TYR A 95 -5.85 4.54 5.12
N THR A 96 -6.11 3.39 5.72
CA THR A 96 -7.28 3.21 6.57
C THR A 96 -6.93 3.07 8.04
N ARG A 97 -7.95 3.07 8.90
CA ARG A 97 -7.76 2.93 10.34
C ARG A 97 -8.18 1.53 10.80
N PRO A 98 -7.23 0.57 10.87
CA PRO A 98 -7.52 -0.79 11.30
C PRO A 98 -8.31 -0.83 12.60
N PHE A 99 -8.12 0.18 13.43
CA PHE A 99 -8.80 0.28 14.71
C PHE A 99 -10.27 0.68 14.52
N GLU A 100 -10.53 1.51 13.52
CA GLU A 100 -11.88 1.96 13.24
C GLU A 100 -12.41 1.37 11.93
N GLY A 101 -11.95 1.91 10.81
CA GLY A 101 -12.38 1.44 9.51
C GLY A 101 -11.82 2.26 8.38
N ILE A 102 -12.26 1.97 7.17
CA ILE A 102 -11.79 2.68 5.99
C ILE A 102 -12.76 3.78 5.60
N LYS A 103 -12.22 4.87 5.05
CA LYS A 103 -13.05 6.00 4.65
C LYS A 103 -12.62 6.52 3.27
N PRO A 104 -13.52 7.21 2.56
CA PRO A 104 -13.24 7.76 1.23
C PRO A 104 -12.11 8.79 1.24
N GLU A 105 -12.17 9.72 2.18
CA GLU A 105 -11.16 10.77 2.30
C GLU A 105 -9.77 10.19 2.55
N ASN A 106 -9.71 8.91 2.87
CA ASN A 106 -8.44 8.24 3.14
C ASN A 106 -7.55 8.21 1.90
N GLU A 107 -6.24 8.22 2.11
CA GLU A 107 -5.29 8.19 1.01
C GLU A 107 -5.50 6.94 0.15
N ARG A 108 -4.92 6.96 -1.05
CA ARG A 108 -5.05 5.83 -1.97
C ARG A 108 -3.72 5.52 -2.65
N TYR A 109 -3.62 4.33 -3.21
CA TYR A 109 -2.44 3.92 -3.95
C TYR A 109 -2.75 2.69 -4.80
N THR A 110 -3.31 2.93 -5.98
CA THR A 110 -3.66 1.86 -6.90
C THR A 110 -2.49 1.54 -7.80
N LEU A 111 -2.19 0.25 -7.96
CA LEU A 111 -1.08 -0.17 -8.80
C LEU A 111 -1.56 -1.03 -9.96
N HIS A 112 -2.04 -0.38 -11.00
CA HIS A 112 -2.53 -1.08 -12.18
C HIS A 112 -1.35 -1.76 -12.89
N LEU A 113 -1.63 -2.93 -13.47
CA LEU A 113 -0.59 -3.71 -14.13
C LEU A 113 -1.14 -4.40 -15.37
N ASN A 114 -0.74 -3.92 -16.54
CA ASN A 114 -1.17 -4.53 -17.80
C ASN A 114 -0.28 -5.72 -18.10
N VAL A 115 -0.14 -6.59 -17.10
CA VAL A 115 0.70 -7.79 -17.21
C VAL A 115 0.61 -8.42 -18.59
N LYS A 116 1.71 -8.37 -19.33
CA LYS A 116 1.77 -8.94 -20.67
C LYS A 116 1.59 -10.45 -20.62
N GLY A 1 13.58 14.45 9.15
CA GLY A 1 12.28 14.93 8.61
C GLY A 1 11.30 15.31 9.71
N SER A 2 10.03 14.97 9.50
CA SER A 2 8.99 15.28 10.47
C SER A 2 7.95 14.18 10.52
N HIS A 3 7.07 14.24 11.51
CA HIS A 3 6.01 13.25 11.66
C HIS A 3 4.72 13.71 10.98
N MET A 4 4.69 14.97 10.56
CA MET A 4 3.53 15.53 9.90
C MET A 4 3.65 15.39 8.38
N ILE A 5 4.84 15.01 7.92
CA ILE A 5 5.11 14.83 6.49
C ILE A 5 5.24 16.18 5.76
N ALA A 6 4.43 17.15 6.18
CA ALA A 6 4.45 18.47 5.57
C ALA A 6 4.17 18.40 4.06
N PRO A 7 2.89 18.53 3.66
CA PRO A 7 2.50 18.48 2.25
C PRO A 7 3.30 19.45 1.39
N LEU A 8 4.16 18.92 0.54
CA LEU A 8 4.97 19.75 -0.35
C LEU A 8 5.07 19.12 -1.73
N SER A 9 5.37 17.83 -1.78
CA SER A 9 5.49 17.11 -3.04
C SER A 9 4.17 16.44 -3.41
N VAL A 10 4.07 16.03 -4.67
CA VAL A 10 2.86 15.36 -5.15
C VAL A 10 2.66 14.02 -4.46
N LYS A 11 1.39 13.64 -4.29
CA LYS A 11 1.06 12.38 -3.65
C LYS A 11 0.77 11.31 -4.69
N ASP A 12 1.48 11.39 -5.80
CA ASP A 12 1.34 10.45 -6.91
C ASP A 12 1.02 9.05 -6.40
N ASN A 13 -0.13 8.52 -6.81
CA ASN A 13 -0.55 7.20 -6.39
C ASN A 13 -0.80 6.28 -7.58
N ASP A 14 -2.00 6.33 -8.11
CA ASP A 14 -2.41 5.50 -9.23
C ASP A 14 -1.34 5.46 -10.31
N LYS A 15 -0.53 4.41 -10.29
CA LYS A 15 0.52 4.21 -11.28
C LYS A 15 0.07 3.22 -12.33
N TRP A 16 -0.46 3.75 -13.43
CA TRP A 16 -0.96 2.94 -14.54
C TRP A 16 0.16 2.56 -15.49
N VAL A 17 0.63 1.31 -15.40
CA VAL A 17 1.72 0.85 -16.26
C VAL A 17 1.60 -0.63 -16.59
N ASP A 18 2.64 -1.16 -17.22
CA ASP A 18 2.70 -2.56 -17.62
C ASP A 18 3.70 -3.33 -16.76
N THR A 19 3.84 -4.64 -17.01
CA THR A 19 4.76 -5.47 -16.25
C THR A 19 4.80 -6.90 -16.78
N HIS A 20 5.50 -7.77 -16.05
CA HIS A 20 5.61 -9.17 -16.43
C HIS A 20 5.11 -10.05 -15.28
N VAL A 21 5.14 -11.37 -15.48
CA VAL A 21 4.67 -12.31 -14.46
C VAL A 21 5.59 -12.34 -13.24
N GLY A 22 4.96 -12.35 -12.06
CA GLY A 22 5.70 -12.40 -10.81
C GLY A 22 6.68 -11.26 -10.62
N LYS A 23 6.56 -10.21 -11.44
CA LYS A 23 7.44 -9.06 -11.31
C LYS A 23 7.34 -8.47 -9.91
N THR A 24 8.11 -9.03 -8.99
CA THR A 24 8.10 -8.58 -7.60
C THR A 24 8.42 -7.09 -7.50
N THR A 25 7.38 -6.29 -7.30
CA THR A 25 7.55 -4.85 -7.17
C THR A 25 7.48 -4.42 -5.72
N GLU A 26 8.66 -4.17 -5.14
CA GLU A 26 8.75 -3.75 -3.76
C GLU A 26 8.50 -2.25 -3.64
N ILE A 27 7.70 -1.88 -2.66
CA ILE A 27 7.39 -0.48 -2.43
C ILE A 27 7.45 -0.11 -0.96
N HIS A 28 8.49 0.60 -0.59
CA HIS A 28 8.67 1.04 0.78
C HIS A 28 7.96 2.37 0.98
N LEU A 29 6.76 2.32 1.52
CA LEU A 29 5.97 3.52 1.76
C LEU A 29 6.24 4.06 3.15
N LYS A 30 6.22 5.37 3.29
CA LYS A 30 6.48 6.00 4.58
C LYS A 30 5.18 6.20 5.35
N GLY A 31 5.29 6.35 6.65
CA GLY A 31 4.13 6.53 7.49
C GLY A 31 4.41 6.18 8.94
N ASN A 32 3.37 5.79 9.67
CA ASN A 32 3.51 5.42 11.07
C ASN A 32 2.20 4.84 11.62
N PRO A 33 2.27 3.69 12.31
CA PRO A 33 1.09 3.03 12.88
C PRO A 33 0.39 3.89 13.94
N THR A 34 1.16 4.33 14.94
CA THR A 34 0.62 5.15 16.02
C THR A 34 0.56 6.62 15.64
N THR A 35 -0.04 6.90 14.48
CA THR A 35 -0.16 8.27 14.00
C THR A 35 -1.56 8.56 13.46
N GLY A 36 -1.94 7.86 12.40
CA GLY A 36 -3.25 8.05 11.81
C GLY A 36 -3.81 6.79 11.20
N TYR A 37 -3.82 6.72 9.87
CA TYR A 37 -4.35 5.57 9.16
C TYR A 37 -3.24 4.53 8.92
N MET A 38 -3.53 3.57 8.05
CA MET A 38 -2.60 2.52 7.73
C MET A 38 -2.52 2.32 6.22
N TRP A 39 -1.37 1.88 5.75
CA TRP A 39 -1.16 1.64 4.33
C TRP A 39 -1.26 0.15 4.05
N THR A 40 -2.32 -0.24 3.36
CA THR A 40 -2.53 -1.65 3.03
C THR A 40 -3.40 -1.79 1.78
N ARG A 41 -3.80 -3.02 1.46
CA ARG A 41 -4.64 -3.25 0.28
C ARG A 41 -6.13 -3.13 0.63
N VAL A 42 -6.94 -2.80 -0.37
CA VAL A 42 -8.39 -2.63 -0.17
C VAL A 42 -9.06 -3.96 0.15
N GLY A 43 -9.91 -3.95 1.17
CA GLY A 43 -10.63 -5.15 1.56
C GLY A 43 -9.77 -6.13 2.34
N PHE A 44 -8.63 -5.65 2.83
CA PHE A 44 -7.71 -6.49 3.58
C PHE A 44 -7.20 -5.77 4.82
N VAL A 45 -7.57 -4.49 4.94
CA VAL A 45 -7.17 -3.68 6.08
C VAL A 45 -7.32 -4.46 7.38
N GLY A 46 -6.23 -4.54 8.15
CA GLY A 46 -6.27 -5.25 9.41
C GLY A 46 -5.85 -6.70 9.28
N LYS A 47 -6.27 -7.34 8.18
CA LYS A 47 -5.94 -8.73 7.93
C LYS A 47 -4.43 -8.94 7.84
N ASP A 48 -4.02 -10.20 7.81
CA ASP A 48 -2.61 -10.55 7.73
C ASP A 48 -2.11 -10.44 6.30
N VAL A 49 -2.70 -11.24 5.41
CA VAL A 49 -2.32 -11.24 4.01
C VAL A 49 -3.33 -10.45 3.18
N LEU A 50 -2.83 -9.76 2.16
CA LEU A 50 -3.68 -8.96 1.29
C LEU A 50 -3.92 -9.69 -0.02
N SER A 51 -2.84 -10.18 -0.61
CA SER A 51 -2.90 -10.93 -1.86
C SER A 51 -3.92 -12.07 -1.81
N ASP A 52 -4.08 -12.78 -2.93
CA ASP A 52 -5.02 -13.88 -3.01
C ASP A 52 -4.63 -14.86 -4.12
N GLU A 53 -5.14 -14.61 -5.33
CA GLU A 53 -4.86 -15.47 -6.47
C GLU A 53 -4.33 -14.67 -7.65
N ILE A 54 -4.84 -13.45 -7.80
CA ILE A 54 -4.43 -12.58 -8.90
C ILE A 54 -3.00 -12.08 -8.69
N LEU A 55 -2.86 -11.08 -7.82
CA LEU A 55 -1.55 -10.53 -7.53
C LEU A 55 -0.99 -11.06 -6.21
N GLU A 56 0.13 -11.77 -6.27
CA GLU A 56 0.77 -12.29 -5.08
C GLU A 56 1.40 -11.13 -4.31
N VAL A 57 0.54 -10.27 -3.78
CA VAL A 57 1.00 -9.11 -3.04
C VAL A 57 1.58 -9.51 -1.69
N VAL A 58 2.83 -9.93 -1.69
CA VAL A 58 3.50 -10.28 -0.46
C VAL A 58 3.88 -9.01 0.28
N CYS A 59 2.90 -8.45 0.93
CA CYS A 59 3.06 -7.20 1.66
C CYS A 59 3.36 -7.47 3.13
N LYS A 60 4.27 -6.68 3.68
CA LYS A 60 4.64 -6.81 5.07
C LYS A 60 4.62 -5.44 5.73
N TYR A 61 3.63 -5.22 6.56
CA TYR A 61 3.51 -3.96 7.27
C TYR A 61 4.57 -3.88 8.34
N THR A 62 5.55 -3.01 8.14
CA THR A 62 6.62 -2.83 9.08
C THR A 62 6.30 -1.66 10.02
N PRO A 63 6.09 -1.96 11.32
CA PRO A 63 5.76 -0.95 12.32
C PRO A 63 6.97 -0.42 13.07
N THR A 64 7.54 -1.28 13.90
CA THR A 64 8.70 -0.93 14.70
C THR A 64 9.79 -1.99 14.57
N PRO A 65 11.07 -1.57 14.53
CA PRO A 65 12.21 -2.50 14.40
C PRO A 65 12.21 -3.56 15.50
N SER A 66 12.45 -4.82 15.10
CA SER A 66 12.49 -5.92 16.04
C SER A 66 13.92 -6.23 16.47
N SER A 67 14.09 -7.26 17.29
CA SER A 67 15.40 -7.66 17.77
C SER A 67 16.08 -8.60 16.78
N THR A 68 15.47 -8.74 15.59
CA THR A 68 16.02 -9.62 14.56
C THR A 68 17.42 -9.19 14.15
N PRO A 69 18.23 -10.12 13.61
CA PRO A 69 19.60 -9.83 13.18
C PRO A 69 19.64 -9.08 11.85
N MET A 70 18.50 -8.56 11.46
CA MET A 70 18.37 -7.81 10.22
C MET A 70 17.73 -6.45 10.47
N VAL A 71 18.54 -5.48 10.85
CA VAL A 71 18.06 -4.13 11.12
C VAL A 71 17.43 -3.51 9.87
N GLY A 72 16.30 -2.85 10.06
CA GLY A 72 15.61 -2.23 8.95
C GLY A 72 14.29 -2.90 8.62
N VAL A 73 13.56 -3.27 9.67
CA VAL A 73 12.27 -3.93 9.51
C VAL A 73 11.28 -3.47 10.56
N GLY A 74 10.64 -2.33 10.31
CA GLY A 74 9.68 -1.80 11.25
C GLY A 74 9.62 -0.29 11.20
N GLY A 75 8.64 0.23 10.47
CA GLY A 75 8.49 1.67 10.37
C GLY A 75 7.91 2.13 9.04
N ILE A 76 7.57 1.18 8.18
CA ILE A 76 7.01 1.50 6.87
C ILE A 76 6.09 0.39 6.38
N TYR A 77 5.82 0.39 5.09
CA TYR A 77 4.95 -0.60 4.48
C TYR A 77 5.62 -1.14 3.20
N VAL A 78 6.25 -2.32 3.31
CA VAL A 78 6.94 -2.90 2.17
C VAL A 78 6.03 -3.88 1.45
N VAL A 79 5.59 -3.49 0.26
CA VAL A 79 4.68 -4.31 -0.54
C VAL A 79 5.39 -4.99 -1.72
N LEU A 80 5.25 -6.31 -1.80
CA LEU A 80 5.82 -7.08 -2.91
C LEU A 80 4.72 -7.60 -3.81
N VAL A 81 4.46 -6.91 -4.90
CA VAL A 81 3.40 -7.32 -5.82
C VAL A 81 3.93 -8.25 -6.90
N LYS A 82 3.57 -9.53 -6.79
CA LYS A 82 4.01 -10.54 -7.76
C LYS A 82 2.83 -11.07 -8.58
N PRO A 83 2.58 -10.50 -9.77
CA PRO A 83 1.48 -10.94 -10.63
C PRO A 83 1.45 -12.45 -10.83
N ARG A 84 0.55 -13.11 -10.12
CA ARG A 84 0.40 -14.56 -10.21
C ARG A 84 -0.11 -14.96 -11.59
N LYS A 85 -0.90 -14.09 -12.19
CA LYS A 85 -1.46 -14.35 -13.52
C LYS A 85 -0.99 -13.30 -14.52
N ARG A 86 -1.39 -13.46 -15.77
CA ARG A 86 -1.00 -12.53 -16.82
C ARG A 86 -2.23 -11.90 -17.48
N GLY A 87 -2.25 -10.56 -17.50
CA GLY A 87 -3.37 -9.85 -18.09
C GLY A 87 -3.61 -8.51 -17.44
N HIS A 88 -4.70 -8.41 -16.69
CA HIS A 88 -5.04 -7.17 -16.00
C HIS A 88 -4.92 -7.34 -14.49
N HIS A 89 -3.95 -6.64 -13.90
CA HIS A 89 -3.72 -6.70 -12.46
C HIS A 89 -3.49 -5.30 -11.89
N THR A 90 -3.75 -5.15 -10.59
CA THR A 90 -3.56 -3.86 -9.94
C THR A 90 -3.40 -4.02 -8.43
N LEU A 91 -2.63 -3.12 -7.83
CA LEU A 91 -2.37 -3.15 -6.40
C LEU A 91 -3.10 -2.01 -5.69
N GLU A 92 -4.33 -2.27 -5.28
CA GLU A 92 -5.13 -1.28 -4.59
C GLU A 92 -4.63 -1.01 -3.17
N LEU A 93 -3.85 0.06 -3.03
CA LEU A 93 -3.33 0.43 -1.72
C LEU A 93 -3.95 1.74 -1.26
N VAL A 94 -4.55 1.70 -0.07
CA VAL A 94 -5.20 2.88 0.49
C VAL A 94 -4.68 3.20 1.89
N TYR A 95 -5.10 4.34 2.42
CA TYR A 95 -4.72 4.77 3.75
C TYR A 95 -5.94 4.68 4.68
N THR A 96 -6.17 3.50 5.24
CA THR A 96 -7.33 3.27 6.11
C THR A 96 -6.95 2.92 7.55
N ARG A 97 -7.89 3.14 8.46
CA ARG A 97 -7.69 2.84 9.88
C ARG A 97 -8.35 1.51 10.25
N PRO A 98 -7.59 0.42 10.31
CA PRO A 98 -8.11 -0.90 10.67
C PRO A 98 -9.08 -0.86 11.85
N PHE A 99 -8.76 -0.01 12.82
CA PHE A 99 -9.58 0.14 14.02
C PHE A 99 -10.99 0.61 13.67
N GLU A 100 -11.10 1.53 12.73
CA GLU A 100 -12.39 2.06 12.32
C GLU A 100 -12.86 1.44 11.00
N GLY A 101 -12.25 1.89 9.90
CA GLY A 101 -12.62 1.38 8.59
C GLY A 101 -12.04 2.22 7.47
N ILE A 102 -12.43 1.91 6.25
CA ILE A 102 -11.94 2.61 5.08
C ILE A 102 -12.94 3.65 4.60
N LYS A 103 -12.42 4.79 4.13
CA LYS A 103 -13.26 5.88 3.65
C LYS A 103 -12.71 6.44 2.34
N PRO A 104 -13.49 7.30 1.65
CA PRO A 104 -13.07 7.90 0.38
C PRO A 104 -11.90 8.86 0.57
N GLU A 105 -11.93 9.60 1.67
CA GLU A 105 -10.87 10.56 1.98
C GLU A 105 -9.53 9.87 2.14
N ASN A 106 -9.56 8.56 2.33
CA ASN A 106 -8.34 7.76 2.50
C ASN A 106 -7.42 7.93 1.29
N GLU A 107 -6.14 8.12 1.56
CA GLU A 107 -5.16 8.28 0.50
C GLU A 107 -5.23 7.09 -0.45
N ARG A 108 -4.73 7.29 -1.66
CA ARG A 108 -4.75 6.24 -2.67
C ARG A 108 -3.35 5.88 -3.12
N TYR A 109 -3.23 4.68 -3.71
CA TYR A 109 -1.97 4.20 -4.25
C TYR A 109 -2.23 2.90 -4.98
N THR A 110 -2.93 3.00 -6.11
CA THR A 110 -3.27 1.85 -6.92
C THR A 110 -2.23 1.60 -8.01
N LEU A 111 -1.31 0.69 -7.75
CA LEU A 111 -0.27 0.36 -8.71
C LEU A 111 -0.81 -0.56 -9.80
N HIS A 112 -1.26 0.04 -10.90
CA HIS A 112 -1.79 -0.73 -12.01
C HIS A 112 -0.66 -1.35 -12.81
N LEU A 113 -0.90 -2.56 -13.29
CA LEU A 113 0.10 -3.31 -14.04
C LEU A 113 -0.55 -4.19 -15.11
N ASN A 114 -0.35 -3.83 -16.37
CA ASN A 114 -0.89 -4.60 -17.47
C ASN A 114 0.05 -5.76 -17.77
N VAL A 115 0.15 -6.67 -16.80
CA VAL A 115 1.02 -7.83 -16.91
C VAL A 115 0.96 -8.46 -18.30
N LYS A 116 2.13 -8.81 -18.84
CA LYS A 116 2.21 -9.43 -20.15
C LYS A 116 1.81 -10.90 -20.10
N GLY A 1 -1.03 27.94 -9.48
CA GLY A 1 0.30 27.67 -10.10
C GLY A 1 0.39 26.25 -10.65
N SER A 2 1.61 25.82 -10.93
CA SER A 2 1.84 24.48 -11.47
C SER A 2 3.05 23.82 -10.80
N HIS A 3 4.21 24.43 -10.99
CA HIS A 3 5.45 23.92 -10.41
C HIS A 3 5.46 24.10 -8.89
N MET A 4 5.43 22.99 -8.17
CA MET A 4 5.44 23.02 -6.72
C MET A 4 6.82 22.68 -6.17
N ILE A 5 7.31 23.50 -5.25
CA ILE A 5 8.62 23.28 -4.64
C ILE A 5 8.52 22.33 -3.45
N ALA A 6 7.30 22.04 -3.02
CA ALA A 6 7.07 21.16 -1.89
C ALA A 6 5.64 20.61 -1.90
N PRO A 7 5.44 19.37 -1.39
CA PRO A 7 4.11 18.75 -1.34
C PRO A 7 3.10 19.60 -0.59
N LEU A 8 1.82 19.41 -0.91
CA LEU A 8 0.75 20.16 -0.26
C LEU A 8 -0.57 19.42 -0.37
N SER A 9 -1.01 19.16 -1.60
CA SER A 9 -2.26 18.46 -1.84
C SER A 9 -2.11 17.44 -2.96
N VAL A 10 -0.98 17.51 -3.67
CA VAL A 10 -0.72 16.59 -4.77
C VAL A 10 0.21 15.46 -4.32
N LYS A 11 -0.22 14.22 -4.52
CA LYS A 11 0.55 13.06 -4.14
C LYS A 11 0.35 11.94 -5.16
N ASP A 12 1.45 11.51 -5.77
CA ASP A 12 1.39 10.46 -6.77
C ASP A 12 0.94 9.15 -6.14
N ASN A 13 -0.16 8.59 -6.65
CA ASN A 13 -0.69 7.36 -6.12
C ASN A 13 -0.83 6.30 -7.21
N ASP A 14 -2.02 6.22 -7.80
CA ASP A 14 -2.30 5.26 -8.84
C ASP A 14 -1.37 5.43 -10.03
N LYS A 15 -0.32 4.62 -10.06
CA LYS A 15 0.64 4.67 -11.15
C LYS A 15 0.28 3.66 -12.23
N TRP A 16 -0.73 4.01 -13.00
CA TRP A 16 -1.23 3.18 -14.09
C TRP A 16 -0.08 2.74 -15.01
N VAL A 17 0.34 1.48 -14.88
CA VAL A 17 1.45 0.98 -15.70
C VAL A 17 1.29 -0.50 -16.04
N ASP A 18 2.32 -1.03 -16.70
CA ASP A 18 2.35 -2.43 -17.12
C ASP A 18 3.34 -3.24 -16.28
N THR A 19 3.49 -4.53 -16.60
CA THR A 19 4.41 -5.39 -15.86
C THR A 19 4.45 -6.80 -16.44
N HIS A 20 5.16 -7.69 -15.76
CA HIS A 20 5.28 -9.09 -16.18
C HIS A 20 4.83 -10.01 -15.06
N VAL A 21 4.93 -11.32 -15.29
CA VAL A 21 4.50 -12.29 -14.29
C VAL A 21 5.45 -12.34 -13.08
N GLY A 22 4.86 -12.42 -11.90
CA GLY A 22 5.63 -12.50 -10.67
C GLY A 22 6.58 -11.33 -10.47
N LYS A 23 6.41 -10.27 -11.26
CA LYS A 23 7.26 -9.10 -11.13
C LYS A 23 7.18 -8.55 -9.71
N THR A 24 7.99 -9.11 -8.82
CA THR A 24 8.00 -8.68 -7.43
C THR A 24 8.29 -7.21 -7.30
N THR A 25 7.23 -6.40 -7.26
CA THR A 25 7.37 -4.96 -7.14
C THR A 25 7.42 -4.55 -5.67
N GLU A 26 8.64 -4.24 -5.21
CA GLU A 26 8.86 -3.84 -3.84
C GLU A 26 8.63 -2.34 -3.69
N ILE A 27 7.83 -1.98 -2.70
CA ILE A 27 7.53 -0.59 -2.45
C ILE A 27 7.66 -0.25 -0.97
N HIS A 28 8.71 0.49 -0.63
CA HIS A 28 8.92 0.93 0.74
C HIS A 28 8.20 2.25 0.97
N LEU A 29 6.97 2.16 1.43
CA LEU A 29 6.17 3.35 1.67
C LEU A 29 6.43 3.90 3.06
N LYS A 30 6.40 5.23 3.19
CA LYS A 30 6.64 5.86 4.47
C LYS A 30 5.33 6.24 5.14
N GLY A 31 5.40 6.51 6.43
CA GLY A 31 4.20 6.88 7.17
C GLY A 31 4.47 7.01 8.65
N ASN A 32 3.51 6.55 9.47
CA ASN A 32 3.63 6.63 10.92
C ASN A 32 2.47 5.91 11.59
N PRO A 33 2.63 4.61 11.91
CA PRO A 33 1.58 3.82 12.55
C PRO A 33 1.04 4.45 13.84
N THR A 34 1.79 5.39 14.40
CA THR A 34 1.37 6.06 15.62
C THR A 34 0.40 7.20 15.33
N THR A 35 -0.12 7.25 14.11
CA THR A 35 -1.07 8.29 13.73
C THR A 35 -2.50 7.80 13.87
N GLY A 36 -2.87 6.80 13.07
CA GLY A 36 -4.22 6.26 13.11
C GLY A 36 -4.57 5.47 11.86
N TYR A 37 -3.92 5.80 10.74
CA TYR A 37 -4.19 5.11 9.49
C TYR A 37 -3.14 4.04 9.22
N MET A 38 -3.24 3.41 8.06
CA MET A 38 -2.34 2.36 7.64
C MET A 38 -2.22 2.33 6.14
N TRP A 39 -1.08 1.89 5.66
CA TRP A 39 -0.84 1.79 4.23
C TRP A 39 -0.87 0.33 3.81
N THR A 40 -2.06 -0.16 3.50
CA THR A 40 -2.22 -1.56 3.11
C THR A 40 -3.11 -1.67 1.86
N ARG A 41 -3.52 -2.89 1.54
CA ARG A 41 -4.38 -3.13 0.38
C ARG A 41 -5.81 -2.67 0.66
N VAL A 42 -6.56 -2.38 -0.39
CA VAL A 42 -7.95 -1.95 -0.25
C VAL A 42 -8.87 -3.12 0.01
N GLY A 43 -9.78 -2.97 0.98
CA GLY A 43 -10.69 -4.04 1.31
C GLY A 43 -9.99 -5.18 2.04
N PHE A 44 -8.66 -5.12 2.06
CA PHE A 44 -7.86 -6.13 2.72
C PHE A 44 -7.28 -5.59 4.02
N VAL A 45 -7.74 -4.40 4.39
CA VAL A 45 -7.28 -3.74 5.60
C VAL A 45 -7.65 -4.57 6.83
N GLY A 46 -6.64 -5.20 7.42
CA GLY A 46 -6.86 -6.03 8.59
C GLY A 46 -6.45 -7.48 8.34
N LYS A 47 -6.37 -7.84 7.06
CA LYS A 47 -5.99 -9.19 6.67
C LYS A 47 -4.51 -9.44 6.96
N ASP A 48 -4.06 -10.65 6.68
CA ASP A 48 -2.68 -11.02 6.91
C ASP A 48 -1.93 -11.25 5.60
N VAL A 49 -2.50 -12.06 4.73
CA VAL A 49 -1.90 -12.37 3.44
C VAL A 49 -2.14 -11.27 2.42
N LEU A 50 -3.28 -10.59 2.57
CA LEU A 50 -3.64 -9.51 1.65
C LEU A 50 -4.00 -10.08 0.30
N SER A 51 -2.95 -10.52 -0.39
CA SER A 51 -3.07 -11.14 -1.70
C SER A 51 -4.14 -12.24 -1.73
N ASP A 52 -4.31 -12.87 -2.88
CA ASP A 52 -5.29 -13.93 -3.03
C ASP A 52 -4.89 -14.93 -4.11
N GLU A 53 -5.31 -14.64 -5.35
CA GLU A 53 -5.00 -15.51 -6.48
C GLU A 53 -4.42 -14.71 -7.65
N ILE A 54 -4.85 -13.45 -7.77
CA ILE A 54 -4.39 -12.58 -8.84
C ILE A 54 -2.98 -12.10 -8.58
N LEU A 55 -2.85 -11.09 -7.72
CA LEU A 55 -1.55 -10.52 -7.39
C LEU A 55 -1.07 -11.01 -6.03
N GLU A 56 0.02 -11.79 -6.02
CA GLU A 56 0.59 -12.29 -4.78
C GLU A 56 1.24 -11.15 -4.01
N VAL A 57 0.42 -10.27 -3.45
CA VAL A 57 0.93 -9.13 -2.71
C VAL A 57 1.49 -9.55 -1.37
N VAL A 58 2.76 -9.90 -1.36
CA VAL A 58 3.42 -10.28 -0.12
C VAL A 58 3.97 -9.03 0.55
N CYS A 59 3.13 -8.39 1.34
CA CYS A 59 3.52 -7.17 2.01
C CYS A 59 3.64 -7.36 3.52
N LYS A 60 4.72 -6.84 4.07
CA LYS A 60 4.96 -6.93 5.50
C LYS A 60 4.92 -5.53 6.09
N TYR A 61 3.90 -5.28 6.90
CA TYR A 61 3.75 -3.98 7.53
C TYR A 61 4.82 -3.80 8.60
N THR A 62 5.67 -2.80 8.39
CA THR A 62 6.74 -2.49 9.33
C THR A 62 6.42 -1.23 10.12
N PRO A 63 6.22 -1.36 11.44
CA PRO A 63 5.89 -0.25 12.32
C PRO A 63 7.12 0.37 12.96
N THR A 64 6.93 1.52 13.61
CA THR A 64 8.01 2.23 14.28
C THR A 64 8.34 1.58 15.62
N PRO A 65 9.62 1.60 16.03
CA PRO A 65 10.06 1.01 17.29
C PRO A 65 9.37 1.64 18.50
N SER A 66 8.95 0.80 19.43
CA SER A 66 8.27 1.27 20.64
C SER A 66 8.95 0.72 21.88
N SER A 67 8.46 -0.41 22.36
CA SER A 67 9.01 -1.05 23.54
C SER A 67 10.40 -1.63 23.24
N THR A 68 10.66 -1.88 21.97
CA THR A 68 11.94 -2.43 21.53
C THR A 68 12.99 -1.32 21.39
N PRO A 69 14.29 -1.68 21.42
CA PRO A 69 15.37 -0.70 21.30
C PRO A 69 15.48 -0.15 19.88
N MET A 70 16.67 0.32 19.53
CA MET A 70 16.91 0.88 18.20
C MET A 70 17.76 -0.06 17.35
N VAL A 71 17.13 -1.13 16.87
CA VAL A 71 17.81 -2.11 16.04
C VAL A 71 16.98 -2.45 14.80
N GLY A 72 16.32 -1.42 14.25
CA GLY A 72 15.49 -1.63 13.07
C GLY A 72 14.25 -2.44 13.38
N VAL A 73 13.14 -1.75 13.66
CA VAL A 73 11.88 -2.42 13.97
C VAL A 73 10.83 -2.15 12.91
N GLY A 74 11.22 -1.41 11.89
CA GLY A 74 10.31 -1.07 10.81
C GLY A 74 10.09 0.42 10.65
N GLY A 75 8.84 0.81 10.38
CA GLY A 75 8.52 2.20 10.20
C GLY A 75 8.05 2.52 8.79
N ILE A 76 7.70 1.48 8.05
CA ILE A 76 7.23 1.64 6.68
C ILE A 76 6.28 0.52 6.29
N TYR A 77 6.04 0.39 4.99
CA TYR A 77 5.16 -0.64 4.47
C TYR A 77 5.82 -1.31 3.27
N VAL A 78 6.36 -2.51 3.48
CA VAL A 78 7.03 -3.25 2.42
C VAL A 78 6.04 -4.09 1.63
N VAL A 79 5.75 -3.66 0.41
CA VAL A 79 4.80 -4.37 -0.44
C VAL A 79 5.48 -5.08 -1.61
N LEU A 80 5.34 -6.42 -1.66
CA LEU A 80 5.90 -7.21 -2.75
C LEU A 80 4.78 -7.80 -3.58
N VAL A 81 4.43 -7.11 -4.67
CA VAL A 81 3.34 -7.57 -5.52
C VAL A 81 3.86 -8.49 -6.62
N LYS A 82 3.53 -9.77 -6.50
CA LYS A 82 3.96 -10.77 -7.48
C LYS A 82 2.77 -11.29 -8.29
N PRO A 83 2.48 -10.68 -9.44
CA PRO A 83 1.36 -11.09 -10.29
C PRO A 83 1.36 -12.59 -10.56
N ARG A 84 0.47 -13.30 -9.87
CA ARG A 84 0.36 -14.74 -10.02
C ARG A 84 -0.10 -15.10 -11.43
N LYS A 85 -0.95 -14.26 -12.00
CA LYS A 85 -1.47 -14.50 -13.34
C LYS A 85 -1.01 -13.40 -14.30
N ARG A 86 -1.51 -13.47 -15.54
CA ARG A 86 -1.14 -12.48 -16.54
C ARG A 86 -2.39 -11.79 -17.11
N GLY A 87 -2.25 -10.52 -17.46
CA GLY A 87 -3.37 -9.78 -18.00
C GLY A 87 -3.53 -8.42 -17.35
N HIS A 88 -4.77 -8.06 -17.03
CA HIS A 88 -5.05 -6.77 -16.41
C HIS A 88 -5.15 -6.91 -14.90
N HIS A 89 -4.04 -6.64 -14.21
CA HIS A 89 -4.00 -6.75 -12.75
C HIS A 89 -3.80 -5.37 -12.14
N THR A 90 -4.06 -5.26 -10.85
CA THR A 90 -3.91 -4.00 -10.14
C THR A 90 -3.78 -4.20 -8.63
N LEU A 91 -3.06 -3.29 -7.98
CA LEU A 91 -2.85 -3.37 -6.55
C LEU A 91 -3.39 -2.12 -5.86
N GLU A 92 -4.63 -2.21 -5.40
CA GLU A 92 -5.27 -1.09 -4.72
C GLU A 92 -4.71 -0.88 -3.31
N LEU A 93 -3.89 0.15 -3.15
CA LEU A 93 -3.34 0.48 -1.84
C LEU A 93 -3.93 1.78 -1.34
N VAL A 94 -4.42 1.75 -0.10
CA VAL A 94 -5.05 2.92 0.48
C VAL A 94 -4.56 3.19 1.90
N TYR A 95 -4.73 4.44 2.34
CA TYR A 95 -4.34 4.86 3.68
C TYR A 95 -5.60 4.94 4.55
N THR A 96 -5.91 3.85 5.24
CA THR A 96 -7.11 3.79 6.08
C THR A 96 -6.81 3.45 7.53
N ARG A 97 -7.83 3.57 8.37
CA ARG A 97 -7.69 3.25 9.79
C ARG A 97 -8.32 1.88 10.07
N PRO A 98 -7.50 0.81 10.08
CA PRO A 98 -7.98 -0.55 10.33
C PRO A 98 -8.93 -0.62 11.52
N PHE A 99 -8.63 0.14 12.56
CA PHE A 99 -9.45 0.17 13.76
C PHE A 99 -10.85 0.70 13.47
N GLU A 100 -10.94 1.69 12.58
CA GLU A 100 -12.23 2.28 12.22
C GLU A 100 -12.72 1.76 10.88
N GLY A 101 -12.19 2.33 9.79
CA GLY A 101 -12.60 1.92 8.46
C GLY A 101 -11.97 2.77 7.38
N ILE A 102 -12.26 2.43 6.14
CA ILE A 102 -11.71 3.15 5.01
C ILE A 102 -12.66 4.25 4.52
N LYS A 103 -12.09 5.28 3.92
CA LYS A 103 -12.88 6.41 3.43
C LYS A 103 -12.33 6.90 2.08
N PRO A 104 -13.15 7.67 1.35
CA PRO A 104 -12.75 8.22 0.04
C PRO A 104 -11.70 9.31 0.16
N GLU A 105 -11.85 10.15 1.18
CA GLU A 105 -10.92 11.24 1.42
C GLU A 105 -9.53 10.70 1.72
N ASN A 106 -9.48 9.48 2.27
CA ASN A 106 -8.21 8.84 2.61
C ASN A 106 -7.27 8.82 1.41
N GLU A 107 -5.97 8.78 1.69
CA GLU A 107 -4.96 8.75 0.65
C GLU A 107 -5.13 7.53 -0.25
N ARG A 108 -4.56 7.60 -1.45
CA ARG A 108 -4.66 6.52 -2.41
C ARG A 108 -3.29 6.13 -2.96
N TYR A 109 -3.22 4.96 -3.57
CA TYR A 109 -2.01 4.46 -4.21
C TYR A 109 -2.31 3.13 -4.89
N THR A 110 -3.06 3.23 -5.99
CA THR A 110 -3.45 2.05 -6.75
C THR A 110 -2.38 1.65 -7.76
N LEU A 111 -1.53 0.71 -7.37
CA LEU A 111 -0.45 0.25 -8.24
C LEU A 111 -1.00 -0.62 -9.37
N HIS A 112 -1.41 0.03 -10.45
CA HIS A 112 -1.94 -0.68 -11.61
C HIS A 112 -0.82 -1.34 -12.40
N LEU A 113 -1.07 -2.55 -12.86
CA LEU A 113 -0.07 -3.31 -13.59
C LEU A 113 -0.72 -4.18 -14.68
N ASN A 114 -0.62 -3.73 -15.92
CA ASN A 114 -1.16 -4.49 -17.04
C ASN A 114 -0.19 -5.60 -17.39
N VAL A 115 -0.15 -6.62 -16.52
CA VAL A 115 0.74 -7.75 -16.69
C VAL A 115 0.69 -8.31 -18.10
N LYS A 116 1.85 -8.64 -18.65
CA LYS A 116 1.95 -9.19 -20.00
C LYS A 116 1.73 -10.70 -19.98
N GLY A 1 3.35 28.59 0.79
CA GLY A 1 1.89 28.57 0.50
C GLY A 1 1.59 28.62 -0.99
N SER A 2 2.04 29.69 -1.64
CA SER A 2 1.81 29.86 -3.07
C SER A 2 3.00 29.32 -3.87
N HIS A 3 4.20 29.48 -3.31
CA HIS A 3 5.41 29.01 -3.98
C HIS A 3 5.46 27.48 -3.99
N MET A 4 5.18 26.87 -2.85
CA MET A 4 5.19 25.42 -2.73
C MET A 4 3.79 24.84 -2.88
N ILE A 5 3.71 23.57 -3.24
CA ILE A 5 2.42 22.90 -3.42
C ILE A 5 1.88 22.41 -2.08
N ALA A 6 2.79 21.98 -1.20
CA ALA A 6 2.39 21.48 0.11
C ALA A 6 1.42 20.31 0.00
N PRO A 7 1.95 19.07 -0.09
CA PRO A 7 1.12 17.87 -0.21
C PRO A 7 0.15 17.72 0.96
N LEU A 8 -1.15 17.79 0.65
CA LEU A 8 -2.18 17.67 1.68
C LEU A 8 -3.31 16.76 1.21
N SER A 9 -4.01 17.19 0.16
CA SER A 9 -5.11 16.41 -0.40
C SER A 9 -4.78 15.93 -1.80
N VAL A 10 -4.08 16.77 -2.56
CA VAL A 10 -3.69 16.42 -3.92
C VAL A 10 -2.37 15.64 -3.95
N LYS A 11 -2.37 14.52 -4.66
CA LYS A 11 -1.18 13.69 -4.77
C LYS A 11 -1.41 12.55 -5.77
N ASP A 12 -0.42 12.33 -6.62
CA ASP A 12 -0.52 11.28 -7.62
C ASP A 12 -0.19 9.92 -7.01
N ASN A 13 -1.16 9.01 -7.04
CA ASN A 13 -0.97 7.69 -6.47
C ASN A 13 -1.14 6.60 -7.52
N ASP A 14 -2.38 6.17 -7.71
CA ASP A 14 -2.72 5.12 -8.67
C ASP A 14 -1.84 5.19 -9.90
N LYS A 15 -0.84 4.31 -9.94
CA LYS A 15 0.09 4.23 -11.06
C LYS A 15 -0.44 3.26 -12.11
N TRP A 16 -1.03 3.79 -13.16
CA TRP A 16 -1.59 3.00 -14.24
C TRP A 16 -0.49 2.61 -15.23
N VAL A 17 -0.07 1.33 -15.18
CA VAL A 17 0.98 0.86 -16.08
C VAL A 17 0.89 -0.65 -16.31
N ASP A 18 1.83 -1.15 -17.10
CA ASP A 18 1.90 -2.56 -17.43
C ASP A 18 2.95 -3.27 -16.58
N THR A 19 3.16 -4.56 -16.84
CA THR A 19 4.14 -5.33 -16.06
C THR A 19 4.34 -6.73 -16.62
N HIS A 20 5.14 -7.52 -15.90
CA HIS A 20 5.42 -8.91 -16.29
C HIS A 20 4.85 -9.87 -15.25
N VAL A 21 5.22 -11.14 -15.34
CA VAL A 21 4.72 -12.15 -14.40
C VAL A 21 5.61 -12.27 -13.16
N GLY A 22 4.98 -12.19 -12.00
CA GLY A 22 5.71 -12.31 -10.74
C GLY A 22 6.79 -11.27 -10.57
N LYS A 23 6.76 -10.22 -11.38
CA LYS A 23 7.75 -9.17 -11.28
C LYS A 23 7.64 -8.48 -9.92
N THR A 24 8.29 -9.08 -8.93
CA THR A 24 8.25 -8.57 -7.56
C THR A 24 8.51 -7.07 -7.51
N THR A 25 7.44 -6.30 -7.35
CA THR A 25 7.55 -4.85 -7.27
C THR A 25 7.57 -4.41 -5.81
N GLU A 26 8.77 -4.14 -5.32
CA GLU A 26 8.98 -3.71 -3.96
C GLU A 26 8.71 -2.22 -3.80
N ILE A 27 7.93 -1.87 -2.79
CA ILE A 27 7.61 -0.48 -2.52
C ILE A 27 7.64 -0.17 -1.04
N HIS A 28 8.70 0.49 -0.60
CA HIS A 28 8.84 0.89 0.78
C HIS A 28 8.13 2.22 0.99
N LEU A 29 6.99 2.18 1.67
CA LEU A 29 6.22 3.38 1.93
C LEU A 29 6.38 3.80 3.38
N LYS A 30 6.41 5.10 3.61
CA LYS A 30 6.56 5.61 4.96
C LYS A 30 5.21 5.95 5.56
N GLY A 31 5.17 6.08 6.88
CA GLY A 31 3.93 6.39 7.56
C GLY A 31 3.96 5.98 9.01
N ASN A 32 2.78 5.82 9.61
CA ASN A 32 2.68 5.43 11.01
C ASN A 32 1.23 5.12 11.38
N PRO A 33 0.98 4.01 12.11
CA PRO A 33 -0.37 3.61 12.52
C PRO A 33 -0.87 4.38 13.73
N THR A 34 -0.05 4.43 14.78
CA THR A 34 -0.42 5.13 16.01
C THR A 34 -0.44 6.64 15.82
N THR A 35 -0.18 7.08 14.60
CA THR A 35 -0.17 8.51 14.29
C THR A 35 -1.33 8.88 13.37
N GLY A 36 -1.42 8.21 12.23
CA GLY A 36 -2.48 8.48 11.29
C GLY A 36 -3.21 7.23 10.83
N TYR A 37 -2.99 6.84 9.58
CA TYR A 37 -3.63 5.67 9.01
C TYR A 37 -2.61 4.57 8.72
N MET A 38 -3.05 3.55 8.00
CA MET A 38 -2.22 2.43 7.62
C MET A 38 -2.10 2.35 6.11
N TRP A 39 -1.00 1.80 5.63
CA TRP A 39 -0.80 1.65 4.20
C TRP A 39 -0.84 0.18 3.82
N THR A 40 -2.03 -0.30 3.50
CA THR A 40 -2.21 -1.70 3.12
C THR A 40 -3.08 -1.81 1.87
N ARG A 41 -3.58 -3.01 1.56
CA ARG A 41 -4.42 -3.18 0.37
C ARG A 41 -5.90 -2.97 0.72
N VAL A 42 -6.69 -2.60 -0.29
CA VAL A 42 -8.12 -2.36 -0.09
C VAL A 42 -8.89 -3.66 0.06
N GLY A 43 -9.76 -3.71 1.07
CA GLY A 43 -10.55 -4.91 1.32
C GLY A 43 -9.79 -5.95 2.10
N PHE A 44 -8.58 -5.60 2.54
CA PHE A 44 -7.74 -6.50 3.29
C PHE A 44 -7.21 -5.81 4.54
N VAL A 45 -7.58 -4.55 4.69
CA VAL A 45 -7.16 -3.75 5.83
C VAL A 45 -7.52 -4.45 7.14
N GLY A 46 -6.51 -4.76 7.94
CA GLY A 46 -6.73 -5.43 9.21
C GLY A 46 -6.51 -6.93 9.10
N LYS A 47 -6.73 -7.47 7.91
CA LYS A 47 -6.55 -8.89 7.65
C LYS A 47 -5.08 -9.27 7.72
N ASP A 48 -4.81 -10.58 7.65
CA ASP A 48 -3.45 -11.08 7.69
C ASP A 48 -2.76 -10.87 6.34
N VAL A 49 -3.31 -11.52 5.32
CA VAL A 49 -2.75 -11.43 3.98
C VAL A 49 -3.65 -10.59 3.08
N LEU A 50 -3.02 -9.79 2.22
CA LEU A 50 -3.74 -8.93 1.29
C LEU A 50 -3.96 -9.66 -0.04
N SER A 51 -2.86 -10.16 -0.58
CA SER A 51 -2.88 -10.91 -1.84
C SER A 51 -3.90 -12.06 -1.80
N ASP A 52 -3.99 -12.81 -2.89
CA ASP A 52 -4.92 -13.93 -2.98
C ASP A 52 -4.47 -14.94 -4.03
N GLU A 53 -4.94 -14.75 -5.26
CA GLU A 53 -4.61 -15.64 -6.36
C GLU A 53 -4.10 -14.85 -7.56
N ILE A 54 -4.58 -13.62 -7.71
CA ILE A 54 -4.19 -12.77 -8.81
C ILE A 54 -2.79 -12.21 -8.60
N LEU A 55 -2.69 -11.17 -7.77
CA LEU A 55 -1.41 -10.55 -7.47
C LEU A 55 -0.87 -11.02 -6.13
N GLU A 56 0.25 -11.75 -6.16
CA GLU A 56 0.89 -12.22 -4.94
C GLU A 56 1.50 -11.04 -4.18
N VAL A 57 0.64 -10.19 -3.66
CA VAL A 57 1.08 -9.02 -2.93
C VAL A 57 1.63 -9.38 -1.57
N VAL A 58 2.91 -9.75 -1.54
CA VAL A 58 3.55 -10.08 -0.29
C VAL A 58 3.95 -8.82 0.43
N CYS A 59 2.99 -8.23 1.09
CA CYS A 59 3.20 -6.98 1.81
C CYS A 59 3.45 -7.23 3.28
N LYS A 60 4.57 -6.73 3.77
CA LYS A 60 4.95 -6.88 5.16
C LYS A 60 4.97 -5.54 5.85
N TYR A 61 3.96 -5.30 6.67
CA TYR A 61 3.85 -4.06 7.41
C TYR A 61 4.94 -4.03 8.49
N THR A 62 6.05 -3.35 8.18
CA THR A 62 7.17 -3.27 9.10
C THR A 62 7.13 -2.00 9.94
N PRO A 63 7.17 -2.14 11.28
CA PRO A 63 7.18 -1.00 12.19
C PRO A 63 8.59 -0.65 12.64
N THR A 64 8.71 0.03 13.77
CA THR A 64 10.00 0.42 14.31
C THR A 64 9.92 0.66 15.82
N PRO A 65 10.89 0.15 16.59
CA PRO A 65 10.92 0.31 18.05
C PRO A 65 10.81 1.78 18.47
N SER A 66 9.63 2.17 18.93
CA SER A 66 9.39 3.54 19.36
C SER A 66 8.99 3.58 20.84
N SER A 67 8.58 4.75 21.30
CA SER A 67 8.16 4.91 22.69
C SER A 67 6.78 4.31 22.92
N THR A 68 6.17 3.83 21.85
CA THR A 68 4.84 3.23 21.92
C THR A 68 4.88 1.93 22.74
N PRO A 69 3.73 1.51 23.31
CA PRO A 69 3.65 0.29 24.10
C PRO A 69 3.70 -0.97 23.24
N MET A 70 3.15 -2.06 23.75
CA MET A 70 3.14 -3.33 23.03
C MET A 70 2.08 -3.33 21.94
N VAL A 71 1.27 -2.27 21.91
CA VAL A 71 0.21 -2.14 20.93
C VAL A 71 0.54 -1.04 19.92
N GLY A 72 0.84 -1.45 18.68
CA GLY A 72 1.17 -0.48 17.65
C GLY A 72 2.56 0.10 17.83
N VAL A 73 3.32 0.17 16.73
CA VAL A 73 4.67 0.71 16.77
C VAL A 73 4.83 1.87 15.80
N GLY A 74 5.21 1.57 14.57
CA GLY A 74 5.38 2.59 13.57
C GLY A 74 6.63 2.39 12.72
N GLY A 75 6.44 2.15 11.42
CA GLY A 75 7.55 1.95 10.51
C GLY A 75 7.18 2.26 9.08
N ILE A 76 7.41 1.32 8.19
CA ILE A 76 7.07 1.50 6.78
C ILE A 76 6.15 0.40 6.30
N TYR A 77 6.03 0.27 4.98
CA TYR A 77 5.17 -0.74 4.38
C TYR A 77 5.85 -1.34 3.16
N VAL A 78 6.43 -2.54 3.33
CA VAL A 78 7.11 -3.22 2.24
C VAL A 78 6.14 -4.06 1.44
N VAL A 79 5.72 -3.54 0.29
CA VAL A 79 4.78 -4.25 -0.57
C VAL A 79 5.46 -4.92 -1.75
N LEU A 80 5.35 -6.24 -1.82
CA LEU A 80 5.93 -7.01 -2.92
C LEU A 80 4.82 -7.56 -3.79
N VAL A 81 4.53 -6.87 -4.88
CA VAL A 81 3.46 -7.30 -5.77
C VAL A 81 3.99 -8.23 -6.86
N LYS A 82 3.68 -9.53 -6.71
CA LYS A 82 4.11 -10.54 -7.67
C LYS A 82 2.93 -11.10 -8.45
N PRO A 83 2.62 -10.53 -9.63
CA PRO A 83 1.51 -11.00 -10.46
C PRO A 83 1.56 -12.50 -10.72
N ARG A 84 0.72 -13.23 -10.00
CA ARG A 84 0.65 -14.68 -10.15
C ARG A 84 0.17 -15.06 -11.54
N LYS A 85 -0.73 -14.27 -12.08
CA LYS A 85 -1.28 -14.52 -13.42
C LYS A 85 -0.98 -13.34 -14.35
N ARG A 86 -1.40 -13.48 -15.60
CA ARG A 86 -1.18 -12.43 -16.60
C ARG A 86 -2.51 -11.92 -17.15
N GLY A 87 -2.59 -10.62 -17.35
CA GLY A 87 -3.81 -10.03 -17.88
C GLY A 87 -4.08 -8.65 -17.30
N HIS A 88 -5.15 -8.53 -16.53
CA HIS A 88 -5.51 -7.26 -15.90
C HIS A 88 -5.43 -7.35 -14.38
N HIS A 89 -4.27 -6.97 -13.85
CA HIS A 89 -4.06 -7.02 -12.40
C HIS A 89 -3.89 -5.60 -11.85
N THR A 90 -4.05 -5.45 -10.54
CA THR A 90 -3.92 -4.14 -9.90
C THR A 90 -3.63 -4.27 -8.40
N LEU A 91 -2.91 -3.30 -7.86
CA LEU A 91 -2.57 -3.30 -6.44
C LEU A 91 -3.22 -2.10 -5.74
N GLU A 92 -4.40 -2.33 -5.19
CA GLU A 92 -5.13 -1.27 -4.50
C GLU A 92 -4.58 -1.01 -3.11
N LEU A 93 -3.65 -0.07 -3.00
CA LEU A 93 -3.08 0.29 -1.71
C LEU A 93 -3.70 1.61 -1.23
N VAL A 94 -4.29 1.58 -0.05
CA VAL A 94 -4.94 2.76 0.50
C VAL A 94 -4.43 3.10 1.90
N TYR A 95 -4.57 4.36 2.27
CA TYR A 95 -4.14 4.85 3.58
C TYR A 95 -5.36 4.91 4.51
N THR A 96 -5.71 3.78 5.10
CA THR A 96 -6.88 3.69 5.97
C THR A 96 -6.53 3.29 7.40
N ARG A 97 -7.42 3.61 8.33
CA ARG A 97 -7.23 3.25 9.73
C ARG A 97 -7.98 1.96 10.08
N PRO A 98 -7.27 0.81 10.09
CA PRO A 98 -7.88 -0.48 10.40
C PRO A 98 -8.81 -0.43 11.61
N PHE A 99 -8.42 0.36 12.60
CA PHE A 99 -9.21 0.50 13.82
C PHE A 99 -10.60 1.05 13.52
N GLU A 100 -10.66 2.05 12.63
CA GLU A 100 -11.93 2.66 12.26
C GLU A 100 -12.48 2.07 10.96
N GLY A 101 -11.87 2.44 9.84
CA GLY A 101 -12.30 1.95 8.55
C GLY A 101 -11.72 2.75 7.41
N ILE A 102 -12.07 2.36 6.20
CA ILE A 102 -11.57 3.05 5.01
C ILE A 102 -12.54 4.12 4.54
N LYS A 103 -12.00 5.19 3.99
CA LYS A 103 -12.80 6.30 3.51
C LYS A 103 -12.24 6.87 2.20
N PRO A 104 -13.06 7.64 1.47
CA PRO A 104 -12.65 8.25 0.20
C PRO A 104 -11.59 9.32 0.39
N GLU A 105 -11.74 10.10 1.46
CA GLU A 105 -10.79 11.16 1.77
C GLU A 105 -9.40 10.60 2.01
N ASN A 106 -9.35 9.35 2.49
CA ASN A 106 -8.08 8.69 2.76
C ASN A 106 -7.19 8.68 1.53
N GLU A 107 -5.88 8.71 1.76
CA GLU A 107 -4.92 8.70 0.67
C GLU A 107 -5.08 7.47 -0.20
N ARG A 108 -4.47 7.49 -1.38
CA ARG A 108 -4.56 6.37 -2.31
C ARG A 108 -3.19 5.99 -2.86
N TYR A 109 -3.13 4.79 -3.45
CA TYR A 109 -1.92 4.28 -4.08
C TYR A 109 -2.23 2.96 -4.78
N THR A 110 -3.09 3.05 -5.79
CA THR A 110 -3.50 1.87 -6.55
C THR A 110 -2.54 1.60 -7.70
N LEU A 111 -1.55 0.76 -7.45
CA LEU A 111 -0.55 0.41 -8.45
C LEU A 111 -1.13 -0.52 -9.50
N HIS A 112 -1.62 0.05 -10.59
CA HIS A 112 -2.20 -0.73 -11.67
C HIS A 112 -1.10 -1.36 -12.52
N LEU A 113 -1.34 -2.60 -12.93
CA LEU A 113 -0.37 -3.36 -13.72
C LEU A 113 -1.07 -4.23 -14.76
N ASN A 114 -1.03 -3.80 -16.02
CA ASN A 114 -1.64 -4.57 -17.09
C ASN A 114 -0.70 -5.69 -17.50
N VAL A 115 -0.53 -6.65 -16.60
CA VAL A 115 0.36 -7.78 -16.82
C VAL A 115 0.18 -8.37 -18.21
N LYS A 116 1.25 -8.33 -19.01
CA LYS A 116 1.21 -8.85 -20.37
C LYS A 116 1.25 -10.38 -20.37
N GLY A 1 6.65 30.17 2.63
CA GLY A 1 7.13 28.77 2.50
C GLY A 1 6.82 28.18 1.14
N SER A 2 7.61 27.17 0.75
CA SER A 2 7.42 26.51 -0.53
C SER A 2 7.68 25.01 -0.43
N HIS A 3 8.08 24.57 0.76
CA HIS A 3 8.36 23.17 1.00
C HIS A 3 7.91 22.75 2.39
N MET A 4 6.84 21.97 2.46
CA MET A 4 6.30 21.50 3.74
C MET A 4 6.48 20.00 3.87
N ILE A 5 6.60 19.53 5.12
CA ILE A 5 6.78 18.10 5.39
C ILE A 5 5.43 17.38 5.42
N ALA A 6 4.36 18.14 5.23
CA ALA A 6 3.01 17.58 5.24
C ALA A 6 2.62 17.06 3.85
N PRO A 7 1.73 16.07 3.79
CA PRO A 7 1.27 15.50 2.51
C PRO A 7 0.47 16.50 1.68
N LEU A 8 -0.35 17.30 2.36
CA LEU A 8 -1.17 18.30 1.69
C LEU A 8 -2.12 17.64 0.69
N SER A 9 -2.49 16.39 0.96
CA SER A 9 -3.39 15.64 0.09
C SER A 9 -2.78 15.47 -1.30
N VAL A 10 -1.48 15.68 -1.40
CA VAL A 10 -0.78 15.54 -2.68
C VAL A 10 0.40 14.57 -2.54
N LYS A 11 0.36 13.50 -3.33
CA LYS A 11 1.41 12.49 -3.31
C LYS A 11 1.17 11.45 -4.38
N ASP A 12 2.22 11.10 -5.11
CA ASP A 12 2.11 10.11 -6.18
C ASP A 12 1.54 8.81 -5.63
N ASN A 13 0.39 8.41 -6.15
CA ASN A 13 -0.26 7.20 -5.69
C ASN A 13 -0.52 6.22 -6.84
N ASP A 14 -1.72 6.28 -7.39
CA ASP A 14 -2.13 5.41 -8.46
C ASP A 14 -1.13 5.42 -9.61
N LYS A 15 -0.28 4.40 -9.64
CA LYS A 15 0.72 4.26 -10.68
C LYS A 15 0.20 3.36 -11.80
N TRP A 16 -0.41 3.98 -12.80
CA TRP A 16 -0.97 3.25 -13.94
C TRP A 16 0.14 2.80 -14.89
N VAL A 17 0.45 1.51 -14.87
CA VAL A 17 1.52 0.98 -15.73
C VAL A 17 1.35 -0.50 -16.00
N ASP A 18 2.19 -1.02 -16.88
CA ASP A 18 2.18 -2.43 -17.26
C ASP A 18 3.17 -3.22 -16.41
N THR A 19 3.36 -4.50 -16.74
CA THR A 19 4.27 -5.34 -15.98
C THR A 19 4.42 -6.74 -16.60
N HIS A 20 5.19 -7.59 -15.92
CA HIS A 20 5.41 -8.96 -16.35
C HIS A 20 4.81 -9.92 -15.33
N VAL A 21 5.19 -11.20 -15.39
CA VAL A 21 4.65 -12.20 -14.47
C VAL A 21 5.51 -12.32 -13.20
N GLY A 22 4.83 -12.31 -12.06
CA GLY A 22 5.50 -12.43 -10.78
C GLY A 22 6.58 -11.41 -10.55
N LYS A 23 6.53 -10.31 -11.30
CA LYS A 23 7.52 -9.25 -11.16
C LYS A 23 7.42 -8.65 -9.75
N THR A 24 8.10 -9.29 -8.81
CA THR A 24 8.08 -8.85 -7.42
C THR A 24 8.43 -7.37 -7.30
N THR A 25 7.40 -6.54 -7.16
CA THR A 25 7.59 -5.11 -7.04
C THR A 25 7.52 -4.68 -5.57
N GLU A 26 8.69 -4.47 -4.99
CA GLU A 26 8.80 -4.06 -3.60
C GLU A 26 8.47 -2.59 -3.45
N ILE A 27 7.65 -2.27 -2.47
CA ILE A 27 7.25 -0.91 -2.22
C ILE A 27 7.41 -0.54 -0.75
N HIS A 28 8.54 0.06 -0.42
CA HIS A 28 8.81 0.48 0.95
C HIS A 28 8.19 1.85 1.21
N LEU A 29 6.89 1.88 1.42
CA LEU A 29 6.17 3.12 1.65
C LEU A 29 6.55 3.73 3.00
N LYS A 30 6.29 5.02 3.14
CA LYS A 30 6.59 5.74 4.38
C LYS A 30 5.30 6.19 5.04
N GLY A 31 5.38 6.56 6.32
CA GLY A 31 4.20 6.99 7.04
C GLY A 31 4.37 6.92 8.54
N ASN A 32 3.29 6.61 9.24
CA ASN A 32 3.31 6.52 10.69
C ASN A 32 2.00 5.93 11.23
N PRO A 33 2.01 4.65 11.66
CA PRO A 33 0.81 3.99 12.18
C PRO A 33 0.23 4.72 13.39
N THR A 34 1.07 5.48 14.08
CA THR A 34 0.65 6.22 15.25
C THR A 34 -0.46 7.22 14.90
N THR A 35 -0.46 7.68 13.65
CA THR A 35 -1.45 8.63 13.18
C THR A 35 -2.87 8.07 13.34
N GLY A 36 -3.00 6.76 13.11
CA GLY A 36 -4.29 6.11 13.23
C GLY A 36 -4.66 5.31 12.00
N TYR A 37 -3.94 5.53 10.90
CA TYR A 37 -4.21 4.82 9.66
C TYR A 37 -3.19 3.71 9.43
N MET A 38 -3.29 3.07 8.27
CA MET A 38 -2.42 1.99 7.89
C MET A 38 -2.22 1.99 6.39
N TRP A 39 -1.08 1.49 5.95
CA TRP A 39 -0.78 1.42 4.53
C TRP A 39 -0.85 -0.02 4.06
N THR A 40 -2.00 -0.40 3.50
CA THR A 40 -2.20 -1.77 3.02
C THR A 40 -3.12 -1.79 1.80
N ARG A 41 -3.61 -2.97 1.42
CA ARG A 41 -4.49 -3.08 0.26
C ARG A 41 -5.94 -2.80 0.64
N VAL A 42 -6.73 -2.39 -0.35
CA VAL A 42 -8.14 -2.05 -0.13
C VAL A 42 -8.98 -3.32 0.05
N GLY A 43 -9.82 -3.31 1.08
CA GLY A 43 -10.67 -4.46 1.35
C GLY A 43 -9.94 -5.56 2.08
N PHE A 44 -8.69 -5.28 2.44
CA PHE A 44 -7.86 -6.25 3.15
C PHE A 44 -7.28 -5.62 4.41
N VAL A 45 -7.68 -4.40 4.67
CA VAL A 45 -7.23 -3.67 5.86
C VAL A 45 -7.29 -4.55 7.09
N GLY A 46 -6.22 -4.54 7.87
CA GLY A 46 -6.16 -5.35 9.09
C GLY A 46 -5.49 -6.69 8.84
N LYS A 47 -5.68 -7.24 7.65
CA LYS A 47 -5.09 -8.52 7.29
C LYS A 47 -3.57 -8.41 7.21
N ASP A 48 -2.94 -9.46 6.67
CA ASP A 48 -1.49 -9.49 6.54
C ASP A 48 -1.07 -9.83 5.11
N VAL A 49 -1.70 -10.85 4.55
CA VAL A 49 -1.39 -11.30 3.21
C VAL A 49 -1.97 -10.36 2.15
N LEU A 50 -3.23 -9.98 2.32
CA LEU A 50 -3.93 -9.08 1.40
C LEU A 50 -4.23 -9.79 0.08
N SER A 51 -3.17 -10.21 -0.59
CA SER A 51 -3.26 -10.92 -1.87
C SER A 51 -4.27 -12.06 -1.83
N ASP A 52 -4.41 -12.76 -2.96
CA ASP A 52 -5.35 -13.88 -3.07
C ASP A 52 -4.95 -14.84 -4.17
N GLU A 53 -5.36 -14.54 -5.40
CA GLU A 53 -5.06 -15.39 -6.54
C GLU A 53 -4.53 -14.58 -7.71
N ILE A 54 -4.98 -13.33 -7.82
CA ILE A 54 -4.55 -12.45 -8.90
C ILE A 54 -3.13 -11.97 -8.71
N LEU A 55 -2.94 -11.02 -7.81
CA LEU A 55 -1.63 -10.47 -7.52
C LEU A 55 -1.07 -11.03 -6.21
N GLU A 56 0.03 -11.78 -6.29
CA GLU A 56 0.67 -12.33 -5.10
C GLU A 56 1.30 -11.20 -4.30
N VAL A 57 0.45 -10.40 -3.69
CA VAL A 57 0.90 -9.26 -2.90
C VAL A 57 1.43 -9.68 -1.54
N VAL A 58 2.69 -10.07 -1.50
CA VAL A 58 3.34 -10.45 -0.26
C VAL A 58 3.80 -9.20 0.47
N CYS A 59 2.88 -8.63 1.25
CA CYS A 59 3.16 -7.40 1.98
C CYS A 59 3.58 -7.68 3.41
N LYS A 60 4.40 -6.78 3.95
CA LYS A 60 4.87 -6.90 5.32
C LYS A 60 4.88 -5.53 5.99
N TYR A 61 4.03 -5.39 6.99
CA TYR A 61 3.92 -4.15 7.73
C TYR A 61 4.81 -4.20 8.97
N THR A 62 5.93 -3.48 8.91
CA THR A 62 6.87 -3.45 10.02
C THR A 62 6.83 -2.10 10.74
N PRO A 63 6.28 -2.08 11.96
CA PRO A 63 6.18 -0.87 12.76
C PRO A 63 7.29 -0.79 13.81
N THR A 64 8.39 -0.13 13.43
CA THR A 64 9.52 0.02 14.32
C THR A 64 9.37 1.22 15.23
N PRO A 65 9.94 1.16 16.45
CA PRO A 65 9.88 2.26 17.42
C PRO A 65 10.57 3.52 16.93
N SER A 66 10.51 4.58 17.72
CA SER A 66 11.13 5.85 17.36
C SER A 66 12.40 6.09 18.17
N SER A 67 12.48 5.44 19.32
CA SER A 67 13.63 5.57 20.20
C SER A 67 13.85 7.04 20.58
N THR A 68 12.87 7.88 20.26
CA THR A 68 12.95 9.30 20.56
C THR A 68 11.79 9.75 21.45
N PRO A 69 11.89 10.93 22.08
CA PRO A 69 10.83 11.46 22.96
C PRO A 69 9.59 11.86 22.18
N MET A 70 9.56 11.45 20.93
CA MET A 70 8.44 11.75 20.05
C MET A 70 7.78 10.46 19.59
N VAL A 71 6.85 9.96 20.41
CA VAL A 71 6.13 8.72 20.12
C VAL A 71 5.78 8.61 18.64
N GLY A 72 6.17 7.49 18.04
CA GLY A 72 5.90 7.26 16.63
C GLY A 72 6.48 5.95 16.14
N VAL A 73 5.63 4.94 16.00
CA VAL A 73 6.07 3.63 15.54
C VAL A 73 6.22 3.59 14.02
N GLY A 74 6.53 4.75 13.45
CA GLY A 74 6.71 4.83 12.00
C GLY A 74 7.76 3.88 11.50
N GLY A 75 7.34 2.88 10.73
CA GLY A 75 8.27 1.91 10.20
C GLY A 75 8.23 1.81 8.69
N ILE A 76 8.06 0.60 8.19
CA ILE A 76 8.01 0.36 6.76
C ILE A 76 6.77 -0.42 6.36
N TYR A 77 6.39 -0.22 5.12
CA TYR A 77 5.24 -0.88 4.53
C TYR A 77 5.69 -1.47 3.20
N VAL A 78 6.42 -2.59 3.29
CA VAL A 78 6.96 -3.24 2.11
C VAL A 78 5.96 -4.17 1.46
N VAL A 79 5.51 -3.76 0.28
CA VAL A 79 4.54 -4.55 -0.47
C VAL A 79 5.20 -5.21 -1.68
N LEU A 80 5.11 -6.53 -1.74
CA LEU A 80 5.66 -7.28 -2.85
C LEU A 80 4.55 -7.77 -3.77
N VAL A 81 4.38 -7.09 -4.88
CA VAL A 81 3.32 -7.45 -5.81
C VAL A 81 3.85 -8.37 -6.91
N LYS A 82 3.44 -9.64 -6.84
CA LYS A 82 3.86 -10.64 -7.83
C LYS A 82 2.68 -11.14 -8.66
N PRO A 83 2.45 -10.52 -9.83
CA PRO A 83 1.35 -10.91 -10.72
C PRO A 83 1.28 -12.41 -10.95
N ARG A 84 0.34 -13.06 -10.26
CA ARG A 84 0.15 -14.50 -10.36
C ARG A 84 -0.39 -14.89 -11.72
N LYS A 85 -1.26 -14.05 -12.27
CA LYS A 85 -1.88 -14.32 -13.57
C LYS A 85 -1.50 -13.25 -14.59
N ARG A 86 -1.84 -13.49 -15.85
CA ARG A 86 -1.53 -12.55 -16.92
C ARG A 86 -2.80 -11.85 -17.40
N GLY A 87 -2.79 -10.52 -17.35
CA GLY A 87 -3.95 -9.76 -17.78
C GLY A 87 -3.99 -8.38 -17.17
N HIS A 88 -5.14 -8.03 -16.58
CA HIS A 88 -5.30 -6.73 -15.95
C HIS A 88 -5.29 -6.85 -14.43
N HIS A 89 -4.12 -6.63 -13.84
CA HIS A 89 -3.98 -6.70 -12.39
C HIS A 89 -3.74 -5.32 -11.80
N THR A 90 -3.97 -5.18 -10.50
CA THR A 90 -3.79 -3.89 -9.84
C THR A 90 -3.57 -4.05 -8.33
N LEU A 91 -2.80 -3.14 -7.74
CA LEU A 91 -2.51 -3.17 -6.32
C LEU A 91 -3.10 -1.94 -5.64
N GLU A 92 -4.33 -2.07 -5.17
CA GLU A 92 -5.01 -0.98 -4.49
C GLU A 92 -4.50 -0.77 -3.07
N LEU A 93 -3.54 0.13 -2.91
CA LEU A 93 -3.02 0.44 -1.59
C LEU A 93 -3.61 1.74 -1.09
N VAL A 94 -4.22 1.70 0.09
CA VAL A 94 -4.85 2.86 0.67
C VAL A 94 -4.42 3.09 2.13
N TYR A 95 -4.57 4.33 2.59
CA TYR A 95 -4.25 4.69 3.96
C TYR A 95 -5.53 4.67 4.79
N THR A 96 -5.87 3.50 5.31
CA THR A 96 -7.11 3.33 6.07
C THR A 96 -6.86 3.07 7.55
N ARG A 97 -7.92 3.18 8.35
CA ARG A 97 -7.83 2.93 9.78
C ARG A 97 -8.39 1.55 10.13
N PRO A 98 -7.51 0.54 10.27
CA PRO A 98 -7.94 -0.82 10.62
C PRO A 98 -8.85 -0.86 11.84
N PHE A 99 -8.64 0.06 12.76
CA PHE A 99 -9.43 0.14 13.98
C PHE A 99 -10.72 0.92 13.75
N GLU A 100 -11.02 1.20 12.50
CA GLU A 100 -12.24 1.94 12.14
C GLU A 100 -12.77 1.50 10.77
N GLY A 101 -12.14 2.01 9.71
CA GLY A 101 -12.56 1.68 8.36
C GLY A 101 -11.87 2.53 7.33
N ILE A 102 -12.16 2.27 6.07
CA ILE A 102 -11.56 3.01 4.97
C ILE A 102 -12.45 4.15 4.52
N LYS A 103 -11.84 5.17 3.91
CA LYS A 103 -12.57 6.34 3.45
C LYS A 103 -11.98 6.86 2.14
N PRO A 104 -12.75 7.67 1.39
CA PRO A 104 -12.32 8.25 0.13
C PRO A 104 -11.27 9.34 0.32
N GLU A 105 -11.46 10.16 1.34
CA GLU A 105 -10.54 11.25 1.65
C GLU A 105 -9.17 10.70 2.01
N ASN A 106 -9.13 9.47 2.53
CA ASN A 106 -7.88 8.84 2.92
C ASN A 106 -6.91 8.79 1.75
N GLU A 107 -5.61 8.72 2.06
CA GLU A 107 -4.57 8.66 1.04
C GLU A 107 -4.81 7.49 0.10
N ARG A 108 -4.16 7.54 -1.06
CA ARG A 108 -4.30 6.50 -2.06
C ARG A 108 -2.93 6.07 -2.59
N TYR A 109 -2.89 4.92 -3.25
CA TYR A 109 -1.67 4.39 -3.85
C TYR A 109 -2.00 3.09 -4.58
N THR A 110 -2.80 3.22 -5.63
CA THR A 110 -3.21 2.07 -6.43
C THR A 110 -2.21 1.77 -7.53
N LEU A 111 -1.28 0.86 -7.25
CA LEU A 111 -0.26 0.48 -8.21
C LEU A 111 -0.83 -0.41 -9.31
N HIS A 112 -1.24 0.20 -10.41
CA HIS A 112 -1.80 -0.54 -11.53
C HIS A 112 -0.71 -1.23 -12.33
N LEU A 113 -0.98 -2.46 -12.72
CA LEU A 113 -0.02 -3.26 -13.48
C LEU A 113 -0.71 -4.10 -14.54
N ASN A 114 -0.70 -3.62 -15.78
CA ASN A 114 -1.31 -4.35 -16.88
C ASN A 114 -0.40 -5.49 -17.28
N VAL A 115 -0.44 -6.57 -16.50
CA VAL A 115 0.39 -7.73 -16.74
C VAL A 115 0.26 -8.23 -18.17
N LYS A 116 1.39 -8.32 -18.88
CA LYS A 116 1.39 -8.79 -20.25
C LYS A 116 1.05 -10.27 -20.34
N GLY A 1 -16.58 23.01 -14.32
CA GLY A 1 -15.37 23.08 -15.18
C GLY A 1 -14.88 21.71 -15.60
N SER A 2 -13.57 21.50 -15.52
CA SER A 2 -12.97 20.21 -15.90
C SER A 2 -11.73 19.93 -15.07
N HIS A 3 -10.89 20.95 -14.90
CA HIS A 3 -9.66 20.80 -14.12
C HIS A 3 -9.92 21.05 -12.63
N MET A 4 -9.67 20.03 -11.82
CA MET A 4 -9.88 20.14 -10.38
C MET A 4 -8.55 20.12 -9.64
N ILE A 5 -8.62 20.32 -8.32
CA ILE A 5 -7.41 20.33 -7.49
C ILE A 5 -7.40 19.15 -6.53
N ALA A 6 -8.39 18.27 -6.66
CA ALA A 6 -8.50 17.10 -5.79
C ALA A 6 -7.23 16.25 -5.88
N PRO A 7 -6.49 16.10 -4.77
CA PRO A 7 -5.26 15.31 -4.72
C PRO A 7 -5.48 13.89 -5.25
N LEU A 8 -4.90 13.59 -6.41
CA LEU A 8 -5.02 12.28 -7.02
C LEU A 8 -3.81 11.96 -7.88
N SER A 9 -2.91 12.93 -8.00
CA SER A 9 -1.70 12.75 -8.79
C SER A 9 -0.53 13.53 -8.19
N VAL A 10 -0.85 14.45 -7.28
CA VAL A 10 0.17 15.27 -6.64
C VAL A 10 0.85 14.50 -5.51
N LYS A 11 0.27 13.35 -5.17
CA LYS A 11 0.81 12.52 -4.11
C LYS A 11 1.36 11.22 -4.68
N ASP A 12 1.26 11.12 -6.00
CA ASP A 12 1.72 9.94 -6.72
C ASP A 12 1.14 8.66 -6.13
N ASN A 13 0.04 8.21 -6.71
CA ASN A 13 -0.63 7.01 -6.26
C ASN A 13 -0.94 6.05 -7.40
N ASP A 14 -2.13 6.19 -7.95
CA ASP A 14 -2.58 5.34 -9.04
C ASP A 14 -1.60 5.37 -10.21
N LYS A 15 -0.75 4.37 -10.26
CA LYS A 15 0.23 4.25 -11.33
C LYS A 15 -0.26 3.25 -12.37
N TRP A 16 -0.90 3.77 -13.42
CA TRP A 16 -1.45 2.95 -14.48
C TRP A 16 -0.39 2.59 -15.52
N VAL A 17 0.13 1.36 -15.44
CA VAL A 17 1.16 0.91 -16.37
C VAL A 17 1.04 -0.57 -16.68
N ASP A 18 2.07 -1.09 -17.35
CA ASP A 18 2.12 -2.50 -17.73
C ASP A 18 3.08 -3.25 -16.81
N THR A 19 3.29 -4.54 -17.09
CA THR A 19 4.20 -5.35 -16.27
C THR A 19 4.42 -6.74 -16.84
N HIS A 20 5.15 -7.56 -16.08
CA HIS A 20 5.45 -8.93 -16.46
C HIS A 20 4.84 -9.90 -15.46
N VAL A 21 5.30 -11.15 -15.47
CA VAL A 21 4.77 -12.15 -14.55
C VAL A 21 5.66 -12.33 -13.33
N GLY A 22 5.05 -12.26 -12.15
CA GLY A 22 5.78 -12.42 -10.90
C GLY A 22 6.87 -11.38 -10.71
N LYS A 23 6.84 -10.32 -11.50
CA LYS A 23 7.83 -9.26 -11.38
C LYS A 23 7.69 -8.60 -10.01
N THR A 24 8.31 -9.21 -9.01
CA THR A 24 8.26 -8.71 -7.65
C THR A 24 8.53 -7.22 -7.57
N THR A 25 7.45 -6.44 -7.42
CA THR A 25 7.57 -4.99 -7.32
C THR A 25 7.59 -4.57 -5.86
N GLU A 26 8.78 -4.29 -5.36
CA GLU A 26 8.98 -3.87 -3.99
C GLU A 26 8.70 -2.38 -3.84
N ILE A 27 7.90 -2.05 -2.83
CA ILE A 27 7.57 -0.66 -2.57
C ILE A 27 7.64 -0.33 -1.09
N HIS A 28 8.69 0.38 -0.71
CA HIS A 28 8.88 0.80 0.65
C HIS A 28 8.16 2.13 0.88
N LEU A 29 6.98 2.06 1.48
CA LEU A 29 6.19 3.26 1.72
C LEU A 29 6.44 3.79 3.13
N LYS A 30 6.38 5.09 3.28
CA LYS A 30 6.60 5.70 4.59
C LYS A 30 5.27 6.08 5.23
N GLY A 31 5.30 6.29 6.54
CA GLY A 31 4.09 6.65 7.25
C GLY A 31 4.30 6.72 8.75
N ASN A 32 3.27 6.38 9.51
CA ASN A 32 3.34 6.40 10.96
C ASN A 32 2.07 5.84 11.59
N PRO A 33 2.10 4.57 12.06
CA PRO A 33 0.93 3.93 12.67
C PRO A 33 0.41 4.72 13.87
N THR A 34 1.27 5.54 14.45
CA THR A 34 0.90 6.35 15.60
C THR A 34 -0.22 7.33 15.24
N THR A 35 -0.24 7.77 13.98
CA THR A 35 -1.24 8.71 13.52
C THR A 35 -2.63 8.10 13.62
N GLY A 36 -2.82 6.93 13.04
CA GLY A 36 -4.11 6.27 13.08
C GLY A 36 -4.38 5.42 11.84
N TYR A 37 -3.98 5.93 10.67
CA TYR A 37 -4.20 5.21 9.42
C TYR A 37 -3.13 4.15 9.20
N MET A 38 -3.20 3.48 8.07
CA MET A 38 -2.28 2.43 7.70
C MET A 38 -2.14 2.36 6.19
N TRP A 39 -1.00 1.89 5.73
CA TRP A 39 -0.77 1.75 4.30
C TRP A 39 -0.80 0.27 3.92
N THR A 40 -1.99 -0.23 3.63
CA THR A 40 -2.15 -1.63 3.26
C THR A 40 -3.02 -1.74 2.00
N ARG A 41 -3.49 -2.95 1.67
CA ARG A 41 -4.31 -3.13 0.47
C ARG A 41 -5.80 -2.95 0.79
N VAL A 42 -6.54 -2.45 -0.19
CA VAL A 42 -7.98 -2.20 -0.03
C VAL A 42 -8.75 -3.51 0.10
N GLY A 43 -9.69 -3.54 1.04
CA GLY A 43 -10.49 -4.74 1.25
C GLY A 43 -9.77 -5.78 2.06
N PHE A 44 -8.55 -5.46 2.49
CA PHE A 44 -7.75 -6.37 3.29
C PHE A 44 -7.25 -5.68 4.54
N VAL A 45 -7.60 -4.41 4.67
CA VAL A 45 -7.21 -3.62 5.82
C VAL A 45 -7.65 -4.29 7.12
N GLY A 46 -6.68 -4.84 7.85
CA GLY A 46 -6.98 -5.52 9.10
C GLY A 46 -6.72 -7.00 9.02
N LYS A 47 -6.86 -7.55 7.81
CA LYS A 47 -6.64 -8.97 7.59
C LYS A 47 -5.17 -9.34 7.75
N ASP A 48 -4.86 -10.62 7.66
CA ASP A 48 -3.50 -11.10 7.79
C ASP A 48 -2.76 -11.04 6.46
N VAL A 49 -3.47 -11.38 5.39
CA VAL A 49 -2.90 -11.38 4.06
C VAL A 49 -3.74 -10.56 3.09
N LEU A 50 -3.07 -9.70 2.34
CA LEU A 50 -3.75 -8.85 1.36
C LEU A 50 -3.91 -9.60 0.04
N SER A 51 -2.79 -10.14 -0.43
CA SER A 51 -2.77 -10.91 -1.68
C SER A 51 -3.83 -12.02 -1.69
N ASP A 52 -3.94 -12.72 -2.81
CA ASP A 52 -4.93 -13.80 -2.94
C ASP A 52 -4.52 -14.79 -4.04
N GLU A 53 -4.98 -14.53 -5.26
CA GLU A 53 -4.68 -15.39 -6.39
C GLU A 53 -4.20 -14.59 -7.59
N ILE A 54 -4.72 -13.37 -7.72
CA ILE A 54 -4.35 -12.48 -8.81
C ILE A 54 -2.92 -11.99 -8.66
N LEU A 55 -2.73 -11.03 -7.76
CA LEU A 55 -1.41 -10.47 -7.51
C LEU A 55 -0.83 -10.99 -6.21
N GLU A 56 0.26 -11.76 -6.31
CA GLU A 56 0.93 -12.27 -5.12
C GLU A 56 1.53 -11.12 -4.34
N VAL A 57 0.68 -10.36 -3.68
CA VAL A 57 1.12 -9.20 -2.91
C VAL A 57 1.68 -9.60 -1.55
N VAL A 58 2.95 -9.94 -1.53
CA VAL A 58 3.60 -10.30 -0.29
C VAL A 58 3.98 -9.03 0.45
N CYS A 59 3.03 -8.48 1.17
CA CYS A 59 3.22 -7.25 1.91
C CYS A 59 3.51 -7.52 3.37
N LYS A 60 4.44 -6.76 3.93
CA LYS A 60 4.81 -6.90 5.32
C LYS A 60 4.86 -5.53 5.99
N TYR A 61 3.92 -5.30 6.87
CA TYR A 61 3.85 -4.04 7.60
C TYR A 61 4.90 -4.05 8.70
N THR A 62 6.01 -3.37 8.45
CA THR A 62 7.11 -3.32 9.42
C THR A 62 7.08 -2.05 10.27
N PRO A 63 6.75 -2.19 11.56
CA PRO A 63 6.69 -1.08 12.48
C PRO A 63 7.94 -1.04 13.36
N THR A 64 8.90 -0.21 12.99
CA THR A 64 10.15 -0.09 13.73
C THR A 64 9.96 0.72 15.02
N PRO A 65 10.59 0.29 16.12
CA PRO A 65 10.50 0.98 17.41
C PRO A 65 11.12 2.37 17.37
N SER A 66 11.09 3.06 18.50
CA SER A 66 11.67 4.40 18.60
C SER A 66 13.17 4.33 18.88
N SER A 67 13.79 5.50 19.04
CA SER A 67 15.22 5.56 19.32
C SER A 67 15.51 5.31 20.79
N THR A 68 15.03 6.23 21.65
CA THR A 68 15.23 6.10 23.08
C THR A 68 13.98 5.61 23.81
N PRO A 69 12.80 6.21 23.51
CA PRO A 69 11.53 5.83 24.15
C PRO A 69 11.06 4.45 23.70
N MET A 70 9.76 4.21 23.83
CA MET A 70 9.17 2.94 23.44
C MET A 70 7.69 3.11 23.10
N VAL A 71 7.31 4.35 22.86
CA VAL A 71 5.93 4.68 22.53
C VAL A 71 5.82 5.24 21.11
N GLY A 72 5.08 4.54 20.26
CA GLY A 72 4.91 4.99 18.89
C GLY A 72 5.20 3.89 17.88
N VAL A 73 6.47 3.49 17.81
CA VAL A 73 6.89 2.44 16.90
C VAL A 73 6.45 2.74 15.46
N GLY A 74 7.32 3.43 14.72
CA GLY A 74 7.02 3.77 13.35
C GLY A 74 7.99 3.15 12.36
N GLY A 75 7.46 2.55 11.29
CA GLY A 75 8.30 1.93 10.29
C GLY A 75 7.85 2.25 8.88
N ILE A 76 7.67 1.22 8.06
CA ILE A 76 7.24 1.42 6.69
C ILE A 76 6.29 0.30 6.25
N TYR A 77 6.08 0.21 4.95
CA TYR A 77 5.19 -0.81 4.39
C TYR A 77 5.84 -1.44 3.17
N VAL A 78 6.42 -2.63 3.35
CA VAL A 78 7.09 -3.34 2.26
C VAL A 78 6.10 -4.19 1.48
N VAL A 79 5.73 -3.71 0.29
CA VAL A 79 4.78 -4.42 -0.55
C VAL A 79 5.45 -5.08 -1.75
N LEU A 80 5.32 -6.40 -1.85
CA LEU A 80 5.87 -7.15 -2.97
C LEU A 80 4.75 -7.69 -3.84
N VAL A 81 4.49 -7.00 -4.94
CA VAL A 81 3.42 -7.41 -5.84
C VAL A 81 3.95 -8.29 -6.97
N LYS A 82 3.65 -9.58 -6.89
CA LYS A 82 4.10 -10.54 -7.90
C LYS A 82 2.93 -11.04 -8.74
N PRO A 83 2.81 -10.54 -9.99
CA PRO A 83 1.73 -10.95 -10.90
C PRO A 83 1.62 -12.47 -11.04
N ARG A 84 0.65 -13.05 -10.34
CA ARG A 84 0.44 -14.50 -10.40
C ARG A 84 -0.14 -14.91 -11.75
N LYS A 85 -1.03 -14.07 -12.28
CA LYS A 85 -1.67 -14.34 -13.55
C LYS A 85 -1.37 -13.23 -14.56
N ARG A 86 -1.79 -13.44 -15.80
CA ARG A 86 -1.58 -12.46 -16.86
C ARG A 86 -2.89 -11.80 -17.26
N GLY A 87 -2.86 -10.48 -17.44
CA GLY A 87 -4.06 -9.77 -17.84
C GLY A 87 -4.19 -8.41 -17.16
N HIS A 88 -5.25 -8.23 -16.38
CA HIS A 88 -5.48 -6.97 -15.68
C HIS A 88 -5.28 -7.13 -14.18
N HIS A 89 -4.13 -6.70 -13.69
CA HIS A 89 -3.81 -6.79 -12.28
C HIS A 89 -3.54 -5.39 -11.71
N THR A 90 -3.72 -5.24 -10.40
CA THR A 90 -3.50 -3.94 -9.76
C THR A 90 -3.26 -4.09 -8.26
N LEU A 91 -2.44 -3.19 -7.71
CA LEU A 91 -2.14 -3.20 -6.29
C LEU A 91 -2.88 -2.08 -5.58
N GLU A 92 -4.08 -2.39 -5.11
CA GLU A 92 -4.90 -1.41 -4.42
C GLU A 92 -4.36 -1.10 -3.03
N LEU A 93 -3.57 -0.05 -2.92
CA LEU A 93 -3.03 0.37 -1.63
C LEU A 93 -3.69 1.66 -1.18
N VAL A 94 -4.10 1.72 0.07
CA VAL A 94 -4.77 2.89 0.60
C VAL A 94 -4.32 3.20 2.03
N TYR A 95 -4.43 4.48 2.39
CA TYR A 95 -4.07 4.95 3.73
C TYR A 95 -5.35 5.05 4.57
N THR A 96 -5.75 3.92 5.15
CA THR A 96 -6.98 3.86 5.93
C THR A 96 -6.75 3.53 7.40
N ARG A 97 -7.79 3.69 8.22
CA ARG A 97 -7.71 3.40 9.65
C ARG A 97 -8.36 2.04 9.94
N PRO A 98 -7.54 0.96 9.98
CA PRO A 98 -8.04 -0.39 10.25
C PRO A 98 -9.06 -0.45 11.38
N PHE A 99 -9.00 0.53 12.27
CA PHE A 99 -9.91 0.59 13.41
C PHE A 99 -11.29 1.14 13.03
N GLU A 100 -11.32 2.39 12.56
CA GLU A 100 -12.58 3.04 12.18
C GLU A 100 -13.14 2.47 10.88
N GLY A 101 -12.25 2.19 9.94
CA GLY A 101 -12.66 1.67 8.66
C GLY A 101 -11.93 2.37 7.53
N ILE A 102 -12.44 2.21 6.32
CA ILE A 102 -11.81 2.83 5.16
C ILE A 102 -12.71 3.91 4.56
N LYS A 103 -12.11 5.05 4.28
CA LYS A 103 -12.84 6.18 3.70
C LYS A 103 -12.24 6.59 2.36
N PRO A 104 -13.03 7.24 1.49
CA PRO A 104 -12.57 7.68 0.17
C PRO A 104 -11.54 8.80 0.24
N GLU A 105 -11.85 9.81 1.05
CA GLU A 105 -10.97 10.98 1.21
C GLU A 105 -9.55 10.55 1.59
N ASN A 106 -9.40 9.33 2.07
CA ASN A 106 -8.09 8.81 2.47
C ASN A 106 -7.14 8.73 1.28
N GLU A 107 -5.84 8.75 1.57
CA GLU A 107 -4.82 8.68 0.54
C GLU A 107 -4.98 7.42 -0.31
N ARG A 108 -4.41 7.47 -1.51
CA ARG A 108 -4.50 6.35 -2.44
C ARG A 108 -3.13 5.96 -2.98
N TYR A 109 -3.06 4.77 -3.57
CA TYR A 109 -1.83 4.27 -4.18
C TYR A 109 -2.12 2.95 -4.87
N THR A 110 -2.83 3.03 -5.99
CA THR A 110 -3.21 1.85 -6.75
C THR A 110 -2.25 1.61 -7.91
N LEU A 111 -1.27 0.74 -7.69
CA LEU A 111 -0.29 0.42 -8.72
C LEU A 111 -0.89 -0.51 -9.77
N HIS A 112 -1.42 0.07 -10.83
CA HIS A 112 -2.04 -0.71 -11.90
C HIS A 112 -0.96 -1.33 -12.80
N LEU A 113 -1.25 -2.52 -13.29
CA LEU A 113 -0.32 -3.26 -14.13
C LEU A 113 -1.07 -4.08 -15.18
N ASN A 114 -0.91 -3.72 -16.45
CA ASN A 114 -1.54 -4.45 -17.53
C ASN A 114 -0.68 -5.65 -17.90
N VAL A 115 -0.57 -6.57 -16.95
CA VAL A 115 0.23 -7.77 -17.12
C VAL A 115 -0.01 -8.43 -18.48
N LYS A 116 1.07 -8.70 -19.20
CA LYS A 116 0.98 -9.32 -20.51
C LYS A 116 0.48 -10.76 -20.41
N GLY A 1 -14.43 21.01 -8.21
CA GLY A 1 -13.00 20.98 -7.77
C GLY A 1 -12.18 22.07 -8.42
N SER A 2 -11.91 23.14 -7.67
CA SER A 2 -11.12 24.25 -8.18
C SER A 2 -10.29 24.88 -7.08
N HIS A 3 -10.54 24.46 -5.84
CA HIS A 3 -9.80 24.98 -4.70
C HIS A 3 -9.65 23.90 -3.63
N MET A 4 -8.40 23.61 -3.26
CA MET A 4 -8.12 22.60 -2.24
C MET A 4 -8.57 23.07 -0.87
N ILE A 5 -9.20 22.17 -0.12
CA ILE A 5 -9.68 22.50 1.21
C ILE A 5 -8.55 22.39 2.24
N ALA A 6 -7.48 21.71 1.86
CA ALA A 6 -6.33 21.53 2.76
C ALA A 6 -5.11 21.01 2.01
N PRO A 7 -5.25 19.93 1.20
CA PRO A 7 -4.13 19.37 0.44
C PRO A 7 -3.36 20.42 -0.34
N LEU A 8 -2.07 20.55 -0.05
CA LEU A 8 -1.21 21.51 -0.72
C LEU A 8 -0.65 20.95 -2.02
N SER A 9 0.22 19.94 -1.88
CA SER A 9 0.83 19.32 -3.04
C SER A 9 -0.05 18.18 -3.57
N VAL A 10 0.36 17.60 -4.69
CA VAL A 10 -0.39 16.50 -5.29
C VAL A 10 -0.02 15.17 -4.66
N LYS A 11 -1.03 14.33 -4.43
CA LYS A 11 -0.81 13.02 -3.81
C LYS A 11 -0.94 11.91 -4.85
N ASP A 12 -0.65 12.25 -6.10
CA ASP A 12 -0.73 11.31 -7.21
C ASP A 12 -0.32 9.90 -6.76
N ASN A 13 -1.22 8.95 -6.93
CA ASN A 13 -0.97 7.58 -6.52
C ASN A 13 -1.01 6.60 -7.68
N ASP A 14 -2.21 6.09 -7.95
CA ASP A 14 -2.44 5.13 -9.01
C ASP A 14 -1.51 5.35 -10.19
N LYS A 15 -0.45 4.56 -10.25
CA LYS A 15 0.53 4.64 -11.33
C LYS A 15 0.18 3.64 -12.44
N TRP A 16 -0.86 3.96 -13.19
CA TRP A 16 -1.34 3.14 -14.29
C TRP A 16 -0.19 2.75 -15.21
N VAL A 17 0.26 1.48 -15.11
CA VAL A 17 1.38 1.02 -15.94
C VAL A 17 1.25 -0.44 -16.31
N ASP A 18 2.29 -0.94 -16.98
CA ASP A 18 2.35 -2.32 -17.43
C ASP A 18 3.40 -3.10 -16.65
N THR A 19 3.56 -4.39 -16.96
CA THR A 19 4.54 -5.23 -16.27
C THR A 19 4.59 -6.64 -16.83
N HIS A 20 5.35 -7.51 -16.16
CA HIS A 20 5.49 -8.91 -16.57
C HIS A 20 5.00 -9.81 -15.45
N VAL A 21 5.29 -11.12 -15.57
CA VAL A 21 4.85 -12.08 -14.57
C VAL A 21 5.81 -12.15 -13.38
N GLY A 22 5.23 -12.27 -12.18
CA GLY A 22 6.02 -12.36 -10.96
C GLY A 22 6.95 -11.19 -10.75
N LYS A 23 6.78 -10.12 -11.51
CA LYS A 23 7.61 -8.94 -11.37
C LYS A 23 7.47 -8.38 -9.96
N THR A 24 8.22 -8.96 -9.02
CA THR A 24 8.17 -8.55 -7.63
C THR A 24 8.42 -7.06 -7.48
N THR A 25 7.34 -6.30 -7.34
CA THR A 25 7.44 -4.86 -7.19
C THR A 25 7.42 -4.47 -5.72
N GLU A 26 8.61 -4.19 -5.19
CA GLU A 26 8.77 -3.79 -3.81
C GLU A 26 8.53 -2.30 -3.65
N ILE A 27 7.69 -1.95 -2.69
CA ILE A 27 7.36 -0.56 -2.45
C ILE A 27 7.36 -0.21 -0.97
N HIS A 28 8.44 0.40 -0.52
CA HIS A 28 8.55 0.82 0.87
C HIS A 28 7.82 2.15 1.04
N LEU A 29 6.70 2.10 1.74
CA LEU A 29 5.88 3.30 1.96
C LEU A 29 6.07 3.81 3.37
N LYS A 30 5.88 5.10 3.56
CA LYS A 30 6.02 5.69 4.87
C LYS A 30 4.66 6.10 5.41
N GLY A 31 4.58 6.25 6.73
CA GLY A 31 3.33 6.62 7.36
C GLY A 31 3.46 6.72 8.87
N ASN A 32 4.23 5.79 9.45
CA ASN A 32 4.46 5.76 10.89
C ASN A 32 3.16 5.46 11.64
N PRO A 33 3.03 4.25 12.22
CA PRO A 33 1.84 3.86 12.98
C PRO A 33 1.49 4.83 14.09
N THR A 34 0.39 4.54 14.78
CA THR A 34 -0.07 5.38 15.88
C THR A 34 -0.08 6.86 15.50
N THR A 35 -0.19 7.14 14.20
CA THR A 35 -0.21 8.52 13.72
C THR A 35 -1.53 8.83 13.02
N GLY A 36 -1.83 8.08 11.96
CA GLY A 36 -3.06 8.30 11.22
C GLY A 36 -3.72 7.00 10.79
N TYR A 37 -3.59 6.68 9.51
CA TYR A 37 -4.18 5.46 8.96
C TYR A 37 -3.11 4.40 8.70
N MET A 38 -3.49 3.37 7.95
CA MET A 38 -2.61 2.28 7.61
C MET A 38 -2.45 2.21 6.09
N TRP A 39 -1.31 1.72 5.66
CA TRP A 39 -1.04 1.58 4.24
C TRP A 39 -1.06 0.11 3.86
N THR A 40 -2.24 -0.38 3.48
CA THR A 40 -2.39 -1.78 3.10
C THR A 40 -3.24 -1.89 1.84
N ARG A 41 -3.69 -3.10 1.52
CA ARG A 41 -4.51 -3.31 0.33
C ARG A 41 -6.00 -3.14 0.66
N VAL A 42 -6.77 -2.64 -0.30
CA VAL A 42 -8.20 -2.42 -0.11
C VAL A 42 -8.94 -3.74 0.12
N GLY A 43 -9.80 -3.75 1.13
CA GLY A 43 -10.57 -4.95 1.44
C GLY A 43 -9.78 -5.96 2.24
N PHE A 44 -8.65 -5.54 2.79
CA PHE A 44 -7.80 -6.42 3.58
C PHE A 44 -7.32 -5.72 4.84
N VAL A 45 -7.73 -4.48 5.00
CA VAL A 45 -7.37 -3.68 6.15
C VAL A 45 -7.51 -4.48 7.45
N GLY A 46 -6.42 -4.59 8.20
CA GLY A 46 -6.44 -5.32 9.45
C GLY A 46 -6.00 -6.76 9.28
N LYS A 47 -6.39 -7.38 8.18
CA LYS A 47 -6.03 -8.77 7.89
C LYS A 47 -4.52 -8.93 7.80
N ASP A 48 -4.05 -10.18 7.84
CA ASP A 48 -2.64 -10.47 7.76
C ASP A 48 -2.18 -10.53 6.31
N VAL A 49 -2.96 -11.22 5.48
CA VAL A 49 -2.64 -11.36 4.07
C VAL A 49 -3.59 -10.54 3.21
N LEU A 50 -3.02 -9.84 2.23
CA LEU A 50 -3.79 -9.02 1.32
C LEU A 50 -4.01 -9.76 0.00
N SER A 51 -2.91 -10.26 -0.56
CA SER A 51 -2.94 -11.00 -1.81
C SER A 51 -3.96 -12.14 -1.76
N ASP A 52 -4.14 -12.80 -2.90
CA ASP A 52 -5.10 -13.90 -3.00
C ASP A 52 -4.72 -14.86 -4.12
N GLU A 53 -5.17 -14.55 -5.32
CA GLU A 53 -4.90 -15.38 -6.48
C GLU A 53 -4.42 -14.54 -7.66
N ILE A 54 -4.94 -13.33 -7.77
CA ILE A 54 -4.58 -12.41 -8.85
C ILE A 54 -3.09 -12.07 -8.81
N LEU A 55 -2.66 -11.43 -7.73
CA LEU A 55 -1.26 -11.05 -7.58
C LEU A 55 -0.70 -11.56 -6.26
N GLU A 56 0.50 -12.14 -6.31
CA GLU A 56 1.16 -12.61 -5.11
C GLU A 56 1.68 -11.42 -4.33
N VAL A 57 0.76 -10.63 -3.81
CA VAL A 57 1.12 -9.43 -3.06
C VAL A 57 1.65 -9.76 -1.68
N VAL A 58 2.94 -10.08 -1.61
CA VAL A 58 3.57 -10.38 -0.35
C VAL A 58 3.92 -9.08 0.35
N CYS A 59 2.92 -8.51 1.00
CA CYS A 59 3.08 -7.25 1.71
C CYS A 59 3.46 -7.50 3.16
N LYS A 60 4.43 -6.74 3.63
CA LYS A 60 4.89 -6.87 5.01
C LYS A 60 4.88 -5.52 5.70
N TYR A 61 3.90 -5.33 6.57
CA TYR A 61 3.78 -4.10 7.32
C TYR A 61 4.71 -4.17 8.53
N THR A 62 5.74 -3.34 8.50
CA THR A 62 6.73 -3.31 9.58
C THR A 62 6.49 -2.10 10.48
N PRO A 63 5.85 -2.31 11.64
CA PRO A 63 5.53 -1.26 12.60
C PRO A 63 6.46 -1.23 13.80
N THR A 64 7.53 -2.00 13.73
CA THR A 64 8.48 -2.07 14.82
C THR A 64 9.52 -0.96 14.74
N PRO A 65 9.85 -0.32 15.88
CA PRO A 65 10.84 0.76 15.93
C PRO A 65 12.26 0.23 16.09
N SER A 66 13.21 1.15 16.17
CA SER A 66 14.62 0.78 16.32
C SER A 66 15.44 1.98 16.78
N SER A 67 16.77 1.81 16.82
CA SER A 67 17.67 2.87 17.25
C SER A 67 18.37 3.52 16.05
N THR A 68 19.08 2.71 15.28
CA THR A 68 19.80 3.21 14.12
C THR A 68 19.13 2.80 12.81
N PRO A 69 18.80 1.50 12.64
CA PRO A 69 18.15 0.99 11.42
C PRO A 69 16.73 1.49 11.28
N MET A 70 16.45 2.17 10.17
CA MET A 70 15.11 2.70 9.90
C MET A 70 14.81 2.63 8.41
N VAL A 71 15.55 1.78 7.72
CA VAL A 71 15.38 1.60 6.28
C VAL A 71 14.73 0.26 5.96
N GLY A 72 13.93 -0.23 6.90
CA GLY A 72 13.24 -1.50 6.70
C GLY A 72 12.29 -1.83 7.83
N VAL A 73 12.61 -1.34 9.03
CA VAL A 73 11.78 -1.59 10.20
C VAL A 73 11.63 -0.32 11.04
N GLY A 74 10.69 0.53 10.63
CA GLY A 74 10.45 1.76 11.36
C GLY A 74 9.03 2.26 11.22
N GLY A 75 8.13 1.39 10.79
CA GLY A 75 6.74 1.80 10.63
C GLY A 75 6.37 2.01 9.18
N ILE A 76 7.02 1.30 8.28
CA ILE A 76 6.74 1.43 6.87
C ILE A 76 5.86 0.29 6.36
N TYR A 77 5.74 0.21 5.05
CA TYR A 77 4.92 -0.82 4.42
C TYR A 77 5.59 -1.32 3.14
N VAL A 78 6.31 -2.43 3.22
CA VAL A 78 6.99 -2.99 2.06
C VAL A 78 6.11 -4.00 1.35
N VAL A 79 5.56 -3.58 0.21
CA VAL A 79 4.66 -4.43 -0.57
C VAL A 79 5.37 -5.09 -1.76
N LEU A 80 5.24 -6.41 -1.84
CA LEU A 80 5.83 -7.18 -2.95
C LEU A 80 4.73 -7.74 -3.83
N VAL A 81 4.45 -7.06 -4.93
CA VAL A 81 3.40 -7.51 -5.82
C VAL A 81 3.97 -8.36 -6.95
N LYS A 82 3.75 -9.67 -6.86
CA LYS A 82 4.23 -10.60 -7.87
C LYS A 82 3.09 -11.08 -8.76
N PRO A 83 2.94 -10.48 -9.96
CA PRO A 83 1.89 -10.82 -10.90
C PRO A 83 1.68 -12.33 -11.04
N ARG A 84 0.64 -12.84 -10.38
CA ARG A 84 0.33 -14.26 -10.44
C ARG A 84 -0.35 -14.62 -11.75
N LYS A 85 -1.07 -13.67 -12.32
CA LYS A 85 -1.77 -13.89 -13.58
C LYS A 85 -1.32 -12.88 -14.65
N ARG A 86 -1.46 -13.27 -15.91
CA ARG A 86 -1.08 -12.40 -17.02
C ARG A 86 -2.28 -11.64 -17.57
N GLY A 87 -2.18 -10.31 -17.61
CA GLY A 87 -3.26 -9.50 -18.12
C GLY A 87 -3.51 -8.26 -17.27
N HIS A 88 -4.71 -7.70 -17.39
CA HIS A 88 -5.07 -6.51 -16.63
C HIS A 88 -5.15 -6.83 -15.14
N HIS A 89 -4.30 -6.18 -14.36
CA HIS A 89 -4.26 -6.39 -12.93
C HIS A 89 -3.91 -5.09 -12.21
N THR A 90 -4.04 -5.09 -10.88
CA THR A 90 -3.75 -3.89 -10.10
C THR A 90 -3.51 -4.20 -8.63
N LEU A 91 -2.84 -3.28 -7.94
CA LEU A 91 -2.56 -3.42 -6.51
C LEU A 91 -3.22 -2.26 -5.77
N GLU A 92 -4.42 -2.49 -5.28
CA GLU A 92 -5.16 -1.47 -4.56
C GLU A 92 -4.60 -1.22 -3.17
N LEU A 93 -3.75 -0.21 -3.04
CA LEU A 93 -3.19 0.15 -1.76
C LEU A 93 -3.80 1.46 -1.28
N VAL A 94 -4.53 1.39 -0.18
CA VAL A 94 -5.21 2.55 0.36
C VAL A 94 -4.74 2.89 1.77
N TYR A 95 -4.92 4.15 2.16
CA TYR A 95 -4.55 4.63 3.48
C TYR A 95 -5.78 4.60 4.39
N THR A 96 -6.09 3.40 4.90
CA THR A 96 -7.27 3.21 5.74
C THR A 96 -6.92 2.97 7.20
N ARG A 97 -7.81 3.38 8.10
CA ARG A 97 -7.62 3.19 9.53
C ARG A 97 -8.25 1.87 10.00
N PRO A 98 -7.42 0.83 10.23
CA PRO A 98 -7.89 -0.47 10.68
C PRO A 98 -8.71 -0.38 11.96
N PHE A 99 -8.39 0.60 12.79
CA PHE A 99 -9.07 0.82 14.05
C PHE A 99 -10.53 1.21 13.82
N GLU A 100 -10.81 1.79 12.66
CA GLU A 100 -12.17 2.22 12.34
C GLU A 100 -12.66 1.56 11.05
N GLY A 101 -12.17 2.05 9.92
CA GLY A 101 -12.57 1.51 8.63
C GLY A 101 -11.98 2.29 7.47
N ILE A 102 -12.41 1.94 6.28
CA ILE A 102 -11.92 2.59 5.07
C ILE A 102 -12.90 3.67 4.61
N LYS A 103 -12.34 4.80 4.16
CA LYS A 103 -13.15 5.92 3.70
C LYS A 103 -12.64 6.45 2.36
N PRO A 104 -13.43 7.30 1.68
CA PRO A 104 -13.05 7.86 0.38
C PRO A 104 -11.96 8.93 0.51
N GLU A 105 -12.11 9.78 1.53
CA GLU A 105 -11.14 10.85 1.77
C GLU A 105 -9.74 10.28 2.01
N ASN A 106 -9.68 9.00 2.33
CA ASN A 106 -8.41 8.33 2.58
C ASN A 106 -7.51 8.39 1.34
N GLU A 107 -6.20 8.43 1.57
CA GLU A 107 -5.25 8.48 0.48
C GLU A 107 -5.35 7.23 -0.39
N ARG A 108 -4.70 7.26 -1.55
CA ARG A 108 -4.74 6.14 -2.49
C ARG A 108 -3.34 5.77 -2.97
N TYR A 109 -3.23 4.58 -3.54
CA TYR A 109 -1.99 4.08 -4.12
C TYR A 109 -2.28 2.78 -4.87
N THR A 110 -3.03 2.91 -5.95
CA THR A 110 -3.41 1.77 -6.77
C THR A 110 -2.37 1.48 -7.83
N LEU A 111 -1.44 0.59 -7.50
CA LEU A 111 -0.38 0.22 -8.43
C LEU A 111 -0.97 -0.64 -9.57
N HIS A 112 -1.38 0.03 -10.63
CA HIS A 112 -1.97 -0.67 -11.78
C HIS A 112 -0.87 -1.31 -12.62
N LEU A 113 -1.16 -2.51 -13.10
CA LEU A 113 -0.21 -3.29 -13.88
C LEU A 113 -0.89 -4.09 -14.97
N ASN A 114 -0.71 -3.67 -16.22
CA ASN A 114 -1.28 -4.40 -17.34
C ASN A 114 -0.33 -5.53 -17.71
N VAL A 115 -0.15 -6.43 -16.74
CA VAL A 115 0.74 -7.58 -16.88
C VAL A 115 0.65 -8.21 -18.27
N LYS A 116 1.79 -8.61 -18.81
CA LYS A 116 1.84 -9.24 -20.12
C LYS A 116 1.38 -10.69 -20.06
N GLY A 1 9.93 8.52 6.61
CA GLY A 1 10.74 9.70 6.24
C GLY A 1 10.09 11.01 6.63
N SER A 2 9.45 11.67 5.67
CA SER A 2 8.77 12.93 5.93
C SER A 2 7.26 12.74 6.01
N HIS A 3 6.66 12.31 4.90
CA HIS A 3 5.22 12.08 4.83
C HIS A 3 4.45 13.38 5.07
N MET A 4 4.27 13.72 6.35
CA MET A 4 3.54 14.94 6.72
C MET A 4 2.12 14.92 6.17
N ILE A 5 1.42 16.03 6.33
CA ILE A 5 0.05 16.16 5.83
C ILE A 5 -0.05 17.20 4.72
N ALA A 6 0.85 18.18 4.76
CA ALA A 6 0.86 19.23 3.75
C ALA A 6 1.08 18.66 2.36
N PRO A 7 0.53 19.33 1.32
CA PRO A 7 0.66 18.88 -0.07
C PRO A 7 2.11 18.95 -0.58
N LEU A 8 3.01 19.41 0.28
CA LEU A 8 4.42 19.53 -0.07
C LEU A 8 4.97 18.18 -0.54
N SER A 9 4.44 17.10 0.03
CA SER A 9 4.89 15.77 -0.33
C SER A 9 4.08 15.22 -1.50
N VAL A 10 4.74 14.47 -2.38
CA VAL A 10 4.09 13.89 -3.55
C VAL A 10 2.96 12.95 -3.14
N LYS A 11 1.81 13.07 -3.80
CA LYS A 11 0.66 12.24 -3.51
C LYS A 11 0.44 11.22 -4.61
N ASP A 12 1.25 11.32 -5.65
CA ASP A 12 1.17 10.41 -6.79
C ASP A 12 0.82 9.00 -6.32
N ASN A 13 -0.29 8.48 -6.82
CA ASN A 13 -0.75 7.16 -6.42
C ASN A 13 -0.98 6.24 -7.61
N ASP A 14 -2.23 6.21 -8.06
CA ASP A 14 -2.67 5.37 -9.17
C ASP A 14 -1.62 5.29 -10.28
N LYS A 15 -0.86 4.21 -10.26
CA LYS A 15 0.17 3.98 -11.27
C LYS A 15 -0.34 3.02 -12.34
N TRP A 16 -0.99 3.58 -13.36
CA TRP A 16 -1.53 2.79 -14.45
C TRP A 16 -0.44 2.38 -15.43
N VAL A 17 0.06 1.15 -15.28
CA VAL A 17 1.14 0.66 -16.15
C VAL A 17 1.02 -0.83 -16.41
N ASP A 18 2.05 -1.38 -17.06
CA ASP A 18 2.09 -2.81 -17.38
C ASP A 18 3.21 -3.50 -16.61
N THR A 19 3.37 -4.81 -16.84
CA THR A 19 4.41 -5.57 -16.15
C THR A 19 4.50 -7.01 -16.66
N HIS A 20 5.34 -7.81 -16.00
CA HIS A 20 5.52 -9.21 -16.37
C HIS A 20 5.04 -10.12 -15.23
N VAL A 21 5.26 -11.41 -15.36
CA VAL A 21 4.84 -12.36 -14.34
C VAL A 21 5.78 -12.38 -13.14
N GLY A 22 5.19 -12.39 -11.95
CA GLY A 22 5.96 -12.41 -10.72
C GLY A 22 6.87 -11.22 -10.54
N LYS A 23 6.68 -10.18 -11.34
CA LYS A 23 7.51 -8.99 -11.24
C LYS A 23 7.39 -8.40 -9.83
N THR A 24 8.20 -8.93 -8.92
CA THR A 24 8.18 -8.49 -7.54
C THR A 24 8.43 -6.99 -7.41
N THR A 25 7.35 -6.24 -7.23
CA THR A 25 7.44 -4.80 -7.10
C THR A 25 7.44 -4.40 -5.64
N GLU A 26 8.63 -4.05 -5.14
CA GLU A 26 8.79 -3.64 -3.75
C GLU A 26 8.28 -2.23 -3.54
N ILE A 27 7.26 -2.11 -2.71
CA ILE A 27 6.68 -0.81 -2.41
C ILE A 27 6.90 -0.43 -0.96
N HIS A 28 7.90 0.41 -0.73
CA HIS A 28 8.20 0.89 0.61
C HIS A 28 7.64 2.29 0.79
N LEU A 29 6.53 2.40 1.52
CA LEU A 29 5.88 3.67 1.73
C LEU A 29 6.32 4.31 3.05
N LYS A 30 6.08 5.60 3.20
CA LYS A 30 6.43 6.30 4.42
C LYS A 30 5.20 6.51 5.29
N GLY A 31 5.41 6.83 6.56
CA GLY A 31 4.30 7.04 7.46
C GLY A 31 4.60 6.52 8.87
N ASN A 32 3.56 6.02 9.53
CA ASN A 32 3.71 5.49 10.89
C ASN A 32 2.42 4.83 11.37
N PRO A 33 2.53 3.71 12.11
CA PRO A 33 1.37 3.00 12.64
C PRO A 33 0.83 3.62 13.93
N THR A 34 1.52 4.65 14.41
CA THR A 34 1.13 5.34 15.64
C THR A 34 0.04 6.36 15.38
N THR A 35 0.16 7.10 14.29
CA THR A 35 -0.83 8.13 13.95
C THR A 35 -2.24 7.54 13.90
N GLY A 36 -2.37 6.36 13.29
CA GLY A 36 -3.67 5.73 13.19
C GLY A 36 -3.88 4.97 11.90
N TYR A 37 -3.87 5.70 10.79
CA TYR A 37 -4.07 5.09 9.47
C TYR A 37 -2.99 4.05 9.16
N MET A 38 -3.16 3.38 8.03
CA MET A 38 -2.25 2.36 7.58
C MET A 38 -2.17 2.38 6.06
N TRP A 39 -1.06 1.91 5.52
CA TRP A 39 -0.88 1.84 4.09
C TRP A 39 -0.87 0.39 3.64
N THR A 40 -2.05 -0.13 3.29
CA THR A 40 -2.16 -1.52 2.86
C THR A 40 -3.02 -1.65 1.60
N ARG A 41 -3.48 -2.86 1.30
CA ARG A 41 -4.30 -3.09 0.11
C ARG A 41 -5.76 -2.75 0.40
N VAL A 42 -6.49 -2.33 -0.63
CA VAL A 42 -7.90 -1.98 -0.48
C VAL A 42 -8.77 -3.22 -0.30
N GLY A 43 -9.61 -3.20 0.72
CA GLY A 43 -10.49 -4.32 0.98
C GLY A 43 -9.80 -5.43 1.74
N PHE A 44 -8.62 -5.13 2.28
CA PHE A 44 -7.85 -6.12 3.04
C PHE A 44 -7.28 -5.49 4.31
N VAL A 45 -7.66 -4.25 4.53
CA VAL A 45 -7.21 -3.51 5.71
C VAL A 45 -7.42 -4.32 6.98
N GLY A 46 -6.40 -4.36 7.83
CA GLY A 46 -6.49 -5.10 9.08
C GLY A 46 -6.18 -6.57 8.90
N LYS A 47 -6.56 -7.13 7.76
CA LYS A 47 -6.33 -8.54 7.48
C LYS A 47 -4.83 -8.86 7.51
N ASP A 48 -4.52 -10.15 7.59
CA ASP A 48 -3.14 -10.61 7.62
C ASP A 48 -2.57 -10.70 6.21
N VAL A 49 -3.40 -11.16 5.29
CA VAL A 49 -2.99 -11.31 3.89
C VAL A 49 -3.87 -10.47 2.97
N LEU A 50 -3.22 -9.67 2.13
CA LEU A 50 -3.93 -8.83 1.19
C LEU A 50 -4.16 -9.57 -0.12
N SER A 51 -3.07 -10.15 -0.64
CA SER A 51 -3.11 -10.92 -1.87
C SER A 51 -4.16 -12.03 -1.82
N ASP A 52 -4.16 -12.90 -2.84
CA ASP A 52 -5.11 -14.01 -2.90
C ASP A 52 -4.69 -15.03 -3.95
N GLU A 53 -4.96 -14.73 -5.21
CA GLU A 53 -4.63 -15.63 -6.30
C GLU A 53 -4.06 -14.87 -7.49
N ILE A 54 -4.56 -13.65 -7.71
CA ILE A 54 -4.11 -12.82 -8.82
C ILE A 54 -2.69 -12.32 -8.59
N LEU A 55 -2.56 -11.30 -7.76
CA LEU A 55 -1.26 -10.72 -7.45
C LEU A 55 -0.74 -11.20 -6.10
N GLU A 56 0.42 -11.86 -6.11
CA GLU A 56 1.03 -12.32 -4.87
C GLU A 56 1.55 -11.14 -4.08
N VAL A 57 0.63 -10.37 -3.53
CA VAL A 57 0.96 -9.19 -2.75
C VAL A 57 1.53 -9.55 -1.39
N VAL A 58 2.84 -9.80 -1.36
CA VAL A 58 3.50 -10.13 -0.10
C VAL A 58 3.81 -8.84 0.64
N CYS A 59 2.87 -8.46 1.49
CA CYS A 59 3.01 -7.23 2.25
C CYS A 59 3.69 -7.45 3.60
N LYS A 60 4.70 -6.63 3.87
CA LYS A 60 5.42 -6.71 5.11
C LYS A 60 5.41 -5.35 5.80
N TYR A 61 4.31 -5.07 6.47
CA TYR A 61 4.13 -3.82 7.19
C TYR A 61 5.14 -3.73 8.34
N THR A 62 6.00 -2.72 8.29
CA THR A 62 7.01 -2.53 9.32
C THR A 62 6.57 -1.46 10.33
N PRO A 63 6.06 -1.87 11.50
CA PRO A 63 5.58 -0.97 12.53
C PRO A 63 6.54 -0.79 13.70
N THR A 64 7.63 -1.52 13.66
CA THR A 64 8.63 -1.46 14.73
C THR A 64 9.25 -0.07 14.82
N PRO A 65 9.50 0.43 16.04
CA PRO A 65 10.10 1.76 16.24
C PRO A 65 11.47 1.88 15.60
N SER A 66 12.07 3.06 15.71
CA SER A 66 13.40 3.31 15.14
C SER A 66 14.32 3.93 16.17
N SER A 67 15.60 4.02 15.83
CA SER A 67 16.60 4.59 16.73
C SER A 67 16.35 6.09 16.94
N THR A 68 15.96 6.77 15.87
CA THR A 68 15.70 8.21 15.93
C THR A 68 14.75 8.66 14.82
N PRO A 69 15.04 8.30 13.56
CA PRO A 69 14.21 8.67 12.41
C PRO A 69 12.90 7.89 12.37
N MET A 70 12.30 7.81 11.18
CA MET A 70 11.06 7.08 11.00
C MET A 70 11.06 6.35 9.66
N VAL A 71 12.26 6.15 9.13
CA VAL A 71 12.42 5.47 7.85
C VAL A 71 13.11 4.13 8.03
N GLY A 72 12.78 3.17 7.16
CA GLY A 72 13.38 1.86 7.24
C GLY A 72 12.63 0.93 8.17
N VAL A 73 12.25 1.43 9.34
CA VAL A 73 11.53 0.64 10.32
C VAL A 73 10.67 1.54 11.22
N GLY A 74 9.42 1.74 10.82
CA GLY A 74 8.51 2.57 11.56
C GLY A 74 7.50 3.23 10.66
N GLY A 75 7.00 2.46 9.70
CA GLY A 75 6.04 2.96 8.75
C GLY A 75 6.56 2.87 7.34
N ILE A 76 7.18 1.74 7.05
CA ILE A 76 7.75 1.48 5.74
C ILE A 76 6.74 0.88 4.78
N TYR A 77 5.75 0.22 5.32
CA TYR A 77 4.71 -0.43 4.53
C TYR A 77 5.30 -1.13 3.30
N VAL A 78 5.73 -2.38 3.48
CA VAL A 78 6.30 -3.14 2.38
C VAL A 78 5.22 -3.87 1.61
N VAL A 79 5.26 -3.74 0.30
CA VAL A 79 4.28 -4.41 -0.55
C VAL A 79 4.94 -5.02 -1.78
N LEU A 80 5.22 -6.32 -1.71
CA LEU A 80 5.83 -7.04 -2.83
C LEU A 80 4.75 -7.64 -3.71
N VAL A 81 4.47 -7.01 -4.84
CA VAL A 81 3.43 -7.51 -5.72
C VAL A 81 4.00 -8.40 -6.81
N LYS A 82 3.72 -9.70 -6.70
CA LYS A 82 4.21 -10.68 -7.67
C LYS A 82 3.05 -11.28 -8.47
N PRO A 83 2.73 -10.69 -9.63
CA PRO A 83 1.64 -11.20 -10.48
C PRO A 83 1.68 -12.70 -10.67
N ARG A 84 0.80 -13.40 -9.96
CA ARG A 84 0.72 -14.85 -10.05
C ARG A 84 0.25 -15.29 -11.42
N LYS A 85 -0.62 -14.48 -12.02
CA LYS A 85 -1.17 -14.77 -13.33
C LYS A 85 -0.81 -13.67 -14.33
N ARG A 86 -1.32 -13.79 -15.55
CA ARG A 86 -1.06 -12.81 -16.59
C ARG A 86 -2.35 -12.23 -17.13
N GLY A 87 -2.32 -10.94 -17.46
CA GLY A 87 -3.51 -10.28 -17.98
C GLY A 87 -3.72 -8.90 -17.39
N HIS A 88 -4.83 -8.72 -16.68
CA HIS A 88 -5.14 -7.44 -16.07
C HIS A 88 -5.09 -7.53 -14.54
N HIS A 89 -3.94 -7.19 -13.98
CA HIS A 89 -3.74 -7.22 -12.53
C HIS A 89 -3.57 -5.81 -11.99
N THR A 90 -3.77 -5.64 -10.69
CA THR A 90 -3.64 -4.34 -10.06
C THR A 90 -3.41 -4.44 -8.56
N LEU A 91 -2.53 -3.58 -8.05
CA LEU A 91 -2.22 -3.55 -6.63
C LEU A 91 -2.73 -2.25 -6.03
N GLU A 92 -4.01 -2.23 -5.70
CA GLU A 92 -4.62 -1.04 -5.13
C GLU A 92 -4.34 -0.94 -3.64
N LEU A 93 -3.84 0.21 -3.24
CA LEU A 93 -3.51 0.47 -1.84
C LEU A 93 -4.28 1.69 -1.35
N VAL A 94 -4.37 1.83 -0.03
CA VAL A 94 -5.09 2.95 0.55
C VAL A 94 -4.61 3.26 1.96
N TYR A 95 -4.72 4.54 2.35
CA TYR A 95 -4.34 4.98 3.68
C TYR A 95 -5.56 4.95 4.58
N THR A 96 -5.84 3.79 5.17
CA THR A 96 -7.03 3.61 6.01
C THR A 96 -6.68 3.25 7.44
N ARG A 97 -7.65 3.43 8.34
CA ARG A 97 -7.47 3.10 9.75
C ARG A 97 -8.10 1.74 10.05
N PRO A 98 -7.29 0.66 10.08
CA PRO A 98 -7.78 -0.69 10.37
C PRO A 98 -8.69 -0.76 11.59
N PHE A 99 -8.43 0.09 12.58
CA PHE A 99 -9.20 0.11 13.80
C PHE A 99 -10.42 1.05 13.70
N GLU A 100 -10.73 1.50 12.49
CA GLU A 100 -11.86 2.41 12.29
C GLU A 100 -12.46 2.25 10.89
N GLY A 101 -11.92 1.34 10.10
CA GLY A 101 -12.42 1.14 8.75
C GLY A 101 -11.80 2.09 7.75
N ILE A 102 -12.26 2.03 6.51
CA ILE A 102 -11.74 2.88 5.46
C ILE A 102 -12.70 4.02 5.12
N LYS A 103 -12.13 5.11 4.59
CA LYS A 103 -12.92 6.28 4.23
C LYS A 103 -12.53 6.77 2.83
N PRO A 104 -13.33 7.69 2.26
CA PRO A 104 -13.09 8.24 0.92
C PRO A 104 -11.93 9.22 0.88
N GLU A 105 -11.94 10.18 1.80
CA GLU A 105 -10.89 11.20 1.87
C GLU A 105 -9.52 10.57 2.08
N ASN A 106 -9.50 9.29 2.44
CA ASN A 106 -8.25 8.57 2.69
C ASN A 106 -7.37 8.56 1.44
N GLU A 107 -6.06 8.64 1.65
CA GLU A 107 -5.10 8.64 0.56
C GLU A 107 -5.28 7.40 -0.33
N ARG A 108 -4.70 7.45 -1.53
CA ARG A 108 -4.81 6.35 -2.47
C ARG A 108 -3.44 5.97 -3.03
N TYR A 109 -3.35 4.76 -3.58
CA TYR A 109 -2.11 4.28 -4.19
C TYR A 109 -2.38 2.96 -4.90
N THR A 110 -3.02 3.06 -6.07
CA THR A 110 -3.36 1.89 -6.86
C THR A 110 -2.35 1.63 -7.96
N LEU A 111 -1.47 0.65 -7.73
CA LEU A 111 -0.45 0.28 -8.70
C LEU A 111 -0.99 -0.67 -9.74
N HIS A 112 -1.52 -0.13 -10.84
CA HIS A 112 -2.06 -0.95 -11.91
C HIS A 112 -0.92 -1.59 -12.70
N LEU A 113 -1.14 -2.83 -13.12
CA LEU A 113 -0.13 -3.57 -13.87
C LEU A 113 -0.74 -4.50 -14.90
N ASN A 114 -0.75 -4.06 -16.15
CA ASN A 114 -1.27 -4.89 -17.24
C ASN A 114 -0.25 -5.97 -17.57
N VAL A 115 -0.15 -6.95 -16.67
CA VAL A 115 0.80 -8.04 -16.82
C VAL A 115 0.75 -8.65 -18.22
N LYS A 116 1.89 -9.13 -18.69
CA LYS A 116 1.99 -9.75 -20.00
C LYS A 116 1.45 -11.16 -19.98
N GLY A 1 8.96 29.33 -1.87
CA GLY A 1 7.58 29.02 -1.39
C GLY A 1 7.47 27.65 -0.76
N SER A 2 6.46 26.89 -1.17
CA SER A 2 6.26 25.55 -0.64
C SER A 2 6.95 24.51 -1.50
N HIS A 3 7.91 23.80 -0.91
CA HIS A 3 8.66 22.77 -1.62
C HIS A 3 8.71 21.48 -0.82
N MET A 4 7.89 21.40 0.23
CA MET A 4 7.84 20.22 1.08
C MET A 4 7.35 19.01 0.29
N ILE A 5 7.75 17.81 0.75
CA ILE A 5 7.37 16.58 0.09
C ILE A 5 6.23 15.90 0.84
N ALA A 6 6.04 16.28 2.10
CA ALA A 6 5.00 15.71 2.93
C ALA A 6 3.63 15.83 2.27
N PRO A 7 2.70 14.89 2.56
CA PRO A 7 1.35 14.91 1.98
C PRO A 7 0.49 16.04 2.55
N LEU A 8 -0.41 16.55 1.72
CA LEU A 8 -1.30 17.63 2.13
C LEU A 8 -2.73 17.39 1.63
N SER A 9 -2.89 17.38 0.31
CA SER A 9 -4.19 17.16 -0.29
C SER A 9 -4.05 16.48 -1.66
N VAL A 10 -3.54 17.22 -2.64
CA VAL A 10 -3.36 16.68 -3.98
C VAL A 10 -2.09 15.85 -4.08
N LYS A 11 -2.24 14.58 -4.43
CA LYS A 11 -1.11 13.68 -4.56
C LYS A 11 -1.43 12.57 -5.55
N ASP A 12 -0.54 12.36 -6.50
CA ASP A 12 -0.72 11.33 -7.51
C ASP A 12 -0.43 9.96 -6.93
N ASN A 13 -1.40 9.05 -7.03
CA ASN A 13 -1.24 7.70 -6.52
C ASN A 13 -1.40 6.66 -7.60
N ASP A 14 -2.66 6.30 -7.86
CA ASP A 14 -3.01 5.29 -8.86
C ASP A 14 -2.02 5.29 -10.02
N LYS A 15 -1.11 4.34 -10.00
CA LYS A 15 -0.12 4.19 -11.05
C LYS A 15 -0.58 3.18 -12.10
N TRP A 16 -1.26 3.69 -13.12
CA TRP A 16 -1.78 2.86 -14.19
C TRP A 16 -0.68 2.48 -15.17
N VAL A 17 -0.20 1.25 -15.08
CA VAL A 17 0.88 0.79 -15.97
C VAL A 17 0.80 -0.70 -16.24
N ASP A 18 1.82 -1.22 -16.91
CA ASP A 18 1.91 -2.64 -17.25
C ASP A 18 3.05 -3.31 -16.48
N THR A 19 3.26 -4.61 -16.72
CA THR A 19 4.32 -5.33 -16.03
C THR A 19 4.47 -6.76 -16.54
N HIS A 20 5.34 -7.52 -15.86
CA HIS A 20 5.59 -8.91 -16.23
C HIS A 20 5.10 -9.84 -15.11
N VAL A 21 5.47 -11.11 -15.17
CA VAL A 21 5.03 -12.09 -14.17
C VAL A 21 5.99 -12.16 -12.99
N GLY A 22 5.42 -12.23 -11.79
CA GLY A 22 6.20 -12.34 -10.56
C GLY A 22 7.19 -11.20 -10.38
N LYS A 23 7.00 -10.11 -11.11
CA LYS A 23 7.89 -8.97 -11.00
C LYS A 23 7.75 -8.34 -9.62
N THR A 24 8.43 -8.93 -8.64
CA THR A 24 8.38 -8.45 -7.27
C THR A 24 8.59 -6.95 -7.20
N THR A 25 7.49 -6.21 -7.11
CA THR A 25 7.55 -4.75 -7.02
C THR A 25 7.56 -4.30 -5.58
N GLU A 26 8.75 -3.95 -5.09
CA GLU A 26 8.91 -3.48 -3.72
C GLU A 26 8.42 -2.06 -3.59
N ILE A 27 7.43 -1.88 -2.72
CA ILE A 27 6.86 -0.56 -2.49
C ILE A 27 7.04 -0.14 -1.05
N HIS A 28 8.11 0.62 -0.80
CA HIS A 28 8.39 1.12 0.53
C HIS A 28 7.68 2.45 0.73
N LEU A 29 6.59 2.42 1.49
CA LEU A 29 5.80 3.62 1.73
C LEU A 29 6.20 4.30 3.03
N LYS A 30 5.86 5.57 3.17
CA LYS A 30 6.18 6.31 4.37
C LYS A 30 4.97 6.37 5.29
N GLY A 31 5.19 6.71 6.55
CA GLY A 31 4.10 6.79 7.51
C GLY A 31 4.50 6.30 8.88
N ASN A 32 3.50 5.96 9.70
CA ASN A 32 3.74 5.48 11.06
C ASN A 32 2.45 4.91 11.65
N PRO A 33 2.49 3.65 12.15
CA PRO A 33 1.31 3.00 12.74
C PRO A 33 0.62 3.86 13.79
N THR A 34 1.36 4.22 14.84
CA THR A 34 0.81 5.03 15.93
C THR A 34 0.81 6.52 15.56
N THR A 35 0.26 6.85 14.40
CA THR A 35 0.19 8.23 13.95
C THR A 35 -1.12 8.52 13.23
N GLY A 36 -1.29 7.93 12.05
CA GLY A 36 -2.50 8.16 11.28
C GLY A 36 -3.15 6.88 10.81
N TYR A 37 -3.25 6.72 9.48
CA TYR A 37 -3.87 5.54 8.89
C TYR A 37 -2.83 4.47 8.58
N MET A 38 -3.27 3.42 7.88
CA MET A 38 -2.41 2.32 7.51
C MET A 38 -2.25 2.27 6.00
N TRP A 39 -1.13 1.75 5.55
CA TRP A 39 -0.88 1.61 4.12
C TRP A 39 -0.93 0.14 3.72
N THR A 40 -2.13 -0.33 3.40
CA THR A 40 -2.32 -1.72 3.01
C THR A 40 -3.22 -1.81 1.78
N ARG A 41 -3.74 -3.01 1.47
CA ARG A 41 -4.60 -3.18 0.31
C ARG A 41 -6.07 -2.96 0.68
N VAL A 42 -6.88 -2.62 -0.31
CA VAL A 42 -8.30 -2.37 -0.10
C VAL A 42 -9.08 -3.66 0.08
N GLY A 43 -9.92 -3.71 1.12
CA GLY A 43 -10.71 -4.90 1.38
C GLY A 43 -9.93 -5.95 2.15
N PHE A 44 -8.73 -5.60 2.56
CA PHE A 44 -7.86 -6.51 3.30
C PHE A 44 -7.30 -5.83 4.52
N VAL A 45 -7.65 -4.57 4.69
CA VAL A 45 -7.19 -3.78 5.82
C VAL A 45 -7.53 -4.46 7.14
N GLY A 46 -6.51 -4.79 7.92
CA GLY A 46 -6.71 -5.45 9.19
C GLY A 46 -6.54 -6.95 9.08
N LYS A 47 -6.79 -7.48 7.88
CA LYS A 47 -6.66 -8.91 7.64
C LYS A 47 -5.20 -9.34 7.68
N ASP A 48 -4.97 -10.65 7.62
CA ASP A 48 -3.63 -11.19 7.64
C ASP A 48 -2.93 -10.98 6.30
N VAL A 49 -3.49 -11.58 5.26
CA VAL A 49 -2.95 -11.47 3.92
C VAL A 49 -3.86 -10.64 3.02
N LEU A 50 -3.25 -9.83 2.17
CA LEU A 50 -4.00 -9.00 1.25
C LEU A 50 -4.19 -9.72 -0.08
N SER A 51 -3.08 -10.20 -0.62
CA SER A 51 -3.06 -10.94 -1.88
C SER A 51 -4.08 -12.09 -1.88
N ASP A 52 -4.15 -12.81 -2.99
CA ASP A 52 -5.08 -13.93 -3.12
C ASP A 52 -4.59 -14.92 -4.17
N GLU A 53 -4.96 -14.66 -5.43
CA GLU A 53 -4.59 -15.54 -6.53
C GLU A 53 -4.02 -14.73 -7.70
N ILE A 54 -4.50 -13.51 -7.85
CA ILE A 54 -4.07 -12.63 -8.93
C ILE A 54 -2.66 -12.11 -8.68
N LEU A 55 -2.56 -11.14 -7.79
CA LEU A 55 -1.27 -10.54 -7.46
C LEU A 55 -0.76 -11.05 -6.11
N GLU A 56 0.38 -11.75 -6.13
CA GLU A 56 1.00 -12.26 -4.91
C GLU A 56 1.55 -11.11 -4.09
N VAL A 57 0.64 -10.32 -3.55
CA VAL A 57 1.02 -9.17 -2.74
C VAL A 57 1.56 -9.58 -1.38
N VAL A 58 2.85 -9.86 -1.33
CA VAL A 58 3.47 -10.24 -0.08
C VAL A 58 3.71 -8.99 0.76
N CYS A 59 2.68 -8.62 1.51
CA CYS A 59 2.73 -7.44 2.35
C CYS A 59 3.70 -7.64 3.51
N LYS A 60 4.49 -6.61 3.76
CA LYS A 60 5.47 -6.64 4.83
C LYS A 60 5.45 -5.34 5.62
N TYR A 61 4.26 -4.95 6.03
CA TYR A 61 4.07 -3.75 6.83
C TYR A 61 5.01 -3.81 8.04
N THR A 62 5.96 -2.87 8.11
CA THR A 62 6.92 -2.84 9.21
C THR A 62 6.49 -1.84 10.29
N PRO A 63 5.93 -2.34 11.40
CA PRO A 63 5.46 -1.56 12.51
C PRO A 63 6.39 -1.67 13.72
N THR A 64 7.66 -1.94 13.45
CA THR A 64 8.65 -2.09 14.52
C THR A 64 9.60 -0.89 14.56
N PRO A 65 10.09 -0.54 15.77
CA PRO A 65 11.01 0.59 15.94
C PRO A 65 12.35 0.36 15.25
N SER A 66 12.94 1.45 14.76
CA SER A 66 14.23 1.37 14.08
C SER A 66 15.37 1.30 15.09
N SER A 67 16.59 1.54 14.62
CA SER A 67 17.76 1.51 15.49
C SER A 67 17.55 2.38 16.73
N THR A 68 17.44 3.68 16.52
CA THR A 68 17.23 4.62 17.62
C THR A 68 15.78 5.09 17.67
N PRO A 69 15.31 5.50 18.86
CA PRO A 69 13.93 5.98 19.06
C PRO A 69 13.74 7.40 18.55
N MET A 70 14.70 7.86 17.75
CA MET A 70 14.66 9.21 17.20
C MET A 70 13.74 9.26 15.98
N VAL A 71 13.24 8.11 15.56
CA VAL A 71 12.35 8.03 14.41
C VAL A 71 11.13 7.17 14.72
N GLY A 72 10.76 7.14 15.99
CA GLY A 72 9.62 6.34 16.42
C GLY A 72 9.68 4.90 15.93
N VAL A 73 8.68 4.49 15.17
CA VAL A 73 8.63 3.13 14.64
C VAL A 73 9.36 3.06 13.29
N GLY A 74 8.58 2.99 12.22
CA GLY A 74 9.15 2.91 10.90
C GLY A 74 8.18 3.39 9.84
N GLY A 75 7.12 2.63 9.65
CA GLY A 75 6.12 2.99 8.67
C GLY A 75 6.66 2.92 7.26
N ILE A 76 7.39 1.86 6.98
CA ILE A 76 7.98 1.67 5.67
C ILE A 76 7.06 0.93 4.72
N TYR A 77 6.14 0.18 5.29
CA TYR A 77 5.18 -0.60 4.53
C TYR A 77 5.84 -1.24 3.30
N VAL A 78 6.36 -2.45 3.46
CA VAL A 78 7.01 -3.14 2.35
C VAL A 78 6.03 -4.03 1.60
N VAL A 79 5.45 -3.51 0.53
CA VAL A 79 4.48 -4.27 -0.25
C VAL A 79 5.10 -4.87 -1.50
N LEU A 80 5.27 -6.20 -1.51
CA LEU A 80 5.83 -6.90 -2.66
C LEU A 80 4.71 -7.43 -3.53
N VAL A 81 4.56 -6.86 -4.72
CA VAL A 81 3.51 -7.30 -5.62
C VAL A 81 4.07 -8.18 -6.71
N LYS A 82 3.82 -9.49 -6.59
CA LYS A 82 4.30 -10.46 -7.56
C LYS A 82 3.16 -11.01 -8.42
N PRO A 83 3.02 -10.51 -9.66
CA PRO A 83 1.96 -10.95 -10.58
C PRO A 83 1.91 -12.47 -10.73
N ARG A 84 1.01 -13.10 -9.97
CA ARG A 84 0.85 -14.55 -10.02
C ARG A 84 0.39 -14.99 -11.41
N LYS A 85 -0.45 -14.19 -12.03
CA LYS A 85 -0.97 -14.49 -13.36
C LYS A 85 -0.52 -13.43 -14.37
N ARG A 86 -1.06 -13.52 -15.58
CA ARG A 86 -0.72 -12.56 -16.63
C ARG A 86 -1.98 -12.06 -17.34
N GLY A 87 -2.14 -10.74 -17.37
CA GLY A 87 -3.30 -10.15 -18.02
C GLY A 87 -3.67 -8.81 -17.40
N HIS A 88 -4.65 -8.83 -16.51
CA HIS A 88 -5.10 -7.62 -15.84
C HIS A 88 -4.97 -7.76 -14.33
N HIS A 89 -3.97 -7.09 -13.78
CA HIS A 89 -3.73 -7.13 -12.34
C HIS A 89 -3.69 -5.72 -11.77
N THR A 90 -3.88 -5.60 -10.46
CA THR A 90 -3.88 -4.30 -9.81
C THR A 90 -3.62 -4.42 -8.31
N LEU A 91 -2.98 -3.40 -7.75
CA LEU A 91 -2.66 -3.37 -6.32
C LEU A 91 -3.30 -2.16 -5.66
N GLU A 92 -4.51 -2.35 -5.15
CA GLU A 92 -5.23 -1.28 -4.50
C GLU A 92 -4.70 -0.99 -3.10
N LEU A 93 -3.71 -0.11 -3.02
CA LEU A 93 -3.15 0.27 -1.73
C LEU A 93 -3.78 1.58 -1.26
N VAL A 94 -4.39 1.55 -0.09
CA VAL A 94 -5.03 2.74 0.45
C VAL A 94 -4.52 3.07 1.86
N TYR A 95 -4.63 4.35 2.22
CA TYR A 95 -4.22 4.82 3.53
C TYR A 95 -5.43 4.87 4.45
N THR A 96 -5.78 3.73 5.04
CA THR A 96 -6.96 3.63 5.90
C THR A 96 -6.62 3.15 7.31
N ARG A 97 -7.45 3.57 8.27
CA ARG A 97 -7.27 3.16 9.67
C ARG A 97 -8.03 1.86 9.94
N PRO A 98 -7.33 0.72 9.98
CA PRO A 98 -7.95 -0.59 10.23
C PRO A 98 -8.81 -0.59 11.50
N PHE A 99 -8.39 0.18 12.49
CA PHE A 99 -9.09 0.28 13.75
C PHE A 99 -10.48 0.89 13.56
N GLU A 100 -10.60 1.81 12.59
CA GLU A 100 -11.87 2.46 12.31
C GLU A 100 -12.51 1.92 11.04
N GLY A 101 -11.92 2.28 9.90
CA GLY A 101 -12.44 1.84 8.63
C GLY A 101 -11.88 2.64 7.48
N ILE A 102 -12.27 2.27 6.26
CA ILE A 102 -11.77 2.95 5.08
C ILE A 102 -12.75 4.03 4.61
N LYS A 103 -12.20 5.13 4.11
CA LYS A 103 -13.00 6.24 3.63
C LYS A 103 -12.46 6.81 2.34
N PRO A 104 -13.28 7.59 1.60
CA PRO A 104 -12.88 8.19 0.34
C PRO A 104 -11.80 9.27 0.53
N GLU A 105 -11.94 10.03 1.61
CA GLU A 105 -10.98 11.10 1.91
C GLU A 105 -9.59 10.51 2.12
N ASN A 106 -9.54 9.27 2.58
CA ASN A 106 -8.26 8.59 2.82
C ASN A 106 -7.39 8.60 1.56
N GLU A 107 -6.08 8.65 1.76
CA GLU A 107 -5.14 8.66 0.65
C GLU A 107 -5.31 7.42 -0.22
N ARG A 108 -4.72 7.46 -1.40
CA ARG A 108 -4.81 6.34 -2.34
C ARG A 108 -3.43 5.98 -2.89
N TYR A 109 -3.35 4.79 -3.48
CA TYR A 109 -2.13 4.29 -4.12
C TYR A 109 -2.41 2.95 -4.78
N THR A 110 -3.23 2.99 -5.83
CA THR A 110 -3.60 1.79 -6.55
C THR A 110 -2.62 1.53 -7.70
N LEU A 111 -1.66 0.66 -7.46
CA LEU A 111 -0.66 0.32 -8.47
C LEU A 111 -1.22 -0.64 -9.50
N HIS A 112 -1.73 -0.10 -10.60
CA HIS A 112 -2.29 -0.91 -11.67
C HIS A 112 -1.18 -1.52 -12.51
N LEU A 113 -1.40 -2.75 -12.97
CA LEU A 113 -0.41 -3.47 -13.75
C LEU A 113 -1.07 -4.34 -14.83
N ASN A 114 -1.00 -3.89 -16.07
CA ASN A 114 -1.56 -4.64 -17.18
C ASN A 114 -0.56 -5.72 -17.60
N VAL A 115 -0.28 -6.61 -16.67
CA VAL A 115 0.67 -7.70 -16.88
C VAL A 115 0.48 -8.34 -18.26
N LYS A 116 1.58 -8.50 -18.99
CA LYS A 116 1.54 -9.10 -20.31
C LYS A 116 1.33 -10.61 -20.22
N GLY A 1 16.68 14.02 7.09
CA GLY A 1 16.55 12.71 6.39
C GLY A 1 16.14 12.87 4.95
N SER A 2 15.28 11.96 4.48
CA SER A 2 14.80 12.00 3.10
C SER A 2 13.56 12.88 2.99
N HIS A 3 13.54 13.72 1.96
CA HIS A 3 12.40 14.62 1.73
C HIS A 3 12.20 14.86 0.24
N MET A 4 11.06 15.46 -0.11
CA MET A 4 10.74 15.76 -1.49
C MET A 4 10.28 17.21 -1.65
N ILE A 5 9.83 17.55 -2.85
CA ILE A 5 9.35 18.90 -3.14
C ILE A 5 7.99 18.88 -3.80
N ALA A 6 7.70 17.79 -4.51
CA ALA A 6 6.41 17.64 -5.21
C ALA A 6 5.24 17.64 -4.22
N PRO A 7 5.31 16.82 -3.14
CA PRO A 7 4.23 16.75 -2.16
C PRO A 7 3.90 18.11 -1.54
N LEU A 8 2.76 18.67 -1.95
CA LEU A 8 2.33 19.96 -1.44
C LEU A 8 0.82 19.98 -1.21
N SER A 9 0.07 19.49 -2.19
CA SER A 9 -1.38 19.43 -2.09
C SER A 9 -1.92 18.14 -2.67
N VAL A 10 -1.09 17.44 -3.44
CA VAL A 10 -1.48 16.18 -4.05
C VAL A 10 -0.45 15.09 -3.78
N LYS A 11 -0.61 13.95 -4.43
CA LYS A 11 0.32 12.83 -4.25
C LYS A 11 0.09 11.78 -5.32
N ASP A 12 1.17 11.34 -5.95
CA ASP A 12 1.09 10.33 -7.00
C ASP A 12 0.71 8.99 -6.41
N ASN A 13 -0.38 8.42 -6.89
CA ASN A 13 -0.86 7.14 -6.40
C ASN A 13 -1.11 6.15 -7.53
N ASP A 14 -2.35 6.11 -8.00
CA ASP A 14 -2.76 5.22 -9.06
C ASP A 14 -1.76 5.19 -10.21
N LYS A 15 -0.96 4.13 -10.23
CA LYS A 15 0.05 3.95 -11.26
C LYS A 15 -0.46 3.00 -12.34
N TRP A 16 -1.09 3.57 -13.38
CA TRP A 16 -1.65 2.80 -14.47
C TRP A 16 -0.59 2.43 -15.50
N VAL A 17 -0.11 1.18 -15.45
CA VAL A 17 0.91 0.72 -16.39
C VAL A 17 0.85 -0.78 -16.64
N ASP A 18 1.83 -1.26 -17.41
CA ASP A 18 1.94 -2.66 -17.75
C ASP A 18 2.93 -3.36 -16.81
N THR A 19 3.23 -4.63 -17.08
CA THR A 19 4.17 -5.38 -16.24
C THR A 19 4.44 -6.77 -16.78
N HIS A 20 5.23 -7.54 -16.02
CA HIS A 20 5.58 -8.91 -16.38
C HIS A 20 4.96 -9.89 -15.38
N VAL A 21 5.47 -11.11 -15.33
CA VAL A 21 4.93 -12.11 -14.42
C VAL A 21 5.81 -12.27 -13.18
N GLY A 22 5.18 -12.25 -12.01
CA GLY A 22 5.89 -12.41 -10.76
C GLY A 22 6.97 -11.37 -10.56
N LYS A 23 6.94 -10.30 -11.36
CA LYS A 23 7.93 -9.24 -11.23
C LYS A 23 7.78 -8.58 -9.86
N THR A 24 8.42 -9.19 -8.86
CA THR A 24 8.36 -8.70 -7.49
C THR A 24 8.57 -7.18 -7.43
N THR A 25 7.48 -6.44 -7.34
CA THR A 25 7.55 -4.99 -7.27
C THR A 25 7.56 -4.54 -5.81
N GLU A 26 8.75 -4.26 -5.31
CA GLU A 26 8.94 -3.82 -3.95
C GLU A 26 8.63 -2.33 -3.80
N ILE A 27 7.87 -2.00 -2.78
CA ILE A 27 7.50 -0.61 -2.53
C ILE A 27 7.64 -0.25 -1.05
N HIS A 28 8.66 0.52 -0.74
CA HIS A 28 8.88 0.98 0.62
C HIS A 28 8.13 2.29 0.85
N LEU A 29 6.91 2.18 1.33
CA LEU A 29 6.09 3.35 1.58
C LEU A 29 6.33 3.86 2.99
N LYS A 30 6.29 5.17 3.16
CA LYS A 30 6.50 5.77 4.47
C LYS A 30 5.18 6.18 5.09
N GLY A 31 5.21 6.46 6.38
CA GLY A 31 4.01 6.84 7.08
C GLY A 31 4.23 6.98 8.58
N ASN A 32 3.31 6.40 9.36
CA ASN A 32 3.39 6.46 10.82
C ASN A 32 2.27 5.64 11.46
N PRO A 33 2.52 4.34 11.73
CA PRO A 33 1.52 3.44 12.32
C PRO A 33 0.96 3.95 13.64
N THR A 34 1.71 4.81 14.32
CA THR A 34 1.27 5.35 15.61
C THR A 34 0.24 6.47 15.44
N THR A 35 -0.31 6.60 14.22
CA THR A 35 -1.30 7.61 13.95
C THR A 35 -2.72 7.04 14.01
N GLY A 36 -2.98 6.06 13.14
CA GLY A 36 -4.29 5.43 13.11
C GLY A 36 -4.54 4.67 11.82
N TYR A 37 -4.15 5.27 10.70
CA TYR A 37 -4.36 4.65 9.39
C TYR A 37 -3.24 3.65 9.09
N MET A 38 -3.36 2.99 7.93
CA MET A 38 -2.40 2.01 7.50
C MET A 38 -2.28 2.01 5.99
N TRP A 39 -1.09 1.69 5.50
CA TRP A 39 -0.86 1.64 4.07
C TRP A 39 -0.83 0.19 3.61
N THR A 40 -2.02 -0.38 3.44
CA THR A 40 -2.14 -1.76 3.01
C THR A 40 -3.00 -1.86 1.75
N ARG A 41 -3.46 -3.07 1.41
CA ARG A 41 -4.30 -3.24 0.23
C ARG A 41 -5.77 -3.01 0.54
N VAL A 42 -6.45 -2.27 -0.35
CA VAL A 42 -7.86 -1.94 -0.19
C VAL A 42 -8.70 -3.19 0.11
N GLY A 43 -9.81 -2.99 0.82
CA GLY A 43 -10.68 -4.10 1.16
C GLY A 43 -10.05 -5.06 2.15
N PHE A 44 -8.83 -4.74 2.57
CA PHE A 44 -8.10 -5.57 3.51
C PHE A 44 -7.62 -4.75 4.69
N VAL A 45 -8.51 -3.89 5.18
CA VAL A 45 -8.22 -3.02 6.30
C VAL A 45 -8.34 -3.76 7.63
N GLY A 46 -7.19 -4.20 8.16
CA GLY A 46 -7.18 -4.91 9.42
C GLY A 46 -6.79 -6.37 9.28
N LYS A 47 -6.90 -6.90 8.06
CA LYS A 47 -6.56 -8.30 7.81
C LYS A 47 -5.05 -8.52 7.85
N ASP A 48 -4.64 -9.78 7.76
CA ASP A 48 -3.24 -10.14 7.77
C ASP A 48 -2.66 -10.14 6.36
N VAL A 49 -3.18 -11.02 5.51
CA VAL A 49 -2.73 -11.13 4.14
C VAL A 49 -3.61 -10.32 3.20
N LEU A 50 -3.00 -9.77 2.17
CA LEU A 50 -3.72 -8.96 1.20
C LEU A 50 -3.90 -9.76 -0.10
N SER A 51 -2.79 -10.25 -0.61
CA SER A 51 -2.77 -11.04 -1.84
C SER A 51 -3.80 -12.17 -1.81
N ASP A 52 -3.96 -12.86 -2.92
CA ASP A 52 -4.92 -13.96 -3.02
C ASP A 52 -4.52 -14.95 -4.11
N GLU A 53 -4.97 -14.68 -5.33
CA GLU A 53 -4.68 -15.54 -6.47
C GLU A 53 -4.16 -14.75 -7.66
N ILE A 54 -4.62 -13.51 -7.77
CA ILE A 54 -4.22 -12.63 -8.87
C ILE A 54 -2.79 -12.14 -8.69
N LEU A 55 -2.61 -11.22 -7.75
CA LEU A 55 -1.30 -10.66 -7.47
C LEU A 55 -0.72 -11.20 -6.17
N GLU A 56 0.41 -11.90 -6.24
CA GLU A 56 1.07 -12.41 -5.06
C GLU A 56 1.66 -11.24 -4.27
N VAL A 57 0.78 -10.45 -3.69
CA VAL A 57 1.19 -9.29 -2.92
C VAL A 57 1.73 -9.65 -1.56
N VAL A 58 3.02 -9.96 -1.51
CA VAL A 58 3.66 -10.29 -0.25
C VAL A 58 4.04 -9.01 0.47
N CYS A 59 3.10 -8.49 1.23
CA CYS A 59 3.31 -7.24 1.95
C CYS A 59 3.62 -7.49 3.42
N LYS A 60 4.67 -6.85 3.89
CA LYS A 60 5.08 -6.97 5.29
C LYS A 60 5.08 -5.59 5.94
N TYR A 61 4.13 -5.40 6.84
CA TYR A 61 4.02 -4.13 7.56
C TYR A 61 5.02 -4.11 8.72
N THR A 62 6.04 -3.26 8.59
CA THR A 62 7.07 -3.15 9.62
C THR A 62 7.06 -1.77 10.28
N PRO A 63 6.66 -1.70 11.56
CA PRO A 63 6.62 -0.46 12.31
C PRO A 63 7.82 -0.31 13.24
N THR A 64 8.83 -1.15 13.02
CA THR A 64 10.02 -1.14 13.86
C THR A 64 11.00 -0.02 13.50
N PRO A 65 11.35 0.10 12.22
CA PRO A 65 12.28 1.10 11.71
C PRO A 65 12.10 2.46 12.38
N SER A 66 12.93 2.75 13.36
CA SER A 66 12.88 4.01 14.08
C SER A 66 13.30 5.16 13.19
N SER A 67 12.45 6.19 13.10
CA SER A 67 12.74 7.36 12.29
C SER A 67 12.70 8.64 13.12
N THR A 68 11.98 8.58 14.24
CA THR A 68 11.87 9.73 15.13
C THR A 68 13.23 10.16 15.66
N PRO A 69 13.36 11.43 16.07
CA PRO A 69 14.63 11.96 16.61
C PRO A 69 14.92 11.46 18.01
N MET A 70 14.12 10.50 18.44
CA MET A 70 14.27 9.92 19.77
C MET A 70 13.95 8.43 19.75
N VAL A 71 12.74 8.08 20.16
CA VAL A 71 12.29 6.69 20.17
C VAL A 71 10.81 6.58 19.78
N GLY A 72 10.48 5.53 19.04
CA GLY A 72 9.11 5.32 18.62
C GLY A 72 8.92 4.04 17.84
N VAL A 73 7.71 3.81 17.36
CA VAL A 73 7.40 2.60 16.60
C VAL A 73 6.73 2.96 15.28
N GLY A 74 7.53 3.48 14.35
CA GLY A 74 7.01 3.85 13.05
C GLY A 74 7.96 3.50 11.92
N GLY A 75 7.66 2.39 11.24
CA GLY A 75 8.51 1.95 10.16
C GLY A 75 7.94 2.30 8.80
N ILE A 76 7.75 1.28 7.96
CA ILE A 76 7.21 1.50 6.63
C ILE A 76 6.30 0.36 6.21
N TYR A 77 5.95 0.35 4.94
CA TYR A 77 5.08 -0.68 4.37
C TYR A 77 5.76 -1.31 3.15
N VAL A 78 6.30 -2.51 3.34
CA VAL A 78 6.98 -3.21 2.26
C VAL A 78 6.01 -4.08 1.48
N VAL A 79 5.67 -3.64 0.27
CA VAL A 79 4.73 -4.37 -0.57
C VAL A 79 5.44 -5.04 -1.76
N LEU A 80 5.30 -6.36 -1.85
CA LEU A 80 5.89 -7.12 -2.95
C LEU A 80 4.79 -7.67 -3.83
N VAL A 81 4.56 -7.05 -4.98
CA VAL A 81 3.52 -7.48 -5.88
C VAL A 81 4.07 -8.40 -6.97
N LYS A 82 3.77 -9.69 -6.86
CA LYS A 82 4.23 -10.68 -7.83
C LYS A 82 3.06 -11.23 -8.65
N PRO A 83 2.79 -10.64 -9.84
CA PRO A 83 1.71 -11.07 -10.71
C PRO A 83 1.69 -12.59 -10.90
N ARG A 84 0.70 -13.24 -10.27
CA ARG A 84 0.56 -14.68 -10.36
C ARG A 84 0.03 -15.10 -11.72
N LYS A 85 -0.98 -14.37 -12.22
CA LYS A 85 -1.59 -14.66 -13.51
C LYS A 85 -1.22 -13.62 -14.54
N ARG A 86 -1.65 -13.84 -15.78
CA ARG A 86 -1.37 -12.92 -16.87
C ARG A 86 -2.64 -12.20 -17.31
N GLY A 87 -2.50 -10.95 -17.74
CA GLY A 87 -3.65 -10.18 -18.18
C GLY A 87 -3.70 -8.81 -17.56
N HIS A 88 -4.83 -8.48 -16.93
CA HIS A 88 -5.00 -7.19 -16.28
C HIS A 88 -5.04 -7.35 -14.76
N HIS A 89 -3.96 -6.95 -14.12
CA HIS A 89 -3.85 -7.03 -12.68
C HIS A 89 -3.68 -5.64 -12.07
N THR A 90 -3.89 -5.52 -10.77
CA THR A 90 -3.78 -4.23 -10.09
C THR A 90 -3.54 -4.38 -8.59
N LEU A 91 -2.76 -3.47 -8.03
CA LEU A 91 -2.46 -3.49 -6.61
C LEU A 91 -3.11 -2.30 -5.91
N GLU A 92 -4.31 -2.51 -5.40
CA GLU A 92 -5.03 -1.46 -4.72
C GLU A 92 -4.49 -1.23 -3.32
N LEU A 93 -3.74 -0.14 -3.15
CA LEU A 93 -3.19 0.21 -1.85
C LEU A 93 -3.84 1.50 -1.35
N VAL A 94 -4.29 1.49 -0.10
CA VAL A 94 -4.96 2.64 0.48
C VAL A 94 -4.50 2.89 1.91
N TYR A 95 -4.64 4.15 2.35
CA TYR A 95 -4.27 4.53 3.71
C TYR A 95 -5.50 4.44 4.60
N THR A 96 -5.89 3.22 4.97
CA THR A 96 -7.08 2.98 5.79
C THR A 96 -6.75 2.62 7.23
N ARG A 97 -7.70 2.88 8.13
CA ARG A 97 -7.53 2.59 9.55
C ARG A 97 -7.94 1.14 9.87
N PRO A 98 -6.96 0.25 10.08
CA PRO A 98 -7.23 -1.15 10.41
C PRO A 98 -8.11 -1.29 11.64
N PHE A 99 -8.01 -0.34 12.55
CA PHE A 99 -8.77 -0.33 13.78
C PHE A 99 -10.24 0.00 13.53
N GLU A 100 -10.51 0.73 12.44
CA GLU A 100 -11.89 1.11 12.11
C GLU A 100 -12.28 0.63 10.71
N GLY A 101 -12.01 1.47 9.71
CA GLY A 101 -12.35 1.12 8.34
C GLY A 101 -11.76 2.09 7.34
N ILE A 102 -12.25 2.02 6.11
CA ILE A 102 -11.76 2.87 5.04
C ILE A 102 -12.73 4.01 4.76
N LYS A 103 -12.19 5.16 4.40
CA LYS A 103 -13.00 6.34 4.11
C LYS A 103 -12.51 7.03 2.83
N PRO A 104 -13.30 7.99 2.29
CA PRO A 104 -12.93 8.70 1.06
C PRO A 104 -11.73 9.61 1.25
N GLU A 105 -11.67 10.26 2.41
CA GLU A 105 -10.56 11.17 2.72
C GLU A 105 -9.24 10.41 2.88
N ASN A 106 -9.31 9.09 2.76
CA ASN A 106 -8.13 8.25 2.89
C ASN A 106 -7.23 8.32 1.65
N GLU A 107 -5.92 8.32 1.87
CA GLU A 107 -4.96 8.38 0.78
C GLU A 107 -5.15 7.20 -0.18
N ARG A 108 -4.61 7.33 -1.38
CA ARG A 108 -4.73 6.27 -2.38
C ARG A 108 -3.37 5.93 -2.98
N TYR A 109 -3.29 4.74 -3.59
CA TYR A 109 -2.07 4.27 -4.24
C TYR A 109 -2.36 2.93 -4.93
N THR A 110 -3.12 3.00 -6.01
CA THR A 110 -3.48 1.81 -6.76
C THR A 110 -2.47 1.52 -7.87
N LEU A 111 -1.52 0.63 -7.59
CA LEU A 111 -0.50 0.28 -8.56
C LEU A 111 -1.04 -0.65 -9.63
N HIS A 112 -1.52 -0.07 -10.72
CA HIS A 112 -2.07 -0.84 -11.82
C HIS A 112 -0.95 -1.46 -12.66
N LEU A 113 -1.13 -2.71 -13.03
CA LEU A 113 -0.14 -3.46 -13.78
C LEU A 113 -0.80 -4.39 -14.80
N ASN A 114 -0.63 -4.10 -16.07
CA ASN A 114 -1.19 -4.94 -17.13
C ASN A 114 -0.21 -6.06 -17.46
N VAL A 115 -0.29 -7.14 -16.70
CA VAL A 115 0.59 -8.28 -16.89
C VAL A 115 0.52 -8.81 -18.32
N LYS A 116 1.68 -8.88 -18.97
CA LYS A 116 1.75 -9.36 -20.34
C LYS A 116 1.61 -10.88 -20.40
N GLY A 1 -0.90 30.09 2.11
CA GLY A 1 -2.35 29.76 2.15
C GLY A 1 -2.61 28.39 2.76
N SER A 2 -2.54 28.31 4.08
CA SER A 2 -2.77 27.05 4.78
C SER A 2 -3.76 27.24 5.92
N HIS A 3 -4.36 28.42 6.00
CA HIS A 3 -5.32 28.73 7.04
C HIS A 3 -6.56 27.83 6.91
N MET A 4 -6.86 27.43 5.68
CA MET A 4 -8.01 26.57 5.42
C MET A 4 -7.74 25.14 5.88
N ILE A 5 -8.79 24.34 5.97
CA ILE A 5 -8.68 22.95 6.40
C ILE A 5 -8.73 22.01 5.20
N ALA A 6 -9.02 22.56 4.03
CA ALA A 6 -9.11 21.76 2.81
C ALA A 6 -7.72 21.47 2.24
N PRO A 7 -7.56 20.33 1.55
CA PRO A 7 -6.28 19.93 0.96
C PRO A 7 -5.71 20.99 0.03
N LEU A 8 -4.39 21.02 -0.10
CA LEU A 8 -3.72 22.00 -0.95
C LEU A 8 -3.25 21.36 -2.25
N SER A 9 -2.26 20.48 -2.15
CA SER A 9 -1.72 19.79 -3.32
C SER A 9 -2.58 18.59 -3.70
N VAL A 10 -2.24 17.95 -4.81
CA VAL A 10 -2.98 16.79 -5.28
C VAL A 10 -2.59 15.54 -4.51
N LYS A 11 -3.53 14.62 -4.34
CA LYS A 11 -3.29 13.39 -3.62
C LYS A 11 -3.04 12.25 -4.58
N ASP A 12 -2.70 12.61 -5.82
CA ASP A 12 -2.43 11.63 -6.87
C ASP A 12 -1.70 10.41 -6.31
N ASN A 13 -2.16 9.22 -6.67
CA ASN A 13 -1.56 8.00 -6.19
C ASN A 13 -0.39 7.55 -7.06
N ASP A 14 -0.69 6.81 -8.12
CA ASP A 14 0.34 6.32 -9.01
C ASP A 14 -0.13 6.30 -10.47
N LYS A 15 0.02 5.16 -11.15
CA LYS A 15 -0.37 5.03 -12.54
C LYS A 15 -0.55 3.55 -12.91
N TRP A 16 -1.06 3.30 -14.12
CA TRP A 16 -1.27 1.94 -14.61
C TRP A 16 -0.47 1.73 -15.91
N VAL A 17 0.40 0.70 -15.94
CA VAL A 17 1.23 0.44 -17.13
C VAL A 17 1.56 -1.03 -17.27
N ASP A 18 1.91 -1.42 -18.48
CA ASP A 18 2.27 -2.80 -18.78
C ASP A 18 3.31 -3.33 -17.80
N THR A 19 3.52 -4.65 -17.83
CA THR A 19 4.50 -5.27 -16.93
C THR A 19 4.67 -6.76 -17.25
N HIS A 20 5.43 -7.45 -16.40
CA HIS A 20 5.68 -8.87 -16.59
C HIS A 20 4.95 -9.68 -15.52
N VAL A 21 5.29 -10.97 -15.42
CA VAL A 21 4.64 -11.84 -14.45
C VAL A 21 5.53 -12.10 -13.23
N GLY A 22 4.91 -12.07 -12.06
CA GLY A 22 5.62 -12.30 -10.81
C GLY A 22 6.77 -11.33 -10.61
N LYS A 23 6.77 -10.23 -11.34
CA LYS A 23 7.82 -9.23 -11.20
C LYS A 23 7.74 -8.59 -9.82
N THR A 24 8.29 -9.30 -8.83
CA THR A 24 8.26 -8.84 -7.46
C THR A 24 8.63 -7.37 -7.35
N THR A 25 7.62 -6.54 -7.17
CA THR A 25 7.83 -5.10 -7.05
C THR A 25 7.81 -4.67 -5.59
N GLU A 26 8.99 -4.45 -5.05
CA GLU A 26 9.15 -4.03 -3.67
C GLU A 26 8.89 -2.54 -3.54
N ILE A 27 8.00 -2.19 -2.61
CA ILE A 27 7.67 -0.80 -2.39
C ILE A 27 7.71 -0.43 -0.92
N HIS A 28 8.76 0.29 -0.54
CA HIS A 28 8.92 0.75 0.83
C HIS A 28 8.20 2.08 0.99
N LEU A 29 6.97 2.02 1.49
CA LEU A 29 6.18 3.21 1.68
C LEU A 29 6.39 3.78 3.08
N LYS A 30 6.35 5.09 3.19
CA LYS A 30 6.56 5.74 4.48
C LYS A 30 5.22 6.14 5.09
N GLY A 31 5.23 6.42 6.38
CA GLY A 31 4.02 6.81 7.07
C GLY A 31 4.24 7.02 8.55
N ASN A 32 3.29 6.56 9.36
CA ASN A 32 3.38 6.69 10.82
C ASN A 32 2.22 5.96 11.49
N PRO A 33 2.42 4.68 11.86
CA PRO A 33 1.39 3.87 12.51
C PRO A 33 0.77 4.55 13.73
N THR A 34 1.57 5.37 14.41
CA THR A 34 1.12 6.08 15.60
C THR A 34 -0.10 6.95 15.30
N THR A 35 -0.21 7.44 14.06
CA THR A 35 -1.33 8.28 13.67
C THR A 35 -2.66 7.56 13.85
N GLY A 36 -2.86 6.50 13.05
CA GLY A 36 -4.09 5.75 13.13
C GLY A 36 -4.38 4.96 11.88
N TYR A 37 -4.08 5.55 10.73
CA TYR A 37 -4.32 4.90 9.45
C TYR A 37 -3.25 3.85 9.16
N MET A 38 -3.37 3.21 7.99
CA MET A 38 -2.44 2.18 7.58
C MET A 38 -2.36 2.12 6.06
N TRP A 39 -1.21 1.74 5.56
CA TRP A 39 -1.02 1.61 4.12
C TRP A 39 -1.07 0.14 3.72
N THR A 40 -2.28 -0.37 3.55
CA THR A 40 -2.47 -1.77 3.18
C THR A 40 -3.32 -1.89 1.91
N ARG A 41 -3.66 -3.11 1.52
CA ARG A 41 -4.46 -3.32 0.31
C ARG A 41 -5.95 -3.14 0.59
N VAL A 42 -6.69 -2.71 -0.42
CA VAL A 42 -8.13 -2.47 -0.29
C VAL A 42 -8.88 -3.77 -0.01
N GLY A 43 -9.69 -3.75 1.05
CA GLY A 43 -10.48 -4.92 1.42
C GLY A 43 -9.68 -5.94 2.21
N PHE A 44 -8.58 -5.50 2.78
CA PHE A 44 -7.73 -6.39 3.58
C PHE A 44 -7.25 -5.69 4.84
N VAL A 45 -7.69 -4.45 5.00
CA VAL A 45 -7.33 -3.65 6.16
C VAL A 45 -7.51 -4.44 7.45
N GLY A 46 -6.44 -4.52 8.25
CA GLY A 46 -6.50 -5.24 9.50
C GLY A 46 -6.15 -6.71 9.36
N LYS A 47 -6.53 -7.30 8.23
CA LYS A 47 -6.26 -8.71 7.97
C LYS A 47 -4.77 -8.98 7.95
N ASP A 48 -4.41 -10.27 7.92
CA ASP A 48 -3.02 -10.68 7.90
C ASP A 48 -2.45 -10.58 6.49
N VAL A 49 -3.02 -11.36 5.58
CA VAL A 49 -2.59 -11.37 4.19
C VAL A 49 -3.50 -10.52 3.32
N LEU A 50 -2.91 -9.85 2.34
CA LEU A 50 -3.67 -8.99 1.44
C LEU A 50 -3.87 -9.69 0.11
N SER A 51 -2.79 -10.23 -0.43
CA SER A 51 -2.82 -10.95 -1.71
C SER A 51 -3.90 -12.02 -1.73
N ASP A 52 -4.10 -12.63 -2.89
CA ASP A 52 -5.10 -13.69 -3.05
C ASP A 52 -4.80 -14.56 -4.26
N GLU A 53 -5.26 -14.11 -5.43
CA GLU A 53 -5.06 -14.86 -6.66
C GLU A 53 -4.55 -13.94 -7.77
N ILE A 54 -5.00 -12.70 -7.76
CA ILE A 54 -4.61 -11.72 -8.77
C ILE A 54 -3.13 -11.37 -8.67
N LEU A 55 -2.82 -10.51 -7.70
CA LEU A 55 -1.43 -10.09 -7.48
C LEU A 55 -0.86 -10.73 -6.22
N GLU A 56 0.20 -11.52 -6.38
CA GLU A 56 0.85 -12.13 -5.22
C GLU A 56 1.50 -11.04 -4.38
N VAL A 57 0.66 -10.27 -3.70
CA VAL A 57 1.12 -9.17 -2.88
C VAL A 57 1.62 -9.62 -1.53
N VAL A 58 2.89 -9.98 -1.47
CA VAL A 58 3.51 -10.39 -0.23
C VAL A 58 3.95 -9.15 0.52
N CYS A 59 3.04 -8.57 1.27
CA CYS A 59 3.29 -7.35 2.01
C CYS A 59 3.54 -7.64 3.49
N LYS A 60 4.35 -6.80 4.10
CA LYS A 60 4.68 -6.91 5.51
C LYS A 60 4.72 -5.53 6.15
N TYR A 61 3.77 -5.29 7.04
CA TYR A 61 3.69 -4.01 7.74
C TYR A 61 4.72 -3.98 8.86
N THR A 62 5.77 -3.20 8.66
CA THR A 62 6.85 -3.09 9.65
C THR A 62 6.76 -1.80 10.45
N PRO A 63 6.34 -1.91 11.73
CA PRO A 63 6.22 -0.78 12.62
C PRO A 63 7.41 -0.70 13.58
N THR A 64 8.43 0.06 13.19
CA THR A 64 9.63 0.20 14.02
C THR A 64 9.38 1.12 15.21
N PRO A 65 9.92 0.77 16.39
CA PRO A 65 9.74 1.58 17.61
C PRO A 65 10.36 2.96 17.48
N SER A 66 10.25 3.76 18.54
CA SER A 66 10.80 5.10 18.56
C SER A 66 11.51 5.38 19.87
N SER A 67 11.21 4.57 20.87
CA SER A 67 11.80 4.70 22.20
C SER A 67 11.26 3.62 23.12
N THR A 68 9.93 3.53 23.21
CA THR A 68 9.29 2.54 24.07
C THR A 68 8.40 1.60 23.25
N PRO A 69 8.16 0.38 23.77
CA PRO A 69 7.32 -0.61 23.09
C PRO A 69 5.84 -0.30 23.20
N MET A 70 5.55 0.91 23.65
CA MET A 70 4.17 1.36 23.82
C MET A 70 3.84 2.49 22.84
N VAL A 71 4.27 3.69 23.19
CA VAL A 71 4.03 4.86 22.36
C VAL A 71 5.24 5.18 21.49
N GLY A 72 4.98 5.52 20.24
CA GLY A 72 6.06 5.84 19.31
C GLY A 72 6.55 4.64 18.55
N VAL A 73 5.90 4.33 17.44
CA VAL A 73 6.28 3.18 16.60
C VAL A 73 6.14 3.52 15.13
N GLY A 74 7.15 4.20 14.58
CA GLY A 74 7.13 4.57 13.18
C GLY A 74 7.96 3.64 12.31
N GLY A 75 7.34 3.14 11.24
CA GLY A 75 8.03 2.25 10.31
C GLY A 75 7.64 2.50 8.88
N ILE A 76 7.45 1.42 8.12
CA ILE A 76 7.06 1.54 6.72
C ILE A 76 6.14 0.41 6.31
N TYR A 77 5.93 0.28 5.00
CA TYR A 77 5.08 -0.75 4.46
C TYR A 77 5.76 -1.44 3.27
N VAL A 78 6.33 -2.62 3.53
CA VAL A 78 7.03 -3.37 2.49
C VAL A 78 6.05 -4.21 1.68
N VAL A 79 5.79 -3.79 0.46
CA VAL A 79 4.86 -4.50 -0.41
C VAL A 79 5.54 -5.17 -1.60
N LEU A 80 5.40 -6.49 -1.69
CA LEU A 80 5.96 -7.25 -2.81
C LEU A 80 4.84 -7.72 -3.71
N VAL A 81 4.62 -7.02 -4.80
CA VAL A 81 3.54 -7.37 -5.71
C VAL A 81 4.03 -8.23 -6.88
N LYS A 82 3.66 -9.50 -6.86
CA LYS A 82 4.05 -10.44 -7.89
C LYS A 82 2.84 -10.84 -8.74
N PRO A 83 2.65 -10.21 -9.91
CA PRO A 83 1.52 -10.51 -10.78
C PRO A 83 1.34 -12.01 -11.04
N ARG A 84 0.28 -12.56 -10.46
CA ARG A 84 -0.01 -13.98 -10.61
C ARG A 84 -0.72 -14.25 -11.94
N LYS A 85 -1.58 -13.32 -12.33
CA LYS A 85 -2.34 -13.46 -13.58
C LYS A 85 -1.84 -12.48 -14.64
N ARG A 86 -2.37 -12.62 -15.84
CA ARG A 86 -1.99 -11.76 -16.96
C ARG A 86 -3.14 -10.83 -17.34
N GLY A 87 -2.79 -9.63 -17.81
CA GLY A 87 -3.80 -8.66 -18.21
C GLY A 87 -3.71 -7.37 -17.41
N HIS A 88 -4.76 -6.57 -17.48
CA HIS A 88 -4.80 -5.30 -16.75
C HIS A 88 -4.91 -5.54 -15.25
N HIS A 89 -3.80 -5.41 -14.54
CA HIS A 89 -3.78 -5.61 -13.10
C HIS A 89 -3.15 -4.42 -12.38
N THR A 90 -3.60 -4.18 -11.16
CA THR A 90 -3.10 -3.07 -10.37
C THR A 90 -3.17 -3.37 -8.88
N LEU A 91 -2.21 -2.84 -8.13
CA LEU A 91 -2.17 -3.04 -6.69
C LEU A 91 -2.92 -1.92 -5.97
N GLU A 92 -4.09 -2.26 -5.45
CA GLU A 92 -4.91 -1.29 -4.74
C GLU A 92 -4.45 -1.10 -3.30
N LEU A 93 -3.86 0.06 -3.01
CA LEU A 93 -3.40 0.38 -1.67
C LEU A 93 -4.13 1.62 -1.14
N VAL A 94 -4.43 1.63 0.15
CA VAL A 94 -5.14 2.75 0.75
C VAL A 94 -4.64 3.06 2.16
N TYR A 95 -4.97 4.27 2.60
CA TYR A 95 -4.60 4.74 3.93
C TYR A 95 -5.85 4.70 4.81
N THR A 96 -6.12 3.54 5.40
CA THR A 96 -7.31 3.34 6.24
C THR A 96 -6.96 3.07 7.69
N ARG A 97 -7.96 3.18 8.56
CA ARG A 97 -7.79 2.95 9.99
C ARG A 97 -8.33 1.56 10.38
N PRO A 98 -7.47 0.53 10.39
CA PRO A 98 -7.88 -0.83 10.77
C PRO A 98 -8.74 -0.85 12.03
N PHE A 99 -8.54 0.14 12.88
CA PHE A 99 -9.29 0.25 14.12
C PHE A 99 -10.73 0.69 13.87
N GLU A 100 -10.90 1.63 12.94
CA GLU A 100 -12.23 2.15 12.60
C GLU A 100 -12.73 1.55 11.29
N GLY A 101 -12.08 1.94 10.20
CA GLY A 101 -12.47 1.46 8.88
C GLY A 101 -11.93 2.32 7.77
N ILE A 102 -12.25 1.97 6.55
CA ILE A 102 -11.78 2.70 5.39
C ILE A 102 -12.75 3.81 5.00
N LYS A 103 -12.20 4.93 4.54
CA LYS A 103 -13.01 6.07 4.15
C LYS A 103 -12.58 6.61 2.80
N PRO A 104 -13.39 7.48 2.18
CA PRO A 104 -13.08 8.08 0.87
C PRO A 104 -11.84 8.95 0.91
N GLU A 105 -11.69 9.71 1.98
CA GLU A 105 -10.54 10.60 2.15
C GLU A 105 -9.23 9.82 2.24
N ASN A 106 -9.34 8.50 2.42
CA ASN A 106 -8.17 7.65 2.54
C ASN A 106 -7.28 7.76 1.31
N GLU A 107 -5.97 7.88 1.54
CA GLU A 107 -5.01 7.97 0.47
C GLU A 107 -5.09 6.74 -0.43
N ARG A 108 -4.50 6.83 -1.61
CA ARG A 108 -4.55 5.73 -2.56
C ARG A 108 -3.21 5.54 -3.27
N TYR A 109 -3.00 4.34 -3.79
CA TYR A 109 -1.79 4.02 -4.55
C TYR A 109 -2.01 2.76 -5.37
N THR A 110 -2.22 2.96 -6.66
CA THR A 110 -2.46 1.89 -7.59
C THR A 110 -1.21 1.56 -8.41
N LEU A 111 -0.61 0.40 -8.14
CA LEU A 111 0.60 0.00 -8.87
C LEU A 111 0.27 -0.41 -10.31
N HIS A 112 0.97 0.24 -11.24
CA HIS A 112 0.81 0.01 -12.68
C HIS A 112 1.23 -1.39 -13.12
N LEU A 113 0.51 -2.43 -12.69
CA LEU A 113 0.90 -3.80 -13.04
C LEU A 113 0.04 -4.38 -14.16
N ASN A 114 -0.05 -3.69 -15.29
CA ASN A 114 -0.81 -4.20 -16.42
C ASN A 114 -0.06 -5.37 -17.05
N VAL A 115 -0.14 -6.52 -16.38
CA VAL A 115 0.54 -7.72 -16.83
C VAL A 115 0.21 -8.07 -18.27
N LYS A 116 1.15 -8.71 -18.95
CA LYS A 116 0.96 -9.10 -20.35
C LYS A 116 0.56 -10.56 -20.46
N GLY A 1 -24.18 15.37 -13.74
CA GLY A 1 -24.13 14.16 -14.60
C GLY A 1 -22.71 13.64 -14.78
N SER A 2 -21.81 14.51 -15.23
CA SER A 2 -20.42 14.14 -15.44
C SER A 2 -19.49 15.29 -15.09
N HIS A 3 -18.23 14.97 -14.78
CA HIS A 3 -17.25 15.97 -14.43
C HIS A 3 -15.84 15.52 -14.81
N MET A 4 -14.96 16.48 -15.04
CA MET A 4 -13.57 16.18 -15.42
C MET A 4 -12.80 15.62 -14.24
N ILE A 5 -11.58 15.14 -14.50
CA ILE A 5 -10.74 14.57 -13.46
C ILE A 5 -9.82 15.62 -12.86
N ALA A 6 -10.16 16.89 -13.09
CA ALA A 6 -9.37 18.00 -12.57
C ALA A 6 -9.14 17.86 -11.06
N PRO A 7 -7.90 17.56 -10.64
CA PRO A 7 -7.56 17.40 -9.22
C PRO A 7 -7.43 18.73 -8.50
N LEU A 8 -7.82 18.75 -7.23
CA LEU A 8 -7.74 19.96 -6.42
C LEU A 8 -6.44 19.99 -5.61
N SER A 9 -5.78 18.84 -5.55
CA SER A 9 -4.52 18.73 -4.81
C SER A 9 -3.49 17.96 -5.62
N VAL A 10 -2.30 17.78 -5.03
CA VAL A 10 -1.23 17.05 -5.70
C VAL A 10 -1.02 15.67 -5.08
N LYS A 11 -1.64 14.66 -5.67
CA LYS A 11 -1.53 13.30 -5.18
C LYS A 11 -1.47 12.32 -6.35
N ASP A 12 -0.25 12.05 -6.79
CA ASP A 12 -0.02 11.13 -7.90
C ASP A 12 0.35 9.75 -7.39
N ASN A 13 -0.10 9.41 -6.18
CA ASN A 13 0.19 8.12 -5.58
C ASN A 13 -0.17 6.98 -6.52
N ASP A 14 -1.45 6.88 -6.83
CA ASP A 14 -1.96 5.85 -7.72
C ASP A 14 -1.23 5.86 -9.05
N LYS A 15 -0.34 4.89 -9.23
CA LYS A 15 0.43 4.76 -10.47
C LYS A 15 -0.16 3.65 -11.33
N TRP A 16 -0.60 4.01 -12.52
CA TRP A 16 -1.22 3.08 -13.44
C TRP A 16 -0.25 2.67 -14.54
N VAL A 17 0.19 1.41 -14.55
CA VAL A 17 1.15 0.95 -15.56
C VAL A 17 0.97 -0.52 -15.93
N ASP A 18 1.87 -0.98 -16.78
CA ASP A 18 1.88 -2.36 -17.25
C ASP A 18 2.80 -3.22 -16.38
N THR A 19 3.02 -4.48 -16.78
CA THR A 19 3.89 -5.36 -16.01
C THR A 19 4.14 -6.70 -16.71
N HIS A 20 4.83 -7.58 -16.00
CA HIS A 20 5.16 -8.92 -16.50
C HIS A 20 4.56 -9.98 -15.58
N VAL A 21 5.21 -11.13 -15.45
CA VAL A 21 4.70 -12.18 -14.58
C VAL A 21 5.55 -12.34 -13.32
N GLY A 22 4.89 -12.32 -12.17
CA GLY A 22 5.58 -12.47 -10.91
C GLY A 22 6.70 -11.46 -10.70
N LYS A 23 6.66 -10.37 -11.45
CA LYS A 23 7.68 -9.33 -11.33
C LYS A 23 7.59 -8.68 -9.95
N THR A 24 8.24 -9.32 -8.98
CA THR A 24 8.23 -8.84 -7.60
C THR A 24 8.52 -7.35 -7.52
N THR A 25 7.46 -6.56 -7.31
CA THR A 25 7.60 -5.12 -7.20
C THR A 25 7.61 -4.70 -5.74
N GLU A 26 8.82 -4.58 -5.19
CA GLU A 26 9.01 -4.19 -3.81
C GLU A 26 8.83 -2.70 -3.63
N ILE A 27 7.99 -2.32 -2.68
CA ILE A 27 7.74 -0.91 -2.41
C ILE A 27 7.77 -0.61 -0.93
N HIS A 28 8.86 0.03 -0.50
CA HIS A 28 9.01 0.43 0.88
C HIS A 28 8.38 1.80 1.08
N LEU A 29 7.24 1.83 1.76
CA LEU A 29 6.54 3.08 1.99
C LEU A 29 6.74 3.54 3.42
N LYS A 30 6.74 4.85 3.62
CA LYS A 30 6.92 5.41 4.96
C LYS A 30 5.58 5.83 5.54
N GLY A 31 5.54 5.99 6.85
CA GLY A 31 4.30 6.37 7.50
C GLY A 31 4.41 6.31 9.02
N ASN A 32 3.29 6.06 9.67
CA ASN A 32 3.24 5.98 11.13
C ASN A 32 1.86 5.52 11.61
N PRO A 33 1.75 4.26 12.07
CA PRO A 33 0.47 3.72 12.56
C PRO A 33 -0.10 4.52 13.71
N THR A 34 0.76 5.25 14.41
CA THR A 34 0.36 6.06 15.54
C THR A 34 -0.60 7.18 15.09
N THR A 35 -0.50 7.56 13.83
CA THR A 35 -1.35 8.61 13.28
C THR A 35 -2.82 8.23 13.35
N GLY A 36 -3.16 7.09 12.76
CA GLY A 36 -4.54 6.63 12.78
C GLY A 36 -4.91 5.83 11.56
N TYR A 37 -4.00 5.75 10.59
CA TYR A 37 -4.25 5.00 9.36
C TYR A 37 -3.18 3.95 9.12
N MET A 38 -3.28 3.26 7.99
CA MET A 38 -2.34 2.23 7.61
C MET A 38 -2.24 2.15 6.10
N TRP A 39 -1.09 1.70 5.63
CA TRP A 39 -0.86 1.54 4.21
C TRP A 39 -1.03 0.07 3.83
N THR A 40 -2.25 -0.31 3.46
CA THR A 40 -2.53 -1.69 3.09
C THR A 40 -3.41 -1.77 1.84
N ARG A 41 -3.76 -2.98 1.42
CA ARG A 41 -4.59 -3.18 0.22
C ARG A 41 -6.09 -3.02 0.54
N VAL A 42 -6.88 -2.77 -0.51
CA VAL A 42 -8.32 -2.58 -0.37
C VAL A 42 -9.03 -3.88 -0.03
N GLY A 43 -10.04 -3.80 0.84
CA GLY A 43 -10.78 -4.98 1.23
C GLY A 43 -10.00 -5.87 2.16
N PHE A 44 -8.80 -5.41 2.52
CA PHE A 44 -7.93 -6.17 3.42
C PHE A 44 -7.53 -5.33 4.61
N VAL A 45 -7.97 -4.07 4.61
CA VAL A 45 -7.69 -3.15 5.71
C VAL A 45 -7.67 -3.87 7.06
N GLY A 46 -6.47 -4.19 7.53
CA GLY A 46 -6.33 -4.88 8.80
C GLY A 46 -5.42 -6.10 8.69
N LYS A 47 -5.64 -6.91 7.66
CA LYS A 47 -4.86 -8.11 7.43
C LYS A 47 -3.39 -7.77 7.19
N ASP A 48 -2.63 -8.75 6.70
CA ASP A 48 -1.21 -8.57 6.44
C ASP A 48 -0.85 -9.02 5.02
N VAL A 49 -1.25 -10.24 4.68
CA VAL A 49 -0.95 -10.81 3.37
C VAL A 49 -1.63 -10.01 2.25
N LEU A 50 -2.93 -9.77 2.40
CA LEU A 50 -3.71 -9.02 1.41
C LEU A 50 -3.94 -9.84 0.15
N SER A 51 -2.84 -10.20 -0.51
CA SER A 51 -2.87 -11.00 -1.73
C SER A 51 -3.81 -12.20 -1.62
N ASP A 52 -4.03 -12.88 -2.74
CA ASP A 52 -4.90 -14.05 -2.78
C ASP A 52 -4.56 -14.97 -3.95
N GLU A 53 -5.13 -14.66 -5.11
CA GLU A 53 -4.90 -15.45 -6.30
C GLU A 53 -4.48 -14.58 -7.49
N ILE A 54 -5.03 -13.37 -7.54
CA ILE A 54 -4.73 -12.43 -8.61
C ILE A 54 -3.30 -11.93 -8.52
N LEU A 55 -3.05 -11.01 -7.60
CA LEU A 55 -1.71 -10.47 -7.39
C LEU A 55 -1.07 -11.04 -6.15
N GLU A 56 0.06 -11.73 -6.32
CA GLU A 56 0.80 -12.28 -5.17
C GLU A 56 1.42 -11.15 -4.39
N VAL A 57 0.58 -10.32 -3.77
CA VAL A 57 1.04 -9.20 -2.99
C VAL A 57 1.57 -9.62 -1.64
N VAL A 58 2.82 -10.03 -1.60
CA VAL A 58 3.43 -10.44 -0.35
C VAL A 58 3.80 -9.19 0.45
N CYS A 59 2.80 -8.65 1.11
CA CYS A 59 2.97 -7.44 1.90
C CYS A 59 3.38 -7.76 3.33
N LYS A 60 4.30 -6.95 3.85
CA LYS A 60 4.78 -7.12 5.20
C LYS A 60 4.79 -5.77 5.92
N TYR A 61 3.84 -5.58 6.80
CA TYR A 61 3.74 -4.36 7.56
C TYR A 61 4.65 -4.41 8.77
N THR A 62 5.65 -3.54 8.79
CA THR A 62 6.60 -3.49 9.90
C THR A 62 6.53 -2.14 10.61
N PRO A 63 6.20 -2.14 11.91
CA PRO A 63 6.10 -0.92 12.70
C PRO A 63 7.36 -0.66 13.51
N THR A 64 8.51 -0.89 12.91
CA THR A 64 9.80 -0.69 13.56
C THR A 64 9.79 0.57 14.43
N PRO A 65 10.42 0.50 15.63
CA PRO A 65 10.47 1.64 16.55
C PRO A 65 10.88 2.94 15.88
N SER A 66 10.10 3.99 16.11
CA SER A 66 10.37 5.30 15.52
C SER A 66 11.64 5.92 16.13
N SER A 67 12.07 7.04 15.56
CA SER A 67 13.26 7.73 16.04
C SER A 67 12.88 8.94 16.88
N THR A 68 11.61 9.03 17.26
CA THR A 68 11.12 10.13 18.08
C THR A 68 11.89 10.23 19.39
N PRO A 69 11.94 11.44 20.00
CA PRO A 69 12.65 11.67 21.26
C PRO A 69 11.89 11.11 22.47
N MET A 70 10.88 10.32 22.17
CA MET A 70 10.05 9.72 23.21
C MET A 70 9.83 8.23 22.93
N VAL A 71 8.57 7.83 22.75
CA VAL A 71 8.23 6.44 22.47
C VAL A 71 7.33 6.33 21.26
N GLY A 72 7.77 5.58 20.26
CA GLY A 72 6.99 5.40 19.05
C GLY A 72 7.22 4.06 18.39
N VAL A 73 6.20 3.56 17.69
CA VAL A 73 6.30 2.29 17.01
C VAL A 73 5.79 2.40 15.57
N GLY A 74 6.60 3.01 14.71
CA GLY A 74 6.22 3.18 13.32
C GLY A 74 7.35 2.87 12.36
N GLY A 75 7.15 1.84 11.54
CA GLY A 75 8.17 1.46 10.57
C GLY A 75 7.80 1.85 9.16
N ILE A 76 7.65 0.84 8.30
CA ILE A 76 7.29 1.09 6.91
C ILE A 76 6.33 0.02 6.42
N TYR A 77 6.19 -0.06 5.09
CA TYR A 77 5.29 -1.03 4.48
C TYR A 77 5.94 -1.65 3.24
N VAL A 78 6.51 -2.84 3.41
CA VAL A 78 7.17 -3.54 2.31
C VAL A 78 6.16 -4.37 1.53
N VAL A 79 5.80 -3.91 0.35
CA VAL A 79 4.82 -4.60 -0.47
C VAL A 79 5.40 -5.23 -1.73
N LEU A 80 5.44 -6.56 -1.77
CA LEU A 80 5.93 -7.30 -2.93
C LEU A 80 4.75 -7.70 -3.80
N VAL A 81 4.58 -7.03 -4.93
CA VAL A 81 3.48 -7.34 -5.82
C VAL A 81 3.94 -8.22 -6.99
N LYS A 82 3.58 -9.50 -6.92
CA LYS A 82 3.94 -10.47 -7.95
C LYS A 82 2.72 -10.91 -8.75
N PRO A 83 2.55 -10.39 -9.98
CA PRO A 83 1.41 -10.75 -10.83
C PRO A 83 1.30 -12.26 -11.04
N ARG A 84 0.26 -12.86 -10.48
CA ARG A 84 0.05 -14.30 -10.60
C ARG A 84 -0.61 -14.66 -11.93
N LYS A 85 -1.76 -14.05 -12.19
CA LYS A 85 -2.51 -14.32 -13.42
C LYS A 85 -2.26 -13.25 -14.47
N ARG A 86 -2.56 -13.59 -15.72
CA ARG A 86 -2.38 -12.66 -16.83
C ARG A 86 -3.68 -11.91 -17.12
N GLY A 87 -3.56 -10.63 -17.44
CA GLY A 87 -4.74 -9.84 -17.74
C GLY A 87 -4.62 -8.41 -17.22
N HIS A 88 -5.50 -8.05 -16.29
CA HIS A 88 -5.49 -6.72 -15.70
C HIS A 88 -5.51 -6.77 -14.18
N HIS A 89 -4.33 -6.61 -13.58
CA HIS A 89 -4.20 -6.64 -12.12
C HIS A 89 -3.95 -5.24 -11.58
N THR A 90 -4.12 -5.06 -10.27
CA THR A 90 -3.91 -3.76 -9.65
C THR A 90 -3.63 -3.89 -8.15
N LEU A 91 -2.85 -2.94 -7.64
CA LEU A 91 -2.50 -2.92 -6.22
C LEU A 91 -2.91 -1.59 -5.60
N GLU A 92 -4.14 -1.51 -5.14
CA GLU A 92 -4.64 -0.28 -4.53
C GLU A 92 -4.31 -0.22 -3.06
N LEU A 93 -3.19 0.41 -2.73
CA LEU A 93 -2.77 0.54 -1.34
C LEU A 93 -3.31 1.85 -0.77
N VAL A 94 -4.41 1.74 -0.02
CA VAL A 94 -5.05 2.90 0.57
C VAL A 94 -4.56 3.17 1.99
N TYR A 95 -4.59 4.44 2.38
CA TYR A 95 -4.22 4.84 3.73
C TYR A 95 -5.49 4.81 4.57
N THR A 96 -5.90 3.60 4.95
CA THR A 96 -7.14 3.39 5.70
C THR A 96 -6.92 3.24 7.20
N ARG A 97 -8.03 3.20 7.93
CA ARG A 97 -8.00 3.04 9.38
C ARG A 97 -8.40 1.61 9.76
N PRO A 98 -7.42 0.73 9.98
CA PRO A 98 -7.69 -0.67 10.35
C PRO A 98 -8.76 -0.79 11.44
N PHE A 99 -8.88 0.25 12.26
CA PHE A 99 -9.86 0.28 13.33
C PHE A 99 -11.22 0.77 12.83
N GLU A 100 -11.21 1.73 11.91
CA GLU A 100 -12.45 2.28 11.37
C GLU A 100 -12.72 1.75 9.95
N GLY A 101 -12.25 2.49 8.94
CA GLY A 101 -12.47 2.09 7.57
C GLY A 101 -11.61 2.87 6.61
N ILE A 102 -11.77 2.58 5.32
CA ILE A 102 -10.99 3.24 4.29
C ILE A 102 -11.59 4.56 3.86
N LYS A 103 -12.63 4.48 3.06
CA LYS A 103 -13.32 5.65 2.54
C LYS A 103 -12.47 6.38 1.50
N PRO A 104 -13.10 7.15 0.60
CA PRO A 104 -12.40 7.89 -0.46
C PRO A 104 -11.49 8.98 0.08
N GLU A 105 -11.93 9.62 1.16
CA GLU A 105 -11.17 10.69 1.79
C GLU A 105 -9.74 10.26 2.11
N ASN A 106 -9.52 8.95 2.15
CA ASN A 106 -8.20 8.40 2.46
C ASN A 106 -7.34 8.29 1.20
N GLU A 107 -6.06 8.62 1.33
CA GLU A 107 -5.12 8.53 0.24
C GLU A 107 -4.95 7.08 -0.21
N ARG A 108 -4.06 6.86 -1.17
CA ARG A 108 -3.83 5.50 -1.66
C ARG A 108 -2.54 5.42 -2.47
N TYR A 109 -2.43 4.32 -3.21
CA TYR A 109 -1.31 4.05 -4.08
C TYR A 109 -1.69 2.91 -5.02
N THR A 110 -2.62 3.21 -5.92
CA THR A 110 -3.12 2.24 -6.87
C THR A 110 -2.07 1.88 -7.91
N LEU A 111 -1.27 0.87 -7.59
CA LEU A 111 -0.23 0.41 -8.50
C LEU A 111 -0.80 -0.57 -9.51
N HIS A 112 -1.22 -0.06 -10.66
CA HIS A 112 -1.77 -0.90 -11.70
C HIS A 112 -0.66 -1.61 -12.44
N LEU A 113 -0.93 -2.83 -12.85
CA LEU A 113 0.05 -3.65 -13.54
C LEU A 113 -0.61 -4.52 -14.61
N ASN A 114 -0.65 -4.01 -15.84
CA ASN A 114 -1.23 -4.75 -16.94
C ASN A 114 -0.40 -6.00 -17.21
N VAL A 115 -0.72 -7.07 -16.48
CA VAL A 115 0.00 -8.32 -16.61
C VAL A 115 -0.14 -8.92 -18.01
N LYS A 116 0.97 -9.00 -18.73
CA LYS A 116 0.97 -9.56 -20.08
C LYS A 116 1.22 -11.06 -20.05
N GLY A 1 -3.13 27.19 -12.76
CA GLY A 1 -4.14 27.20 -13.86
C GLY A 1 -5.10 26.04 -13.76
N SER A 2 -4.75 25.04 -12.95
CA SER A 2 -5.60 23.86 -12.77
C SER A 2 -5.45 23.30 -11.36
N HIS A 3 -4.24 23.43 -10.81
CA HIS A 3 -3.97 22.93 -9.46
C HIS A 3 -3.29 24.00 -8.61
N MET A 4 -3.50 23.95 -7.31
CA MET A 4 -2.91 24.90 -6.39
C MET A 4 -1.54 24.42 -5.91
N ILE A 5 -1.17 23.21 -6.32
CA ILE A 5 0.12 22.62 -5.94
C ILE A 5 0.21 22.47 -4.42
N ALA A 6 -0.91 22.65 -3.74
CA ALA A 6 -0.94 22.54 -2.29
C ALA A 6 -1.45 21.16 -1.86
N PRO A 7 -0.93 20.61 -0.74
CA PRO A 7 -1.35 19.30 -0.24
C PRO A 7 -2.82 19.26 0.10
N LEU A 8 -3.59 18.50 -0.68
CA LEU A 8 -5.03 18.37 -0.46
C LEU A 8 -5.48 16.94 -0.70
N SER A 9 -6.80 16.75 -0.78
CA SER A 9 -7.37 15.43 -1.02
C SER A 9 -6.85 14.84 -2.32
N VAL A 10 -6.45 15.71 -3.25
CA VAL A 10 -5.93 15.27 -4.54
C VAL A 10 -4.45 14.93 -4.45
N LYS A 11 -4.05 13.90 -5.17
CA LYS A 11 -2.66 13.45 -5.18
C LYS A 11 -2.47 12.31 -6.17
N ASP A 12 -1.37 12.35 -6.90
CA ASP A 12 -1.07 11.32 -7.88
C ASP A 12 -0.57 10.05 -7.21
N ASN A 13 -1.41 9.03 -7.18
CA ASN A 13 -1.06 7.76 -6.56
C ASN A 13 -1.12 6.61 -7.56
N ASP A 14 -2.32 6.10 -7.75
CA ASP A 14 -2.58 5.00 -8.67
C ASP A 14 -1.66 5.04 -9.88
N LYS A 15 -0.66 4.15 -9.87
CA LYS A 15 0.30 4.06 -10.97
C LYS A 15 -0.19 3.10 -12.05
N TRP A 16 -0.79 3.67 -13.09
CA TRP A 16 -1.31 2.89 -14.20
C TRP A 16 -0.18 2.51 -15.15
N VAL A 17 0.30 1.27 -15.04
CA VAL A 17 1.39 0.81 -15.89
C VAL A 17 1.27 -0.66 -16.23
N ASP A 18 2.32 -1.20 -16.85
CA ASP A 18 2.37 -2.60 -17.27
C ASP A 18 3.32 -3.38 -16.37
N THR A 19 3.50 -4.67 -16.67
CA THR A 19 4.40 -5.52 -15.87
C THR A 19 4.54 -6.92 -16.46
N HIS A 20 5.27 -7.76 -15.73
CA HIS A 20 5.50 -9.15 -16.14
C HIS A 20 4.91 -10.10 -15.11
N VAL A 21 5.29 -11.38 -15.17
CA VAL A 21 4.76 -12.37 -14.23
C VAL A 21 5.60 -12.46 -12.96
N GLY A 22 4.91 -12.45 -11.83
CA GLY A 22 5.57 -12.54 -10.53
C GLY A 22 6.67 -11.51 -10.35
N LYS A 23 6.63 -10.45 -11.13
CA LYS A 23 7.63 -9.39 -11.01
C LYS A 23 7.53 -8.74 -9.63
N THR A 24 8.20 -9.35 -8.66
CA THR A 24 8.18 -8.86 -7.29
C THR A 24 8.48 -7.37 -7.23
N THR A 25 7.43 -6.57 -7.16
CA THR A 25 7.58 -5.12 -7.09
C THR A 25 7.54 -4.65 -5.65
N GLU A 26 8.73 -4.41 -5.09
CA GLU A 26 8.87 -3.95 -3.73
C GLU A 26 8.52 -2.49 -3.61
N ILE A 27 7.71 -2.17 -2.61
CA ILE A 27 7.29 -0.80 -2.38
C ILE A 27 7.42 -0.38 -0.93
N HIS A 28 8.49 0.33 -0.62
CA HIS A 28 8.72 0.83 0.72
C HIS A 28 7.96 2.13 0.91
N LEU A 29 6.79 2.05 1.51
CA LEU A 29 5.97 3.23 1.74
C LEU A 29 6.24 3.83 3.11
N LYS A 30 6.11 5.13 3.22
CA LYS A 30 6.35 5.82 4.48
C LYS A 30 5.04 6.16 5.15
N GLY A 31 5.10 6.44 6.45
CA GLY A 31 3.91 6.78 7.19
C GLY A 31 4.18 6.93 8.67
N ASN A 32 3.21 6.50 9.49
CA ASN A 32 3.34 6.59 10.94
C ASN A 32 2.17 5.89 11.63
N PRO A 33 2.33 4.61 12.01
CA PRO A 33 1.27 3.85 12.68
C PRO A 33 0.68 4.60 13.88
N THR A 34 1.47 5.50 14.44
CA THR A 34 1.03 6.29 15.59
C THR A 34 -0.18 7.16 15.25
N THR A 35 -0.21 7.67 14.02
CA THR A 35 -1.30 8.53 13.57
C THR A 35 -2.65 7.83 13.75
N GLY A 36 -2.82 6.68 13.09
CA GLY A 36 -4.06 5.95 13.19
C GLY A 36 -4.37 5.15 11.94
N TYR A 37 -3.96 5.69 10.79
CA TYR A 37 -4.21 5.01 9.52
C TYR A 37 -3.16 3.94 9.25
N MET A 38 -3.25 3.32 8.08
CA MET A 38 -2.34 2.27 7.68
C MET A 38 -2.22 2.24 6.16
N TRP A 39 -1.08 1.78 5.69
CA TRP A 39 -0.86 1.66 4.26
C TRP A 39 -0.91 0.20 3.85
N THR A 40 -2.11 -0.29 3.59
CA THR A 40 -2.30 -1.68 3.20
C THR A 40 -3.18 -1.77 1.94
N ARG A 41 -3.72 -2.94 1.65
CA ARG A 41 -4.56 -3.10 0.47
C ARG A 41 -6.04 -2.85 0.79
N VAL A 42 -6.73 -2.17 -0.12
CA VAL A 42 -8.14 -1.83 0.06
C VAL A 42 -8.99 -3.06 0.36
N GLY A 43 -9.85 -2.95 1.36
CA GLY A 43 -10.72 -4.06 1.73
C GLY A 43 -10.01 -5.12 2.54
N PHE A 44 -8.76 -5.39 2.17
CA PHE A 44 -7.95 -6.38 2.85
C PHE A 44 -7.32 -5.80 4.11
N VAL A 45 -7.67 -4.54 4.37
CA VAL A 45 -7.16 -3.84 5.55
C VAL A 45 -7.40 -4.64 6.82
N GLY A 46 -6.33 -5.15 7.40
CA GLY A 46 -6.44 -5.94 8.62
C GLY A 46 -5.92 -7.35 8.44
N LYS A 47 -5.74 -7.76 7.18
CA LYS A 47 -5.24 -9.09 6.87
C LYS A 47 -3.73 -9.15 6.95
N ASP A 48 -3.14 -10.18 6.36
CA ASP A 48 -1.69 -10.36 6.38
C ASP A 48 -1.11 -10.24 4.97
N VAL A 49 -1.60 -11.09 4.06
CA VAL A 49 -1.13 -11.10 2.69
C VAL A 49 -1.87 -10.08 1.83
N LEU A 50 -3.15 -9.92 2.11
CA LEU A 50 -4.01 -9.00 1.37
C LEU A 50 -4.37 -9.58 0.00
N SER A 51 -3.37 -10.13 -0.69
CA SER A 51 -3.57 -10.74 -2.00
C SER A 51 -4.58 -11.88 -1.94
N ASP A 52 -4.76 -12.57 -3.07
CA ASP A 52 -5.70 -13.69 -3.15
C ASP A 52 -5.21 -14.76 -4.13
N GLU A 53 -5.50 -14.54 -5.40
CA GLU A 53 -5.11 -15.49 -6.44
C GLU A 53 -4.55 -14.78 -7.67
N ILE A 54 -5.01 -13.55 -7.91
CA ILE A 54 -4.56 -12.77 -9.05
C ILE A 54 -3.17 -12.20 -8.84
N LEU A 55 -3.11 -11.04 -8.21
CA LEU A 55 -1.83 -10.39 -7.95
C LEU A 55 -1.33 -10.69 -6.54
N GLU A 56 -0.32 -11.55 -6.44
CA GLU A 56 0.25 -11.88 -5.14
C GLU A 56 0.73 -10.61 -4.47
N VAL A 57 0.63 -10.57 -3.14
CA VAL A 57 1.05 -9.38 -2.41
C VAL A 57 1.64 -9.74 -1.05
N VAL A 58 2.96 -9.94 -1.01
CA VAL A 58 3.62 -10.24 0.25
C VAL A 58 3.77 -8.96 1.06
N CYS A 59 2.72 -8.64 1.80
CA CYS A 59 2.71 -7.43 2.62
C CYS A 59 3.57 -7.61 3.86
N LYS A 60 4.45 -6.66 4.09
CA LYS A 60 5.34 -6.70 5.24
C LYS A 60 5.31 -5.38 5.99
N TYR A 61 4.18 -5.10 6.60
CA TYR A 61 4.00 -3.88 7.38
C TYR A 61 4.94 -3.92 8.59
N THR A 62 6.02 -3.15 8.51
CA THR A 62 7.00 -3.09 9.58
C THR A 62 6.90 -1.79 10.36
N PRO A 63 6.50 -1.86 11.64
CA PRO A 63 6.36 -0.69 12.49
C PRO A 63 7.59 -0.48 13.38
N THR A 64 8.77 -0.67 12.78
CA THR A 64 10.03 -0.52 13.51
C THR A 64 9.97 0.63 14.50
N PRO A 65 10.56 0.46 15.70
CA PRO A 65 10.57 1.49 16.74
C PRO A 65 11.04 2.84 16.22
N SER A 66 10.43 3.91 16.74
CA SER A 66 10.79 5.27 16.33
C SER A 66 11.88 5.84 17.24
N SER A 67 12.38 7.01 16.87
CA SER A 67 13.43 7.67 17.64
C SER A 67 12.83 8.67 18.63
N THR A 68 11.54 8.50 18.92
CA THR A 68 10.85 9.39 19.84
C THR A 68 11.53 9.40 21.21
N PRO A 69 11.36 10.49 21.98
CA PRO A 69 11.95 10.61 23.32
C PRO A 69 11.22 9.79 24.37
N MET A 70 10.34 8.92 23.89
CA MET A 70 9.56 8.05 24.76
C MET A 70 9.28 6.71 24.08
N VAL A 71 8.00 6.43 23.85
CA VAL A 71 7.60 5.18 23.21
C VAL A 71 7.19 5.41 21.75
N GLY A 72 7.84 4.71 20.84
CA GLY A 72 7.53 4.86 19.43
C GLY A 72 7.65 3.56 18.66
N VAL A 73 6.64 3.25 17.85
CA VAL A 73 6.63 2.03 17.06
C VAL A 73 6.09 2.30 15.66
N GLY A 74 6.92 2.88 14.80
CA GLY A 74 6.50 3.20 13.45
C GLY A 74 7.61 3.02 12.43
N GLY A 75 7.33 2.21 11.40
CA GLY A 75 8.31 1.97 10.36
C GLY A 75 7.79 2.33 8.98
N ILE A 76 7.63 1.32 8.14
CA ILE A 76 7.13 1.52 6.80
C ILE A 76 6.20 0.37 6.40
N TYR A 77 5.94 0.27 5.09
CA TYR A 77 5.07 -0.76 4.57
C TYR A 77 5.71 -1.40 3.33
N VAL A 78 6.35 -2.55 3.53
CA VAL A 78 7.01 -3.25 2.43
C VAL A 78 6.03 -4.15 1.70
N VAL A 79 5.53 -3.67 0.56
CA VAL A 79 4.56 -4.42 -0.23
C VAL A 79 5.21 -5.06 -1.46
N LEU A 80 5.21 -6.39 -1.50
CA LEU A 80 5.76 -7.13 -2.64
C LEU A 80 4.63 -7.64 -3.50
N VAL A 81 4.46 -7.06 -4.68
CA VAL A 81 3.40 -7.46 -5.58
C VAL A 81 3.90 -8.39 -6.68
N LYS A 82 3.52 -9.66 -6.58
CA LYS A 82 3.93 -10.67 -7.54
C LYS A 82 2.73 -11.20 -8.34
N PRO A 83 2.49 -10.65 -9.55
CA PRO A 83 1.38 -11.09 -10.39
C PRO A 83 1.38 -12.59 -10.62
N ARG A 84 0.46 -13.29 -9.97
CA ARG A 84 0.35 -14.73 -10.10
C ARG A 84 -0.14 -15.14 -11.48
N LYS A 85 -0.95 -14.27 -12.09
CA LYS A 85 -1.51 -14.54 -13.40
C LYS A 85 -1.17 -13.42 -14.37
N ARG A 86 -1.67 -13.53 -15.60
CA ARG A 86 -1.42 -12.51 -16.62
C ARG A 86 -2.71 -11.84 -17.05
N GLY A 87 -2.64 -10.55 -17.35
CA GLY A 87 -3.81 -9.82 -17.78
C GLY A 87 -3.89 -8.44 -17.14
N HIS A 88 -5.03 -8.12 -16.56
CA HIS A 88 -5.23 -6.83 -15.91
C HIS A 88 -5.21 -6.97 -14.40
N HIS A 89 -4.03 -6.80 -13.82
CA HIS A 89 -3.87 -6.90 -12.37
C HIS A 89 -3.62 -5.52 -11.77
N THR A 90 -3.78 -5.41 -10.45
CA THR A 90 -3.58 -4.14 -9.77
C THR A 90 -3.33 -4.32 -8.28
N LEU A 91 -2.69 -3.33 -7.66
CA LEU A 91 -2.40 -3.36 -6.24
C LEU A 91 -3.08 -2.20 -5.54
N GLU A 92 -4.33 -2.41 -5.13
CA GLU A 92 -5.09 -1.38 -4.44
C GLU A 92 -4.54 -1.10 -3.05
N LEU A 93 -3.71 -0.08 -2.94
CA LEU A 93 -3.15 0.30 -1.64
C LEU A 93 -3.78 1.61 -1.19
N VAL A 94 -4.31 1.62 0.02
CA VAL A 94 -4.96 2.80 0.56
C VAL A 94 -4.50 3.10 1.99
N TYR A 95 -4.65 4.36 2.38
CA TYR A 95 -4.29 4.81 3.73
C TYR A 95 -5.55 4.88 4.59
N THR A 96 -5.88 3.76 5.23
CA THR A 96 -7.09 3.69 6.05
C THR A 96 -6.80 3.32 7.50
N ARG A 97 -7.82 3.45 8.33
CA ARG A 97 -7.70 3.11 9.75
C ARG A 97 -8.32 1.74 10.01
N PRO A 98 -7.51 0.67 10.03
CA PRO A 98 -8.00 -0.69 10.27
C PRO A 98 -8.98 -0.76 11.42
N PHE A 99 -8.81 0.12 12.40
CA PHE A 99 -9.68 0.17 13.55
C PHE A 99 -11.05 0.76 13.19
N GLU A 100 -11.05 1.79 12.37
CA GLU A 100 -12.28 2.44 11.95
C GLU A 100 -12.76 1.92 10.59
N GLY A 101 -12.10 2.38 9.54
CA GLY A 101 -12.47 1.96 8.19
C GLY A 101 -11.90 2.88 7.13
N ILE A 102 -12.07 2.48 5.88
CA ILE A 102 -11.55 3.26 4.76
C ILE A 102 -12.54 4.34 4.35
N LYS A 103 -12.01 5.42 3.80
CA LYS A 103 -12.84 6.54 3.36
C LYS A 103 -12.28 7.19 2.11
N PRO A 104 -13.09 8.04 1.44
CA PRO A 104 -12.68 8.75 0.22
C PRO A 104 -11.52 9.70 0.47
N GLU A 105 -11.63 10.47 1.55
CA GLU A 105 -10.59 11.43 1.91
C GLU A 105 -9.25 10.73 2.12
N ASN A 106 -9.30 9.47 2.54
CA ASN A 106 -8.08 8.70 2.78
C ASN A 106 -7.19 8.69 1.55
N GLU A 107 -5.88 8.67 1.77
CA GLU A 107 -4.92 8.66 0.68
C GLU A 107 -5.09 7.43 -0.19
N ARG A 108 -4.50 7.47 -1.39
CA ARG A 108 -4.60 6.36 -2.33
C ARG A 108 -3.22 5.98 -2.89
N TYR A 109 -3.16 4.78 -3.47
CA TYR A 109 -1.94 4.28 -4.08
C TYR A 109 -2.24 2.95 -4.78
N THR A 110 -2.99 3.03 -5.88
CA THR A 110 -3.38 1.86 -6.63
C THR A 110 -2.37 1.55 -7.74
N LEU A 111 -1.39 0.73 -7.42
CA LEU A 111 -0.37 0.36 -8.41
C LEU A 111 -0.93 -0.58 -9.45
N HIS A 112 -1.40 -0.02 -10.56
CA HIS A 112 -1.97 -0.81 -11.64
C HIS A 112 -0.87 -1.44 -12.48
N LEU A 113 -1.13 -2.64 -12.97
CA LEU A 113 -0.16 -3.39 -13.77
C LEU A 113 -0.85 -4.22 -14.84
N ASN A 114 -0.68 -3.83 -16.10
CA ASN A 114 -1.25 -4.57 -17.22
C ASN A 114 -0.35 -5.74 -17.55
N VAL A 115 -0.32 -6.71 -16.64
CA VAL A 115 0.52 -7.89 -16.81
C VAL A 115 0.36 -8.51 -18.19
N LYS A 116 1.45 -8.55 -18.94
CA LYS A 116 1.45 -9.12 -20.28
C LYS A 116 1.63 -10.63 -20.24
N GLY A 1 -3.15 30.37 4.27
CA GLY A 1 -4.00 29.16 4.12
C GLY A 1 -4.33 28.86 2.67
N SER A 2 -3.66 29.55 1.75
CA SER A 2 -3.89 29.36 0.33
C SER A 2 -2.76 28.55 -0.29
N HIS A 3 -3.10 27.39 -0.84
CA HIS A 3 -2.11 26.50 -1.47
C HIS A 3 -1.02 26.10 -0.48
N MET A 4 -1.16 24.90 0.07
CA MET A 4 -0.19 24.38 1.03
C MET A 4 0.65 23.27 0.42
N ILE A 5 1.83 23.04 0.98
CA ILE A 5 2.72 22.00 0.49
C ILE A 5 2.45 20.67 1.19
N ALA A 6 1.95 20.75 2.42
CA ALA A 6 1.65 19.55 3.19
C ALA A 6 0.60 18.69 2.49
N PRO A 7 0.87 17.38 2.32
CA PRO A 7 -0.06 16.46 1.67
C PRO A 7 -1.43 16.42 2.36
N LEU A 8 -2.48 16.51 1.57
CA LEU A 8 -3.84 16.48 2.10
C LEU A 8 -4.80 15.80 1.13
N SER A 9 -4.84 16.30 -0.10
CA SER A 9 -5.71 15.75 -1.13
C SER A 9 -4.90 15.32 -2.35
N VAL A 10 -3.86 16.09 -2.67
CA VAL A 10 -3.01 15.79 -3.81
C VAL A 10 -1.80 14.97 -3.38
N LYS A 11 -1.53 13.88 -4.11
CA LYS A 11 -0.41 13.00 -3.79
C LYS A 11 -0.27 11.92 -4.86
N ASP A 12 0.95 11.69 -5.30
CA ASP A 12 1.23 10.69 -6.30
C ASP A 12 1.01 9.29 -5.73
N ASN A 13 -0.17 8.74 -5.96
CA ASN A 13 -0.51 7.42 -5.46
C ASN A 13 -0.91 6.48 -6.59
N ASP A 14 -1.45 7.05 -7.66
CA ASP A 14 -1.88 6.29 -8.81
C ASP A 14 -0.74 6.03 -9.78
N LYS A 15 -0.15 4.85 -9.68
CA LYS A 15 0.94 4.46 -10.57
C LYS A 15 0.43 3.34 -11.48
N TRP A 16 -0.35 3.73 -12.47
CA TRP A 16 -0.94 2.80 -13.40
C TRP A 16 0.01 2.52 -14.56
N VAL A 17 0.57 1.30 -14.60
CA VAL A 17 1.53 0.94 -15.64
C VAL A 17 1.46 -0.54 -16.02
N ASP A 18 2.43 -0.96 -16.84
CA ASP A 18 2.51 -2.33 -17.30
C ASP A 18 3.51 -3.13 -16.47
N THR A 19 3.64 -4.42 -16.76
CA THR A 19 4.57 -5.29 -16.03
C THR A 19 4.65 -6.69 -16.64
N HIS A 20 5.39 -7.56 -15.96
CA HIS A 20 5.55 -8.94 -16.41
C HIS A 20 5.09 -9.90 -15.32
N VAL A 21 5.29 -11.20 -15.54
CA VAL A 21 4.87 -12.20 -14.56
C VAL A 21 5.76 -12.20 -13.31
N GLY A 22 5.11 -12.25 -12.15
CA GLY A 22 5.82 -12.28 -10.88
C GLY A 22 6.76 -11.11 -10.67
N LYS A 23 6.62 -10.06 -11.49
CA LYS A 23 7.47 -8.88 -11.35
C LYS A 23 7.34 -8.31 -9.94
N THR A 24 8.14 -8.84 -9.02
CA THR A 24 8.10 -8.41 -7.63
C THR A 24 8.36 -6.90 -7.52
N THR A 25 7.30 -6.14 -7.33
CA THR A 25 7.42 -4.70 -7.19
C THR A 25 7.39 -4.29 -5.73
N GLU A 26 8.58 -4.01 -5.19
CA GLU A 26 8.72 -3.61 -3.80
C GLU A 26 8.23 -2.18 -3.62
N ILE A 27 7.41 -2.00 -2.59
CA ILE A 27 6.86 -0.69 -2.30
C ILE A 27 7.08 -0.31 -0.85
N HIS A 28 8.24 0.29 -0.58
CA HIS A 28 8.57 0.74 0.76
C HIS A 28 8.02 2.14 0.99
N LEU A 29 6.96 2.23 1.78
CA LEU A 29 6.32 3.51 2.04
C LEU A 29 6.73 4.07 3.40
N LYS A 30 6.30 5.30 3.67
CA LYS A 30 6.60 5.95 4.93
C LYS A 30 5.30 6.27 5.67
N GLY A 31 5.39 6.50 6.96
CA GLY A 31 4.21 6.80 7.74
C GLY A 31 4.29 6.30 9.17
N ASN A 32 3.14 6.23 9.83
CA ASN A 32 3.08 5.75 11.21
C ASN A 32 1.65 5.37 11.59
N PRO A 33 1.41 4.11 11.99
CA PRO A 33 0.07 3.64 12.37
C PRO A 33 -0.45 4.30 13.64
N THR A 34 0.46 4.65 14.53
CA THR A 34 0.09 5.29 15.79
C THR A 34 -0.10 6.80 15.61
N THR A 35 -0.25 7.23 14.36
CA THR A 35 -0.43 8.64 14.06
C THR A 35 -1.54 8.86 13.04
N GLY A 36 -1.31 8.41 11.81
CA GLY A 36 -2.29 8.58 10.76
C GLY A 36 -3.06 7.31 10.45
N TYR A 37 -2.93 6.84 9.22
CA TYR A 37 -3.63 5.64 8.77
C TYR A 37 -2.63 4.52 8.45
N MET A 38 -3.14 3.46 7.84
CA MET A 38 -2.32 2.31 7.45
C MET A 38 -2.25 2.18 5.95
N TRP A 39 -1.15 1.62 5.46
CA TRP A 39 -0.96 1.40 4.04
C TRP A 39 -1.10 -0.08 3.74
N THR A 40 -2.27 -0.47 3.25
CA THR A 40 -2.52 -1.88 2.92
C THR A 40 -3.48 -1.99 1.73
N ARG A 41 -3.87 -3.21 1.36
CA ARG A 41 -4.77 -3.42 0.23
C ARG A 41 -6.24 -3.24 0.64
N VAL A 42 -7.08 -2.93 -0.34
CA VAL A 42 -8.51 -2.71 -0.10
C VAL A 42 -9.20 -3.90 0.55
N GLY A 43 -9.94 -3.63 1.61
CA GLY A 43 -10.66 -4.68 2.31
C GLY A 43 -9.78 -5.53 3.20
N PHE A 44 -8.59 -5.85 2.70
CA PHE A 44 -7.64 -6.67 3.46
C PHE A 44 -7.09 -5.89 4.64
N VAL A 45 -7.44 -4.62 4.73
CA VAL A 45 -6.99 -3.77 5.82
C VAL A 45 -7.21 -4.45 7.17
N GLY A 46 -6.12 -4.63 7.92
CA GLY A 46 -6.22 -5.27 9.21
C GLY A 46 -5.92 -6.75 9.15
N LYS A 47 -6.29 -7.38 8.03
CA LYS A 47 -6.07 -8.80 7.83
C LYS A 47 -4.57 -9.12 7.79
N ASP A 48 -4.27 -10.41 7.78
CA ASP A 48 -2.88 -10.87 7.73
C ASP A 48 -2.32 -10.74 6.33
N VAL A 49 -2.92 -11.48 5.39
CA VAL A 49 -2.49 -11.46 4.01
C VAL A 49 -3.47 -10.67 3.16
N LEU A 50 -2.94 -9.93 2.19
CA LEU A 50 -3.74 -9.11 1.30
C LEU A 50 -3.97 -9.85 -0.01
N SER A 51 -2.88 -10.32 -0.60
CA SER A 51 -2.91 -11.06 -1.86
C SER A 51 -3.88 -12.23 -1.80
N ASP A 52 -3.99 -12.96 -2.91
CA ASP A 52 -4.90 -14.10 -2.98
C ASP A 52 -4.48 -15.05 -4.11
N GLU A 53 -4.97 -14.77 -5.31
CA GLU A 53 -4.67 -15.59 -6.47
C GLU A 53 -4.17 -14.74 -7.63
N ILE A 54 -4.82 -13.61 -7.85
CA ILE A 54 -4.46 -12.70 -8.93
C ILE A 54 -3.05 -12.16 -8.74
N LEU A 55 -2.91 -11.21 -7.83
CA LEU A 55 -1.62 -10.59 -7.54
C LEU A 55 -1.04 -11.12 -6.23
N GLU A 56 0.13 -11.76 -6.30
CA GLU A 56 0.80 -12.26 -5.11
C GLU A 56 1.39 -11.10 -4.33
N VAL A 57 0.51 -10.24 -3.81
CA VAL A 57 0.92 -9.08 -3.05
C VAL A 57 1.47 -9.47 -1.70
N VAL A 58 2.75 -9.82 -1.67
CA VAL A 58 3.40 -10.18 -0.43
C VAL A 58 3.77 -8.93 0.33
N CYS A 59 2.82 -8.42 1.08
CA CYS A 59 3.01 -7.19 1.84
C CYS A 59 3.23 -7.47 3.32
N LYS A 60 4.35 -6.98 3.82
CA LYS A 60 4.68 -7.14 5.23
C LYS A 60 4.76 -5.78 5.89
N TYR A 61 3.76 -5.48 6.70
CA TYR A 61 3.71 -4.22 7.41
C TYR A 61 4.72 -4.23 8.55
N THR A 62 5.84 -3.54 8.35
CA THR A 62 6.89 -3.48 9.34
C THR A 62 6.85 -2.18 10.14
N PRO A 63 6.53 -2.25 11.45
CA PRO A 63 6.46 -1.08 12.32
C PRO A 63 7.83 -0.68 12.84
N THR A 64 8.52 0.15 12.08
CA THR A 64 9.85 0.60 12.45
C THR A 64 9.78 1.71 13.50
N PRO A 65 10.80 1.78 14.38
CA PRO A 65 10.86 2.78 15.44
C PRO A 65 10.99 4.20 14.89
N SER A 66 10.47 5.17 15.64
CA SER A 66 10.53 6.57 15.24
C SER A 66 11.90 7.16 15.53
N SER A 67 12.06 8.44 15.20
CA SER A 67 13.33 9.13 15.43
C SER A 67 13.72 9.07 16.90
N THR A 68 12.85 9.58 17.77
CA THR A 68 13.11 9.58 19.20
C THR A 68 12.48 8.35 19.87
N PRO A 69 13.02 7.93 21.03
CA PRO A 69 12.51 6.78 21.77
C PRO A 69 11.23 7.09 22.53
N MET A 70 10.98 6.33 23.60
CA MET A 70 9.80 6.50 24.43
C MET A 70 8.54 6.05 23.72
N VAL A 71 8.16 6.79 22.69
CA VAL A 71 6.97 6.47 21.91
C VAL A 71 7.18 6.79 20.43
N GLY A 72 6.45 6.09 19.57
CA GLY A 72 6.56 6.31 18.14
C GLY A 72 7.11 5.09 17.41
N VAL A 73 6.26 4.46 16.60
CA VAL A 73 6.66 3.29 15.83
C VAL A 73 6.09 3.34 14.42
N GLY A 74 6.73 4.12 13.56
CA GLY A 74 6.29 4.24 12.19
C GLY A 74 6.37 2.93 11.45
N GLY A 75 6.20 2.96 10.14
CA GLY A 75 6.27 1.74 9.34
C GLY A 75 6.86 1.97 7.97
N ILE A 76 7.54 0.95 7.45
CA ILE A 76 8.15 1.04 6.13
C ILE A 76 7.18 0.57 5.05
N TYR A 77 6.20 -0.18 5.47
CA TYR A 77 5.20 -0.71 4.57
C TYR A 77 5.86 -1.39 3.37
N VAL A 78 6.14 -2.68 3.49
CA VAL A 78 6.78 -3.41 2.40
C VAL A 78 5.74 -4.17 1.57
N VAL A 79 5.47 -3.67 0.37
CA VAL A 79 4.50 -4.33 -0.50
C VAL A 79 5.17 -4.93 -1.73
N LEU A 80 5.21 -6.26 -1.78
CA LEU A 80 5.80 -6.98 -2.91
C LEU A 80 4.69 -7.53 -3.80
N VAL A 81 4.40 -6.83 -4.88
CA VAL A 81 3.34 -7.26 -5.78
C VAL A 81 3.88 -8.16 -6.89
N LYS A 82 3.60 -9.45 -6.77
CA LYS A 82 4.06 -10.43 -7.75
C LYS A 82 2.88 -10.97 -8.57
N PRO A 83 2.63 -10.37 -9.76
CA PRO A 83 1.53 -10.79 -10.63
C PRO A 83 1.51 -12.29 -10.88
N ARG A 84 0.57 -12.97 -10.24
CA ARG A 84 0.42 -14.41 -10.38
C ARG A 84 -0.20 -14.77 -11.73
N LYS A 85 -1.11 -13.92 -12.19
CA LYS A 85 -1.79 -14.12 -13.46
C LYS A 85 -1.31 -13.14 -14.51
N ARG A 86 -1.35 -13.57 -15.78
CA ARG A 86 -0.93 -12.72 -16.88
C ARG A 86 -2.12 -11.97 -17.49
N GLY A 87 -1.98 -10.67 -17.64
CA GLY A 87 -3.04 -9.86 -18.21
C GLY A 87 -3.08 -8.45 -17.65
N HIS A 88 -4.17 -8.11 -16.97
CA HIS A 88 -4.31 -6.79 -16.38
C HIS A 88 -4.74 -6.89 -14.92
N HIS A 89 -3.91 -6.34 -14.04
CA HIS A 89 -4.20 -6.37 -12.61
C HIS A 89 -4.01 -4.98 -12.00
N THR A 90 -4.21 -4.88 -10.69
CA THR A 90 -4.06 -3.60 -10.00
C THR A 90 -3.82 -3.78 -8.50
N LEU A 91 -3.19 -2.79 -7.89
CA LEU A 91 -2.89 -2.83 -6.46
C LEU A 91 -3.30 -1.52 -5.80
N GLU A 92 -4.56 -1.41 -5.40
CA GLU A 92 -5.06 -0.21 -4.75
C GLU A 92 -4.77 -0.23 -3.26
N LEU A 93 -3.61 0.27 -2.89
CA LEU A 93 -3.21 0.34 -1.49
C LEU A 93 -3.79 1.58 -0.83
N VAL A 94 -4.84 1.38 -0.05
CA VAL A 94 -5.51 2.50 0.60
C VAL A 94 -4.83 2.88 1.91
N TYR A 95 -4.84 4.17 2.22
CA TYR A 95 -4.27 4.68 3.46
C TYR A 95 -5.40 4.81 4.48
N THR A 96 -5.81 3.67 5.03
CA THR A 96 -6.93 3.62 5.97
C THR A 96 -6.53 3.14 7.36
N ARG A 97 -7.33 3.53 8.35
CA ARG A 97 -7.11 3.12 9.73
C ARG A 97 -7.91 1.85 10.02
N PRO A 98 -7.24 0.68 10.07
CA PRO A 98 -7.90 -0.60 10.33
C PRO A 98 -8.77 -0.57 11.58
N PHE A 99 -8.31 0.14 12.60
CA PHE A 99 -9.03 0.25 13.86
C PHE A 99 -10.17 1.26 13.76
N GLU A 100 -10.49 1.67 12.53
CA GLU A 100 -11.56 2.64 12.31
C GLU A 100 -12.27 2.37 10.99
N GLY A 101 -11.87 1.30 10.31
CA GLY A 101 -12.48 0.98 9.02
C GLY A 101 -11.96 1.85 7.91
N ILE A 102 -12.45 1.61 6.70
CA ILE A 102 -12.00 2.38 5.54
C ILE A 102 -13.05 3.38 5.10
N LYS A 103 -12.60 4.42 4.41
CA LYS A 103 -13.47 5.47 3.92
C LYS A 103 -13.08 5.89 2.50
N PRO A 104 -13.99 6.57 1.79
CA PRO A 104 -13.74 7.03 0.43
C PRO A 104 -12.75 8.19 0.38
N GLU A 105 -12.85 9.07 1.36
CA GLU A 105 -11.96 10.23 1.44
C GLU A 105 -10.52 9.80 1.69
N ASN A 106 -10.35 8.63 2.30
CA ASN A 106 -9.02 8.11 2.61
C ASN A 106 -8.19 7.96 1.32
N GLU A 107 -6.93 8.36 1.40
CA GLU A 107 -6.03 8.27 0.26
C GLU A 107 -5.78 6.82 -0.12
N ARG A 108 -4.88 6.61 -1.08
CA ARG A 108 -4.54 5.26 -1.54
C ARG A 108 -3.24 5.26 -2.32
N TYR A 109 -3.07 4.22 -3.13
CA TYR A 109 -1.90 4.05 -3.98
C TYR A 109 -2.19 2.97 -5.00
N THR A 110 -3.03 3.32 -5.96
CA THR A 110 -3.44 2.39 -7.01
C THR A 110 -2.29 2.10 -7.96
N LEU A 111 -1.72 0.90 -7.84
CA LEU A 111 -0.61 0.49 -8.69
C LEU A 111 -1.07 -0.53 -9.71
N HIS A 112 -1.42 -0.07 -10.90
CA HIS A 112 -1.86 -0.97 -11.95
C HIS A 112 -0.67 -1.69 -12.56
N LEU A 113 -0.93 -2.87 -13.11
CA LEU A 113 0.13 -3.69 -13.69
C LEU A 113 -0.39 -4.50 -14.87
N ASN A 114 -0.13 -4.00 -16.07
CA ASN A 114 -0.53 -4.70 -17.29
C ASN A 114 0.39 -5.90 -17.52
N VAL A 115 0.26 -6.88 -16.63
CA VAL A 115 1.08 -8.08 -16.69
C VAL A 115 1.09 -8.69 -18.09
N LYS A 116 2.27 -8.83 -18.67
CA LYS A 116 2.41 -9.40 -20.01
C LYS A 116 2.55 -10.92 -19.94
N GLY A 1 -11.20 23.35 9.55
CA GLY A 1 -11.80 22.09 9.05
C GLY A 1 -10.87 21.33 8.12
N SER A 2 -9.64 21.81 8.00
CA SER A 2 -8.66 21.18 7.13
C SER A 2 -7.60 20.43 7.95
N HIS A 3 -7.44 19.14 7.67
CA HIS A 3 -6.48 18.32 8.39
C HIS A 3 -5.09 18.48 7.78
N MET A 4 -5.04 18.77 6.48
CA MET A 4 -3.78 18.95 5.78
C MET A 4 -3.22 20.36 5.99
N ILE A 5 -2.01 20.59 5.50
CA ILE A 5 -1.38 21.90 5.63
C ILE A 5 -1.52 22.72 4.36
N ALA A 6 -1.56 22.03 3.21
CA ALA A 6 -1.70 22.71 1.93
C ALA A 6 -2.53 21.87 0.96
N PRO A 7 -3.83 22.20 0.81
CA PRO A 7 -4.74 21.49 -0.08
C PRO A 7 -4.46 21.79 -1.55
N LEU A 8 -3.44 22.60 -1.81
CA LEU A 8 -3.07 22.97 -3.17
C LEU A 8 -2.55 21.76 -3.93
N SER A 9 -2.13 20.73 -3.21
CA SER A 9 -1.60 19.52 -3.83
C SER A 9 -2.72 18.52 -4.11
N VAL A 10 -2.40 17.47 -4.85
CA VAL A 10 -3.38 16.45 -5.20
C VAL A 10 -3.17 15.19 -4.36
N LYS A 11 -4.22 14.38 -4.25
CA LYS A 11 -4.16 13.15 -3.49
C LYS A 11 -4.00 11.96 -4.41
N ASP A 12 -3.76 12.24 -5.68
CA ASP A 12 -3.58 11.21 -6.69
C ASP A 12 -2.72 10.07 -6.16
N ASN A 13 -3.00 8.86 -6.62
CA ASN A 13 -2.26 7.69 -6.17
C ASN A 13 -1.03 7.43 -7.03
N ASP A 14 -1.20 6.61 -8.06
CA ASP A 14 -0.09 6.27 -8.95
C ASP A 14 -0.50 6.30 -10.43
N LYS A 15 -0.38 5.16 -11.11
CA LYS A 15 -0.72 5.08 -12.52
C LYS A 15 -1.01 3.63 -12.93
N TRP A 16 -1.50 3.44 -14.16
CA TRP A 16 -1.80 2.11 -14.68
C TRP A 16 -1.05 1.86 -16.00
N VAL A 17 -0.22 0.79 -16.04
CA VAL A 17 0.56 0.47 -17.24
C VAL A 17 0.85 -1.02 -17.30
N ASP A 18 1.69 -1.42 -18.23
CA ASP A 18 2.05 -2.82 -18.40
C ASP A 18 3.10 -3.27 -17.39
N THR A 19 3.42 -4.56 -17.41
CA THR A 19 4.40 -5.12 -16.47
C THR A 19 4.74 -6.56 -16.82
N HIS A 20 5.54 -7.20 -15.95
CA HIS A 20 5.94 -8.59 -16.15
C HIS A 20 5.23 -9.49 -15.14
N VAL A 21 5.54 -10.78 -15.18
CA VAL A 21 4.92 -11.74 -14.28
C VAL A 21 5.80 -12.02 -13.06
N GLY A 22 5.16 -12.05 -11.89
CA GLY A 22 5.86 -12.31 -10.65
C GLY A 22 7.00 -11.35 -10.38
N LYS A 23 7.07 -10.27 -11.17
CA LYS A 23 8.11 -9.28 -10.98
C LYS A 23 7.93 -8.61 -9.63
N THR A 24 8.45 -9.28 -8.60
CA THR A 24 8.34 -8.80 -7.23
C THR A 24 8.54 -7.29 -7.15
N THR A 25 7.43 -6.57 -7.06
CA THR A 25 7.45 -5.12 -6.97
C THR A 25 7.46 -4.66 -5.52
N GLU A 26 8.65 -4.38 -5.02
CA GLU A 26 8.82 -3.91 -3.67
C GLU A 26 8.52 -2.43 -3.57
N ILE A 27 7.72 -2.06 -2.59
CA ILE A 27 7.35 -0.67 -2.40
C ILE A 27 7.46 -0.23 -0.96
N HIS A 28 8.51 0.52 -0.65
CA HIS A 28 8.71 1.04 0.68
C HIS A 28 7.97 2.37 0.82
N LEU A 29 6.78 2.31 1.41
CA LEU A 29 5.96 3.49 1.58
C LEU A 29 6.24 4.15 2.92
N LYS A 30 6.18 5.47 2.95
CA LYS A 30 6.44 6.20 4.18
C LYS A 30 5.13 6.50 4.91
N GLY A 31 5.24 6.82 6.19
CA GLY A 31 4.06 7.10 6.98
C GLY A 31 4.37 7.25 8.45
N ASN A 32 3.50 6.71 9.29
CA ASN A 32 3.69 6.77 10.73
C ASN A 32 2.59 5.96 11.45
N PRO A 33 2.86 4.66 11.70
CA PRO A 33 1.89 3.78 12.37
C PRO A 33 1.39 4.33 13.71
N THR A 34 2.10 5.31 14.24
CA THR A 34 1.72 5.92 15.51
C THR A 34 0.65 7.00 15.32
N THR A 35 0.06 7.05 14.13
CA THR A 35 -0.97 8.03 13.84
C THR A 35 -2.37 7.44 14.02
N GLY A 36 -2.69 6.44 13.20
CA GLY A 36 -3.99 5.81 13.29
C GLY A 36 -4.33 5.01 12.05
N TYR A 37 -3.97 5.54 10.89
CA TYR A 37 -4.26 4.86 9.62
C TYR A 37 -3.19 3.81 9.31
N MET A 38 -3.34 3.17 8.15
CA MET A 38 -2.43 2.14 7.71
C MET A 38 -2.36 2.12 6.19
N TRP A 39 -1.20 1.78 5.67
CA TRP A 39 -1.01 1.69 4.23
C TRP A 39 -0.99 0.23 3.80
N THR A 40 -2.16 -0.32 3.55
CA THR A 40 -2.27 -1.72 3.14
C THR A 40 -3.14 -1.85 1.89
N ARG A 41 -3.46 -3.09 1.51
CA ARG A 41 -4.28 -3.33 0.32
C ARG A 41 -5.74 -2.93 0.59
N VAL A 42 -6.39 -2.41 -0.45
CA VAL A 42 -7.79 -1.98 -0.33
C VAL A 42 -8.70 -3.14 0.06
N GLY A 43 -9.63 -2.88 0.98
CA GLY A 43 -10.56 -3.90 1.42
C GLY A 43 -9.90 -5.01 2.21
N PHE A 44 -8.58 -4.93 2.36
CA PHE A 44 -7.83 -5.94 3.09
C PHE A 44 -7.20 -5.34 4.35
N VAL A 45 -7.97 -4.47 5.02
CA VAL A 45 -7.50 -3.83 6.23
C VAL A 45 -7.68 -4.73 7.45
N GLY A 46 -6.62 -4.91 8.22
CA GLY A 46 -6.68 -5.74 9.40
C GLY A 46 -6.74 -7.23 9.10
N LYS A 47 -6.95 -7.56 7.82
CA LYS A 47 -7.04 -8.95 7.40
C LYS A 47 -5.71 -9.67 7.61
N ASP A 48 -5.73 -10.98 7.40
CA ASP A 48 -4.54 -11.80 7.55
C ASP A 48 -3.66 -11.71 6.31
N VAL A 49 -4.18 -12.21 5.20
CA VAL A 49 -3.46 -12.18 3.94
C VAL A 49 -4.02 -11.11 3.02
N LEU A 50 -3.12 -10.35 2.44
CA LEU A 50 -3.48 -9.28 1.51
C LEU A 50 -3.71 -9.86 0.13
N SER A 51 -2.66 -10.45 -0.42
CA SER A 51 -2.72 -11.10 -1.72
C SER A 51 -3.86 -12.10 -1.79
N ASP A 52 -4.06 -12.69 -2.96
CA ASP A 52 -5.13 -13.67 -3.15
C ASP A 52 -4.80 -14.65 -4.27
N GLU A 53 -5.22 -14.30 -5.49
CA GLU A 53 -5.00 -15.15 -6.65
C GLU A 53 -4.42 -14.35 -7.81
N ILE A 54 -4.80 -13.08 -7.89
CA ILE A 54 -4.35 -12.20 -8.95
C ILE A 54 -2.88 -11.83 -8.77
N LEU A 55 -2.61 -10.99 -7.79
CA LEU A 55 -1.24 -10.55 -7.52
C LEU A 55 -0.75 -11.10 -6.17
N GLU A 56 0.36 -11.84 -6.20
CA GLU A 56 0.96 -12.37 -4.99
C GLU A 56 1.54 -11.25 -4.15
N VAL A 57 0.66 -10.47 -3.53
CA VAL A 57 1.09 -9.34 -2.72
C VAL A 57 1.61 -9.76 -1.35
N VAL A 58 2.91 -9.98 -1.27
CA VAL A 58 3.54 -10.34 -0.03
C VAL A 58 4.11 -9.10 0.63
N CYS A 59 3.28 -8.42 1.40
CA CYS A 59 3.69 -7.19 2.06
C CYS A 59 3.88 -7.40 3.56
N LYS A 60 4.90 -6.73 4.09
CA LYS A 60 5.20 -6.80 5.49
C LYS A 60 5.10 -5.41 6.10
N TYR A 61 4.15 -5.24 7.01
CA TYR A 61 3.97 -3.95 7.65
C TYR A 61 4.96 -3.81 8.79
N THR A 62 6.03 -3.07 8.54
CA THR A 62 7.06 -2.84 9.54
C THR A 62 6.84 -1.49 10.21
N PRO A 63 6.55 -1.48 11.53
CA PRO A 63 6.31 -0.28 12.28
C PRO A 63 7.55 0.25 13.01
N THR A 64 7.34 1.23 13.88
CA THR A 64 8.43 1.82 14.65
C THR A 64 9.14 0.76 15.49
N PRO A 65 10.49 0.81 15.52
CA PRO A 65 11.31 -0.13 16.29
C PRO A 65 10.82 -0.30 17.73
N SER A 66 11.14 -1.44 18.32
CA SER A 66 10.75 -1.72 19.70
C SER A 66 11.75 -1.13 20.69
N SER A 67 11.64 -1.53 21.95
CA SER A 67 12.54 -1.04 22.99
C SER A 67 13.91 -1.68 22.86
N THR A 68 14.08 -2.54 21.87
CA THR A 68 15.35 -3.22 21.64
C THR A 68 16.40 -2.24 21.11
N PRO A 69 17.70 -2.54 21.35
CA PRO A 69 18.80 -1.70 20.89
C PRO A 69 19.08 -1.85 19.40
N MET A 70 18.14 -2.46 18.70
CA MET A 70 18.27 -2.68 17.27
C MET A 70 18.34 -1.35 16.52
N VAL A 71 17.79 -0.31 17.14
CA VAL A 71 17.78 1.02 16.55
C VAL A 71 17.26 1.01 15.11
N GLY A 72 16.02 1.44 14.94
CA GLY A 72 15.41 1.47 13.62
C GLY A 72 14.99 0.10 13.14
N VAL A 73 13.73 -0.23 13.36
CA VAL A 73 13.19 -1.53 12.94
C VAL A 73 11.83 -1.37 12.27
N GLY A 74 11.82 -0.77 11.07
CA GLY A 74 10.58 -0.58 10.34
C GLY A 74 10.17 0.88 10.24
N GLY A 75 8.88 1.13 10.39
CA GLY A 75 8.38 2.49 10.29
C GLY A 75 7.83 2.80 8.91
N ILE A 76 7.60 1.75 8.12
CA ILE A 76 7.07 1.91 6.77
C ILE A 76 6.21 0.73 6.37
N TYR A 77 5.93 0.62 5.08
CA TYR A 77 5.11 -0.46 4.54
C TYR A 77 5.77 -1.03 3.30
N VAL A 78 6.34 -2.23 3.41
CA VAL A 78 7.00 -2.86 2.28
C VAL A 78 6.09 -3.88 1.61
N VAL A 79 5.77 -3.62 0.35
CA VAL A 79 4.87 -4.49 -0.39
C VAL A 79 5.57 -5.22 -1.54
N LEU A 80 5.44 -6.54 -1.58
CA LEU A 80 6.02 -7.35 -2.65
C LEU A 80 4.91 -7.94 -3.52
N VAL A 81 4.53 -7.23 -4.56
CA VAL A 81 3.46 -7.68 -5.42
C VAL A 81 3.98 -8.48 -6.60
N LYS A 82 3.74 -9.78 -6.57
CA LYS A 82 4.18 -10.68 -7.63
C LYS A 82 3.00 -11.15 -8.48
N PRO A 83 2.75 -10.47 -9.63
CA PRO A 83 1.63 -10.82 -10.51
C PRO A 83 1.55 -12.32 -10.79
N ARG A 84 0.54 -12.96 -10.20
CA ARG A 84 0.32 -14.40 -10.38
C ARG A 84 -0.27 -14.70 -11.76
N LYS A 85 -1.11 -13.79 -12.25
CA LYS A 85 -1.75 -13.97 -13.54
C LYS A 85 -1.31 -12.89 -14.52
N ARG A 86 -1.71 -13.06 -15.78
CA ARG A 86 -1.36 -12.11 -16.83
C ARG A 86 -2.59 -11.33 -17.29
N GLY A 87 -2.38 -10.08 -17.65
CA GLY A 87 -3.49 -9.25 -18.11
C GLY A 87 -3.53 -7.90 -17.42
N HIS A 88 -4.61 -7.15 -17.63
CA HIS A 88 -4.77 -5.84 -17.02
C HIS A 88 -5.02 -5.98 -15.52
N HIS A 89 -4.00 -5.68 -14.73
CA HIS A 89 -4.13 -5.78 -13.28
C HIS A 89 -3.65 -4.50 -12.58
N THR A 90 -4.36 -4.15 -11.52
CA THR A 90 -4.03 -2.96 -10.75
C THR A 90 -4.15 -3.25 -9.27
N LEU A 91 -3.10 -2.95 -8.51
CA LEU A 91 -3.14 -3.20 -7.07
C LEU A 91 -3.59 -1.95 -6.31
N GLU A 92 -4.86 -1.94 -5.94
CA GLU A 92 -5.42 -0.83 -5.20
C GLU A 92 -5.01 -0.85 -3.74
N LEU A 93 -4.42 0.25 -3.28
CA LEU A 93 -4.00 0.37 -1.89
C LEU A 93 -4.80 1.48 -1.21
N VAL A 94 -4.75 1.53 0.12
CA VAL A 94 -5.52 2.55 0.83
C VAL A 94 -4.94 2.86 2.21
N TYR A 95 -5.21 4.08 2.68
CA TYR A 95 -4.78 4.54 3.99
C TYR A 95 -5.98 4.50 4.94
N THR A 96 -6.19 3.34 5.55
CA THR A 96 -7.33 3.15 6.46
C THR A 96 -6.91 2.88 7.89
N ARG A 97 -7.87 2.96 8.81
CA ARG A 97 -7.60 2.72 10.23
C ARG A 97 -8.09 1.34 10.65
N PRO A 98 -7.21 0.32 10.63
CA PRO A 98 -7.57 -1.05 11.02
C PRO A 98 -8.34 -1.09 12.34
N PHE A 99 -8.07 -0.12 13.21
CA PHE A 99 -8.73 -0.03 14.49
C PHE A 99 -10.18 0.43 14.35
N GLU A 100 -10.41 1.34 13.41
CA GLU A 100 -11.75 1.87 13.18
C GLU A 100 -12.35 1.32 11.89
N GLY A 101 -11.86 1.82 10.76
CA GLY A 101 -12.37 1.38 9.46
C GLY A 101 -11.85 2.22 8.33
N ILE A 102 -12.34 1.95 7.13
CA ILE A 102 -11.93 2.69 5.95
C ILE A 102 -12.90 3.80 5.63
N LYS A 103 -12.38 4.91 5.11
CA LYS A 103 -13.19 6.06 4.75
C LYS A 103 -12.87 6.53 3.34
N PRO A 104 -13.72 7.40 2.77
CA PRO A 104 -13.52 7.94 1.41
C PRO A 104 -12.30 8.85 1.31
N GLU A 105 -12.15 9.73 2.30
CA GLU A 105 -11.03 10.66 2.33
C GLU A 105 -9.70 9.93 2.40
N ASN A 106 -9.75 8.64 2.73
CA ASN A 106 -8.55 7.82 2.84
C ASN A 106 -7.78 7.81 1.53
N GLU A 107 -6.45 7.87 1.63
CA GLU A 107 -5.58 7.87 0.47
C GLU A 107 -5.67 6.54 -0.27
N ARG A 108 -5.00 6.46 -1.43
CA ARG A 108 -5.01 5.25 -2.24
C ARG A 108 -3.74 5.17 -3.10
N TYR A 109 -3.41 3.96 -3.55
CA TYR A 109 -2.26 3.75 -4.42
C TYR A 109 -2.46 2.52 -5.28
N THR A 110 -2.69 2.76 -6.56
CA THR A 110 -2.92 1.71 -7.52
C THR A 110 -1.65 1.36 -8.29
N LEU A 111 -1.33 0.07 -8.38
CA LEU A 111 -0.13 -0.36 -9.10
C LEU A 111 -0.45 -0.64 -10.57
N HIS A 112 0.33 0.01 -11.42
CA HIS A 112 0.22 -0.09 -12.88
C HIS A 112 0.70 -1.45 -13.41
N LEU A 113 0.12 -2.55 -12.95
CA LEU A 113 0.58 -3.88 -13.37
C LEU A 113 -0.33 -4.55 -14.40
N ASN A 114 -0.20 -4.15 -15.65
CA ASN A 114 -0.99 -4.75 -16.72
C ASN A 114 -0.17 -5.86 -17.35
N VAL A 115 0.19 -6.82 -16.50
CA VAL A 115 1.00 -7.98 -16.90
C VAL A 115 0.71 -8.39 -18.33
N LYS A 116 1.77 -8.57 -19.12
CA LYS A 116 1.64 -8.97 -20.51
C LYS A 116 1.51 -10.49 -20.63
N GLY A 1 7.71 31.38 -5.74
CA GLY A 1 7.24 31.62 -4.35
C GLY A 1 7.58 30.47 -3.42
N SER A 2 7.46 29.25 -3.91
CA SER A 2 7.76 28.07 -3.12
C SER A 2 8.45 27.00 -3.97
N HIS A 3 8.40 27.18 -5.28
CA HIS A 3 9.01 26.24 -6.22
C HIS A 3 8.36 24.86 -6.11
N MET A 4 8.83 24.07 -5.15
CA MET A 4 8.30 22.73 -4.95
C MET A 4 6.86 22.78 -4.43
N ILE A 5 6.08 21.79 -4.82
CA ILE A 5 4.69 21.71 -4.40
C ILE A 5 4.59 21.01 -3.05
N ALA A 6 5.74 20.65 -2.49
CA ALA A 6 5.79 19.97 -1.20
C ALA A 6 5.14 18.59 -1.27
N PRO A 7 5.61 17.63 -0.46
CA PRO A 7 5.07 16.27 -0.43
C PRO A 7 3.73 16.19 0.29
N LEU A 8 3.32 17.32 0.88
CA LEU A 8 2.04 17.37 1.60
C LEU A 8 0.87 17.35 0.63
N SER A 9 0.74 18.40 -0.16
CA SER A 9 -0.34 18.50 -1.13
C SER A 9 0.01 17.75 -2.42
N VAL A 10 -0.95 16.98 -2.93
CA VAL A 10 -0.74 16.20 -4.15
C VAL A 10 0.30 15.11 -3.93
N LYS A 11 0.10 13.97 -4.59
CA LYS A 11 1.02 12.84 -4.46
C LYS A 11 0.68 11.77 -5.48
N ASP A 12 1.71 11.29 -6.17
CA ASP A 12 1.53 10.25 -7.17
C ASP A 12 1.13 8.94 -6.51
N ASN A 13 -0.01 8.41 -6.90
CA ASN A 13 -0.50 7.17 -6.33
C ASN A 13 -0.72 6.09 -7.38
N ASP A 14 -1.95 6.00 -7.86
CA ASP A 14 -2.34 5.02 -8.85
C ASP A 14 -1.43 5.06 -10.07
N LYS A 15 -0.48 4.13 -10.10
CA LYS A 15 0.45 4.03 -11.22
C LYS A 15 -0.12 3.11 -12.30
N TRP A 16 -0.82 3.70 -13.26
CA TRP A 16 -1.42 2.96 -14.35
C TRP A 16 -0.36 2.51 -15.34
N VAL A 17 0.06 1.25 -15.25
CA VAL A 17 1.10 0.73 -16.14
C VAL A 17 0.93 -0.75 -16.40
N ASP A 18 1.93 -1.34 -17.07
CA ASP A 18 1.93 -2.76 -17.39
C ASP A 18 3.02 -3.49 -16.61
N THR A 19 3.19 -4.79 -16.89
CA THR A 19 4.21 -5.57 -16.19
C THR A 19 4.33 -6.98 -16.75
N HIS A 20 5.19 -7.78 -16.12
CA HIS A 20 5.41 -9.16 -16.54
C HIS A 20 4.88 -10.11 -15.46
N VAL A 21 5.35 -11.35 -15.47
CA VAL A 21 4.89 -12.34 -14.49
C VAL A 21 5.86 -12.46 -13.31
N GLY A 22 5.31 -12.33 -12.10
CA GLY A 22 6.10 -12.45 -10.90
C GLY A 22 7.02 -11.26 -10.66
N LYS A 23 6.88 -10.21 -11.47
CA LYS A 23 7.70 -9.01 -11.30
C LYS A 23 7.52 -8.47 -9.90
N THR A 24 8.30 -9.00 -8.96
CA THR A 24 8.22 -8.59 -7.57
C THR A 24 8.47 -7.10 -7.42
N THR A 25 7.39 -6.32 -7.42
CA THR A 25 7.50 -4.87 -7.28
C THR A 25 7.55 -4.48 -5.82
N GLU A 26 8.75 -4.22 -5.34
CA GLU A 26 8.97 -3.82 -3.96
C GLU A 26 8.73 -2.34 -3.79
N ILE A 27 7.93 -1.99 -2.79
CA ILE A 27 7.61 -0.60 -2.53
C ILE A 27 7.71 -0.27 -1.05
N HIS A 28 8.76 0.45 -0.69
CA HIS A 28 8.95 0.89 0.68
C HIS A 28 8.25 2.22 0.91
N LEU A 29 7.03 2.15 1.44
CA LEU A 29 6.25 3.36 1.68
C LEU A 29 6.51 3.88 3.08
N LYS A 30 6.43 5.19 3.24
CA LYS A 30 6.65 5.81 4.53
C LYS A 30 5.32 6.20 5.18
N GLY A 31 5.35 6.40 6.48
CA GLY A 31 4.14 6.75 7.20
C GLY A 31 4.36 6.86 8.70
N ASN A 32 3.35 6.50 9.47
CA ASN A 32 3.43 6.55 10.92
C ASN A 32 2.16 5.98 11.56
N PRO A 33 2.16 4.68 11.91
CA PRO A 33 1.01 4.04 12.55
C PRO A 33 0.65 4.68 13.89
N THR A 34 1.52 5.56 14.37
CA THR A 34 1.29 6.23 15.64
C THR A 34 0.00 7.06 15.60
N THR A 35 -0.42 7.43 14.40
CA THR A 35 -1.63 8.22 14.22
C THR A 35 -2.88 7.33 14.26
N GLY A 36 -2.99 6.44 13.28
CA GLY A 36 -4.12 5.54 13.22
C GLY A 36 -4.31 4.89 11.86
N TYR A 37 -3.80 5.55 10.82
CA TYR A 37 -3.93 5.02 9.46
C TYR A 37 -2.89 3.94 9.19
N MET A 38 -2.94 3.37 7.99
CA MET A 38 -2.04 2.33 7.57
C MET A 38 -1.95 2.30 6.06
N TRP A 39 -0.83 1.85 5.55
CA TRP A 39 -0.63 1.75 4.11
C TRP A 39 -0.67 0.29 3.69
N THR A 40 -1.88 -0.21 3.45
CA THR A 40 -2.07 -1.60 3.06
C THR A 40 -2.95 -1.70 1.82
N ARG A 41 -3.46 -2.89 1.50
CA ARG A 41 -4.31 -3.05 0.32
C ARG A 41 -5.78 -2.81 0.68
N VAL A 42 -6.55 -2.35 -0.31
CA VAL A 42 -7.97 -2.06 -0.12
C VAL A 42 -8.78 -3.35 0.04
N GLY A 43 -9.65 -3.38 1.03
CA GLY A 43 -10.49 -4.54 1.26
C GLY A 43 -9.77 -5.62 2.04
N PHE A 44 -8.54 -5.32 2.47
CA PHE A 44 -7.74 -6.26 3.23
C PHE A 44 -7.20 -5.61 4.48
N VAL A 45 -7.52 -4.34 4.64
CA VAL A 45 -7.09 -3.56 5.80
C VAL A 45 -7.50 -4.26 7.10
N GLY A 46 -6.51 -4.78 7.82
CA GLY A 46 -6.79 -5.47 9.07
C GLY A 46 -6.61 -6.97 8.96
N LYS A 47 -6.82 -7.50 7.75
CA LYS A 47 -6.69 -8.91 7.49
C LYS A 47 -5.25 -9.38 7.69
N ASP A 48 -5.04 -10.68 7.65
CA ASP A 48 -3.72 -11.26 7.82
C ASP A 48 -2.94 -11.25 6.50
N VAL A 49 -3.68 -11.24 5.40
CA VAL A 49 -3.08 -11.22 4.07
C VAL A 49 -3.88 -10.38 3.10
N LEU A 50 -3.19 -9.66 2.24
CA LEU A 50 -3.84 -8.80 1.25
C LEU A 50 -4.00 -9.57 -0.05
N SER A 51 -2.90 -10.12 -0.53
CA SER A 51 -2.88 -10.91 -1.76
C SER A 51 -3.95 -11.99 -1.75
N ASP A 52 -4.08 -12.72 -2.86
CA ASP A 52 -5.07 -13.78 -2.97
C ASP A 52 -4.67 -14.81 -4.01
N GLU A 53 -5.01 -14.54 -5.27
CA GLU A 53 -4.71 -15.44 -6.37
C GLU A 53 -4.20 -14.67 -7.59
N ILE A 54 -4.74 -13.47 -7.78
CA ILE A 54 -4.36 -12.63 -8.90
C ILE A 54 -2.95 -12.09 -8.75
N LEU A 55 -2.80 -11.08 -7.90
CA LEU A 55 -1.50 -10.49 -7.64
C LEU A 55 -0.89 -10.99 -6.34
N GLU A 56 0.20 -11.75 -6.43
CA GLU A 56 0.87 -12.26 -5.25
C GLU A 56 1.49 -11.10 -4.48
N VAL A 57 0.65 -10.41 -3.74
CA VAL A 57 1.08 -9.26 -2.96
C VAL A 57 1.61 -9.64 -1.59
N VAL A 58 2.92 -9.89 -1.53
CA VAL A 58 3.54 -10.24 -0.27
C VAL A 58 3.93 -8.96 0.46
N CYS A 59 2.99 -8.42 1.20
CA CYS A 59 3.20 -7.18 1.93
C CYS A 59 3.48 -7.44 3.40
N LYS A 60 4.61 -6.90 3.86
CA LYS A 60 5.00 -7.05 5.25
C LYS A 60 5.02 -5.68 5.92
N TYR A 61 4.07 -5.45 6.81
CA TYR A 61 3.97 -4.19 7.50
C TYR A 61 4.98 -4.15 8.65
N THR A 62 5.87 -3.16 8.60
CA THR A 62 6.87 -2.98 9.64
C THR A 62 6.71 -1.61 10.29
N PRO A 63 6.44 -1.57 11.61
CA PRO A 63 6.24 -0.35 12.35
C PRO A 63 7.53 0.18 12.98
N THR A 64 7.55 1.47 13.28
CA THR A 64 8.72 2.10 13.88
C THR A 64 8.75 1.88 15.39
N PRO A 65 9.95 1.68 15.96
CA PRO A 65 10.11 1.46 17.42
C PRO A 65 9.61 2.64 18.24
N SER A 66 9.27 2.37 19.49
CA SER A 66 8.77 3.42 20.39
C SER A 66 9.79 3.71 21.50
N SER A 67 9.34 4.40 22.54
CA SER A 67 10.21 4.75 23.66
C SER A 67 9.96 3.84 24.87
N THR A 68 8.75 3.91 25.42
CA THR A 68 8.38 3.11 26.58
C THR A 68 8.33 1.61 26.25
N PRO A 69 7.62 1.23 25.17
CA PRO A 69 7.50 -0.17 24.76
C PRO A 69 8.79 -0.71 24.14
N MET A 70 8.68 -1.79 23.38
CA MET A 70 9.84 -2.40 22.73
C MET A 70 9.44 -2.98 21.39
N VAL A 71 8.30 -2.53 20.88
CA VAL A 71 7.79 -3.00 19.60
C VAL A 71 8.20 -2.07 18.47
N GLY A 72 8.52 -2.65 17.31
CA GLY A 72 8.93 -1.87 16.16
C GLY A 72 10.29 -2.28 15.64
N VAL A 73 10.41 -2.38 14.32
CA VAL A 73 11.67 -2.77 13.70
C VAL A 73 11.77 -2.25 12.27
N GLY A 74 10.90 -1.29 11.93
CA GLY A 74 10.92 -0.73 10.60
C GLY A 74 10.36 0.68 10.54
N GLY A 75 9.06 0.78 10.30
CA GLY A 75 8.42 2.09 10.23
C GLY A 75 7.95 2.42 8.83
N ILE A 76 7.75 1.38 8.02
CA ILE A 76 7.29 1.55 6.65
C ILE A 76 6.35 0.43 6.25
N TYR A 77 6.13 0.31 4.95
CA TYR A 77 5.25 -0.72 4.41
C TYR A 77 5.89 -1.38 3.18
N VAL A 78 6.38 -2.60 3.36
CA VAL A 78 7.03 -3.33 2.27
C VAL A 78 6.03 -4.14 1.48
N VAL A 79 5.68 -3.65 0.29
CA VAL A 79 4.73 -4.34 -0.56
C VAL A 79 5.41 -5.01 -1.76
N LEU A 80 5.26 -6.33 -1.86
CA LEU A 80 5.83 -7.09 -2.96
C LEU A 80 4.72 -7.63 -3.85
N VAL A 81 4.47 -6.95 -4.95
CA VAL A 81 3.41 -7.37 -5.86
C VAL A 81 3.96 -8.26 -6.97
N LYS A 82 3.73 -9.56 -6.84
CA LYS A 82 4.20 -10.52 -7.82
C LYS A 82 3.05 -11.02 -8.69
N PRO A 83 2.97 -10.54 -9.94
CA PRO A 83 1.91 -10.95 -10.87
C PRO A 83 1.79 -12.47 -10.99
N ARG A 84 0.83 -13.03 -10.25
CA ARG A 84 0.61 -14.47 -10.27
C ARG A 84 0.03 -14.93 -11.60
N LYS A 85 -0.92 -14.15 -12.12
CA LYS A 85 -1.56 -14.49 -13.39
C LYS A 85 -1.24 -13.44 -14.46
N ARG A 86 -1.51 -13.78 -15.71
CA ARG A 86 -1.26 -12.87 -16.82
C ARG A 86 -2.56 -12.21 -17.28
N GLY A 87 -2.60 -10.87 -17.19
CA GLY A 87 -3.79 -10.15 -17.59
C GLY A 87 -3.88 -8.79 -16.92
N HIS A 88 -5.11 -8.32 -16.71
CA HIS A 88 -5.32 -7.03 -16.07
C HIS A 88 -5.35 -7.16 -14.56
N HIS A 89 -4.24 -6.79 -13.93
CA HIS A 89 -4.12 -6.87 -12.47
C HIS A 89 -3.90 -5.49 -11.90
N THR A 90 -4.07 -5.36 -10.59
CA THR A 90 -3.89 -4.06 -9.93
C THR A 90 -3.63 -4.21 -8.44
N LEU A 91 -2.86 -3.27 -7.88
CA LEU A 91 -2.52 -3.28 -6.47
C LEU A 91 -3.14 -2.07 -5.78
N GLU A 92 -4.33 -2.25 -5.23
CA GLU A 92 -5.02 -1.17 -4.54
C GLU A 92 -4.45 -0.92 -3.15
N LEU A 93 -3.59 0.08 -3.04
CA LEU A 93 -3.02 0.44 -1.76
C LEU A 93 -3.61 1.75 -1.28
N VAL A 94 -4.08 1.77 -0.03
CA VAL A 94 -4.70 2.95 0.53
C VAL A 94 -4.21 3.24 1.95
N TYR A 95 -4.33 4.51 2.35
CA TYR A 95 -3.93 4.94 3.69
C TYR A 95 -5.18 5.05 4.57
N THR A 96 -5.56 3.94 5.18
CA THR A 96 -6.76 3.89 6.01
C THR A 96 -6.48 3.50 7.45
N ARG A 97 -7.49 3.65 8.31
CA ARG A 97 -7.37 3.29 9.72
C ARG A 97 -8.01 1.93 9.98
N PRO A 98 -7.20 0.84 9.95
CA PRO A 98 -7.69 -0.52 10.19
C PRO A 98 -8.68 -0.59 11.35
N PHE A 99 -8.46 0.23 12.36
CA PHE A 99 -9.33 0.27 13.53
C PHE A 99 -10.70 0.85 13.19
N GLU A 100 -10.71 1.93 12.41
CA GLU A 100 -11.96 2.58 12.03
C GLU A 100 -12.45 2.07 10.68
N GLY A 101 -11.86 2.58 9.60
CA GLY A 101 -12.26 2.19 8.27
C GLY A 101 -11.62 3.05 7.20
N ILE A 102 -11.88 2.72 5.95
CA ILE A 102 -11.31 3.45 4.84
C ILE A 102 -12.25 4.57 4.38
N LYS A 103 -11.66 5.63 3.84
CA LYS A 103 -12.42 6.78 3.37
C LYS A 103 -11.85 7.34 2.08
N PRO A 104 -12.64 8.16 1.36
CA PRO A 104 -12.21 8.76 0.10
C PRO A 104 -11.09 9.79 0.30
N GLU A 105 -11.21 10.58 1.37
CA GLU A 105 -10.22 11.59 1.68
C GLU A 105 -8.86 10.95 1.96
N ASN A 106 -8.88 9.70 2.42
CA ASN A 106 -7.66 8.96 2.72
C ASN A 106 -6.75 8.90 1.50
N GLU A 107 -5.44 8.88 1.74
CA GLU A 107 -4.47 8.81 0.67
C GLU A 107 -4.72 7.60 -0.22
N ARG A 108 -4.17 7.64 -1.43
CA ARG A 108 -4.34 6.55 -2.38
C ARG A 108 -3.01 6.10 -2.97
N TYR A 109 -3.00 4.91 -3.57
CA TYR A 109 -1.81 4.37 -4.22
C TYR A 109 -2.16 3.04 -4.88
N THR A 110 -2.95 3.11 -5.94
CA THR A 110 -3.38 1.92 -6.67
C THR A 110 -2.43 1.60 -7.81
N LEU A 111 -1.44 0.77 -7.54
CA LEU A 111 -0.46 0.38 -8.54
C LEU A 111 -1.06 -0.56 -9.59
N HIS A 112 -1.52 0.02 -10.69
CA HIS A 112 -2.11 -0.76 -11.77
C HIS A 112 -1.03 -1.43 -12.60
N LEU A 113 -1.32 -2.65 -13.05
CA LEU A 113 -0.37 -3.44 -13.84
C LEU A 113 -1.07 -4.29 -14.88
N ASN A 114 -1.01 -3.88 -16.14
CA ASN A 114 -1.59 -4.65 -17.23
C ASN A 114 -0.67 -5.80 -17.57
N VAL A 115 -0.58 -6.74 -16.64
CA VAL A 115 0.30 -7.90 -16.78
C VAL A 115 0.12 -8.57 -18.15
N LYS A 116 1.24 -8.76 -18.84
CA LYS A 116 1.22 -9.39 -20.16
C LYS A 116 0.93 -10.88 -20.05
N GLY A 1 -1.75 20.04 16.96
CA GLY A 1 -0.92 20.67 15.90
C GLY A 1 -1.75 21.41 14.87
N SER A 2 -1.10 22.17 14.01
CA SER A 2 -1.79 22.94 12.98
C SER A 2 -1.87 22.15 11.67
N HIS A 3 -0.75 21.56 11.29
CA HIS A 3 -0.68 20.77 10.05
C HIS A 3 0.48 19.79 10.10
N MET A 4 0.58 18.96 9.05
CA MET A 4 1.66 17.97 8.98
C MET A 4 2.52 18.21 7.74
N ILE A 5 3.77 17.76 7.81
CA ILE A 5 4.71 17.92 6.70
C ILE A 5 4.76 16.67 5.84
N ALA A 6 3.79 15.78 6.03
CA ALA A 6 3.72 14.53 5.26
C ALA A 6 3.68 14.80 3.76
N PRO A 7 2.77 15.68 3.28
CA PRO A 7 2.66 16.00 1.85
C PRO A 7 3.81 16.87 1.37
N LEU A 8 3.87 17.07 0.05
CA LEU A 8 4.91 17.89 -0.55
C LEU A 8 4.36 18.74 -1.68
N SER A 9 3.90 18.09 -2.73
CA SER A 9 3.33 18.78 -3.88
C SER A 9 2.33 17.89 -4.62
N VAL A 10 2.64 16.60 -4.71
CA VAL A 10 1.77 15.66 -5.39
C VAL A 10 1.59 14.39 -4.56
N LYS A 11 0.37 13.86 -4.56
CA LYS A 11 0.06 12.65 -3.82
C LYS A 11 -0.04 11.45 -4.75
N ASP A 12 0.83 11.47 -5.76
CA ASP A 12 0.88 10.41 -6.75
C ASP A 12 0.57 9.05 -6.14
N ASN A 13 -0.52 8.44 -6.59
CA ASN A 13 -0.94 7.14 -6.07
C ASN A 13 -1.08 6.12 -7.19
N ASP A 14 -2.26 6.03 -7.76
CA ASP A 14 -2.56 5.11 -8.82
C ASP A 14 -1.49 5.15 -9.91
N LYS A 15 -0.64 4.13 -9.91
CA LYS A 15 0.42 4.02 -10.89
C LYS A 15 -0.01 3.10 -12.03
N TRP A 16 -0.56 3.71 -13.08
CA TRP A 16 -1.04 2.97 -14.24
C TRP A 16 0.08 2.65 -15.21
N VAL A 17 0.53 1.40 -15.22
CA VAL A 17 1.61 0.98 -16.12
C VAL A 17 1.51 -0.49 -16.49
N ASP A 18 2.53 -0.97 -17.20
CA ASP A 18 2.60 -2.36 -17.65
C ASP A 18 3.52 -3.17 -16.75
N THR A 19 3.61 -4.48 -17.00
CA THR A 19 4.46 -5.36 -16.21
C THR A 19 4.49 -6.78 -16.76
N HIS A 20 5.19 -7.67 -16.07
CA HIS A 20 5.29 -9.06 -16.48
C HIS A 20 4.76 -9.97 -15.37
N VAL A 21 5.03 -11.26 -15.47
CA VAL A 21 4.55 -12.21 -14.48
C VAL A 21 5.50 -12.34 -13.29
N GLY A 22 4.93 -12.36 -12.09
CA GLY A 22 5.71 -12.49 -10.87
C GLY A 22 6.69 -11.35 -10.65
N LYS A 23 6.55 -10.28 -11.42
CA LYS A 23 7.44 -9.13 -11.27
C LYS A 23 7.30 -8.57 -9.86
N THR A 24 8.04 -9.16 -8.93
CA THR A 24 8.00 -8.74 -7.54
C THR A 24 8.30 -7.26 -7.39
N THR A 25 7.25 -6.46 -7.26
CA THR A 25 7.39 -5.02 -7.12
C THR A 25 7.35 -4.62 -5.65
N GLU A 26 8.53 -4.38 -5.09
CA GLU A 26 8.66 -3.98 -3.72
C GLU A 26 8.43 -2.49 -3.55
N ILE A 27 7.61 -2.13 -2.57
CA ILE A 27 7.30 -0.74 -2.32
C ILE A 27 7.37 -0.40 -0.84
N HIS A 28 8.46 0.22 -0.43
CA HIS A 28 8.63 0.64 0.95
C HIS A 28 7.93 1.97 1.18
N LEU A 29 6.73 1.92 1.72
CA LEU A 29 5.95 3.12 1.97
C LEU A 29 6.20 3.63 3.38
N LYS A 30 6.13 4.94 3.56
CA LYS A 30 6.35 5.52 4.86
C LYS A 30 5.02 5.91 5.51
N GLY A 31 5.03 6.07 6.82
CA GLY A 31 3.83 6.42 7.54
C GLY A 31 3.93 6.16 9.02
N ASN A 32 2.79 6.10 9.70
CA ASN A 32 2.76 5.84 11.13
C ASN A 32 1.33 5.56 11.60
N PRO A 33 1.08 4.36 12.18
CA PRO A 33 -0.25 3.98 12.66
C PRO A 33 -0.67 4.75 13.91
N THR A 34 0.31 5.15 14.71
CA THR A 34 0.05 5.88 15.94
C THR A 34 -0.12 7.38 15.65
N THR A 35 -0.34 7.72 14.38
CA THR A 35 -0.51 9.10 13.99
C THR A 35 -1.67 9.26 13.00
N GLY A 36 -1.56 8.60 11.85
CA GLY A 36 -2.60 8.69 10.84
C GLY A 36 -3.31 7.38 10.60
N TYR A 37 -3.23 6.90 9.35
CA TYR A 37 -3.88 5.64 8.97
C TYR A 37 -2.85 4.57 8.66
N MET A 38 -3.31 3.47 8.06
CA MET A 38 -2.46 2.36 7.69
C MET A 38 -2.30 2.30 6.18
N TRP A 39 -1.18 1.77 5.75
CA TRP A 39 -0.92 1.63 4.32
C TRP A 39 -0.96 0.15 3.95
N THR A 40 -2.16 -0.35 3.68
CA THR A 40 -2.34 -1.74 3.32
C THR A 40 -3.23 -1.88 2.09
N ARG A 41 -3.71 -3.08 1.81
CA ARG A 41 -4.56 -3.31 0.65
C ARG A 41 -6.03 -3.21 1.04
N VAL A 42 -6.75 -2.30 0.39
CA VAL A 42 -8.17 -2.10 0.67
C VAL A 42 -8.95 -3.40 0.59
N GLY A 43 -9.87 -3.60 1.53
CA GLY A 43 -10.65 -4.82 1.54
C GLY A 43 -9.91 -5.96 2.22
N PHE A 44 -8.66 -5.69 2.59
CA PHE A 44 -7.81 -6.67 3.25
C PHE A 44 -7.18 -6.06 4.48
N VAL A 45 -7.54 -4.82 4.75
CA VAL A 45 -7.03 -4.09 5.90
C VAL A 45 -7.20 -4.89 7.18
N GLY A 46 -6.08 -5.19 7.83
CA GLY A 46 -6.12 -5.96 9.06
C GLY A 46 -5.52 -7.34 8.88
N LYS A 47 -5.50 -7.81 7.63
CA LYS A 47 -4.96 -9.12 7.32
C LYS A 47 -3.43 -9.10 7.37
N ASP A 48 -2.80 -10.06 6.70
CA ASP A 48 -1.35 -10.14 6.68
C ASP A 48 -0.80 -10.07 5.26
N VAL A 49 -1.28 -10.98 4.41
CA VAL A 49 -0.83 -11.05 3.03
C VAL A 49 -1.60 -10.08 2.14
N LEU A 50 -2.90 -9.99 2.37
CA LEU A 50 -3.78 -9.13 1.58
C LEU A 50 -4.06 -9.75 0.21
N SER A 51 -3.01 -10.30 -0.40
CA SER A 51 -3.10 -10.96 -1.70
C SER A 51 -4.25 -11.97 -1.76
N ASP A 52 -4.42 -12.61 -2.92
CA ASP A 52 -5.48 -13.60 -3.10
C ASP A 52 -5.09 -14.63 -4.16
N GLU A 53 -5.42 -14.32 -5.41
CA GLU A 53 -5.13 -15.23 -6.52
C GLU A 53 -4.56 -14.47 -7.72
N ILE A 54 -4.99 -13.23 -7.88
CA ILE A 54 -4.54 -12.39 -8.99
C ILE A 54 -3.11 -11.93 -8.79
N LEU A 55 -2.93 -11.00 -7.87
CA LEU A 55 -1.59 -10.47 -7.56
C LEU A 55 -1.07 -11.01 -6.24
N GLU A 56 0.01 -11.81 -6.31
CA GLU A 56 0.63 -12.35 -5.12
C GLU A 56 1.26 -11.22 -4.31
N VAL A 57 0.40 -10.42 -3.68
CA VAL A 57 0.86 -9.29 -2.89
C VAL A 57 1.42 -9.71 -1.55
N VAL A 58 2.68 -10.09 -1.53
CA VAL A 58 3.33 -10.46 -0.29
C VAL A 58 3.73 -9.21 0.46
N CYS A 59 2.78 -8.64 1.16
CA CYS A 59 2.99 -7.41 1.90
C CYS A 59 3.34 -7.69 3.35
N LYS A 60 4.18 -6.83 3.92
CA LYS A 60 4.60 -6.98 5.30
C LYS A 60 4.63 -5.62 5.98
N TYR A 61 3.74 -5.44 6.94
CA TYR A 61 3.65 -4.20 7.70
C TYR A 61 4.65 -4.25 8.85
N THR A 62 5.75 -3.52 8.70
CA THR A 62 6.79 -3.49 9.72
C THR A 62 6.72 -2.22 10.55
N PRO A 63 6.31 -2.33 11.82
CA PRO A 63 6.21 -1.21 12.74
C PRO A 63 7.42 -1.13 13.67
N THR A 64 8.36 -0.25 13.35
CA THR A 64 9.55 -0.10 14.15
C THR A 64 9.68 1.33 14.70
N PRO A 65 10.02 1.47 15.99
CA PRO A 65 10.17 2.78 16.63
C PRO A 65 11.38 3.54 16.12
N SER A 66 11.41 4.84 16.38
CA SER A 66 12.52 5.69 15.94
C SER A 66 13.69 5.57 16.92
N SER A 67 14.64 6.49 16.83
CA SER A 67 15.81 6.48 17.70
C SER A 67 15.69 7.53 18.81
N THR A 68 14.58 8.27 18.81
CA THR A 68 14.35 9.29 19.82
C THR A 68 13.42 8.80 20.93
N PRO A 69 13.54 9.38 22.13
CA PRO A 69 12.71 9.01 23.28
C PRO A 69 11.32 9.65 23.22
N MET A 70 10.81 9.83 22.02
CA MET A 70 9.49 10.43 21.82
C MET A 70 8.77 9.76 20.65
N VAL A 71 8.99 8.46 20.50
CA VAL A 71 8.36 7.71 19.42
C VAL A 71 7.69 6.44 19.95
N GLY A 72 6.64 6.00 19.26
CA GLY A 72 5.93 4.81 19.66
C GLY A 72 6.42 3.58 18.92
N VAL A 73 5.72 3.24 17.83
CA VAL A 73 6.09 2.09 17.01
C VAL A 73 5.55 2.22 15.59
N GLY A 74 6.32 2.87 14.73
CA GLY A 74 5.90 3.05 13.35
C GLY A 74 7.04 2.91 12.37
N GLY A 75 6.96 1.88 11.53
CA GLY A 75 8.00 1.64 10.54
C GLY A 75 7.55 2.01 9.14
N ILE A 76 7.43 1.00 8.28
CA ILE A 76 6.98 1.22 6.91
C ILE A 76 6.04 0.12 6.46
N TYR A 77 5.79 0.08 5.16
CA TYR A 77 4.90 -0.92 4.58
C TYR A 77 5.53 -1.47 3.30
N VAL A 78 6.23 -2.60 3.41
CA VAL A 78 6.87 -3.21 2.26
C VAL A 78 5.90 -4.15 1.54
N VAL A 79 5.53 -3.75 0.34
CA VAL A 79 4.59 -4.54 -0.46
C VAL A 79 5.26 -5.20 -1.66
N LEU A 80 5.13 -6.53 -1.73
CA LEU A 80 5.69 -7.29 -2.84
C LEU A 80 4.57 -7.81 -3.73
N VAL A 81 4.33 -7.11 -4.83
CA VAL A 81 3.25 -7.50 -5.73
C VAL A 81 3.78 -8.39 -6.86
N LYS A 82 3.48 -9.69 -6.78
CA LYS A 82 3.93 -10.64 -7.77
C LYS A 82 2.75 -11.12 -8.65
N PRO A 83 2.64 -10.58 -9.88
CA PRO A 83 1.56 -10.97 -10.80
C PRO A 83 1.41 -12.48 -10.96
N ARG A 84 0.45 -13.04 -10.24
CA ARG A 84 0.19 -14.48 -10.29
C ARG A 84 -0.36 -14.88 -11.65
N LYS A 85 -1.19 -14.01 -12.23
CA LYS A 85 -1.79 -14.28 -13.53
C LYS A 85 -1.43 -13.19 -14.53
N ARG A 86 -1.94 -13.32 -15.75
CA ARG A 86 -1.68 -12.34 -16.80
C ARG A 86 -2.95 -11.62 -17.21
N GLY A 87 -2.93 -10.29 -17.14
CA GLY A 87 -4.10 -9.51 -17.51
C GLY A 87 -4.15 -8.18 -16.79
N HIS A 88 -5.36 -7.75 -16.43
CA HIS A 88 -5.54 -6.48 -15.73
C HIS A 88 -5.39 -6.66 -14.23
N HIS A 89 -4.17 -6.47 -13.73
CA HIS A 89 -3.88 -6.60 -12.31
C HIS A 89 -3.53 -5.25 -11.71
N THR A 90 -3.77 -5.10 -10.41
CA THR A 90 -3.47 -3.84 -9.73
C THR A 90 -3.30 -4.03 -8.23
N LEU A 91 -2.41 -3.23 -7.65
CA LEU A 91 -2.14 -3.28 -6.22
C LEU A 91 -2.95 -2.22 -5.50
N GLU A 92 -4.14 -2.60 -5.04
CA GLU A 92 -5.02 -1.68 -4.35
C GLU A 92 -4.52 -1.37 -2.95
N LEU A 93 -3.77 -0.27 -2.82
CA LEU A 93 -3.26 0.15 -1.51
C LEU A 93 -3.94 1.44 -1.08
N VAL A 94 -4.49 1.44 0.12
CA VAL A 94 -5.19 2.60 0.65
C VAL A 94 -4.68 2.97 2.04
N TYR A 95 -4.91 4.23 2.41
CA TYR A 95 -4.52 4.74 3.72
C TYR A 95 -5.72 4.74 4.66
N THR A 96 -5.99 3.58 5.27
CA THR A 96 -7.14 3.44 6.16
C THR A 96 -6.76 3.10 7.60
N ARG A 97 -7.59 3.52 8.55
CA ARG A 97 -7.35 3.25 9.95
C ARG A 97 -8.04 1.94 10.37
N PRO A 98 -7.27 0.85 10.54
CA PRO A 98 -7.80 -0.45 10.92
C PRO A 98 -8.90 -0.37 11.97
N PHE A 99 -8.81 0.63 12.84
CA PHE A 99 -9.80 0.82 13.89
C PHE A 99 -11.09 1.45 13.34
N GLU A 100 -10.97 2.64 12.77
CA GLU A 100 -12.14 3.34 12.22
C GLU A 100 -12.69 2.62 11.00
N GLY A 101 -11.89 2.57 9.94
CA GLY A 101 -12.30 1.93 8.71
C GLY A 101 -11.80 2.65 7.48
N ILE A 102 -12.14 2.13 6.32
CA ILE A 102 -11.70 2.73 5.07
C ILE A 102 -12.74 3.70 4.53
N LYS A 103 -12.26 4.73 3.84
CA LYS A 103 -13.13 5.75 3.27
C LYS A 103 -12.54 6.31 1.98
N PRO A 104 -13.38 6.98 1.17
CA PRO A 104 -12.96 7.57 -0.10
C PRO A 104 -12.00 8.74 0.12
N GLU A 105 -12.26 9.53 1.16
CA GLU A 105 -11.43 10.68 1.47
C GLU A 105 -10.00 10.25 1.79
N ASN A 106 -9.85 9.03 2.30
CA ASN A 106 -8.54 8.49 2.64
C ASN A 106 -7.63 8.46 1.42
N GLU A 107 -6.32 8.51 1.66
CA GLU A 107 -5.35 8.48 0.58
C GLU A 107 -5.46 7.20 -0.24
N ARG A 108 -4.85 7.23 -1.42
CA ARG A 108 -4.90 6.08 -2.33
C ARG A 108 -3.50 5.75 -2.85
N TYR A 109 -3.38 4.56 -3.45
CA TYR A 109 -2.13 4.12 -4.05
C TYR A 109 -2.36 2.79 -4.76
N THR A 110 -3.04 2.85 -5.91
CA THR A 110 -3.36 1.67 -6.68
C THR A 110 -2.36 1.46 -7.82
N LEU A 111 -1.33 0.65 -7.57
CA LEU A 111 -0.32 0.38 -8.58
C LEU A 111 -0.87 -0.53 -9.67
N HIS A 112 -1.39 0.08 -10.73
CA HIS A 112 -1.95 -0.68 -11.84
C HIS A 112 -0.84 -1.29 -12.69
N LEU A 113 -1.12 -2.46 -13.23
CA LEU A 113 -0.15 -3.20 -14.04
C LEU A 113 -0.82 -3.97 -15.16
N ASN A 114 -0.44 -3.66 -16.40
CA ASN A 114 -0.97 -4.36 -17.55
C ASN A 114 -0.14 -5.60 -17.80
N VAL A 115 -0.17 -6.50 -16.82
CA VAL A 115 0.61 -7.74 -16.86
C VAL A 115 0.51 -8.41 -18.22
N LYS A 116 1.66 -8.64 -18.86
CA LYS A 116 1.71 -9.28 -20.15
C LYS A 116 1.36 -10.76 -20.06
N GLY A 1 3.31 30.07 -5.85
CA GLY A 1 2.41 28.90 -5.81
C GLY A 1 0.99 29.28 -5.43
N SER A 2 0.36 30.11 -6.26
CA SER A 2 -1.01 30.54 -6.01
C SER A 2 -2.01 29.58 -6.62
N HIS A 3 -1.60 28.90 -7.69
CA HIS A 3 -2.47 27.94 -8.37
C HIS A 3 -2.07 26.52 -8.02
N MET A 4 -3.00 25.77 -7.42
CA MET A 4 -2.74 24.39 -7.04
C MET A 4 -3.02 23.45 -8.19
N ILE A 5 -4.30 23.28 -8.52
CA ILE A 5 -4.71 22.40 -9.62
C ILE A 5 -4.58 20.93 -9.26
N ALA A 6 -3.62 20.62 -8.38
CA ALA A 6 -3.39 19.24 -7.97
C ALA A 6 -3.45 19.09 -6.44
N PRO A 7 -2.64 19.89 -5.69
CA PRO A 7 -2.63 19.81 -4.22
C PRO A 7 -3.85 20.48 -3.60
N LEU A 8 -4.83 19.67 -3.20
CA LEU A 8 -6.04 20.18 -2.59
C LEU A 8 -6.90 19.04 -2.06
N SER A 9 -7.37 18.19 -2.97
CA SER A 9 -8.19 17.05 -2.60
C SER A 9 -7.84 15.83 -3.45
N VAL A 10 -7.20 16.08 -4.59
CA VAL A 10 -6.81 14.99 -5.49
C VAL A 10 -5.32 14.71 -5.39
N LYS A 11 -4.93 13.46 -5.66
CA LYS A 11 -3.55 13.05 -5.60
C LYS A 11 -3.31 11.92 -6.59
N ASP A 12 -2.20 11.99 -7.30
CA ASP A 12 -1.86 10.98 -8.28
C ASP A 12 -1.23 9.76 -7.60
N ASN A 13 -2.02 8.69 -7.49
CA ASN A 13 -1.56 7.46 -6.87
C ASN A 13 -1.53 6.31 -7.86
N ASP A 14 -2.70 5.72 -8.07
CA ASP A 14 -2.87 4.60 -9.00
C ASP A 14 -1.92 4.71 -10.19
N LYS A 15 -0.93 3.83 -10.19
CA LYS A 15 0.05 3.81 -11.27
C LYS A 15 -0.43 2.92 -12.42
N TRP A 16 -1.07 3.54 -13.40
CA TRP A 16 -1.60 2.83 -14.55
C TRP A 16 -0.48 2.46 -15.52
N VAL A 17 -0.01 1.21 -15.43
CA VAL A 17 1.09 0.76 -16.29
C VAL A 17 1.00 -0.72 -16.60
N ASP A 18 2.05 -1.23 -17.25
CA ASP A 18 2.13 -2.63 -17.64
C ASP A 18 3.22 -3.34 -16.85
N THR A 19 3.40 -4.64 -17.09
CA THR A 19 4.42 -5.42 -16.38
C THR A 19 4.48 -6.86 -16.85
N HIS A 20 5.28 -7.68 -16.15
CA HIS A 20 5.43 -9.09 -16.47
C HIS A 20 4.94 -9.96 -15.31
N VAL A 21 5.19 -11.26 -15.40
CA VAL A 21 4.75 -12.19 -14.36
C VAL A 21 5.73 -12.25 -13.18
N GLY A 22 5.18 -12.37 -11.99
CA GLY A 22 5.97 -12.45 -10.77
C GLY A 22 6.95 -11.31 -10.61
N LYS A 23 6.74 -10.22 -11.34
CA LYS A 23 7.62 -9.07 -11.24
C LYS A 23 7.51 -8.46 -9.84
N THR A 24 8.22 -9.08 -8.89
CA THR A 24 8.20 -8.62 -7.51
C THR A 24 8.47 -7.13 -7.40
N THR A 25 7.39 -6.37 -7.29
CA THR A 25 7.50 -4.92 -7.18
C THR A 25 7.50 -4.48 -5.72
N GLU A 26 8.68 -4.12 -5.23
CA GLU A 26 8.84 -3.68 -3.86
C GLU A 26 8.59 -2.18 -3.74
N ILE A 27 7.74 -1.82 -2.79
CA ILE A 27 7.41 -0.43 -2.58
C ILE A 27 7.49 -0.05 -1.10
N HIS A 28 8.55 0.66 -0.75
CA HIS A 28 8.74 1.12 0.62
C HIS A 28 7.99 2.43 0.81
N LEU A 29 6.79 2.35 1.35
CA LEU A 29 5.96 3.52 1.58
C LEU A 29 6.23 4.10 2.95
N LYS A 30 6.14 5.41 3.05
CA LYS A 30 6.39 6.08 4.32
C LYS A 30 5.08 6.38 5.02
N GLY A 31 5.15 6.64 6.32
CA GLY A 31 3.96 6.92 7.09
C GLY A 31 4.23 7.00 8.57
N ASN A 32 3.34 6.40 9.37
CA ASN A 32 3.49 6.39 10.82
C ASN A 32 2.40 5.53 11.46
N PRO A 33 2.74 4.31 11.89
CA PRO A 33 1.77 3.39 12.52
C PRO A 33 1.18 3.95 13.80
N THR A 34 1.70 5.10 14.25
CA THR A 34 1.22 5.73 15.46
C THR A 34 0.38 6.97 15.17
N THR A 35 -0.04 7.12 13.92
CA THR A 35 -0.85 8.27 13.52
C THR A 35 -2.33 7.90 13.49
N GLY A 36 -2.63 6.64 13.18
CA GLY A 36 -4.01 6.21 13.11
C GLY A 36 -4.31 5.41 11.86
N TYR A 37 -3.83 5.89 10.72
CA TYR A 37 -4.06 5.21 9.45
C TYR A 37 -3.01 4.13 9.19
N MET A 38 -3.14 3.47 8.04
CA MET A 38 -2.25 2.41 7.64
C MET A 38 -2.16 2.35 6.12
N TRP A 39 -1.04 1.88 5.62
CA TRP A 39 -0.85 1.74 4.19
C TRP A 39 -0.86 0.27 3.83
N THR A 40 -2.06 -0.26 3.59
CA THR A 40 -2.19 -1.68 3.25
C THR A 40 -3.06 -1.85 2.00
N ARG A 41 -3.42 -3.09 1.68
CA ARG A 41 -4.23 -3.37 0.50
C ARG A 41 -5.69 -3.00 0.76
N VAL A 42 -6.33 -2.37 -0.24
CA VAL A 42 -7.72 -1.96 -0.13
C VAL A 42 -8.63 -3.14 0.18
N GLY A 43 -9.56 -2.94 1.12
CA GLY A 43 -10.49 -4.00 1.49
C GLY A 43 -9.83 -5.10 2.28
N PHE A 44 -8.50 -5.12 2.28
CA PHE A 44 -7.74 -6.13 3.00
C PHE A 44 -7.12 -5.54 4.26
N VAL A 45 -7.72 -4.45 4.72
CA VAL A 45 -7.24 -3.76 5.91
C VAL A 45 -7.65 -4.51 7.18
N GLY A 46 -6.68 -5.16 7.81
CA GLY A 46 -6.96 -5.90 9.03
C GLY A 46 -7.06 -7.39 8.78
N LYS A 47 -7.21 -7.76 7.51
CA LYS A 47 -7.32 -9.17 7.13
C LYS A 47 -6.03 -9.91 7.42
N ASP A 48 -6.06 -11.22 7.24
CA ASP A 48 -4.89 -12.07 7.47
C ASP A 48 -3.89 -11.91 6.33
N VAL A 49 -4.30 -12.36 5.15
CA VAL A 49 -3.46 -12.28 3.97
C VAL A 49 -3.96 -11.21 3.02
N LEU A 50 -3.04 -10.37 2.59
CA LEU A 50 -3.35 -9.30 1.67
C LEU A 50 -3.59 -9.88 0.29
N SER A 51 -2.52 -10.44 -0.27
CA SER A 51 -2.55 -11.08 -1.57
C SER A 51 -3.71 -12.09 -1.65
N ASP A 52 -3.93 -12.65 -2.83
CA ASP A 52 -5.00 -13.62 -3.03
C ASP A 52 -4.67 -14.62 -4.13
N GLU A 53 -5.14 -14.34 -5.34
CA GLU A 53 -4.92 -15.22 -6.48
C GLU A 53 -4.35 -14.44 -7.66
N ILE A 54 -4.76 -13.20 -7.79
CA ILE A 54 -4.32 -12.35 -8.88
C ILE A 54 -2.88 -11.90 -8.68
N LEU A 55 -2.69 -10.99 -7.72
CA LEU A 55 -1.35 -10.49 -7.42
C LEU A 55 -0.84 -11.03 -6.09
N GLU A 56 0.26 -11.78 -6.13
CA GLU A 56 0.86 -12.31 -4.93
C GLU A 56 1.49 -11.18 -4.13
N VAL A 57 0.65 -10.37 -3.50
CA VAL A 57 1.13 -9.24 -2.73
C VAL A 57 1.71 -9.65 -1.38
N VAL A 58 3.00 -9.90 -1.36
CA VAL A 58 3.68 -10.26 -0.14
C VAL A 58 4.24 -9.00 0.51
N CYS A 59 3.42 -8.37 1.33
CA CYS A 59 3.83 -7.14 1.99
C CYS A 59 4.03 -7.34 3.47
N LYS A 60 5.01 -6.62 4.02
CA LYS A 60 5.32 -6.68 5.43
C LYS A 60 5.22 -5.28 6.03
N TYR A 61 4.28 -5.10 6.94
CA TYR A 61 4.10 -3.83 7.60
C TYR A 61 5.04 -3.72 8.78
N THR A 62 6.09 -2.93 8.63
CA THR A 62 7.07 -2.73 9.69
C THR A 62 6.83 -1.39 10.37
N PRO A 63 6.69 -1.38 11.71
CA PRO A 63 6.45 -0.16 12.47
C PRO A 63 7.72 0.59 12.82
N THR A 64 7.54 1.83 13.26
CA THR A 64 8.66 2.70 13.63
C THR A 64 9.58 2.02 14.65
N PRO A 65 10.88 2.36 14.62
CA PRO A 65 11.87 1.78 15.54
C PRO A 65 11.64 2.22 16.98
N SER A 66 12.48 1.73 17.88
CA SER A 66 12.37 2.06 19.30
C SER A 66 12.64 3.55 19.53
N SER A 67 12.49 3.98 20.78
CA SER A 67 12.70 5.38 21.14
C SER A 67 14.18 5.74 21.06
N THR A 68 15.04 4.79 21.40
CA THR A 68 16.48 5.00 21.38
C THR A 68 17.05 4.76 19.98
N PRO A 69 18.19 5.40 19.66
CA PRO A 69 18.85 5.26 18.36
C PRO A 69 19.59 3.94 18.23
N MET A 70 19.29 3.03 19.13
CA MET A 70 19.92 1.70 19.13
C MET A 70 19.08 0.69 18.37
N VAL A 71 18.04 0.20 19.03
CA VAL A 71 17.14 -0.78 18.43
C VAL A 71 16.40 -0.19 17.23
N GLY A 72 16.59 -0.80 16.08
CA GLY A 72 15.94 -0.33 14.86
C GLY A 72 14.93 -1.31 14.32
N VAL A 73 13.77 -0.80 13.89
CA VAL A 73 12.72 -1.64 13.34
C VAL A 73 12.41 -1.28 11.90
N GLY A 74 11.41 -0.42 11.72
CA GLY A 74 11.03 -0.01 10.38
C GLY A 74 10.29 1.32 10.36
N GLY A 75 8.98 1.26 10.22
CA GLY A 75 8.17 2.47 10.18
C GLY A 75 7.65 2.75 8.79
N ILE A 76 7.59 1.71 7.96
CA ILE A 76 7.10 1.85 6.60
C ILE A 76 6.23 0.67 6.21
N TYR A 77 5.97 0.55 4.92
CA TYR A 77 5.15 -0.52 4.38
C TYR A 77 5.79 -1.09 3.13
N VAL A 78 6.50 -2.21 3.27
CA VAL A 78 7.17 -2.83 2.12
C VAL A 78 6.25 -3.83 1.45
N VAL A 79 5.83 -3.49 0.23
CA VAL A 79 4.92 -4.34 -0.53
C VAL A 79 5.61 -5.04 -1.69
N LEU A 80 5.50 -6.38 -1.73
CA LEU A 80 6.07 -7.18 -2.81
C LEU A 80 4.96 -7.79 -3.64
N VAL A 81 4.56 -7.10 -4.70
CA VAL A 81 3.47 -7.60 -5.53
C VAL A 81 4.01 -8.46 -6.68
N LYS A 82 3.74 -9.75 -6.61
CA LYS A 82 4.19 -10.69 -7.63
C LYS A 82 3.02 -11.17 -8.49
N PRO A 83 2.88 -10.62 -9.71
CA PRO A 83 1.80 -11.00 -10.63
C PRO A 83 1.65 -12.51 -10.78
N ARG A 84 0.67 -13.07 -10.08
CA ARG A 84 0.41 -14.50 -10.14
C ARG A 84 -0.17 -14.89 -11.50
N LYS A 85 -0.92 -13.97 -12.09
CA LYS A 85 -1.53 -14.21 -13.39
C LYS A 85 -1.05 -13.17 -14.41
N ARG A 86 -1.39 -13.40 -15.68
CA ARG A 86 -1.01 -12.49 -16.75
C ARG A 86 -2.24 -11.85 -17.39
N GLY A 87 -2.22 -10.52 -17.48
CA GLY A 87 -3.35 -9.80 -18.07
C GLY A 87 -3.74 -8.59 -17.26
N HIS A 88 -5.01 -8.19 -17.34
CA HIS A 88 -5.49 -7.04 -16.60
C HIS A 88 -5.44 -7.30 -15.11
N HIS A 89 -4.49 -6.67 -14.45
CA HIS A 89 -4.30 -6.83 -13.01
C HIS A 89 -4.00 -5.49 -12.35
N THR A 90 -4.21 -5.41 -11.05
CA THR A 90 -3.97 -4.17 -10.31
C THR A 90 -3.80 -4.42 -8.83
N LEU A 91 -2.98 -3.59 -8.18
CA LEU A 91 -2.74 -3.69 -6.75
C LEU A 91 -3.36 -2.51 -6.03
N GLU A 92 -4.52 -2.75 -5.42
CA GLU A 92 -5.24 -1.71 -4.71
C GLU A 92 -4.66 -1.45 -3.32
N LEU A 93 -4.14 -0.24 -3.13
CA LEU A 93 -3.59 0.16 -1.82
C LEU A 93 -4.33 1.39 -1.33
N VAL A 94 -4.40 1.55 -0.02
CA VAL A 94 -5.10 2.68 0.55
C VAL A 94 -4.58 3.04 1.95
N TYR A 95 -4.73 4.31 2.31
CA TYR A 95 -4.32 4.80 3.62
C TYR A 95 -5.54 4.91 4.53
N THR A 96 -5.81 3.84 5.27
CA THR A 96 -6.98 3.79 6.14
C THR A 96 -6.65 3.44 7.58
N ARG A 97 -7.60 3.66 8.47
CA ARG A 97 -7.43 3.33 9.89
C ARG A 97 -8.09 1.99 10.19
N PRO A 98 -7.30 0.89 10.20
CA PRO A 98 -7.81 -0.46 10.48
C PRO A 98 -8.77 -0.52 11.67
N PHE A 99 -8.44 0.21 12.73
CA PHE A 99 -9.24 0.22 13.94
C PHE A 99 -10.37 1.25 13.86
N GLU A 100 -10.69 1.70 12.65
CA GLU A 100 -11.76 2.69 12.46
C GLU A 100 -12.43 2.54 11.10
N GLY A 101 -11.98 1.56 10.31
CA GLY A 101 -12.57 1.36 9.00
C GLY A 101 -11.94 2.24 7.95
N ILE A 102 -12.43 2.12 6.71
CA ILE A 102 -11.90 2.91 5.60
C ILE A 102 -12.88 3.99 5.16
N LYS A 103 -12.34 5.07 4.61
CA LYS A 103 -13.13 6.19 4.13
C LYS A 103 -12.75 6.56 2.70
N PRO A 104 -13.58 7.38 2.03
CA PRO A 104 -13.33 7.81 0.65
C PRO A 104 -12.20 8.84 0.57
N GLU A 105 -12.19 9.77 1.53
CA GLU A 105 -11.18 10.82 1.57
C GLU A 105 -9.78 10.22 1.75
N ASN A 106 -9.72 9.03 2.33
CA ASN A 106 -8.45 8.35 2.57
C ASN A 106 -7.60 8.31 1.30
N GLU A 107 -6.28 8.34 1.48
CA GLU A 107 -5.35 8.32 0.37
C GLU A 107 -5.49 7.04 -0.45
N ARG A 108 -4.90 7.05 -1.64
CA ARG A 108 -4.96 5.91 -2.54
C ARG A 108 -3.59 5.58 -3.14
N TYR A 109 -3.48 4.38 -3.69
CA TYR A 109 -2.27 3.93 -4.37
C TYR A 109 -2.53 2.59 -5.05
N THR A 110 -3.14 2.66 -6.23
CA THR A 110 -3.48 1.46 -6.99
C THR A 110 -2.45 1.15 -8.05
N LEU A 111 -1.48 0.31 -7.72
CA LEU A 111 -0.43 -0.06 -8.65
C LEU A 111 -1.01 -0.88 -9.81
N HIS A 112 -1.55 -0.18 -10.80
CA HIS A 112 -2.14 -0.84 -11.96
C HIS A 112 -1.06 -1.48 -12.81
N LEU A 113 -1.33 -2.70 -13.25
CA LEU A 113 -0.37 -3.47 -14.05
C LEU A 113 -1.08 -4.30 -15.12
N ASN A 114 -0.92 -3.91 -16.37
CA ASN A 114 -1.51 -4.65 -17.47
C ASN A 114 -0.58 -5.78 -17.87
N VAL A 115 -0.23 -6.59 -16.86
CA VAL A 115 0.67 -7.71 -17.02
C VAL A 115 0.49 -8.39 -18.39
N LYS A 116 1.62 -8.71 -19.03
CA LYS A 116 1.59 -9.35 -20.34
C LYS A 116 1.27 -10.84 -20.20
N GLY A 1 -22.88 17.88 3.23
CA GLY A 1 -22.30 19.23 2.93
C GLY A 1 -20.83 19.31 3.30
N SER A 2 -20.01 18.48 2.67
CA SER A 2 -18.58 18.49 2.94
C SER A 2 -17.78 18.36 1.65
N HIS A 3 -16.88 19.32 1.42
CA HIS A 3 -16.05 19.33 0.23
C HIS A 3 -14.87 18.38 0.38
N MET A 4 -14.31 17.95 -0.75
CA MET A 4 -13.17 17.04 -0.75
C MET A 4 -12.10 17.51 -1.72
N ILE A 5 -10.91 16.91 -1.62
CA ILE A 5 -9.79 17.26 -2.49
C ILE A 5 -9.67 16.26 -3.63
N ALA A 6 -10.25 15.08 -3.43
CA ALA A 6 -10.22 14.02 -4.44
C ALA A 6 -8.80 13.49 -4.65
N PRO A 7 -8.67 12.20 -4.99
CA PRO A 7 -7.37 11.57 -5.22
C PRO A 7 -6.56 12.28 -6.31
N LEU A 8 -5.25 12.07 -6.31
CA LEU A 8 -4.36 12.67 -7.29
C LEU A 8 -4.48 14.20 -7.27
N SER A 9 -3.61 14.84 -6.50
CA SER A 9 -3.62 16.29 -6.39
C SER A 9 -2.36 16.78 -5.67
N VAL A 10 -1.93 16.04 -4.65
CA VAL A 10 -0.74 16.40 -3.90
C VAL A 10 0.07 15.16 -3.52
N LYS A 11 -0.19 14.05 -4.21
CA LYS A 11 0.50 12.81 -3.96
C LYS A 11 0.39 11.90 -5.16
N ASP A 12 1.40 11.07 -5.35
CA ASP A 12 1.41 10.12 -6.46
C ASP A 12 0.88 8.78 -5.98
N ASN A 13 -0.23 8.35 -6.58
CA ASN A 13 -0.85 7.11 -6.18
C ASN A 13 -1.09 6.17 -7.36
N ASP A 14 -2.30 6.22 -7.89
CA ASP A 14 -2.71 5.36 -8.99
C ASP A 14 -1.68 5.36 -10.12
N LYS A 15 -0.83 4.35 -10.12
CA LYS A 15 0.18 4.20 -11.15
C LYS A 15 -0.28 3.17 -12.18
N TRP A 16 -0.94 3.64 -13.22
CA TRP A 16 -1.45 2.79 -14.28
C TRP A 16 -0.35 2.42 -15.25
N VAL A 17 0.15 1.18 -15.16
CA VAL A 17 1.23 0.73 -16.05
C VAL A 17 1.16 -0.76 -16.31
N ASP A 18 2.11 -1.24 -17.09
CA ASP A 18 2.21 -2.65 -17.44
C ASP A 18 3.26 -3.35 -16.58
N THR A 19 3.46 -4.65 -16.80
CA THR A 19 4.45 -5.40 -16.03
C THR A 19 4.61 -6.83 -16.53
N HIS A 20 5.38 -7.62 -15.79
CA HIS A 20 5.63 -9.02 -16.14
C HIS A 20 5.05 -9.93 -15.07
N VAL A 21 5.38 -11.22 -15.13
CA VAL A 21 4.86 -12.18 -14.17
C VAL A 21 5.80 -12.37 -12.99
N GLY A 22 5.23 -12.32 -11.79
CA GLY A 22 6.00 -12.49 -10.56
C GLY A 22 7.05 -11.42 -10.37
N LYS A 23 6.99 -10.36 -11.17
CA LYS A 23 7.95 -9.27 -11.04
C LYS A 23 7.78 -8.60 -9.68
N THR A 24 8.39 -9.19 -8.67
CA THR A 24 8.31 -8.68 -7.30
C THR A 24 8.56 -7.18 -7.26
N THR A 25 7.47 -6.42 -7.18
CA THR A 25 7.56 -4.97 -7.13
C THR A 25 7.55 -4.49 -5.68
N GLU A 26 8.74 -4.26 -5.14
CA GLU A 26 8.91 -3.80 -3.79
C GLU A 26 8.53 -2.33 -3.67
N ILE A 27 7.73 -2.02 -2.67
CA ILE A 27 7.28 -0.65 -2.46
C ILE A 27 7.43 -0.20 -1.01
N HIS A 28 8.47 0.57 -0.75
CA HIS A 28 8.71 1.10 0.58
C HIS A 28 7.92 2.39 0.77
N LEU A 29 6.78 2.28 1.43
CA LEU A 29 5.92 3.44 1.65
C LEU A 29 6.22 4.07 3.00
N LYS A 30 6.06 5.38 3.07
CA LYS A 30 6.30 6.10 4.30
C LYS A 30 4.99 6.39 5.02
N GLY A 31 5.08 6.75 6.28
CA GLY A 31 3.89 7.04 7.05
C GLY A 31 4.17 7.18 8.53
N ASN A 32 3.33 6.54 9.35
CA ASN A 32 3.49 6.58 10.80
C ASN A 32 2.49 5.64 11.46
N PRO A 33 2.86 4.36 11.67
CA PRO A 33 2.00 3.37 12.30
C PRO A 33 1.35 3.87 13.59
N THR A 34 1.91 4.92 14.17
CA THR A 34 1.39 5.49 15.41
C THR A 34 0.63 6.78 15.16
N THR A 35 0.01 6.90 13.99
CA THR A 35 -0.75 8.11 13.65
C THR A 35 -2.25 7.82 13.64
N GLY A 36 -2.62 6.62 13.20
CA GLY A 36 -4.02 6.25 13.16
C GLY A 36 -4.39 5.47 11.91
N TYR A 37 -3.73 5.80 10.80
CA TYR A 37 -4.00 5.12 9.53
C TYR A 37 -2.95 4.04 9.24
N MET A 38 -3.11 3.39 8.10
CA MET A 38 -2.22 2.33 7.68
C MET A 38 -2.12 2.32 6.16
N TRP A 39 -1.01 1.82 5.65
CA TRP A 39 -0.81 1.73 4.21
C TRP A 39 -0.84 0.27 3.77
N THR A 40 -2.04 -0.23 3.48
CA THR A 40 -2.21 -1.61 3.06
C THR A 40 -3.12 -1.70 1.83
N ARG A 41 -3.63 -2.89 1.52
CA ARG A 41 -4.51 -3.04 0.36
C ARG A 41 -5.97 -2.82 0.73
N VAL A 42 -6.78 -2.51 -0.27
CA VAL A 42 -8.20 -2.24 -0.05
C VAL A 42 -9.00 -3.53 0.13
N GLY A 43 -9.83 -3.56 1.17
CA GLY A 43 -10.64 -4.74 1.44
C GLY A 43 -9.86 -5.82 2.17
N PHE A 44 -8.65 -5.48 2.61
CA PHE A 44 -7.80 -6.42 3.32
C PHE A 44 -7.21 -5.78 4.56
N VAL A 45 -7.53 -4.51 4.74
CA VAL A 45 -7.05 -3.75 5.89
C VAL A 45 -7.33 -4.49 7.19
N GLY A 46 -6.26 -4.86 7.90
CA GLY A 46 -6.41 -5.57 9.15
C GLY A 46 -6.21 -7.06 8.99
N LYS A 47 -6.56 -7.58 7.82
CA LYS A 47 -6.43 -9.00 7.52
C LYS A 47 -4.96 -9.41 7.48
N ASP A 48 -4.72 -10.71 7.39
CA ASP A 48 -3.37 -11.24 7.34
C ASP A 48 -2.77 -11.03 5.95
N VAL A 49 -3.39 -11.67 4.95
CA VAL A 49 -2.93 -11.56 3.58
C VAL A 49 -3.79 -10.58 2.80
N LEU A 50 -3.16 -9.80 1.95
CA LEU A 50 -3.85 -8.81 1.13
C LEU A 50 -4.24 -9.42 -0.21
N SER A 51 -3.25 -9.98 -0.90
CA SER A 51 -3.47 -10.61 -2.19
C SER A 51 -4.44 -11.78 -2.08
N ASP A 52 -4.53 -12.55 -3.17
CA ASP A 52 -5.41 -13.71 -3.22
C ASP A 52 -4.89 -14.77 -4.17
N GLU A 53 -5.18 -14.58 -5.45
CA GLU A 53 -4.74 -15.52 -6.48
C GLU A 53 -4.20 -14.79 -7.71
N ILE A 54 -4.72 -13.60 -7.96
CA ILE A 54 -4.30 -12.79 -9.10
C ILE A 54 -2.92 -12.18 -8.87
N LEU A 55 -2.90 -11.04 -8.21
CA LEU A 55 -1.65 -10.35 -7.92
C LEU A 55 -1.16 -10.67 -6.52
N GLU A 56 -0.09 -11.45 -6.41
CA GLU A 56 0.48 -11.79 -5.12
C GLU A 56 0.94 -10.51 -4.43
N VAL A 57 0.73 -10.43 -3.13
CA VAL A 57 1.12 -9.25 -2.38
C VAL A 57 1.69 -9.59 -1.01
N VAL A 58 2.99 -9.80 -0.96
CA VAL A 58 3.65 -10.11 0.30
C VAL A 58 3.73 -8.86 1.15
N CYS A 59 2.74 -8.71 2.02
CA CYS A 59 2.66 -7.55 2.90
C CYS A 59 3.73 -7.62 3.99
N LYS A 60 4.66 -6.68 3.95
CA LYS A 60 5.72 -6.61 4.93
C LYS A 60 5.69 -5.27 5.65
N TYR A 61 4.49 -4.87 6.03
CA TYR A 61 4.30 -3.62 6.76
C TYR A 61 4.94 -3.74 8.14
N THR A 62 6.07 -3.06 8.30
CA THR A 62 6.78 -3.05 9.57
C THR A 62 6.50 -1.77 10.33
N PRO A 63 5.89 -1.88 11.51
CA PRO A 63 5.54 -0.73 12.35
C PRO A 63 6.60 -0.45 13.40
N THR A 64 6.21 0.27 14.46
CA THR A 64 7.13 0.61 15.54
C THR A 64 7.88 -0.63 16.03
N PRO A 65 9.17 -0.47 16.37
CA PRO A 65 10.01 -1.58 16.85
C PRO A 65 9.55 -2.10 18.20
N SER A 66 10.26 -3.11 18.70
CA SER A 66 9.94 -3.71 19.98
C SER A 66 10.75 -3.06 21.11
N SER A 67 10.77 -3.70 22.27
CA SER A 67 11.51 -3.18 23.41
C SER A 67 13.01 -3.34 23.20
N THR A 68 13.39 -3.95 22.08
CA THR A 68 14.80 -4.16 21.76
C THR A 68 15.58 -2.85 21.74
N PRO A 69 16.90 -2.90 21.97
CA PRO A 69 17.75 -1.70 21.98
C PRO A 69 18.04 -1.19 20.57
N MET A 70 17.28 -1.70 19.62
CA MET A 70 17.45 -1.31 18.22
C MET A 70 16.14 -0.74 17.66
N VAL A 71 15.88 0.52 17.94
CA VAL A 71 14.67 1.19 17.47
C VAL A 71 14.81 1.59 16.01
N GLY A 72 14.18 0.82 15.13
CA GLY A 72 14.23 1.12 13.71
C GLY A 72 14.25 -0.14 12.85
N VAL A 73 13.43 -1.11 13.21
CA VAL A 73 13.35 -2.35 12.47
C VAL A 73 12.50 -2.20 11.22
N GLY A 74 11.87 -1.04 11.09
CA GLY A 74 11.02 -0.77 9.95
C GLY A 74 10.42 0.61 9.99
N GLY A 75 9.13 0.68 10.29
CA GLY A 75 8.46 1.96 10.36
C GLY A 75 7.79 2.34 9.06
N ILE A 76 7.84 1.41 8.11
CA ILE A 76 7.23 1.63 6.81
C ILE A 76 6.35 0.47 6.40
N TYR A 77 5.96 0.47 5.12
CA TYR A 77 5.11 -0.57 4.57
C TYR A 77 5.78 -1.18 3.35
N VAL A 78 6.35 -2.38 3.51
CA VAL A 78 7.03 -3.04 2.40
C VAL A 78 6.08 -3.97 1.67
N VAL A 79 5.56 -3.51 0.54
CA VAL A 79 4.61 -4.30 -0.24
C VAL A 79 5.26 -4.93 -1.47
N LEU A 80 5.25 -6.26 -1.52
CA LEU A 80 5.80 -6.99 -2.64
C LEU A 80 4.68 -7.50 -3.53
N VAL A 81 4.50 -6.87 -4.68
CA VAL A 81 3.45 -7.26 -5.59
C VAL A 81 3.98 -8.18 -6.68
N LYS A 82 3.74 -9.48 -6.51
CA LYS A 82 4.19 -10.49 -7.46
C LYS A 82 3.04 -11.01 -8.30
N PRO A 83 2.93 -10.57 -9.56
CA PRO A 83 1.86 -11.01 -10.47
C PRO A 83 1.83 -12.53 -10.62
N ARG A 84 0.95 -13.19 -9.87
CA ARG A 84 0.83 -14.64 -9.94
C ARG A 84 0.39 -15.08 -11.33
N LYS A 85 -0.43 -14.26 -11.96
CA LYS A 85 -0.93 -14.56 -13.31
C LYS A 85 -0.62 -13.41 -14.25
N ARG A 86 -1.01 -13.56 -15.51
CA ARG A 86 -0.78 -12.54 -16.52
C ARG A 86 -2.10 -12.02 -17.08
N GLY A 87 -2.14 -10.72 -17.38
CA GLY A 87 -3.35 -10.13 -17.91
C GLY A 87 -3.64 -8.76 -17.31
N HIS A 88 -4.72 -8.69 -16.52
CA HIS A 88 -5.09 -7.44 -15.88
C HIS A 88 -5.01 -7.55 -14.36
N HIS A 89 -3.90 -7.10 -13.80
CA HIS A 89 -3.68 -7.14 -12.36
C HIS A 89 -3.58 -5.73 -11.79
N THR A 90 -3.73 -5.61 -10.47
CA THR A 90 -3.66 -4.30 -9.82
C THR A 90 -3.37 -4.44 -8.32
N LEU A 91 -2.84 -3.36 -7.74
CA LEU A 91 -2.53 -3.33 -6.31
C LEU A 91 -3.20 -2.14 -5.64
N GLU A 92 -4.42 -2.34 -5.17
CA GLU A 92 -5.17 -1.28 -4.52
C GLU A 92 -4.65 -0.99 -3.12
N LEU A 93 -3.75 -0.01 -3.01
CA LEU A 93 -3.22 0.38 -1.71
C LEU A 93 -3.87 1.67 -1.25
N VAL A 94 -4.28 1.70 0.01
CA VAL A 94 -4.94 2.88 0.56
C VAL A 94 -4.47 3.19 1.98
N TYR A 95 -4.60 4.46 2.37
CA TYR A 95 -4.23 4.90 3.72
C TYR A 95 -5.49 4.97 4.58
N THR A 96 -5.81 3.86 5.25
CA THR A 96 -7.01 3.78 6.06
C THR A 96 -6.73 3.49 7.53
N ARG A 97 -7.78 3.55 8.34
CA ARG A 97 -7.66 3.27 9.76
C ARG A 97 -8.21 1.87 10.06
N PRO A 98 -7.33 0.85 10.11
CA PRO A 98 -7.74 -0.53 10.37
C PRO A 98 -8.69 -0.65 11.56
N PHE A 99 -8.53 0.26 12.52
CA PHE A 99 -9.36 0.27 13.71
C PHE A 99 -10.76 0.80 13.40
N GLU A 100 -10.84 1.79 12.53
CA GLU A 100 -12.11 2.39 12.15
C GLU A 100 -12.61 1.84 10.81
N GLY A 101 -12.06 2.37 9.73
CA GLY A 101 -12.45 1.94 8.40
C GLY A 101 -11.83 2.78 7.31
N ILE A 102 -12.11 2.42 6.07
CA ILE A 102 -11.55 3.14 4.93
C ILE A 102 -12.52 4.21 4.42
N LYS A 103 -11.95 5.24 3.78
CA LYS A 103 -12.75 6.33 3.25
C LYS A 103 -12.21 6.77 1.89
N PRO A 104 -13.03 7.50 1.12
CA PRO A 104 -12.65 8.00 -0.21
C PRO A 104 -11.63 9.12 -0.12
N GLU A 105 -11.80 9.99 0.86
CA GLU A 105 -10.89 11.11 1.07
C GLU A 105 -9.49 10.63 1.44
N ASN A 106 -9.43 9.46 2.07
CA ASN A 106 -8.16 8.87 2.48
C ASN A 106 -7.20 8.75 1.30
N GLU A 107 -5.90 8.79 1.60
CA GLU A 107 -4.87 8.69 0.58
C GLU A 107 -5.09 7.45 -0.28
N ARG A 108 -4.57 7.48 -1.49
CA ARG A 108 -4.71 6.38 -2.43
C ARG A 108 -3.34 5.96 -2.97
N TYR A 109 -3.28 4.79 -3.58
CA TYR A 109 -2.06 4.26 -4.19
C TYR A 109 -2.36 2.94 -4.87
N THR A 110 -3.20 2.99 -5.89
CA THR A 110 -3.58 1.81 -6.64
C THR A 110 -2.60 1.53 -7.76
N LEU A 111 -1.61 0.70 -7.48
CA LEU A 111 -0.58 0.36 -8.46
C LEU A 111 -1.13 -0.61 -9.51
N HIS A 112 -1.58 -0.07 -10.63
CA HIS A 112 -2.10 -0.89 -11.70
C HIS A 112 -0.98 -1.51 -12.53
N LEU A 113 -1.21 -2.75 -12.97
CA LEU A 113 -0.21 -3.48 -13.74
C LEU A 113 -0.87 -4.35 -14.81
N ASN A 114 -0.76 -3.93 -16.07
CA ASN A 114 -1.32 -4.69 -17.17
C ASN A 114 -0.35 -5.79 -17.57
N VAL A 115 -0.16 -6.73 -16.63
CA VAL A 115 0.75 -7.85 -16.83
C VAL A 115 0.63 -8.44 -18.24
N LYS A 116 1.78 -8.73 -18.85
CA LYS A 116 1.80 -9.29 -20.19
C LYS A 116 1.46 -10.77 -20.18
N GLY A 1 10.47 17.17 -6.86
CA GLY A 1 11.79 17.78 -6.52
C GLY A 1 11.95 18.03 -5.04
N SER A 2 10.88 17.78 -4.27
CA SER A 2 10.90 18.00 -2.83
C SER A 2 10.00 16.98 -2.13
N HIS A 3 10.16 16.87 -0.81
CA HIS A 3 9.37 15.94 -0.02
C HIS A 3 8.18 16.66 0.61
N MET A 4 6.99 16.09 0.43
CA MET A 4 5.78 16.67 0.98
C MET A 4 5.54 16.19 2.41
N ILE A 5 5.41 17.13 3.33
CA ILE A 5 5.19 16.81 4.73
C ILE A 5 3.70 16.71 5.05
N ALA A 6 2.87 16.80 4.02
CA ALA A 6 1.43 16.73 4.18
C ALA A 6 0.84 15.55 3.39
N PRO A 7 0.87 14.34 3.98
CA PRO A 7 0.33 13.14 3.33
C PRO A 7 -1.19 13.09 3.35
N LEU A 8 -1.82 14.26 3.54
CA LEU A 8 -3.27 14.35 3.59
C LEU A 8 -3.89 13.78 2.32
N SER A 9 -3.60 14.42 1.19
CA SER A 9 -4.14 13.97 -0.10
C SER A 9 -3.11 14.17 -1.21
N VAL A 10 -2.24 15.16 -1.04
CA VAL A 10 -1.20 15.45 -2.02
C VAL A 10 -0.06 14.46 -1.94
N LYS A 11 -0.05 13.49 -2.85
CA LYS A 11 0.99 12.47 -2.89
C LYS A 11 0.79 11.54 -4.08
N ASP A 12 1.87 11.27 -4.79
CA ASP A 12 1.81 10.39 -5.96
C ASP A 12 1.39 8.99 -5.55
N ASN A 13 0.31 8.50 -6.16
CA ASN A 13 -0.20 7.17 -5.85
C ASN A 13 -0.35 6.32 -7.10
N ASP A 14 -1.13 6.80 -8.04
CA ASP A 14 -1.38 6.09 -9.28
C ASP A 14 -0.08 5.74 -10.00
N LYS A 15 0.34 4.49 -9.84
CA LYS A 15 1.53 3.99 -10.48
C LYS A 15 1.13 2.90 -11.46
N TRP A 16 0.31 3.30 -12.42
CA TRP A 16 -0.23 2.41 -13.43
C TRP A 16 0.80 2.11 -14.51
N VAL A 17 1.15 0.82 -14.66
CA VAL A 17 2.15 0.41 -15.65
C VAL A 17 1.96 -1.04 -16.09
N ASP A 18 2.91 -1.49 -16.90
CA ASP A 18 2.90 -2.85 -17.43
C ASP A 18 3.72 -3.79 -16.53
N THR A 19 3.76 -5.08 -16.88
CA THR A 19 4.52 -6.04 -16.09
C THR A 19 4.48 -7.44 -16.70
N HIS A 20 5.22 -8.36 -16.08
CA HIS A 20 5.28 -9.75 -16.52
C HIS A 20 4.66 -10.65 -15.46
N VAL A 21 5.08 -11.92 -15.42
CA VAL A 21 4.53 -12.86 -14.44
C VAL A 21 5.38 -12.91 -13.18
N GLY A 22 4.72 -12.75 -12.04
CA GLY A 22 5.41 -12.79 -10.75
C GLY A 22 6.40 -11.66 -10.57
N LYS A 23 6.34 -10.65 -11.44
CA LYS A 23 7.24 -9.51 -11.32
C LYS A 23 7.09 -8.87 -9.95
N THR A 24 7.84 -9.38 -8.99
CA THR A 24 7.78 -8.88 -7.63
C THR A 24 8.09 -7.39 -7.57
N THR A 25 7.04 -6.58 -7.52
CA THR A 25 7.19 -5.14 -7.46
C THR A 25 7.31 -4.68 -6.02
N GLU A 26 8.53 -4.34 -5.63
CA GLU A 26 8.81 -3.88 -4.29
C GLU A 26 8.66 -2.37 -4.17
N ILE A 27 7.90 -1.94 -3.17
CA ILE A 27 7.68 -0.52 -2.95
C ILE A 27 7.66 -0.19 -1.46
N HIS A 28 8.70 0.50 -1.01
CA HIS A 28 8.81 0.90 0.37
C HIS A 28 8.06 2.20 0.61
N LEU A 29 6.98 2.13 1.38
CA LEU A 29 6.18 3.30 1.69
C LEU A 29 6.44 3.78 3.11
N LYS A 30 6.06 5.01 3.38
CA LYS A 30 6.24 5.59 4.70
C LYS A 30 4.91 5.99 5.30
N GLY A 31 4.88 6.10 6.62
CA GLY A 31 3.65 6.46 7.31
C GLY A 31 3.85 6.67 8.79
N ASN A 32 2.89 6.21 9.59
CA ASN A 32 2.96 6.35 11.05
C ASN A 32 1.82 5.58 11.73
N PRO A 33 2.13 4.42 12.33
CA PRO A 33 1.13 3.59 13.02
C PRO A 33 0.43 4.35 14.16
N THR A 34 1.18 5.22 14.83
CA THR A 34 0.63 5.99 15.94
C THR A 34 -0.24 7.14 15.46
N THR A 35 -0.61 7.10 14.18
CA THR A 35 -1.46 8.14 13.60
C THR A 35 -2.93 7.72 13.61
N GLY A 36 -3.17 6.42 13.46
CA GLY A 36 -4.53 5.92 13.46
C GLY A 36 -4.84 5.06 12.26
N TYR A 37 -4.23 5.38 11.13
CA TYR A 37 -4.46 4.62 9.89
C TYR A 37 -3.34 3.62 9.64
N MET A 38 -3.42 2.94 8.50
CA MET A 38 -2.44 1.96 8.11
C MET A 38 -2.27 1.96 6.60
N TRP A 39 -1.06 1.70 6.16
CA TRP A 39 -0.76 1.64 4.73
C TRP A 39 -0.79 0.20 4.27
N THR A 40 -1.98 -0.31 4.03
CA THR A 40 -2.15 -1.69 3.60
C THR A 40 -2.87 -1.76 2.25
N ARG A 41 -3.26 -2.96 1.83
CA ARG A 41 -3.95 -3.12 0.55
C ARG A 41 -5.44 -2.83 0.69
N VAL A 42 -5.99 -2.10 -0.30
CA VAL A 42 -7.40 -1.73 -0.30
C VAL A 42 -8.30 -2.94 -0.14
N GLY A 43 -9.38 -2.77 0.65
CA GLY A 43 -10.32 -3.85 0.87
C GLY A 43 -9.69 -5.06 1.52
N PHE A 44 -8.41 -4.93 1.87
CA PHE A 44 -7.69 -6.02 2.51
C PHE A 44 -7.11 -5.58 3.84
N VAL A 45 -7.75 -4.59 4.45
CA VAL A 45 -7.32 -4.07 5.73
C VAL A 45 -7.52 -5.10 6.84
N GLY A 46 -6.48 -5.32 7.63
CA GLY A 46 -6.57 -6.28 8.73
C GLY A 46 -5.99 -7.63 8.36
N LYS A 47 -6.06 -7.98 7.07
CA LYS A 47 -5.54 -9.25 6.59
C LYS A 47 -4.04 -9.35 6.82
N ASP A 48 -3.49 -10.54 6.60
CA ASP A 48 -2.07 -10.78 6.79
C ASP A 48 -1.31 -10.57 5.49
N VAL A 49 -1.68 -11.36 4.48
CA VAL A 49 -1.03 -11.28 3.17
C VAL A 49 -1.68 -10.19 2.33
N LEU A 50 -2.96 -9.97 2.58
CA LEU A 50 -3.73 -8.96 1.86
C LEU A 50 -4.09 -9.46 0.46
N SER A 51 -3.10 -9.99 -0.26
CA SER A 51 -3.32 -10.52 -1.59
C SER A 51 -4.36 -11.65 -1.59
N ASP A 52 -4.51 -12.32 -2.73
CA ASP A 52 -5.47 -13.41 -2.85
C ASP A 52 -5.06 -14.39 -3.94
N GLU A 53 -5.57 -14.17 -5.15
CA GLU A 53 -5.28 -15.04 -6.27
C GLU A 53 -4.82 -14.25 -7.49
N ILE A 54 -5.36 -13.03 -7.65
CA ILE A 54 -5.01 -12.18 -8.78
C ILE A 54 -3.54 -11.78 -8.74
N LEU A 55 -3.16 -11.03 -7.71
CA LEU A 55 -1.78 -10.59 -7.56
C LEU A 55 -1.20 -11.05 -6.23
N GLU A 56 -0.08 -11.76 -6.28
CA GLU A 56 0.59 -12.23 -5.08
C GLU A 56 1.24 -11.07 -4.35
N VAL A 57 0.42 -10.19 -3.78
CA VAL A 57 0.93 -9.04 -3.06
C VAL A 57 1.39 -9.43 -1.67
N VAL A 58 2.58 -8.98 -1.31
CA VAL A 58 3.14 -9.26 -0.02
C VAL A 58 3.67 -7.99 0.62
N CYS A 59 2.77 -7.28 1.28
CA CYS A 59 3.11 -6.03 1.94
C CYS A 59 3.33 -6.25 3.42
N LYS A 60 4.57 -6.10 3.84
CA LYS A 60 4.92 -6.28 5.24
C LYS A 60 4.93 -4.96 5.97
N TYR A 61 3.98 -4.79 6.89
CA TYR A 61 3.88 -3.58 7.68
C TYR A 61 4.87 -3.65 8.83
N THR A 62 5.92 -2.85 8.75
CA THR A 62 6.95 -2.82 9.78
C THR A 62 7.09 -1.43 10.39
N PRO A 63 7.05 -1.33 11.74
CA PRO A 63 7.19 -0.07 12.44
C PRO A 63 8.65 0.24 12.73
N THR A 64 8.92 0.94 13.84
CA THR A 64 10.29 1.27 14.21
C THR A 64 10.67 0.67 15.55
N PRO A 65 11.85 0.04 15.64
CA PRO A 65 12.35 -0.58 16.87
C PRO A 65 12.40 0.42 18.02
N SER A 66 12.48 -0.10 19.25
CA SER A 66 12.55 0.75 20.43
C SER A 66 13.01 -0.04 21.64
N SER A 67 13.51 0.67 22.65
CA SER A 67 14.00 0.03 23.87
C SER A 67 13.57 0.81 25.11
N THR A 68 12.88 1.93 24.91
CA THR A 68 12.42 2.76 26.02
C THR A 68 11.29 3.70 25.60
N PRO A 69 11.47 4.47 24.50
CA PRO A 69 10.46 5.41 24.02
C PRO A 69 9.25 4.70 23.44
N MET A 70 8.12 5.41 23.39
CA MET A 70 6.88 4.86 22.84
C MET A 70 6.07 5.95 22.18
N VAL A 71 6.73 7.08 21.92
CA VAL A 71 6.07 8.22 21.30
C VAL A 71 6.58 8.43 19.87
N GLY A 72 7.07 7.36 19.28
CA GLY A 72 7.59 7.44 17.92
C GLY A 72 7.98 6.08 17.37
N VAL A 73 7.05 5.43 16.69
CA VAL A 73 7.29 4.11 16.11
C VAL A 73 6.66 4.00 14.73
N GLY A 74 7.35 4.54 13.72
CA GLY A 74 6.84 4.49 12.36
C GLY A 74 7.87 3.95 11.38
N GLY A 75 7.63 2.74 10.90
CA GLY A 75 8.55 2.11 9.96
C GLY A 75 8.15 2.38 8.53
N ILE A 76 7.92 1.31 7.78
CA ILE A 76 7.52 1.43 6.39
C ILE A 76 6.59 0.30 5.97
N TYR A 77 6.42 0.14 4.66
CA TYR A 77 5.55 -0.89 4.11
C TYR A 77 6.17 -1.49 2.86
N VAL A 78 6.72 -2.69 2.98
CA VAL A 78 7.35 -3.36 1.85
C VAL A 78 6.33 -4.17 1.06
N VAL A 79 5.78 -3.54 0.02
CA VAL A 79 4.77 -4.19 -0.81
C VAL A 79 5.40 -4.97 -1.96
N LEU A 80 5.07 -6.26 -2.05
CA LEU A 80 5.59 -7.12 -3.11
C LEU A 80 4.45 -7.69 -3.94
N VAL A 81 4.12 -7.02 -5.02
CA VAL A 81 3.03 -7.47 -5.89
C VAL A 81 3.56 -8.39 -6.99
N LYS A 82 3.32 -9.69 -6.82
CA LYS A 82 3.76 -10.69 -7.78
C LYS A 82 2.59 -11.15 -8.66
N PRO A 83 2.46 -10.59 -9.88
CA PRO A 83 1.39 -10.94 -10.79
C PRO A 83 1.18 -12.45 -10.91
N ARG A 84 0.09 -12.93 -10.32
CA ARG A 84 -0.24 -14.35 -10.35
C ARG A 84 -0.89 -14.74 -11.67
N LYS A 85 -1.88 -13.96 -12.09
CA LYS A 85 -2.59 -14.23 -13.35
C LYS A 85 -2.12 -13.28 -14.45
N ARG A 86 -2.31 -13.71 -15.69
CA ARG A 86 -1.91 -12.89 -16.84
C ARG A 86 -3.09 -12.09 -17.36
N GLY A 87 -2.92 -10.76 -17.43
CA GLY A 87 -3.99 -9.91 -17.91
C GLY A 87 -3.94 -8.53 -17.30
N HIS A 88 -5.10 -7.87 -17.24
CA HIS A 88 -5.18 -6.53 -16.67
C HIS A 88 -5.47 -6.59 -15.18
N HIS A 89 -4.44 -6.33 -14.37
CA HIS A 89 -4.59 -6.36 -12.92
C HIS A 89 -4.18 -5.02 -12.32
N THR A 90 -4.28 -4.90 -10.99
CA THR A 90 -3.92 -3.66 -10.32
C THR A 90 -3.65 -3.88 -8.83
N LEU A 91 -2.85 -2.97 -8.27
CA LEU A 91 -2.51 -3.03 -6.85
C LEU A 91 -2.71 -1.66 -6.23
N GLU A 92 -3.89 -1.45 -5.67
CA GLU A 92 -4.21 -0.18 -5.04
C GLU A 92 -4.17 -0.30 -3.52
N LEU A 93 -3.32 0.50 -2.90
CA LEU A 93 -3.18 0.52 -1.47
C LEU A 93 -3.98 1.68 -0.88
N VAL A 94 -4.09 1.74 0.43
CA VAL A 94 -4.87 2.79 1.07
C VAL A 94 -4.49 2.98 2.53
N TYR A 95 -4.66 4.21 3.01
CA TYR A 95 -4.38 4.53 4.41
C TYR A 95 -5.69 4.44 5.20
N THR A 96 -6.02 3.24 5.64
CA THR A 96 -7.26 2.98 6.39
C THR A 96 -7.03 2.73 7.86
N ARG A 97 -8.13 2.66 8.63
CA ARG A 97 -8.05 2.40 10.06
C ARG A 97 -8.46 0.96 10.38
N PRO A 98 -7.47 0.04 10.47
CA PRO A 98 -7.75 -1.36 10.78
C PRO A 98 -8.65 -1.52 12.00
N PHE A 99 -8.55 -0.58 12.93
CA PHE A 99 -9.33 -0.61 14.15
C PHE A 99 -10.78 -0.20 13.88
N GLU A 100 -10.97 0.73 12.95
CA GLU A 100 -12.31 1.19 12.61
C GLU A 100 -12.75 0.68 11.23
N GLY A 101 -12.24 1.31 10.18
CA GLY A 101 -12.58 0.93 8.83
C GLY A 101 -11.94 1.82 7.80
N ILE A 102 -12.30 1.61 6.54
CA ILE A 102 -11.76 2.40 5.46
C ILE A 102 -12.69 3.55 5.08
N LYS A 103 -12.10 4.64 4.62
CA LYS A 103 -12.87 5.82 4.25
C LYS A 103 -12.39 6.37 2.89
N PRO A 104 -13.08 7.38 2.34
CA PRO A 104 -12.72 7.96 1.04
C PRO A 104 -11.63 9.03 1.17
N GLU A 105 -11.71 9.82 2.23
CA GLU A 105 -10.74 10.88 2.47
C GLU A 105 -9.35 10.28 2.74
N ASN A 106 -9.31 8.97 2.91
CA ASN A 106 -8.07 8.27 3.18
C ASN A 106 -7.11 8.36 2.00
N GLU A 107 -5.83 8.10 2.24
CA GLU A 107 -4.82 8.16 1.20
C GLU A 107 -4.93 6.97 0.26
N ARG A 108 -4.23 7.05 -0.87
CA ARG A 108 -4.27 5.98 -1.87
C ARG A 108 -2.89 5.79 -2.49
N TYR A 109 -2.67 4.61 -3.07
CA TYR A 109 -1.44 4.30 -3.78
C TYR A 109 -1.67 3.14 -4.74
N THR A 110 -2.22 3.47 -5.90
CA THR A 110 -2.53 2.47 -6.91
C THR A 110 -1.28 2.03 -7.65
N LEU A 111 -1.35 0.85 -8.23
CA LEU A 111 -0.24 0.28 -8.98
C LEU A 111 -0.75 -0.74 -9.99
N HIS A 112 -1.18 -0.24 -11.14
CA HIS A 112 -1.69 -1.12 -12.20
C HIS A 112 -0.56 -1.97 -12.76
N LEU A 113 -0.93 -3.10 -13.34
CA LEU A 113 0.03 -4.02 -13.90
C LEU A 113 -0.54 -4.75 -15.10
N ASN A 114 -0.09 -4.38 -16.31
CA ASN A 114 -0.55 -5.03 -17.51
C ASN A 114 0.18 -6.35 -17.69
N VAL A 115 -0.01 -7.25 -16.73
CA VAL A 115 0.64 -8.55 -16.73
C VAL A 115 0.57 -9.21 -18.10
N LYS A 116 1.74 -9.51 -18.67
CA LYS A 116 1.82 -10.15 -19.97
C LYS A 116 1.32 -11.59 -19.91
N GLY A 1 -1.40 28.14 0.10
CA GLY A 1 -1.37 26.88 -0.69
C GLY A 1 -0.51 25.80 -0.05
N SER A 2 0.34 26.22 0.88
CA SER A 2 1.23 25.28 1.58
C SER A 2 0.61 24.83 2.89
N HIS A 3 0.39 23.53 3.02
CA HIS A 3 -0.19 22.96 4.23
C HIS A 3 0.87 22.78 5.32
N MET A 4 1.82 21.89 5.05
CA MET A 4 2.90 21.61 5.99
C MET A 4 4.25 21.62 5.29
N ILE A 5 5.27 21.09 5.96
CA ILE A 5 6.62 21.03 5.41
C ILE A 5 6.79 19.82 4.50
N ALA A 6 6.08 18.74 4.80
CA ALA A 6 6.16 17.52 4.01
C ALA A 6 5.54 17.70 2.62
N PRO A 7 4.29 18.22 2.53
CA PRO A 7 3.62 18.42 1.25
C PRO A 7 4.37 19.42 0.35
N LEU A 8 4.04 19.40 -0.94
CA LEU A 8 4.68 20.31 -1.89
C LEU A 8 3.76 20.57 -3.07
N SER A 9 3.05 19.53 -3.51
CA SER A 9 2.13 19.65 -4.64
C SER A 9 1.08 18.54 -4.61
N VAL A 10 1.51 17.33 -4.96
CA VAL A 10 0.61 16.17 -4.97
C VAL A 10 1.33 14.93 -4.45
N LYS A 11 0.67 13.78 -4.61
CA LYS A 11 1.23 12.51 -4.15
C LYS A 11 1.00 11.44 -5.21
N ASP A 12 2.08 10.96 -5.80
CA ASP A 12 1.99 9.94 -6.82
C ASP A 12 1.32 8.68 -6.27
N ASN A 13 0.21 8.30 -6.89
CA ASN A 13 -0.54 7.14 -6.46
C ASN A 13 -0.85 6.20 -7.61
N ASP A 14 -2.02 6.39 -8.20
CA ASP A 14 -2.47 5.58 -9.32
C ASP A 14 -1.41 5.48 -10.42
N LYS A 15 -0.66 4.39 -10.38
CA LYS A 15 0.38 4.15 -11.36
C LYS A 15 -0.07 3.08 -12.36
N TRP A 16 -0.64 3.53 -13.47
CA TRP A 16 -1.14 2.65 -14.51
C TRP A 16 -0.02 2.24 -15.46
N VAL A 17 0.45 1.00 -15.33
CA VAL A 17 1.54 0.52 -16.18
C VAL A 17 1.43 -0.96 -16.51
N ASP A 18 2.46 -1.47 -17.17
CA ASP A 18 2.52 -2.87 -17.56
C ASP A 18 3.54 -3.62 -16.71
N THR A 19 3.70 -4.92 -16.96
CA THR A 19 4.65 -5.73 -16.20
C THR A 19 4.70 -7.18 -16.71
N HIS A 20 5.47 -8.00 -16.02
CA HIS A 20 5.61 -9.41 -16.36
C HIS A 20 5.10 -10.28 -15.21
N VAL A 21 5.39 -11.58 -15.26
CA VAL A 21 4.93 -12.49 -14.22
C VAL A 21 5.90 -12.54 -13.04
N GLY A 22 5.33 -12.50 -11.83
CA GLY A 22 6.13 -12.56 -10.62
C GLY A 22 7.06 -11.38 -10.46
N LYS A 23 6.88 -10.35 -11.28
CA LYS A 23 7.71 -9.16 -11.18
C LYS A 23 7.57 -8.53 -9.80
N THR A 24 8.33 -9.05 -8.85
CA THR A 24 8.27 -8.56 -7.47
C THR A 24 8.53 -7.07 -7.40
N THR A 25 7.45 -6.30 -7.34
CA THR A 25 7.55 -4.85 -7.27
C THR A 25 7.50 -4.39 -5.82
N GLU A 26 8.67 -4.13 -5.26
CA GLU A 26 8.79 -3.68 -3.89
C GLU A 26 8.40 -2.22 -3.78
N ILE A 27 7.58 -1.91 -2.78
CA ILE A 27 7.13 -0.55 -2.58
C ILE A 27 7.23 -0.12 -1.12
N HIS A 28 8.26 0.65 -0.82
CA HIS A 28 8.46 1.17 0.52
C HIS A 28 7.71 2.49 0.66
N LEU A 29 6.65 2.48 1.44
CA LEU A 29 5.84 3.66 1.64
C LEU A 29 6.04 4.22 3.04
N LYS A 30 5.94 5.53 3.18
CA LYS A 30 6.13 6.16 4.48
C LYS A 30 4.79 6.47 5.12
N GLY A 31 4.80 6.67 6.43
CA GLY A 31 3.59 6.95 7.15
C GLY A 31 3.83 7.09 8.65
N ASN A 32 3.05 6.37 9.44
CA ASN A 32 3.17 6.41 10.90
C ASN A 32 2.23 5.40 11.56
N PRO A 33 2.71 4.17 11.80
CA PRO A 33 1.91 3.12 12.44
C PRO A 33 1.52 3.49 13.87
N THR A 34 0.53 2.78 14.41
CA THR A 34 0.05 3.00 15.77
C THR A 34 -0.12 4.49 16.06
N THR A 35 -0.39 5.28 15.02
CA THR A 35 -0.56 6.71 15.17
C THR A 35 -1.78 7.20 14.39
N GLY A 36 -1.66 7.25 13.07
CA GLY A 36 -2.75 7.70 12.24
C GLY A 36 -3.41 6.58 11.46
N TYR A 37 -3.26 6.62 10.14
CA TYR A 37 -3.85 5.60 9.27
C TYR A 37 -2.83 4.52 8.94
N MET A 38 -3.16 3.69 7.95
CA MET A 38 -2.31 2.61 7.51
C MET A 38 -2.27 2.55 6.00
N TRP A 39 -1.19 2.01 5.46
CA TRP A 39 -1.04 1.86 4.03
C TRP A 39 -1.07 0.39 3.65
N THR A 40 -2.23 -0.07 3.21
CA THR A 40 -2.38 -1.48 2.83
C THR A 40 -3.30 -1.62 1.61
N ARG A 41 -3.78 -2.84 1.33
CA ARG A 41 -4.65 -3.07 0.19
C ARG A 41 -6.11 -2.88 0.57
N VAL A 42 -6.95 -2.58 -0.42
CA VAL A 42 -8.37 -2.34 -0.19
C VAL A 42 -9.11 -3.64 0.12
N GLY A 43 -9.91 -3.62 1.19
CA GLY A 43 -10.68 -4.79 1.58
C GLY A 43 -9.85 -5.82 2.32
N PHE A 44 -8.67 -5.41 2.77
CA PHE A 44 -7.77 -6.30 3.49
C PHE A 44 -7.20 -5.62 4.71
N VAL A 45 -7.52 -4.33 4.85
CA VAL A 45 -7.05 -3.54 5.98
C VAL A 45 -7.31 -4.27 7.30
N GLY A 46 -6.25 -4.46 8.08
CA GLY A 46 -6.38 -5.15 9.36
C GLY A 46 -6.14 -6.63 9.23
N LYS A 47 -6.51 -7.20 8.09
CA LYS A 47 -6.33 -8.62 7.83
C LYS A 47 -4.85 -8.99 7.81
N ASP A 48 -4.57 -10.29 7.80
CA ASP A 48 -3.20 -10.77 7.76
C ASP A 48 -2.61 -10.62 6.37
N VAL A 49 -3.22 -11.30 5.40
CA VAL A 49 -2.77 -11.24 4.02
C VAL A 49 -3.72 -10.42 3.17
N LEU A 50 -3.16 -9.66 2.24
CA LEU A 50 -3.96 -8.82 1.35
C LEU A 50 -4.22 -9.55 0.04
N SER A 51 -3.13 -10.05 -0.55
CA SER A 51 -3.19 -10.79 -1.81
C SER A 51 -4.24 -11.90 -1.77
N ASP A 52 -4.38 -12.59 -2.90
CA ASP A 52 -5.33 -13.68 -3.01
C ASP A 52 -4.89 -14.69 -4.07
N GLU A 53 -5.17 -14.38 -5.33
CA GLU A 53 -4.82 -15.26 -6.43
C GLU A 53 -4.23 -14.48 -7.60
N ILE A 54 -4.71 -13.26 -7.79
CA ILE A 54 -4.26 -12.41 -8.88
C ILE A 54 -2.82 -11.95 -8.67
N LEU A 55 -2.65 -10.91 -7.86
CA LEU A 55 -1.33 -10.37 -7.57
C LEU A 55 -0.78 -10.90 -6.27
N GLU A 56 0.34 -11.63 -6.34
CA GLU A 56 0.97 -12.15 -5.14
C GLU A 56 1.54 -11.01 -4.33
N VAL A 57 0.70 -10.41 -3.52
CA VAL A 57 1.07 -9.27 -2.71
C VAL A 57 1.63 -9.68 -1.35
N VAL A 58 2.94 -9.84 -1.29
CA VAL A 58 3.59 -10.19 -0.04
C VAL A 58 3.73 -8.92 0.80
N CYS A 59 2.70 -8.63 1.54
CA CYS A 59 2.67 -7.44 2.40
C CYS A 59 3.65 -7.58 3.55
N LYS A 60 4.40 -6.51 3.80
CA LYS A 60 5.37 -6.49 4.86
C LYS A 60 5.35 -5.17 5.60
N TYR A 61 4.16 -4.81 6.07
CA TYR A 61 3.99 -3.58 6.84
C TYR A 61 5.01 -3.56 7.98
N THR A 62 5.96 -2.64 7.90
CA THR A 62 6.99 -2.53 8.92
C THR A 62 6.70 -1.39 9.89
N PRO A 63 6.24 -1.73 11.10
CA PRO A 63 5.91 -0.76 12.14
C PRO A 63 6.97 -0.66 13.22
N THR A 64 8.07 -1.38 13.03
CA THR A 64 9.15 -1.39 14.01
C THR A 64 10.46 -0.93 13.39
N PRO A 65 11.24 -0.11 14.12
CA PRO A 65 12.53 0.40 13.64
C PRO A 65 13.65 -0.63 13.79
N SER A 66 14.80 -0.32 13.21
CA SER A 66 15.95 -1.22 13.28
C SER A 66 17.24 -0.50 12.86
N SER A 67 18.37 -1.14 13.09
CA SER A 67 19.67 -0.57 12.73
C SER A 67 20.35 -1.40 11.65
N THR A 68 19.61 -2.35 11.09
CA THR A 68 20.16 -3.22 10.04
C THR A 68 20.57 -2.41 8.81
N PRO A 69 21.50 -2.94 8.01
CA PRO A 69 21.98 -2.27 6.79
C PRO A 69 20.99 -2.37 5.64
N MET A 70 19.78 -2.77 5.98
CA MET A 70 18.71 -2.92 4.99
C MET A 70 17.58 -1.94 5.28
N VAL A 71 17.77 -0.69 4.86
CA VAL A 71 16.76 0.35 5.06
C VAL A 71 15.41 -0.07 4.53
N GLY A 72 14.40 -0.04 5.39
CA GLY A 72 13.06 -0.42 4.99
C GLY A 72 12.31 -1.12 6.10
N VAL A 73 12.55 -0.69 7.34
CA VAL A 73 11.91 -1.28 8.50
C VAL A 73 11.91 -0.29 9.67
N GLY A 74 10.84 0.49 9.78
CA GLY A 74 10.73 1.44 10.85
C GLY A 74 9.57 2.39 10.70
N GLY A 75 8.38 1.84 10.47
CA GLY A 75 7.21 2.66 10.33
C GLY A 75 6.75 2.81 8.89
N ILE A 76 7.23 1.94 8.02
CA ILE A 76 6.86 2.01 6.62
C ILE A 76 5.99 0.81 6.22
N TYR A 77 5.80 0.65 4.92
CA TYR A 77 4.99 -0.43 4.38
C TYR A 77 5.68 -1.05 3.18
N VAL A 78 6.21 -2.27 3.36
CA VAL A 78 6.89 -2.97 2.28
C VAL A 78 5.94 -3.90 1.55
N VAL A 79 5.46 -3.46 0.40
CA VAL A 79 4.53 -4.26 -0.40
C VAL A 79 5.19 -4.88 -1.62
N LEU A 80 5.20 -6.21 -1.67
CA LEU A 80 5.78 -6.94 -2.80
C LEU A 80 4.67 -7.48 -3.68
N VAL A 81 4.49 -6.87 -4.84
CA VAL A 81 3.44 -7.30 -5.75
C VAL A 81 4.01 -8.21 -6.85
N LYS A 82 3.74 -9.51 -6.71
CA LYS A 82 4.24 -10.49 -7.67
C LYS A 82 3.10 -11.05 -8.53
N PRO A 83 2.97 -10.56 -9.77
CA PRO A 83 1.93 -11.01 -10.69
C PRO A 83 1.80 -12.54 -10.74
N ARG A 84 0.87 -13.07 -9.96
CA ARG A 84 0.64 -14.51 -9.90
C ARG A 84 0.05 -15.04 -11.20
N LYS A 85 -0.77 -14.22 -11.84
CA LYS A 85 -1.41 -14.59 -13.09
C LYS A 85 -1.01 -13.65 -14.22
N ARG A 86 -1.56 -13.88 -15.41
CA ARG A 86 -1.26 -13.05 -16.56
C ARG A 86 -2.53 -12.39 -17.10
N GLY A 87 -2.54 -11.07 -17.13
CA GLY A 87 -3.69 -10.34 -17.62
C GLY A 87 -3.94 -9.04 -16.87
N HIS A 88 -5.12 -8.92 -16.26
CA HIS A 88 -5.46 -7.72 -15.51
C HIS A 88 -5.08 -7.87 -14.04
N HIS A 89 -4.13 -7.05 -13.62
CA HIS A 89 -3.65 -7.06 -12.24
C HIS A 89 -3.50 -5.63 -11.73
N THR A 90 -3.66 -5.45 -10.42
CA THR A 90 -3.54 -4.12 -9.84
C THR A 90 -3.31 -4.17 -8.33
N LEU A 91 -2.65 -3.14 -7.80
CA LEU A 91 -2.37 -3.05 -6.38
C LEU A 91 -2.96 -1.77 -5.81
N GLU A 92 -4.28 -1.75 -5.71
CA GLU A 92 -5.01 -0.60 -5.19
C GLU A 92 -4.77 -0.47 -3.69
N LEU A 93 -3.95 0.51 -3.32
CA LEU A 93 -3.64 0.75 -1.92
C LEU A 93 -4.33 2.01 -1.43
N VAL A 94 -4.56 2.07 -0.12
CA VAL A 94 -5.21 3.21 0.50
C VAL A 94 -4.66 3.50 1.90
N TYR A 95 -4.88 4.73 2.36
CA TYR A 95 -4.46 5.15 3.68
C TYR A 95 -5.69 5.19 4.59
N THR A 96 -5.97 4.06 5.23
CA THR A 96 -7.14 3.94 6.09
C THR A 96 -6.81 3.61 7.54
N ARG A 97 -7.81 3.71 8.40
CA ARG A 97 -7.65 3.39 9.81
C ARG A 97 -8.24 2.00 10.10
N PRO A 98 -7.39 0.95 10.11
CA PRO A 98 -7.83 -0.42 10.36
C PRO A 98 -8.74 -0.53 11.58
N PHE A 99 -8.48 0.32 12.57
CA PHE A 99 -9.26 0.33 13.79
C PHE A 99 -10.68 0.81 13.54
N GLU A 100 -10.83 1.77 12.63
CA GLU A 100 -12.14 2.33 12.30
C GLU A 100 -12.66 1.78 10.97
N GLY A 101 -12.17 2.35 9.88
CA GLY A 101 -12.59 1.93 8.56
C GLY A 101 -11.99 2.78 7.46
N ILE A 102 -12.32 2.46 6.22
CA ILE A 102 -11.80 3.19 5.08
C ILE A 102 -12.79 4.24 4.59
N LYS A 103 -12.24 5.31 4.03
CA LYS A 103 -13.04 6.41 3.53
C LYS A 103 -12.55 6.87 2.16
N PRO A 104 -13.39 7.62 1.42
CA PRO A 104 -13.02 8.13 0.10
C PRO A 104 -11.88 9.11 0.17
N GLU A 105 -11.85 9.90 1.24
CA GLU A 105 -10.80 10.90 1.44
C GLU A 105 -9.44 10.22 1.64
N ASN A 106 -9.47 8.97 2.10
CA ASN A 106 -8.24 8.21 2.33
C ASN A 106 -7.30 8.30 1.13
N GLU A 107 -6.02 8.50 1.41
CA GLU A 107 -5.02 8.59 0.35
C GLU A 107 -5.10 7.40 -0.58
N ARG A 108 -4.65 7.57 -1.81
CA ARG A 108 -4.69 6.51 -2.80
C ARG A 108 -3.30 6.15 -3.29
N TYR A 109 -3.18 4.95 -3.85
CA TYR A 109 -1.93 4.46 -4.42
C TYR A 109 -2.21 3.14 -5.12
N THR A 110 -2.93 3.24 -6.23
CA THR A 110 -3.31 2.07 -7.02
C THR A 110 -2.29 1.78 -8.11
N LEU A 111 -1.44 0.78 -7.86
CA LEU A 111 -0.41 0.40 -8.82
C LEU A 111 -0.94 -0.62 -9.83
N HIS A 112 -1.40 -0.13 -10.97
CA HIS A 112 -1.93 -1.00 -12.01
C HIS A 112 -0.80 -1.66 -12.78
N LEU A 113 -1.05 -2.88 -13.23
CA LEU A 113 -0.05 -3.66 -13.96
C LEU A 113 -0.69 -4.53 -15.04
N ASN A 114 -0.48 -4.16 -16.30
CA ASN A 114 -1.01 -4.94 -17.40
C ASN A 114 -0.03 -6.07 -17.72
N VAL A 115 0.04 -7.02 -16.80
CA VAL A 115 0.94 -8.15 -16.91
C VAL A 115 0.91 -8.76 -18.32
N LYS A 116 2.07 -9.21 -18.78
CA LYS A 116 2.19 -9.82 -20.10
C LYS A 116 1.81 -11.30 -20.05
N GLY A 1 13.58 10.32 0.59
CA GLY A 1 12.19 10.68 0.19
C GLY A 1 11.65 11.88 0.93
N SER A 2 10.36 12.16 0.77
CA SER A 2 9.73 13.29 1.43
C SER A 2 8.33 12.92 1.91
N HIS A 3 8.14 12.94 3.23
CA HIS A 3 6.84 12.60 3.81
C HIS A 3 6.04 13.86 4.11
N MET A 4 4.79 13.88 3.67
CA MET A 4 3.91 15.02 3.88
C MET A 4 2.80 14.68 4.89
N ILE A 5 2.15 15.71 5.41
CA ILE A 5 1.08 15.52 6.38
C ILE A 5 -0.29 15.57 5.70
N ALA A 6 -0.38 16.34 4.62
CA ALA A 6 -1.62 16.46 3.87
C ALA A 6 -1.36 16.92 2.44
N PRO A 7 -2.23 16.54 1.49
CA PRO A 7 -2.09 16.92 0.08
C PRO A 7 -2.41 18.40 -0.15
N LEU A 8 -1.48 19.09 -0.82
CA LEU A 8 -1.66 20.51 -1.11
C LEU A 8 -1.54 20.78 -2.60
N SER A 9 -0.75 19.96 -3.28
CA SER A 9 -0.55 20.09 -4.72
C SER A 9 -0.73 18.75 -5.43
N VAL A 10 0.07 17.77 -5.03
CA VAL A 10 0.00 16.44 -5.63
C VAL A 10 0.73 15.41 -4.76
N LYS A 11 0.05 14.29 -4.50
CA LYS A 11 0.62 13.23 -3.69
C LYS A 11 1.20 12.13 -4.57
N ASP A 12 0.74 12.10 -5.81
CA ASP A 12 1.18 11.12 -6.79
C ASP A 12 1.09 9.70 -6.25
N ASN A 13 0.08 8.96 -6.68
CA ASN A 13 -0.13 7.59 -6.24
C ASN A 13 -0.39 6.66 -7.41
N ASP A 14 -1.63 6.66 -7.88
CA ASP A 14 -2.05 5.81 -8.98
C ASP A 14 -1.09 5.89 -10.15
N LYS A 15 -0.17 4.92 -10.21
CA LYS A 15 0.81 4.87 -11.28
C LYS A 15 0.40 3.82 -12.33
N TRP A 16 -0.68 4.14 -13.04
CA TRP A 16 -1.23 3.28 -14.07
C TRP A 16 -0.15 2.82 -15.05
N VAL A 17 0.28 1.56 -14.93
CA VAL A 17 1.34 1.06 -15.81
C VAL A 17 1.17 -0.42 -16.14
N ASP A 18 2.14 -0.96 -16.88
CA ASP A 18 2.13 -2.37 -17.27
C ASP A 18 3.11 -3.17 -16.42
N THR A 19 3.35 -4.42 -16.79
CA THR A 19 4.27 -5.27 -16.02
C THR A 19 4.49 -6.63 -16.69
N HIS A 20 5.23 -7.48 -15.98
CA HIS A 20 5.54 -8.82 -16.46
C HIS A 20 4.87 -9.86 -15.54
N VAL A 21 5.39 -11.08 -15.50
CA VAL A 21 4.81 -12.12 -14.65
C VAL A 21 5.67 -12.37 -13.42
N GLY A 22 5.04 -12.27 -12.25
CA GLY A 22 5.73 -12.50 -11.00
C GLY A 22 6.85 -11.50 -10.75
N LYS A 23 6.88 -10.43 -11.54
CA LYS A 23 7.90 -9.40 -11.36
C LYS A 23 7.73 -8.75 -9.99
N THR A 24 8.30 -9.39 -8.98
CA THR A 24 8.22 -8.91 -7.61
C THR A 24 8.54 -7.43 -7.51
N THR A 25 7.49 -6.62 -7.36
CA THR A 25 7.67 -5.18 -7.23
C THR A 25 7.63 -4.77 -5.76
N GLU A 26 8.82 -4.53 -5.21
CA GLU A 26 8.96 -4.13 -3.82
C GLU A 26 8.77 -2.64 -3.66
N ILE A 27 7.95 -2.26 -2.70
CA ILE A 27 7.68 -0.85 -2.43
C ILE A 27 7.71 -0.56 -0.94
N HIS A 28 8.82 -0.03 -0.47
CA HIS A 28 8.97 0.33 0.94
C HIS A 28 8.38 1.71 1.19
N LEU A 29 7.06 1.76 1.35
CA LEU A 29 6.39 3.03 1.59
C LEU A 29 6.67 3.56 2.99
N LYS A 30 6.49 4.87 3.16
CA LYS A 30 6.71 5.51 4.45
C LYS A 30 5.40 6.09 4.99
N GLY A 31 5.39 6.42 6.27
CA GLY A 31 4.18 6.96 6.87
C GLY A 31 4.30 7.10 8.37
N ASN A 32 3.16 6.97 9.07
CA ASN A 32 3.14 7.09 10.53
C ASN A 32 1.77 6.68 11.07
N PRO A 33 1.55 5.38 11.29
CA PRO A 33 0.28 4.86 11.82
C PRO A 33 -0.04 5.39 13.21
N THR A 34 0.93 6.05 13.83
CA THR A 34 0.76 6.62 15.16
C THR A 34 -0.48 7.51 15.21
N THR A 35 -0.88 8.00 14.04
CA THR A 35 -2.06 8.86 13.95
C THR A 35 -3.34 8.03 14.02
N GLY A 36 -3.37 6.92 13.28
CA GLY A 36 -4.54 6.06 13.29
C GLY A 36 -4.86 5.49 11.91
N TYR A 37 -3.85 5.35 11.08
CA TYR A 37 -4.04 4.80 9.73
C TYR A 37 -2.90 3.87 9.33
N MET A 38 -3.24 2.81 8.61
CA MET A 38 -2.28 1.83 8.14
C MET A 38 -2.17 1.89 6.63
N TRP A 39 -1.02 1.46 6.12
CA TRP A 39 -0.78 1.42 4.68
C TRP A 39 -0.85 -0.01 4.18
N THR A 40 -1.92 -0.36 3.48
CA THR A 40 -2.09 -1.72 2.97
C THR A 40 -3.03 -1.75 1.76
N ARG A 41 -3.48 -2.96 1.39
CA ARG A 41 -4.38 -3.11 0.23
C ARG A 41 -5.83 -2.87 0.63
N VAL A 42 -6.68 -2.61 -0.37
CA VAL A 42 -8.09 -2.36 -0.13
C VAL A 42 -8.86 -3.64 0.17
N GLY A 43 -9.77 -3.57 1.14
CA GLY A 43 -10.56 -4.72 1.51
C GLY A 43 -9.78 -5.73 2.32
N PHE A 44 -8.67 -5.28 2.90
CA PHE A 44 -7.83 -6.16 3.71
C PHE A 44 -7.43 -5.46 5.00
N VAL A 45 -7.86 -4.22 5.14
CA VAL A 45 -7.57 -3.42 6.33
C VAL A 45 -7.70 -4.27 7.60
N GLY A 46 -6.56 -4.56 8.22
CA GLY A 46 -6.56 -5.36 9.44
C GLY A 46 -6.06 -6.77 9.21
N LYS A 47 -6.51 -7.40 8.13
CA LYS A 47 -6.10 -8.75 7.79
C LYS A 47 -4.58 -8.85 7.66
N ASP A 48 -4.07 -10.08 7.68
CA ASP A 48 -2.65 -10.32 7.57
C ASP A 48 -2.22 -10.39 6.11
N VAL A 49 -2.97 -11.16 5.32
CA VAL A 49 -2.67 -11.32 3.90
C VAL A 49 -3.58 -10.47 3.04
N LEU A 50 -2.99 -9.82 2.05
CA LEU A 50 -3.74 -8.96 1.13
C LEU A 50 -3.96 -9.69 -0.19
N SER A 51 -2.88 -10.22 -0.73
CA SER A 51 -2.91 -10.97 -1.99
C SER A 51 -3.98 -12.05 -1.97
N ASP A 52 -4.16 -12.72 -3.11
CA ASP A 52 -5.15 -13.80 -3.22
C ASP A 52 -4.78 -14.76 -4.35
N GLU A 53 -5.25 -14.46 -5.56
CA GLU A 53 -4.99 -15.30 -6.71
C GLU A 53 -4.48 -14.47 -7.88
N ILE A 54 -4.95 -13.24 -7.97
CA ILE A 54 -4.57 -12.33 -9.04
C ILE A 54 -3.12 -11.87 -8.88
N LEU A 55 -2.91 -10.99 -7.90
CA LEU A 55 -1.58 -10.47 -7.63
C LEU A 55 -1.00 -11.05 -6.34
N GLU A 56 0.11 -11.76 -6.46
CA GLU A 56 0.78 -12.31 -5.28
C GLU A 56 1.41 -11.18 -4.47
N VAL A 57 0.55 -10.38 -3.86
CA VAL A 57 0.98 -9.24 -3.08
C VAL A 57 1.52 -9.65 -1.72
N VAL A 58 2.78 -10.03 -1.67
CA VAL A 58 3.41 -10.41 -0.42
C VAL A 58 3.89 -9.16 0.29
N CYS A 59 3.01 -8.57 1.07
CA CYS A 59 3.31 -7.35 1.79
C CYS A 59 3.76 -7.63 3.21
N LYS A 60 4.60 -6.75 3.74
CA LYS A 60 5.09 -6.89 5.10
C LYS A 60 5.12 -5.54 5.79
N TYR A 61 4.36 -5.44 6.87
CA TYR A 61 4.28 -4.22 7.65
C TYR A 61 5.23 -4.33 8.85
N THR A 62 6.39 -3.69 8.74
CA THR A 62 7.41 -3.73 9.80
C THR A 62 7.52 -2.43 10.56
N PRO A 63 6.74 -2.28 11.64
CA PRO A 63 6.76 -1.08 12.47
C PRO A 63 7.89 -1.13 13.50
N THR A 64 7.93 -0.13 14.39
CA THR A 64 8.96 -0.09 15.42
C THR A 64 8.64 -1.07 16.55
N PRO A 65 9.67 -1.74 17.09
CA PRO A 65 9.48 -2.71 18.18
C PRO A 65 8.95 -2.05 19.45
N SER A 66 7.79 -2.53 19.92
CA SER A 66 7.18 -1.99 21.12
C SER A 66 7.18 -3.02 22.24
N SER A 67 6.63 -2.65 23.39
CA SER A 67 6.57 -3.54 24.54
C SER A 67 5.56 -4.68 24.30
N THR A 68 4.29 -4.32 24.23
CA THR A 68 3.24 -5.30 24.01
C THR A 68 2.78 -5.34 22.55
N PRO A 69 2.49 -4.17 21.95
CA PRO A 69 2.03 -4.08 20.56
C PRO A 69 3.14 -4.42 19.56
N MET A 70 2.74 -4.85 18.37
CA MET A 70 3.69 -5.21 17.32
C MET A 70 3.09 -4.91 15.96
N VAL A 71 2.02 -4.13 15.95
CA VAL A 71 1.33 -3.76 14.72
C VAL A 71 0.96 -2.28 14.72
N GLY A 72 1.22 -1.62 13.60
CA GLY A 72 0.91 -0.20 13.49
C GLY A 72 1.68 0.64 14.48
N VAL A 73 3.00 0.45 14.50
CA VAL A 73 3.86 1.21 15.41
C VAL A 73 4.79 2.14 14.63
N GLY A 74 4.55 2.24 13.33
CA GLY A 74 5.38 3.08 12.49
C GLY A 74 6.64 2.38 12.02
N GLY A 75 6.71 2.11 10.73
CA GLY A 75 7.88 1.43 10.19
C GLY A 75 7.90 1.37 8.68
N ILE A 76 7.93 0.16 8.14
CA ILE A 76 7.96 -0.04 6.70
C ILE A 76 6.71 -0.71 6.20
N TYR A 77 6.42 -0.44 4.95
CA TYR A 77 5.28 -1.00 4.26
C TYR A 77 5.77 -1.57 2.93
N VAL A 78 6.57 -2.64 3.04
CA VAL A 78 7.15 -3.28 1.87
C VAL A 78 6.17 -4.21 1.20
N VAL A 79 5.67 -3.78 0.05
CA VAL A 79 4.72 -4.57 -0.72
C VAL A 79 5.39 -5.27 -1.88
N LEU A 80 5.21 -6.59 -1.96
CA LEU A 80 5.77 -7.37 -3.06
C LEU A 80 4.66 -7.85 -3.97
N VAL A 81 4.44 -7.12 -5.05
CA VAL A 81 3.37 -7.47 -5.98
C VAL A 81 3.90 -8.34 -7.11
N LYS A 82 3.57 -9.62 -7.05
CA LYS A 82 3.99 -10.58 -8.07
C LYS A 82 2.83 -10.99 -8.97
N PRO A 83 2.78 -10.48 -10.21
CA PRO A 83 1.71 -10.81 -11.14
C PRO A 83 1.53 -12.31 -11.33
N ARG A 84 0.56 -12.87 -10.62
CA ARG A 84 0.28 -14.30 -10.70
C ARG A 84 -0.32 -14.67 -12.05
N LYS A 85 -1.34 -13.94 -12.47
CA LYS A 85 -2.01 -14.21 -13.74
C LYS A 85 -1.66 -13.14 -14.79
N ARG A 86 -1.88 -13.48 -16.05
CA ARG A 86 -1.59 -12.57 -17.15
C ARG A 86 -2.87 -11.85 -17.60
N GLY A 87 -2.92 -10.54 -17.39
CA GLY A 87 -4.08 -9.77 -17.78
C GLY A 87 -4.10 -8.39 -17.16
N HIS A 88 -5.21 -8.03 -16.54
CA HIS A 88 -5.35 -6.72 -15.91
C HIS A 88 -5.30 -6.84 -14.39
N HIS A 89 -4.13 -6.56 -13.82
CA HIS A 89 -3.94 -6.63 -12.38
C HIS A 89 -3.73 -5.23 -11.80
N THR A 90 -3.91 -5.11 -10.49
CA THR A 90 -3.75 -3.81 -9.83
C THR A 90 -3.49 -3.96 -8.33
N LEU A 91 -2.73 -3.01 -7.78
CA LEU A 91 -2.41 -3.00 -6.36
C LEU A 91 -2.90 -1.71 -5.73
N GLU A 92 -4.18 -1.64 -5.45
CA GLU A 92 -4.77 -0.45 -4.86
C GLU A 92 -4.46 -0.36 -3.38
N LEU A 93 -3.47 0.46 -3.05
CA LEU A 93 -3.06 0.66 -1.67
C LEU A 93 -3.69 1.94 -1.12
N VAL A 94 -4.11 1.89 0.14
CA VAL A 94 -4.74 3.04 0.77
C VAL A 94 -4.32 3.19 2.22
N TYR A 95 -4.58 4.38 2.78
CA TYR A 95 -4.28 4.67 4.17
C TYR A 95 -5.56 4.51 4.97
N THR A 96 -5.85 3.28 5.37
CA THR A 96 -7.08 2.94 6.08
C THR A 96 -6.88 2.91 7.59
N ARG A 97 -7.94 2.53 8.32
CA ARG A 97 -7.89 2.44 9.77
C ARG A 97 -8.16 1.00 10.21
N PRO A 98 -7.10 0.24 10.56
CA PRO A 98 -7.21 -1.15 10.99
C PRO A 98 -8.42 -1.41 11.90
N PHE A 99 -8.75 -0.43 12.74
CA PHE A 99 -9.86 -0.56 13.65
C PHE A 99 -11.18 -0.10 13.02
N GLU A 100 -11.17 1.07 12.38
CA GLU A 100 -12.37 1.60 11.75
C GLU A 100 -12.59 1.03 10.36
N GLY A 101 -11.98 1.66 9.35
CA GLY A 101 -12.12 1.21 7.98
C GLY A 101 -11.49 2.16 7.00
N ILE A 102 -11.69 1.88 5.72
CA ILE A 102 -11.13 2.71 4.67
C ILE A 102 -12.13 3.77 4.22
N LYS A 103 -11.60 4.88 3.69
CA LYS A 103 -12.44 5.97 3.23
C LYS A 103 -11.84 6.64 2.00
N PRO A 104 -12.64 7.48 1.31
CA PRO A 104 -12.18 8.20 0.12
C PRO A 104 -11.00 9.12 0.42
N GLU A 105 -11.10 9.84 1.54
CA GLU A 105 -10.04 10.75 1.95
C GLU A 105 -8.72 10.01 2.19
N ASN A 106 -8.82 8.73 2.54
CA ASN A 106 -7.64 7.92 2.78
C ASN A 106 -6.62 8.04 1.65
N GLU A 107 -5.36 8.20 2.02
CA GLU A 107 -4.29 8.34 1.04
C GLU A 107 -4.40 7.23 0.00
N ARG A 108 -3.91 7.51 -1.20
CA ARG A 108 -3.97 6.54 -2.28
C ARG A 108 -2.59 6.13 -2.76
N TYR A 109 -2.54 4.97 -3.41
CA TYR A 109 -1.31 4.44 -3.99
C TYR A 109 -1.65 3.16 -4.74
N THR A 110 -2.47 3.33 -5.78
CA THR A 110 -2.91 2.22 -6.60
C THR A 110 -1.90 1.88 -7.68
N LEU A 111 -1.09 0.85 -7.42
CA LEU A 111 -0.08 0.41 -8.37
C LEU A 111 -0.70 -0.48 -9.43
N HIS A 112 -1.11 0.12 -10.54
CA HIS A 112 -1.70 -0.63 -11.64
C HIS A 112 -0.62 -1.30 -12.46
N LEU A 113 -0.91 -2.51 -12.90
CA LEU A 113 0.04 -3.29 -13.68
C LEU A 113 -0.66 -4.14 -14.74
N ASN A 114 -0.65 -3.66 -15.98
CA ASN A 114 -1.26 -4.39 -17.08
C ASN A 114 -0.38 -5.58 -17.44
N VAL A 115 -0.47 -6.62 -16.62
CA VAL A 115 0.33 -7.83 -16.81
C VAL A 115 0.20 -8.36 -18.23
N LYS A 116 1.33 -8.44 -18.93
CA LYS A 116 1.34 -8.93 -20.30
C LYS A 116 1.11 -10.43 -20.35
N GLY A 1 -6.88 25.61 -9.74
CA GLY A 1 -5.57 25.67 -10.44
C GLY A 1 -5.36 24.51 -11.40
N SER A 2 -5.01 23.35 -10.85
CA SER A 2 -4.78 22.16 -11.66
C SER A 2 -5.40 20.93 -11.00
N HIS A 3 -5.29 20.86 -9.68
CA HIS A 3 -5.84 19.74 -8.93
C HIS A 3 -7.27 20.03 -8.47
N MET A 4 -8.07 18.98 -8.36
CA MET A 4 -9.45 19.12 -7.93
C MET A 4 -9.56 19.17 -6.42
N ILE A 5 -10.78 19.15 -5.90
CA ILE A 5 -11.02 19.19 -4.47
C ILE A 5 -12.21 18.33 -4.08
N ALA A 6 -13.09 18.09 -5.05
CA ALA A 6 -14.28 17.28 -4.83
C ALA A 6 -13.94 15.80 -4.70
N PRO A 7 -14.08 15.21 -3.49
CA PRO A 7 -13.78 13.80 -3.25
C PRO A 7 -14.88 12.88 -3.77
N LEU A 8 -14.66 11.57 -3.66
CA LEU A 8 -15.63 10.59 -4.10
C LEU A 8 -15.46 9.27 -3.35
N SER A 9 -14.36 8.57 -3.65
CA SER A 9 -14.08 7.29 -3.01
C SER A 9 -12.63 6.87 -3.25
N VAL A 10 -12.27 6.74 -4.52
CA VAL A 10 -10.92 6.35 -4.89
C VAL A 10 -10.07 7.57 -5.26
N LYS A 11 -8.77 7.47 -5.04
CA LYS A 11 -7.85 8.56 -5.35
C LYS A 11 -6.64 8.02 -6.08
N ASP A 12 -6.54 8.36 -7.36
CA ASP A 12 -5.43 7.92 -8.18
C ASP A 12 -4.10 8.38 -7.59
N ASN A 13 -3.18 7.44 -7.39
CA ASN A 13 -1.88 7.77 -6.82
C ASN A 13 -0.77 7.49 -7.83
N ASP A 14 -1.08 6.71 -8.85
CA ASP A 14 -0.10 6.37 -9.87
C ASP A 14 -0.76 6.15 -11.23
N LYS A 15 -0.30 5.15 -11.97
CA LYS A 15 -0.83 4.86 -13.28
C LYS A 15 -1.13 3.37 -13.45
N TRP A 16 -1.51 2.98 -14.67
CA TRP A 16 -1.80 1.61 -15.01
C TRP A 16 -1.17 1.26 -16.36
N VAL A 17 -0.24 0.30 -16.39
CA VAL A 17 0.42 -0.07 -17.65
C VAL A 17 1.02 -1.45 -17.60
N ASP A 18 1.22 -2.01 -18.78
CA ASP A 18 1.76 -3.36 -18.95
C ASP A 18 2.95 -3.63 -18.04
N THR A 19 3.30 -4.90 -17.92
CA THR A 19 4.41 -5.34 -17.09
C THR A 19 4.67 -6.83 -17.30
N HIS A 20 5.49 -7.43 -16.43
CA HIS A 20 5.80 -8.85 -16.53
C HIS A 20 5.19 -9.63 -15.37
N VAL A 21 5.40 -10.94 -15.37
CA VAL A 21 4.85 -11.81 -14.33
C VAL A 21 5.84 -12.04 -13.19
N GLY A 22 5.29 -12.20 -11.98
CA GLY A 22 6.11 -12.44 -10.81
C GLY A 22 7.21 -11.42 -10.65
N LYS A 23 7.05 -10.27 -11.28
CA LYS A 23 8.05 -9.21 -11.19
C LYS A 23 7.95 -8.53 -9.83
N THR A 24 8.43 -9.25 -8.81
CA THR A 24 8.41 -8.77 -7.43
C THR A 24 8.75 -7.29 -7.34
N THR A 25 7.72 -6.47 -7.16
CA THR A 25 7.91 -5.03 -7.05
C THR A 25 7.77 -4.58 -5.61
N GLU A 26 8.91 -4.30 -4.99
CA GLU A 26 8.94 -3.86 -3.60
C GLU A 26 8.67 -2.37 -3.50
N ILE A 27 7.63 -2.03 -2.75
CA ILE A 27 7.26 -0.64 -2.57
C ILE A 27 7.14 -0.32 -1.09
N HIS A 28 8.19 0.28 -0.56
CA HIS A 28 8.21 0.67 0.83
C HIS A 28 7.63 2.08 0.97
N LEU A 29 6.45 2.16 1.56
CA LEU A 29 5.78 3.44 1.75
C LEU A 29 6.17 4.05 3.09
N LYS A 30 5.83 5.32 3.27
CA LYS A 30 6.13 6.01 4.51
C LYS A 30 4.84 6.24 5.29
N GLY A 31 4.98 6.62 6.56
CA GLY A 31 3.82 6.85 7.39
C GLY A 31 4.13 6.75 8.87
N ASN A 32 3.15 6.30 9.65
CA ASN A 32 3.31 6.16 11.10
C ASN A 32 2.11 5.45 11.71
N PRO A 33 2.32 4.24 12.29
CA PRO A 33 1.24 3.47 12.91
C PRO A 33 0.54 4.25 14.02
N THR A 34 1.32 4.87 14.90
CA THR A 34 0.79 5.65 15.99
C THR A 34 -0.12 6.76 15.50
N THR A 35 0.14 7.25 14.30
CA THR A 35 -0.65 8.32 13.71
C THR A 35 -2.12 7.91 13.58
N GLY A 36 -2.36 6.79 12.90
CA GLY A 36 -3.71 6.32 12.72
C GLY A 36 -3.89 5.43 11.50
N TYR A 37 -4.07 6.06 10.34
CA TYR A 37 -4.26 5.32 9.09
C TYR A 37 -3.11 4.33 8.83
N MET A 38 -3.39 3.35 8.00
CA MET A 38 -2.42 2.32 7.64
C MET A 38 -2.25 2.27 6.13
N TRP A 39 -1.07 1.89 5.71
CA TRP A 39 -0.78 1.77 4.29
C TRP A 39 -0.73 0.30 3.88
N THR A 40 -1.91 -0.28 3.65
CA THR A 40 -2.01 -1.68 3.27
C THR A 40 -2.76 -1.83 1.95
N ARG A 41 -3.27 -3.04 1.68
CA ARG A 41 -4.01 -3.29 0.45
C ARG A 41 -5.51 -3.14 0.69
N VAL A 42 -6.11 -2.13 0.07
CA VAL A 42 -7.53 -1.88 0.23
C VAL A 42 -8.36 -3.16 0.06
N GLY A 43 -9.31 -3.35 0.97
CA GLY A 43 -10.14 -4.53 0.94
C GLY A 43 -9.54 -5.68 1.71
N PHE A 44 -8.40 -5.42 2.36
CA PHE A 44 -7.70 -6.43 3.13
C PHE A 44 -7.15 -5.84 4.42
N VAL A 45 -7.41 -4.56 4.63
CA VAL A 45 -6.94 -3.87 5.83
C VAL A 45 -7.30 -4.66 7.09
N GLY A 46 -6.35 -4.76 8.02
CA GLY A 46 -6.58 -5.48 9.26
C GLY A 46 -6.36 -6.97 9.11
N LYS A 47 -6.68 -7.51 7.94
CA LYS A 47 -6.52 -8.94 7.67
C LYS A 47 -5.05 -9.34 7.76
N ASP A 48 -4.80 -10.64 7.76
CA ASP A 48 -3.45 -11.17 7.83
C ASP A 48 -2.74 -10.98 6.50
N VAL A 49 -3.28 -11.60 5.46
CA VAL A 49 -2.72 -11.50 4.12
C VAL A 49 -3.54 -10.57 3.24
N LEU A 50 -2.86 -9.78 2.44
CA LEU A 50 -3.52 -8.85 1.55
C LEU A 50 -3.81 -9.51 0.21
N SER A 51 -2.78 -10.11 -0.37
CA SER A 51 -2.89 -10.81 -1.64
C SER A 51 -4.08 -11.78 -1.63
N ASP A 52 -4.35 -12.38 -2.79
CA ASP A 52 -5.45 -13.32 -2.92
C ASP A 52 -5.19 -14.33 -4.03
N GLU A 53 -5.41 -13.89 -5.26
CA GLU A 53 -5.22 -14.74 -6.42
C GLU A 53 -4.64 -13.97 -7.60
N ILE A 54 -5.05 -12.71 -7.73
CA ILE A 54 -4.59 -11.85 -8.82
C ILE A 54 -3.12 -11.49 -8.67
N LEU A 55 -2.84 -10.55 -7.78
CA LEU A 55 -1.46 -10.10 -7.54
C LEU A 55 -0.87 -10.76 -6.30
N GLU A 56 0.17 -11.56 -6.48
CA GLU A 56 0.83 -12.19 -5.34
C GLU A 56 1.50 -11.11 -4.51
N VAL A 57 0.73 -10.50 -3.64
CA VAL A 57 1.20 -9.40 -2.82
C VAL A 57 1.75 -9.86 -1.48
N VAL A 58 3.06 -10.06 -1.41
CA VAL A 58 3.71 -10.43 -0.18
C VAL A 58 4.17 -9.16 0.53
N CYS A 59 3.24 -8.55 1.23
CA CYS A 59 3.51 -7.31 1.93
C CYS A 59 3.77 -7.54 3.42
N LYS A 60 4.49 -6.62 4.02
CA LYS A 60 4.81 -6.71 5.44
C LYS A 60 4.80 -5.33 6.07
N TYR A 61 3.99 -5.19 7.11
CA TYR A 61 3.87 -3.93 7.83
C TYR A 61 4.90 -3.89 8.96
N THR A 62 5.92 -3.05 8.80
CA THR A 62 6.97 -2.93 9.81
C THR A 62 6.74 -1.75 10.74
N PRO A 63 6.30 -2.03 11.98
CA PRO A 63 6.02 -1.03 12.99
C PRO A 63 7.15 -0.90 14.01
N THR A 64 6.83 -0.28 15.15
CA THR A 64 7.78 -0.10 16.23
C THR A 64 9.03 0.67 15.78
N PRO A 65 9.51 1.60 16.62
CA PRO A 65 10.69 2.41 16.33
C PRO A 65 11.95 1.55 16.13
N SER A 66 13.06 2.21 15.83
CA SER A 66 14.32 1.51 15.60
C SER A 66 14.85 0.90 16.90
N SER A 67 14.90 -0.42 16.94
CA SER A 67 15.38 -1.13 18.12
C SER A 67 16.82 -1.58 17.94
N THR A 68 17.20 -1.86 16.69
CA THR A 68 18.56 -2.30 16.39
C THR A 68 18.94 -1.99 14.93
N PRO A 69 18.08 -2.38 13.96
CA PRO A 69 18.35 -2.15 12.54
C PRO A 69 18.15 -0.69 12.15
N MET A 70 18.19 -0.42 10.85
CA MET A 70 18.02 0.95 10.34
C MET A 70 17.63 0.91 8.87
N VAL A 71 17.12 -0.23 8.43
CA VAL A 71 16.72 -0.40 7.04
C VAL A 71 15.21 -0.20 6.88
N GLY A 72 14.64 0.58 7.78
CA GLY A 72 13.22 0.84 7.73
C GLY A 72 12.45 0.07 8.80
N VAL A 73 12.40 0.63 10.01
CA VAL A 73 11.70 -0.01 11.12
C VAL A 73 11.04 1.03 12.00
N GLY A 74 9.83 1.43 11.65
CA GLY A 74 9.10 2.41 12.41
C GLY A 74 7.99 3.04 11.62
N GLY A 75 7.30 2.23 10.83
CA GLY A 75 6.20 2.73 10.03
C GLY A 75 6.39 2.44 8.55
N ILE A 76 7.09 1.36 8.26
CA ILE A 76 7.35 0.96 6.88
C ILE A 76 6.19 0.13 6.31
N TYR A 77 6.18 0.05 5.00
CA TYR A 77 5.17 -0.71 4.28
C TYR A 77 5.81 -1.37 3.05
N VAL A 78 6.48 -2.48 3.26
CA VAL A 78 7.14 -3.19 2.17
C VAL A 78 6.17 -4.12 1.46
N VAL A 79 5.77 -3.73 0.26
CA VAL A 79 4.83 -4.50 -0.52
C VAL A 79 5.48 -5.19 -1.71
N LEU A 80 5.47 -6.52 -1.73
CA LEU A 80 6.02 -7.28 -2.83
C LEU A 80 4.90 -7.76 -3.73
N VAL A 81 4.70 -7.07 -4.84
CA VAL A 81 3.63 -7.44 -5.76
C VAL A 81 4.15 -8.34 -6.87
N LYS A 82 3.67 -9.58 -6.87
CA LYS A 82 4.06 -10.58 -7.86
C LYS A 82 2.84 -11.05 -8.65
N PRO A 83 2.55 -10.42 -9.80
CA PRO A 83 1.40 -10.77 -10.62
C PRO A 83 1.27 -12.28 -10.85
N ARG A 84 0.22 -12.87 -10.29
CA ARG A 84 -0.04 -14.29 -10.43
C ARG A 84 -0.70 -14.59 -11.77
N LYS A 85 -1.62 -13.72 -12.17
CA LYS A 85 -2.34 -13.88 -13.43
C LYS A 85 -1.88 -12.86 -14.46
N ARG A 86 -2.41 -12.95 -15.67
CA ARG A 86 -2.06 -12.02 -16.74
C ARG A 86 -3.27 -11.16 -17.14
N GLY A 87 -2.99 -9.95 -17.59
CA GLY A 87 -4.06 -9.05 -17.99
C GLY A 87 -4.02 -7.73 -17.26
N HIS A 88 -5.15 -7.01 -17.25
CA HIS A 88 -5.24 -5.72 -16.58
C HIS A 88 -5.23 -5.90 -15.07
N HIS A 89 -4.06 -5.71 -14.46
CA HIS A 89 -3.92 -5.86 -13.02
C HIS A 89 -3.23 -4.65 -12.40
N THR A 90 -3.51 -4.41 -11.13
CA THR A 90 -2.92 -3.28 -10.43
C THR A 90 -2.98 -3.48 -8.92
N LEU A 91 -1.90 -3.12 -8.23
CA LEU A 91 -1.85 -3.26 -6.78
C LEU A 91 -2.70 -2.19 -6.12
N GLU A 92 -3.80 -2.61 -5.53
CA GLU A 92 -4.71 -1.69 -4.85
C GLU A 92 -4.30 -1.45 -3.40
N LEU A 93 -3.58 -0.36 -3.18
CA LEU A 93 -3.14 0.01 -1.83
C LEU A 93 -4.05 1.10 -1.29
N VAL A 94 -3.92 1.40 0.00
CA VAL A 94 -4.77 2.43 0.59
C VAL A 94 -4.27 2.87 1.97
N TYR A 95 -4.61 4.11 2.34
CA TYR A 95 -4.24 4.66 3.63
C TYR A 95 -5.49 4.68 4.51
N THR A 96 -5.76 3.53 5.15
CA THR A 96 -6.96 3.39 5.98
C THR A 96 -6.66 2.96 7.41
N ARG A 97 -7.51 3.39 8.34
CA ARG A 97 -7.37 3.04 9.74
C ARG A 97 -8.06 1.70 10.02
N PRO A 98 -7.29 0.59 10.11
CA PRO A 98 -7.85 -0.74 10.36
C PRO A 98 -8.77 -0.77 11.59
N PHE A 99 -8.39 -0.03 12.62
CA PHE A 99 -9.16 0.03 13.85
C PHE A 99 -10.35 0.97 13.73
N GLU A 100 -10.64 1.42 12.51
CA GLU A 100 -11.77 2.33 12.26
C GLU A 100 -12.39 2.09 10.88
N GLY A 101 -11.88 1.10 10.15
CA GLY A 101 -12.40 0.81 8.84
C GLY A 101 -11.84 1.74 7.79
N ILE A 102 -12.35 1.62 6.57
CA ILE A 102 -11.90 2.45 5.47
C ILE A 102 -12.92 3.51 5.10
N LYS A 103 -12.43 4.65 4.63
CA LYS A 103 -13.29 5.76 4.23
C LYS A 103 -12.89 6.29 2.86
N PRO A 104 -13.82 6.97 2.17
CA PRO A 104 -13.56 7.53 0.83
C PRO A 104 -12.37 8.48 0.81
N GLU A 105 -12.29 9.34 1.81
CA GLU A 105 -11.20 10.32 1.91
C GLU A 105 -9.84 9.64 2.09
N ASN A 106 -9.85 8.36 2.42
CA ASN A 106 -8.60 7.62 2.62
C ASN A 106 -7.77 7.59 1.34
N GLU A 107 -6.46 7.78 1.50
CA GLU A 107 -5.55 7.77 0.37
C GLU A 107 -5.56 6.42 -0.35
N ARG A 108 -4.75 6.30 -1.38
CA ARG A 108 -4.68 5.07 -2.16
C ARG A 108 -3.40 5.06 -3.00
N TYR A 109 -3.01 3.87 -3.47
CA TYR A 109 -1.83 3.73 -4.33
C TYR A 109 -1.99 2.53 -5.26
N THR A 110 -2.05 2.82 -6.56
CA THR A 110 -2.23 1.80 -7.57
C THR A 110 -0.93 1.49 -8.31
N LEU A 111 -0.60 0.21 -8.45
CA LEU A 111 0.61 -0.19 -9.16
C LEU A 111 0.26 -0.66 -10.57
N HIS A 112 0.67 0.15 -11.55
CA HIS A 112 0.43 -0.09 -12.97
C HIS A 112 0.93 -1.44 -13.49
N LEU A 113 0.28 -2.55 -13.13
CA LEU A 113 0.76 -3.87 -13.57
C LEU A 113 -0.21 -4.54 -14.56
N ASN A 114 -0.30 -4.02 -15.76
CA ASN A 114 -1.16 -4.61 -16.79
C ASN A 114 -0.40 -5.75 -17.45
N VAL A 115 -0.05 -6.74 -16.63
CA VAL A 115 0.72 -7.90 -17.06
C VAL A 115 0.26 -8.42 -18.43
N LYS A 116 1.23 -8.84 -19.24
CA LYS A 116 0.94 -9.37 -20.56
C LYS A 116 1.08 -10.89 -20.59
N GLY A 1 8.34 27.65 3.96
CA GLY A 1 7.81 26.31 4.34
C GLY A 1 8.73 25.18 3.91
N SER A 2 8.18 24.23 3.16
CA SER A 2 8.96 23.08 2.69
C SER A 2 8.57 22.73 1.26
N HIS A 3 7.67 23.51 0.67
CA HIS A 3 7.22 23.28 -0.69
C HIS A 3 6.60 21.89 -0.84
N MET A 4 6.08 21.36 0.26
CA MET A 4 5.45 20.04 0.25
C MET A 4 4.26 20.02 -0.70
N ILE A 5 3.76 18.81 -0.97
CA ILE A 5 2.62 18.64 -1.87
C ILE A 5 1.32 19.01 -1.18
N ALA A 6 1.29 18.84 0.15
CA ALA A 6 0.11 19.16 0.94
C ALA A 6 -1.11 18.37 0.43
N PRO A 7 -1.35 17.17 0.99
CA PRO A 7 -2.49 16.33 0.61
C PRO A 7 -3.82 17.06 0.73
N LEU A 8 -4.43 17.35 -0.42
CA LEU A 8 -5.72 18.05 -0.44
C LEU A 8 -6.34 17.98 -1.83
N SER A 9 -5.50 17.99 -2.85
CA SER A 9 -5.99 17.92 -4.23
C SER A 9 -5.15 16.95 -5.05
N VAL A 10 -3.83 17.10 -4.98
CA VAL A 10 -2.91 16.23 -5.71
C VAL A 10 -1.82 15.67 -4.80
N LYS A 11 -1.94 14.39 -4.47
CA LYS A 11 -0.97 13.72 -3.60
C LYS A 11 -0.16 12.71 -4.39
N ASP A 12 -0.63 12.43 -5.60
CA ASP A 12 0.03 11.48 -6.49
C ASP A 12 0.25 10.12 -5.82
N ASN A 13 -0.55 9.15 -6.22
CA ASN A 13 -0.47 7.81 -5.66
C ASN A 13 -0.58 6.74 -6.73
N ASP A 14 -1.82 6.36 -7.03
CA ASP A 14 -2.12 5.35 -8.03
C ASP A 14 -1.17 5.41 -9.20
N LYS A 15 -0.23 4.47 -9.22
CA LYS A 15 0.76 4.39 -10.30
C LYS A 15 0.24 3.49 -11.42
N TRP A 16 -0.25 4.10 -12.48
CA TRP A 16 -0.79 3.38 -13.63
C TRP A 16 0.33 2.98 -14.57
N VAL A 17 0.68 1.68 -14.57
CA VAL A 17 1.76 1.20 -15.42
C VAL A 17 1.59 -0.27 -15.77
N ASP A 18 2.50 -0.76 -16.61
CA ASP A 18 2.49 -2.15 -17.05
C ASP A 18 3.42 -2.99 -16.17
N THR A 19 3.56 -4.27 -16.51
CA THR A 19 4.42 -5.16 -15.72
C THR A 19 4.56 -6.54 -16.36
N HIS A 20 5.25 -7.43 -15.66
CA HIS A 20 5.46 -8.80 -16.12
C HIS A 20 4.80 -9.78 -15.16
N VAL A 21 5.17 -11.05 -15.24
CA VAL A 21 4.59 -12.07 -14.37
C VAL A 21 5.46 -12.35 -13.15
N GLY A 22 4.86 -12.24 -11.97
CA GLY A 22 5.56 -12.49 -10.72
C GLY A 22 6.70 -11.51 -10.49
N LYS A 23 6.77 -10.46 -11.30
CA LYS A 23 7.81 -9.47 -11.14
C LYS A 23 7.65 -8.78 -9.79
N THR A 24 8.22 -9.40 -8.77
CA THR A 24 8.15 -8.89 -7.40
C THR A 24 8.44 -7.39 -7.34
N THR A 25 7.38 -6.60 -7.30
CA THR A 25 7.51 -5.15 -7.21
C THR A 25 7.53 -4.72 -5.76
N GLU A 26 8.73 -4.57 -5.23
CA GLU A 26 8.93 -4.16 -3.86
C GLU A 26 8.87 -2.65 -3.71
N ILE A 27 8.05 -2.19 -2.79
CA ILE A 27 7.90 -0.77 -2.55
C ILE A 27 7.95 -0.43 -1.07
N HIS A 28 9.09 0.09 -0.64
CA HIS A 28 9.25 0.52 0.74
C HIS A 28 8.78 1.96 0.86
N LEU A 29 7.78 2.17 1.69
CA LEU A 29 7.22 3.50 1.86
C LEU A 29 7.36 3.95 3.30
N LYS A 30 7.46 5.25 3.50
CA LYS A 30 7.58 5.83 4.83
C LYS A 30 6.48 6.86 5.06
N GLY A 31 6.17 7.13 6.30
CA GLY A 31 5.14 8.10 6.58
C GLY A 31 4.60 8.05 7.99
N ASN A 32 4.36 6.84 8.51
CA ASN A 32 3.79 6.65 9.84
C ASN A 32 2.55 7.53 10.02
N PRO A 33 1.35 6.94 9.95
CA PRO A 33 0.12 7.71 10.10
C PRO A 33 -0.05 8.23 11.51
N THR A 34 -1.29 8.42 11.94
CA THR A 34 -1.55 8.87 13.29
C THR A 34 -1.30 7.72 14.26
N THR A 35 -0.47 6.77 13.80
CA THR A 35 -0.12 5.59 14.58
C THR A 35 -1.36 4.75 14.83
N GLY A 36 -2.34 4.93 13.95
CA GLY A 36 -3.59 4.18 14.04
C GLY A 36 -4.00 3.61 12.71
N TYR A 37 -3.70 4.35 11.63
CA TYR A 37 -4.03 3.90 10.28
C TYR A 37 -3.08 2.78 9.84
N MET A 38 -3.10 2.48 8.54
CA MET A 38 -2.25 1.45 7.99
C MET A 38 -2.12 1.60 6.49
N TRP A 39 -0.99 1.17 5.97
CA TRP A 39 -0.72 1.21 4.54
C TRP A 39 -0.81 -0.20 3.98
N THR A 40 -2.02 -0.65 3.66
CA THR A 40 -2.21 -2.00 3.16
C THR A 40 -3.18 -2.01 1.97
N ARG A 41 -3.66 -3.19 1.59
CA ARG A 41 -4.58 -3.32 0.45
C ARG A 41 -6.03 -3.10 0.88
N VAL A 42 -6.87 -2.70 -0.08
CA VAL A 42 -8.28 -2.43 0.17
C VAL A 42 -9.07 -3.73 0.38
N GLY A 43 -9.88 -3.76 1.44
CA GLY A 43 -10.68 -4.93 1.73
C GLY A 43 -9.88 -6.03 2.40
N PHE A 44 -8.67 -5.70 2.82
CA PHE A 44 -7.80 -6.66 3.50
C PHE A 44 -7.21 -6.06 4.75
N VAL A 45 -7.49 -4.77 4.96
CA VAL A 45 -7.00 -4.06 6.13
C VAL A 45 -7.38 -4.80 7.42
N GLY A 46 -6.36 -5.33 8.09
CA GLY A 46 -6.59 -6.06 9.33
C GLY A 46 -6.48 -7.56 9.12
N LYS A 47 -6.79 -8.01 7.90
CA LYS A 47 -6.72 -9.42 7.56
C LYS A 47 -5.28 -9.91 7.54
N ASP A 48 -5.11 -11.21 7.35
CA ASP A 48 -3.79 -11.82 7.29
C ASP A 48 -3.13 -11.55 5.95
N VAL A 49 -3.73 -12.09 4.89
CA VAL A 49 -3.21 -11.92 3.55
C VAL A 49 -3.97 -10.82 2.81
N LEU A 50 -3.24 -10.06 2.02
CA LEU A 50 -3.83 -8.97 1.25
C LEU A 50 -4.24 -9.45 -0.13
N SER A 51 -3.30 -10.09 -0.82
CA SER A 51 -3.54 -10.63 -2.15
C SER A 51 -4.52 -11.79 -2.10
N ASP A 52 -4.65 -12.50 -3.22
CA ASP A 52 -5.55 -13.64 -3.31
C ASP A 52 -5.05 -14.67 -4.31
N GLU A 53 -5.39 -14.47 -5.58
CA GLU A 53 -4.99 -15.39 -6.64
C GLU A 53 -4.46 -14.63 -7.85
N ILE A 54 -5.02 -13.43 -8.06
CA ILE A 54 -4.62 -12.60 -9.20
C ILE A 54 -3.23 -12.01 -9.00
N LEU A 55 -3.17 -10.90 -8.28
CA LEU A 55 -1.91 -10.24 -8.00
C LEU A 55 -1.39 -10.57 -6.61
N GLU A 56 -0.35 -11.39 -6.54
CA GLU A 56 0.24 -11.74 -5.26
C GLU A 56 0.74 -10.47 -4.59
N VAL A 57 0.60 -10.37 -3.27
CA VAL A 57 1.05 -9.17 -2.58
C VAL A 57 1.62 -9.48 -1.20
N VAL A 58 2.90 -9.81 -1.17
CA VAL A 58 3.57 -10.10 0.09
C VAL A 58 4.08 -8.79 0.69
N CYS A 59 3.19 -8.11 1.39
CA CYS A 59 3.51 -6.84 2.01
C CYS A 59 3.76 -6.98 3.49
N LYS A 60 4.82 -6.37 3.97
CA LYS A 60 5.17 -6.42 5.37
C LYS A 60 5.11 -5.02 5.97
N TYR A 61 4.27 -4.87 6.98
CA TYR A 61 4.11 -3.60 7.66
C TYR A 61 5.07 -3.53 8.85
N THR A 62 6.23 -2.93 8.62
CA THR A 62 7.25 -2.82 9.66
C THR A 62 7.17 -1.48 10.38
N PRO A 63 6.71 -1.49 11.65
CA PRO A 63 6.59 -0.32 12.47
C PRO A 63 7.75 -0.22 13.47
N THR A 64 8.88 0.30 13.00
CA THR A 64 10.06 0.44 13.84
C THR A 64 9.76 1.20 15.13
N PRO A 65 10.33 0.73 16.26
CA PRO A 65 10.13 1.35 17.56
C PRO A 65 11.17 2.43 17.86
N SER A 66 10.81 3.39 18.71
CA SER A 66 11.70 4.47 19.08
C SER A 66 12.32 4.21 20.45
N SER A 67 12.99 5.23 20.98
CA SER A 67 13.63 5.12 22.29
C SER A 67 12.94 6.03 23.31
N THR A 68 13.16 7.34 23.18
CA THR A 68 12.55 8.31 24.09
C THR A 68 12.45 9.70 23.45
N PRO A 69 13.57 10.23 22.90
CA PRO A 69 13.60 11.54 22.26
C PRO A 69 13.20 11.47 20.81
N MET A 70 12.25 10.60 20.50
CA MET A 70 11.77 10.40 19.15
C MET A 70 10.63 9.39 19.17
N VAL A 71 9.89 9.39 20.26
CA VAL A 71 8.76 8.48 20.46
C VAL A 71 7.93 8.32 19.20
N GLY A 72 7.53 7.09 18.93
CA GLY A 72 6.74 6.80 17.75
C GLY A 72 7.13 5.49 17.09
N VAL A 73 6.16 4.59 16.93
CA VAL A 73 6.41 3.29 16.32
C VAL A 73 6.43 3.40 14.80
N GLY A 74 6.75 4.59 14.30
CA GLY A 74 6.81 4.81 12.86
C GLY A 74 7.86 3.96 12.17
N GLY A 75 7.45 3.29 11.10
CA GLY A 75 8.36 2.45 10.34
C GLY A 75 8.22 2.68 8.85
N ILE A 76 8.09 1.60 8.09
CA ILE A 76 7.93 1.71 6.65
C ILE A 76 6.78 0.84 6.16
N TYR A 77 6.69 0.71 4.85
CA TYR A 77 5.63 -0.08 4.23
C TYR A 77 6.17 -0.77 2.99
N VAL A 78 6.59 -2.03 3.14
CA VAL A 78 7.14 -2.77 2.01
C VAL A 78 6.08 -3.68 1.40
N VAL A 79 5.89 -3.54 0.10
CA VAL A 79 4.89 -4.32 -0.62
C VAL A 79 5.50 -5.11 -1.76
N LEU A 80 5.31 -6.43 -1.74
CA LEU A 80 5.81 -7.30 -2.80
C LEU A 80 4.66 -7.76 -3.68
N VAL A 81 4.42 -7.04 -4.76
CA VAL A 81 3.33 -7.37 -5.65
C VAL A 81 3.82 -8.28 -6.77
N LYS A 82 3.53 -9.58 -6.62
CA LYS A 82 3.93 -10.58 -7.60
C LYS A 82 2.76 -11.00 -8.50
N PRO A 83 2.71 -10.50 -9.74
CA PRO A 83 1.64 -10.84 -10.68
C PRO A 83 1.53 -12.35 -10.89
N ARG A 84 0.63 -12.98 -10.15
CA ARG A 84 0.43 -14.42 -10.25
C ARG A 84 -0.17 -14.78 -11.60
N LYS A 85 -0.93 -13.84 -12.18
CA LYS A 85 -1.57 -14.05 -13.47
C LYS A 85 -1.24 -12.89 -14.41
N ARG A 86 -1.65 -13.02 -15.67
CA ARG A 86 -1.41 -11.97 -16.66
C ARG A 86 -2.72 -11.34 -17.11
N GLY A 87 -2.71 -10.01 -17.25
CA GLY A 87 -3.91 -9.30 -17.67
C GLY A 87 -4.03 -7.94 -17.01
N HIS A 88 -5.23 -7.61 -16.57
CA HIS A 88 -5.47 -6.33 -15.91
C HIS A 88 -5.48 -6.49 -14.40
N HIS A 89 -4.33 -6.32 -13.78
CA HIS A 89 -4.19 -6.44 -12.34
C HIS A 89 -3.90 -5.09 -11.69
N THR A 90 -4.08 -5.01 -10.38
CA THR A 90 -3.86 -3.75 -9.67
C THR A 90 -3.60 -3.98 -8.18
N LEU A 91 -2.94 -3.01 -7.54
CA LEU A 91 -2.64 -3.09 -6.12
C LEU A 91 -3.21 -1.88 -5.38
N GLU A 92 -4.46 -1.99 -4.94
CA GLU A 92 -5.12 -0.91 -4.22
C GLU A 92 -4.61 -0.77 -2.80
N LEU A 93 -3.74 0.22 -2.57
CA LEU A 93 -3.21 0.46 -1.23
C LEU A 93 -3.82 1.73 -0.65
N VAL A 94 -4.17 1.70 0.63
CA VAL A 94 -4.78 2.85 1.29
C VAL A 94 -4.22 3.07 2.69
N TYR A 95 -4.50 4.25 3.24
CA TYR A 95 -4.09 4.63 4.59
C TYR A 95 -5.30 4.59 5.53
N THR A 96 -5.62 3.41 6.05
CA THR A 96 -6.80 3.25 6.90
C THR A 96 -6.50 2.61 8.24
N ARG A 97 -7.41 2.81 9.20
CA ARG A 97 -7.28 2.24 10.54
C ARG A 97 -8.01 0.90 10.62
N PRO A 98 -7.28 -0.22 10.54
CA PRO A 98 -7.85 -1.58 10.60
C PRO A 98 -9.06 -1.69 11.53
N PHE A 99 -8.98 -1.07 12.71
CA PHE A 99 -10.06 -1.13 13.68
C PHE A 99 -11.18 -0.14 13.36
N GLU A 100 -10.82 1.13 13.17
CA GLU A 100 -11.81 2.16 12.88
C GLU A 100 -12.38 2.01 11.47
N GLY A 101 -12.00 0.94 10.78
CA GLY A 101 -12.48 0.72 9.44
C GLY A 101 -11.82 1.64 8.44
N ILE A 102 -12.36 1.67 7.22
CA ILE A 102 -11.79 2.50 6.18
C ILE A 102 -12.74 3.60 5.74
N LYS A 103 -12.16 4.67 5.20
CA LYS A 103 -12.92 5.82 4.72
C LYS A 103 -12.24 6.45 3.51
N PRO A 104 -12.99 7.21 2.71
CA PRO A 104 -12.46 7.87 1.50
C PRO A 104 -11.34 8.86 1.82
N GLU A 105 -11.46 9.52 2.97
CA GLU A 105 -10.46 10.50 3.39
C GLU A 105 -9.07 9.88 3.53
N ASN A 106 -9.01 8.55 3.49
CA ASN A 106 -7.74 7.84 3.62
C ASN A 106 -6.87 8.03 2.36
N GLU A 107 -5.57 8.19 2.57
CA GLU A 107 -4.64 8.36 1.48
C GLU A 107 -4.75 7.21 0.50
N ARG A 108 -4.24 7.41 -0.71
CA ARG A 108 -4.30 6.40 -1.75
C ARG A 108 -2.91 6.03 -2.27
N TYR A 109 -2.84 4.86 -2.90
CA TYR A 109 -1.63 4.36 -3.54
C TYR A 109 -1.97 3.08 -4.28
N THR A 110 -2.78 3.24 -5.33
CA THR A 110 -3.23 2.13 -6.14
C THR A 110 -2.23 1.81 -7.25
N LEU A 111 -1.30 0.91 -6.97
CA LEU A 111 -0.29 0.52 -7.93
C LEU A 111 -0.89 -0.33 -9.06
N HIS A 112 -1.26 0.32 -10.15
CA HIS A 112 -1.83 -0.38 -11.29
C HIS A 112 -0.74 -1.05 -12.11
N LEU A 113 -1.07 -2.24 -12.62
CA LEU A 113 -0.12 -3.03 -13.40
C LEU A 113 -0.80 -3.76 -14.54
N ASN A 114 -0.53 -3.31 -15.77
CA ASN A 114 -1.09 -3.93 -16.95
C ASN A 114 -0.26 -5.17 -17.31
N VAL A 115 -0.32 -6.16 -16.43
CA VAL A 115 0.43 -7.40 -16.61
C VAL A 115 0.27 -7.94 -18.02
N LYS A 116 1.34 -7.90 -18.81
CA LYS A 116 1.31 -8.39 -20.18
C LYS A 116 1.87 -9.80 -20.26
N GLY A 1 -7.38 30.31 -9.36
CA GLY A 1 -6.56 29.32 -8.61
C GLY A 1 -7.39 28.18 -8.04
N SER A 2 -8.10 27.48 -8.92
CA SER A 2 -8.94 26.36 -8.50
C SER A 2 -8.19 25.04 -8.65
N HIS A 3 -8.47 24.10 -7.75
CA HIS A 3 -7.83 22.80 -7.78
C HIS A 3 -8.73 21.76 -8.44
N MET A 4 -9.69 22.25 -9.25
CA MET A 4 -10.62 21.37 -9.95
C MET A 4 -11.45 20.56 -8.97
N ILE A 5 -12.35 19.73 -9.51
CA ILE A 5 -13.21 18.90 -8.68
C ILE A 5 -13.32 17.48 -9.25
N ALA A 6 -12.30 17.06 -9.98
CA ALA A 6 -12.28 15.74 -10.59
C ALA A 6 -12.55 14.64 -9.55
N PRO A 7 -11.84 14.65 -8.40
CA PRO A 7 -12.03 13.65 -7.35
C PRO A 7 -13.48 13.58 -6.88
N LEU A 8 -13.88 12.40 -6.40
CA LEU A 8 -15.24 12.20 -5.92
C LEU A 8 -15.29 11.18 -4.80
N SER A 9 -15.00 9.92 -5.14
CA SER A 9 -15.01 8.84 -4.15
C SER A 9 -13.70 8.07 -4.18
N VAL A 10 -12.75 8.54 -4.99
CA VAL A 10 -11.46 7.89 -5.10
C VAL A 10 -10.36 8.91 -5.41
N LYS A 11 -9.13 8.60 -5.00
CA LYS A 11 -8.00 9.48 -5.22
C LYS A 11 -6.86 8.70 -5.85
N ASP A 12 -6.61 8.96 -7.13
CA ASP A 12 -5.56 8.29 -7.85
C ASP A 12 -4.19 8.70 -7.33
N ASN A 13 -3.34 7.72 -7.04
CA ASN A 13 -2.01 7.99 -6.54
C ASN A 13 -0.96 7.76 -7.61
N ASP A 14 -1.32 6.98 -8.63
CA ASP A 14 -0.43 6.69 -9.73
C ASP A 14 -1.23 6.41 -11.00
N LYS A 15 -0.70 5.51 -11.84
CA LYS A 15 -1.36 5.15 -13.09
C LYS A 15 -1.37 3.63 -13.26
N TRP A 16 -1.75 3.18 -14.46
CA TRP A 16 -1.82 1.76 -14.76
C TRP A 16 -1.11 1.47 -16.09
N VAL A 17 -0.12 0.55 -16.07
CA VAL A 17 0.63 0.22 -17.29
C VAL A 17 1.09 -1.22 -17.29
N ASP A 18 1.28 -1.76 -18.49
CA ASP A 18 1.71 -3.14 -18.66
C ASP A 18 2.93 -3.46 -17.81
N THR A 19 3.24 -4.75 -17.73
CA THR A 19 4.39 -5.22 -16.94
C THR A 19 4.64 -6.70 -17.19
N HIS A 20 5.50 -7.30 -16.37
CA HIS A 20 5.83 -8.72 -16.52
C HIS A 20 5.14 -9.56 -15.45
N VAL A 21 5.43 -10.85 -15.44
CA VAL A 21 4.81 -11.77 -14.48
C VAL A 21 5.72 -12.01 -13.27
N GLY A 22 5.09 -12.09 -12.10
CA GLY A 22 5.82 -12.31 -10.86
C GLY A 22 6.93 -11.32 -10.62
N LYS A 23 6.93 -10.22 -11.36
CA LYS A 23 7.94 -9.19 -11.20
C LYS A 23 7.81 -8.55 -9.84
N THR A 24 8.31 -9.25 -8.82
CA THR A 24 8.25 -8.79 -7.44
C THR A 24 8.59 -7.32 -7.33
N THR A 25 7.56 -6.49 -7.20
CA THR A 25 7.74 -5.05 -7.06
C THR A 25 7.73 -4.65 -5.60
N GLU A 26 8.92 -4.42 -5.06
CA GLU A 26 9.08 -4.01 -3.68
C GLU A 26 8.82 -2.53 -3.52
N ILE A 27 7.99 -2.18 -2.55
CA ILE A 27 7.65 -0.79 -2.32
C ILE A 27 7.74 -0.44 -0.84
N HIS A 28 8.79 0.27 -0.47
CA HIS A 28 8.97 0.72 0.90
C HIS A 28 8.30 2.07 1.08
N LEU A 29 7.07 2.05 1.58
CA LEU A 29 6.31 3.27 1.78
C LEU A 29 6.56 3.82 3.17
N LYS A 30 6.55 5.14 3.29
CA LYS A 30 6.78 5.77 4.58
C LYS A 30 5.47 6.22 5.20
N GLY A 31 5.50 6.45 6.50
CA GLY A 31 4.29 6.86 7.19
C GLY A 31 4.49 6.93 8.70
N ASN A 32 3.44 6.58 9.44
CA ASN A 32 3.50 6.61 10.90
C ASN A 32 2.21 6.05 11.50
N PRO A 33 2.20 4.75 11.87
CA PRO A 33 1.01 4.10 12.44
C PRO A 33 0.47 4.83 13.66
N THR A 34 1.35 5.47 14.42
CA THR A 34 0.96 6.20 15.61
C THR A 34 -0.11 7.25 15.30
N THR A 35 -0.19 7.66 14.03
CA THR A 35 -1.18 8.65 13.61
C THR A 35 -2.59 8.10 13.75
N GLY A 36 -2.87 7.01 13.04
CA GLY A 36 -4.19 6.41 13.10
C GLY A 36 -4.50 5.56 11.89
N TYR A 37 -3.98 5.95 10.73
CA TYR A 37 -4.22 5.21 9.50
C TYR A 37 -3.16 4.15 9.27
N MET A 38 -3.28 3.43 8.16
CA MET A 38 -2.38 2.37 7.78
C MET A 38 -2.25 2.30 6.27
N TRP A 39 -1.14 1.80 5.80
CA TRP A 39 -0.92 1.65 4.36
C TRP A 39 -0.94 0.18 3.97
N THR A 40 -2.10 -0.31 3.58
CA THR A 40 -2.23 -1.71 3.19
C THR A 40 -3.10 -1.84 1.94
N ARG A 41 -3.50 -3.06 1.59
CA ARG A 41 -4.32 -3.27 0.40
C ARG A 41 -5.81 -3.11 0.72
N VAL A 42 -6.54 -2.49 -0.21
CA VAL A 42 -7.97 -2.26 -0.03
C VAL A 42 -8.75 -3.57 0.10
N GLY A 43 -9.59 -3.64 1.12
CA GLY A 43 -10.39 -4.83 1.34
C GLY A 43 -9.66 -5.90 2.12
N PHE A 44 -8.52 -5.53 2.71
CA PHE A 44 -7.71 -6.47 3.48
C PHE A 44 -7.21 -5.81 4.75
N VAL A 45 -7.60 -4.56 4.92
CA VAL A 45 -7.21 -3.79 6.10
C VAL A 45 -7.59 -4.51 7.38
N GLY A 46 -6.58 -4.97 8.12
CA GLY A 46 -6.81 -5.68 9.35
C GLY A 46 -6.50 -7.16 9.23
N LYS A 47 -6.73 -7.70 8.03
CA LYS A 47 -6.47 -9.11 7.76
C LYS A 47 -4.97 -9.42 7.79
N ASP A 48 -4.64 -10.69 7.68
CA ASP A 48 -3.26 -11.13 7.68
C ASP A 48 -2.63 -10.94 6.30
N VAL A 49 -3.17 -11.65 5.32
CA VAL A 49 -2.67 -11.55 3.95
C VAL A 49 -3.56 -10.66 3.12
N LEU A 50 -2.94 -9.89 2.22
CA LEU A 50 -3.66 -8.98 1.35
C LEU A 50 -3.92 -9.64 0.00
N SER A 51 -2.85 -10.17 -0.59
CA SER A 51 -2.92 -10.85 -1.87
C SER A 51 -3.99 -11.94 -1.88
N ASP A 52 -4.19 -12.56 -3.03
CA ASP A 52 -5.18 -13.62 -3.18
C ASP A 52 -4.84 -14.55 -4.34
N GLU A 53 -5.26 -14.16 -5.54
CA GLU A 53 -5.02 -14.95 -6.74
C GLU A 53 -4.49 -14.08 -7.87
N ILE A 54 -4.93 -12.83 -7.90
CA ILE A 54 -4.52 -11.89 -8.93
C ILE A 54 -3.06 -11.50 -8.79
N LEU A 55 -2.78 -10.70 -7.76
CA LEU A 55 -1.41 -10.26 -7.50
C LEU A 55 -0.87 -10.86 -6.22
N GLU A 56 0.24 -11.60 -6.32
CA GLU A 56 0.88 -12.19 -5.15
C GLU A 56 1.51 -11.09 -4.31
N VAL A 57 0.66 -10.27 -3.71
CA VAL A 57 1.11 -9.16 -2.90
C VAL A 57 1.61 -9.60 -1.54
N VAL A 58 2.89 -9.97 -1.48
CA VAL A 58 3.49 -10.37 -0.23
C VAL A 58 3.95 -9.12 0.52
N CYS A 59 3.04 -8.57 1.29
CA CYS A 59 3.30 -7.35 2.05
C CYS A 59 3.52 -7.63 3.53
N LYS A 60 4.46 -6.90 4.11
CA LYS A 60 4.77 -7.04 5.52
C LYS A 60 4.82 -5.66 6.17
N TYR A 61 3.90 -5.43 7.08
CA TYR A 61 3.84 -4.14 7.79
C TYR A 61 4.83 -4.15 8.94
N THR A 62 5.84 -3.30 8.85
CA THR A 62 6.85 -3.21 9.90
C THR A 62 6.80 -1.87 10.61
N PRO A 63 6.39 -1.87 11.90
CA PRO A 63 6.29 -0.67 12.71
C PRO A 63 7.50 -0.49 13.62
N THR A 64 8.69 -0.79 13.10
CA THR A 64 9.92 -0.68 13.87
C THR A 64 9.94 0.58 14.73
N PRO A 65 10.46 0.49 15.98
CA PRO A 65 10.53 1.62 16.89
C PRO A 65 11.41 2.75 16.35
N SER A 66 11.58 3.79 17.16
CA SER A 66 12.40 4.94 16.77
C SER A 66 13.87 4.57 16.76
N SER A 67 14.74 5.58 16.63
CA SER A 67 16.18 5.36 16.59
C SER A 67 16.71 5.03 17.99
N THR A 68 16.67 6.01 18.89
CA THR A 68 17.14 5.83 20.25
C THR A 68 16.02 5.42 21.20
N PRO A 69 14.86 6.11 21.17
CA PRO A 69 13.72 5.81 22.03
C PRO A 69 13.02 4.51 21.63
N MET A 70 11.90 4.23 22.29
CA MET A 70 11.13 3.02 22.01
C MET A 70 9.65 3.33 21.99
N VAL A 71 9.34 4.63 21.92
CA VAL A 71 7.96 5.09 21.91
C VAL A 71 7.50 5.42 20.49
N GLY A 72 6.20 5.26 20.25
CA GLY A 72 5.65 5.55 18.94
C GLY A 72 5.48 4.31 18.10
N VAL A 73 6.54 3.51 17.96
CA VAL A 73 6.50 2.29 17.18
C VAL A 73 5.96 2.56 15.77
N GLY A 74 6.86 2.95 14.87
CA GLY A 74 6.46 3.24 13.50
C GLY A 74 7.57 2.98 12.51
N GLY A 75 7.28 2.15 11.51
CA GLY A 75 8.27 1.84 10.49
C GLY A 75 7.80 2.21 9.09
N ILE A 76 7.66 1.21 8.24
CA ILE A 76 7.21 1.44 6.87
C ILE A 76 6.24 0.36 6.43
N TYR A 77 5.99 0.31 5.13
CA TYR A 77 5.08 -0.67 4.55
C TYR A 77 5.74 -1.37 3.37
N VAL A 78 6.25 -2.57 3.59
CA VAL A 78 6.91 -3.34 2.54
C VAL A 78 5.89 -4.14 1.74
N VAL A 79 5.75 -3.80 0.47
CA VAL A 79 4.80 -4.49 -0.39
C VAL A 79 5.48 -5.15 -1.59
N LEU A 80 5.33 -6.47 -1.69
CA LEU A 80 5.89 -7.23 -2.81
C LEU A 80 4.77 -7.72 -3.71
N VAL A 81 4.52 -6.99 -4.78
CA VAL A 81 3.46 -7.35 -5.70
C VAL A 81 3.98 -8.21 -6.85
N LYS A 82 3.68 -9.50 -6.79
CA LYS A 82 4.11 -10.45 -7.82
C LYS A 82 2.94 -10.85 -8.72
N PRO A 83 2.88 -10.29 -9.94
CA PRO A 83 1.81 -10.58 -10.90
C PRO A 83 1.55 -12.09 -11.07
N ARG A 84 0.51 -12.58 -10.39
CA ARG A 84 0.15 -13.99 -10.48
C ARG A 84 -0.57 -14.28 -11.80
N LYS A 85 -1.34 -13.30 -12.26
CA LYS A 85 -2.09 -13.45 -13.50
C LYS A 85 -1.66 -12.40 -14.52
N ARG A 86 -1.98 -12.65 -15.80
CA ARG A 86 -1.63 -11.72 -16.86
C ARG A 86 -2.86 -10.94 -17.32
N GLY A 87 -2.75 -9.61 -17.29
CA GLY A 87 -3.86 -8.77 -17.70
C GLY A 87 -3.93 -7.48 -16.92
N HIS A 88 -5.04 -6.76 -17.06
CA HIS A 88 -5.24 -5.50 -16.35
C HIS A 88 -5.25 -5.71 -14.85
N HIS A 89 -4.13 -5.43 -14.20
CA HIS A 89 -4.02 -5.60 -12.75
C HIS A 89 -3.33 -4.39 -12.12
N THR A 90 -3.51 -4.24 -10.81
CA THR A 90 -2.92 -3.13 -10.09
C THR A 90 -2.96 -3.34 -8.59
N LEU A 91 -1.94 -2.85 -7.91
CA LEU A 91 -1.87 -2.98 -6.45
C LEU A 91 -2.78 -1.94 -5.80
N GLU A 92 -3.91 -2.39 -5.30
CA GLU A 92 -4.85 -1.49 -4.65
C GLU A 92 -4.49 -1.27 -3.19
N LEU A 93 -3.80 -0.16 -2.92
CA LEU A 93 -3.42 0.19 -1.57
C LEU A 93 -4.33 1.30 -1.05
N VAL A 94 -4.25 1.59 0.24
CA VAL A 94 -5.08 2.63 0.82
C VAL A 94 -4.61 3.05 2.20
N TYR A 95 -4.88 4.31 2.56
CA TYR A 95 -4.52 4.85 3.86
C TYR A 95 -5.77 4.87 4.75
N THR A 96 -5.96 3.79 5.50
CA THR A 96 -7.14 3.66 6.35
C THR A 96 -6.81 3.35 7.81
N ARG A 97 -7.79 3.53 8.67
CA ARG A 97 -7.63 3.24 10.09
C ARG A 97 -8.26 1.90 10.43
N PRO A 98 -7.48 0.80 10.37
CA PRO A 98 -7.97 -0.55 10.67
C PRO A 98 -8.94 -0.58 11.85
N PHE A 99 -8.69 0.27 12.84
CA PHE A 99 -9.51 0.34 14.03
C PHE A 99 -10.93 0.81 13.69
N GLU A 100 -11.02 1.86 12.88
CA GLU A 100 -12.32 2.40 12.48
C GLU A 100 -12.79 1.83 11.14
N GLY A 101 -12.39 2.49 10.06
CA GLY A 101 -12.78 2.03 8.73
C GLY A 101 -11.93 2.67 7.65
N ILE A 102 -12.22 2.33 6.41
CA ILE A 102 -11.46 2.85 5.28
C ILE A 102 -12.07 4.10 4.68
N LYS A 103 -13.28 3.98 4.20
CA LYS A 103 -13.99 5.11 3.59
C LYS A 103 -13.34 5.49 2.27
N PRO A 104 -14.10 6.19 1.42
CA PRO A 104 -13.62 6.65 0.10
C PRO A 104 -12.69 7.85 0.21
N GLU A 105 -12.97 8.72 1.17
CA GLU A 105 -12.17 9.92 1.38
C GLU A 105 -10.71 9.58 1.60
N ASN A 106 -10.45 8.47 2.29
CA ASN A 106 -9.08 8.04 2.58
C ASN A 106 -8.25 7.93 1.30
N GLU A 107 -6.94 8.13 1.44
CA GLU A 107 -6.02 8.06 0.32
C GLU A 107 -5.94 6.66 -0.27
N ARG A 108 -5.15 6.52 -1.33
CA ARG A 108 -4.98 5.24 -2.01
C ARG A 108 -3.68 5.24 -2.81
N TYR A 109 -3.22 4.05 -3.21
CA TYR A 109 -2.01 3.93 -4.02
C TYR A 109 -2.14 2.75 -4.98
N THR A 110 -2.18 3.05 -6.27
CA THR A 110 -2.33 2.05 -7.31
C THR A 110 -1.02 1.76 -8.02
N LEU A 111 -0.67 0.47 -8.11
CA LEU A 111 0.55 0.07 -8.80
C LEU A 111 0.23 -0.40 -10.22
N HIS A 112 0.61 0.43 -11.18
CA HIS A 112 0.39 0.19 -12.62
C HIS A 112 0.84 -1.19 -13.08
N LEU A 113 0.12 -2.25 -12.72
CA LEU A 113 0.52 -3.61 -13.10
C LEU A 113 -0.40 -4.25 -14.14
N ASN A 114 -0.46 -3.66 -15.33
CA ASN A 114 -1.28 -4.21 -16.41
C ASN A 114 -0.55 -5.38 -17.05
N VAL A 115 -0.13 -6.32 -16.20
CA VAL A 115 0.60 -7.51 -16.61
C VAL A 115 0.25 -7.95 -18.04
N LYS A 116 1.29 -8.30 -18.80
CA LYS A 116 1.10 -8.74 -20.19
C LYS A 116 0.41 -10.10 -20.24
N GLY A 1 -21.03 23.29 1.11
CA GLY A 1 -22.32 22.77 0.56
C GLY A 1 -22.13 22.02 -0.73
N SER A 2 -20.88 21.76 -1.09
CA SER A 2 -20.57 21.04 -2.32
C SER A 2 -19.34 20.17 -2.14
N HIS A 3 -19.32 19.03 -2.84
CA HIS A 3 -18.20 18.10 -2.75
C HIS A 3 -17.73 17.68 -4.15
N MET A 4 -16.57 17.04 -4.21
CA MET A 4 -16.02 16.59 -5.48
C MET A 4 -16.36 15.11 -5.73
N ILE A 5 -15.87 14.58 -6.84
CA ILE A 5 -16.12 13.19 -7.19
C ILE A 5 -15.37 12.24 -6.26
N ALA A 6 -14.17 12.64 -5.87
CA ALA A 6 -13.35 11.82 -4.98
C ALA A 6 -12.13 12.59 -4.47
N PRO A 7 -11.33 13.22 -5.37
CA PRO A 7 -10.15 13.99 -4.96
C PRO A 7 -10.47 15.11 -3.99
N LEU A 8 -9.54 15.40 -3.11
CA LEU A 8 -9.72 16.46 -2.11
C LEU A 8 -8.98 17.73 -2.53
N SER A 9 -7.69 17.58 -2.81
CA SER A 9 -6.86 18.71 -3.22
C SER A 9 -5.84 18.29 -4.27
N VAL A 10 -4.78 17.63 -3.83
CA VAL A 10 -3.73 17.17 -4.74
C VAL A 10 -3.11 15.86 -4.25
N LYS A 11 -3.27 14.81 -5.04
CA LYS A 11 -2.72 13.51 -4.70
C LYS A 11 -2.61 12.64 -5.94
N ASP A 12 -1.41 12.10 -6.16
CA ASP A 12 -1.16 11.25 -7.31
C ASP A 12 -0.71 9.86 -6.85
N ASN A 13 -1.52 8.85 -7.14
CA ASN A 13 -1.21 7.49 -6.75
C ASN A 13 -1.34 6.52 -7.92
N ASP A 14 -2.55 6.00 -8.09
CA ASP A 14 -2.86 5.04 -9.13
C ASP A 14 -1.94 5.13 -10.32
N LYS A 15 -1.04 4.16 -10.41
CA LYS A 15 -0.08 4.09 -11.50
C LYS A 15 -0.53 3.06 -12.54
N TRP A 16 -1.15 3.54 -13.60
CA TRP A 16 -1.68 2.70 -14.66
C TRP A 16 -0.60 2.38 -15.69
N VAL A 17 -0.07 1.15 -15.62
CA VAL A 17 0.99 0.73 -16.55
C VAL A 17 0.92 -0.78 -16.83
N ASP A 18 1.98 -1.31 -17.45
CA ASP A 18 2.06 -2.73 -17.77
C ASP A 18 3.07 -3.43 -16.87
N THR A 19 3.41 -4.68 -17.21
CA THR A 19 4.37 -5.46 -16.42
C THR A 19 4.48 -6.89 -16.93
N HIS A 20 5.21 -7.72 -16.19
CA HIS A 20 5.40 -9.13 -16.55
C HIS A 20 4.89 -10.02 -15.41
N VAL A 21 5.06 -11.33 -15.56
CA VAL A 21 4.59 -12.27 -14.55
C VAL A 21 5.53 -12.33 -13.35
N GLY A 22 4.93 -12.37 -12.16
CA GLY A 22 5.69 -12.43 -10.92
C GLY A 22 6.64 -11.26 -10.73
N LYS A 23 6.43 -10.19 -11.49
CA LYS A 23 7.27 -9.01 -11.36
C LYS A 23 7.23 -8.49 -9.93
N THR A 24 8.08 -9.07 -9.08
CA THR A 24 8.11 -8.67 -7.67
C THR A 24 8.42 -7.19 -7.53
N THR A 25 7.36 -6.39 -7.42
CA THR A 25 7.50 -4.95 -7.27
C THR A 25 7.46 -4.54 -5.81
N GLU A 26 8.64 -4.19 -5.29
CA GLU A 26 8.77 -3.76 -3.91
C GLU A 26 8.48 -2.28 -3.77
N ILE A 27 7.55 -1.95 -2.90
CA ILE A 27 7.18 -0.57 -2.68
C ILE A 27 7.26 -0.22 -1.20
N HIS A 28 8.33 0.44 -0.83
CA HIS A 28 8.55 0.87 0.55
C HIS A 28 7.89 2.22 0.77
N LEU A 29 6.80 2.22 1.55
CA LEU A 29 6.08 3.45 1.82
C LEU A 29 6.47 4.04 3.17
N LYS A 30 5.91 5.20 3.49
CA LYS A 30 6.18 5.86 4.76
C LYS A 30 4.90 6.03 5.54
N GLY A 31 5.02 6.43 6.80
CA GLY A 31 3.84 6.62 7.63
C GLY A 31 4.16 6.65 9.12
N ASN A 32 3.16 6.39 9.94
CA ASN A 32 3.33 6.40 11.39
C ASN A 32 2.08 5.87 12.09
N PRO A 33 2.10 4.60 12.55
CA PRO A 33 0.95 4.00 13.24
C PRO A 33 0.66 4.68 14.57
N THR A 34 -0.40 4.23 15.24
CA THR A 34 -0.81 4.79 16.51
C THR A 34 -0.92 6.31 16.44
N THR A 35 -1.05 6.83 15.23
CA THR A 35 -1.17 8.27 15.02
C THR A 35 -2.11 8.58 13.85
N GLY A 36 -1.67 8.25 12.64
CA GLY A 36 -2.48 8.50 11.47
C GLY A 36 -3.23 7.27 11.01
N TYR A 37 -2.94 6.82 9.79
CA TYR A 37 -3.60 5.65 9.23
C TYR A 37 -2.57 4.59 8.83
N MET A 38 -3.06 3.52 8.23
CA MET A 38 -2.22 2.42 7.79
C MET A 38 -2.14 2.40 6.26
N TRP A 39 -1.00 1.93 5.76
CA TRP A 39 -0.81 1.80 4.32
C TRP A 39 -0.83 0.34 3.93
N THR A 40 -2.02 -0.20 3.73
CA THR A 40 -2.16 -1.60 3.36
C THR A 40 -2.99 -1.74 2.07
N ARG A 41 -3.40 -2.96 1.74
CA ARG A 41 -4.18 -3.21 0.53
C ARG A 41 -5.66 -2.94 0.75
N VAL A 42 -6.27 -2.24 -0.20
CA VAL A 42 -7.70 -1.91 -0.13
C VAL A 42 -8.55 -3.15 0.10
N GLY A 43 -9.53 -3.02 0.99
CA GLY A 43 -10.40 -4.15 1.30
C GLY A 43 -9.72 -5.20 2.14
N PHE A 44 -8.39 -5.24 2.07
CA PHE A 44 -7.60 -6.20 2.82
C PHE A 44 -7.03 -5.56 4.07
N VAL A 45 -7.65 -4.46 4.48
CA VAL A 45 -7.23 -3.72 5.65
C VAL A 45 -7.64 -4.42 6.93
N GLY A 46 -6.68 -5.03 7.60
CA GLY A 46 -6.95 -5.75 8.84
C GLY A 46 -6.80 -7.25 8.67
N LYS A 47 -6.86 -7.70 7.43
CA LYS A 47 -6.74 -9.12 7.11
C LYS A 47 -5.34 -9.63 7.44
N ASP A 48 -5.18 -10.94 7.38
CA ASP A 48 -3.89 -11.57 7.66
C ASP A 48 -3.05 -11.65 6.39
N VAL A 49 -3.74 -11.80 5.26
CA VAL A 49 -3.08 -11.90 3.97
C VAL A 49 -3.71 -10.96 2.95
N LEU A 50 -2.89 -10.07 2.42
CA LEU A 50 -3.32 -9.11 1.42
C LEU A 50 -3.52 -9.81 0.08
N SER A 51 -2.45 -10.42 -0.41
CA SER A 51 -2.47 -11.15 -1.66
C SER A 51 -3.62 -12.17 -1.69
N ASP A 52 -3.79 -12.83 -2.83
CA ASP A 52 -4.86 -13.83 -2.99
C ASP A 52 -4.50 -14.85 -4.06
N GLU A 53 -5.02 -14.62 -5.26
CA GLU A 53 -4.79 -15.53 -6.38
C GLU A 53 -4.26 -14.76 -7.59
N ILE A 54 -4.70 -13.52 -7.73
CA ILE A 54 -4.28 -12.67 -8.83
C ILE A 54 -2.86 -12.19 -8.64
N LEU A 55 -2.68 -11.23 -7.75
CA LEU A 55 -1.37 -10.67 -7.45
C LEU A 55 -0.84 -11.21 -6.13
N GLU A 56 0.26 -11.96 -6.19
CA GLU A 56 0.90 -12.48 -4.99
C GLU A 56 1.52 -11.33 -4.20
N VAL A 57 0.68 -10.52 -3.59
CA VAL A 57 1.15 -9.37 -2.83
C VAL A 57 1.74 -9.78 -1.50
N VAL A 58 3.04 -10.07 -1.51
CA VAL A 58 3.74 -10.44 -0.29
C VAL A 58 4.27 -9.18 0.38
N CYS A 59 3.44 -8.57 1.19
CA CYS A 59 3.81 -7.34 1.88
C CYS A 59 3.98 -7.56 3.36
N LYS A 60 4.80 -6.72 3.97
CA LYS A 60 5.05 -6.79 5.40
C LYS A 60 5.05 -5.40 6.00
N TYR A 61 4.12 -5.17 6.92
CA TYR A 61 4.01 -3.88 7.59
C TYR A 61 5.05 -3.82 8.71
N THR A 62 6.21 -3.23 8.40
CA THR A 62 7.29 -3.10 9.36
C THR A 62 7.32 -1.71 9.98
N PRO A 63 6.88 -1.58 11.24
CA PRO A 63 6.83 -0.31 11.95
C PRO A 63 8.04 -0.14 12.85
N THR A 64 9.17 -0.71 12.45
CA THR A 64 10.39 -0.63 13.22
C THR A 64 10.91 0.81 13.29
N PRO A 65 11.51 1.20 14.42
CA PRO A 65 12.05 2.55 14.61
C PRO A 65 13.41 2.73 13.95
N SER A 66 13.74 3.98 13.62
CA SER A 66 15.02 4.29 12.99
C SER A 66 16.05 4.74 14.01
N SER A 67 17.20 5.17 13.53
CA SER A 67 18.27 5.63 14.42
C SER A 67 18.93 6.89 13.87
N THR A 68 18.45 7.37 12.72
CA THR A 68 19.00 8.57 12.10
C THR A 68 18.14 9.80 12.40
N PRO A 69 16.81 9.71 12.18
CA PRO A 69 15.89 10.82 12.43
C PRO A 69 15.57 10.98 13.91
N MET A 70 14.38 11.51 14.20
CA MET A 70 13.95 11.71 15.57
C MET A 70 12.57 11.12 15.77
N VAL A 71 12.18 10.23 14.86
CA VAL A 71 10.89 9.58 14.91
C VAL A 71 11.03 8.11 15.29
N GLY A 72 9.98 7.55 15.89
CA GLY A 72 10.00 6.16 16.28
C GLY A 72 8.79 5.40 15.79
N VAL A 73 9.03 4.27 15.13
CA VAL A 73 7.96 3.44 14.60
C VAL A 73 7.10 4.21 13.62
N GLY A 74 7.39 4.05 12.32
CA GLY A 74 6.64 4.75 11.29
C GLY A 74 6.01 3.79 10.31
N GLY A 75 6.77 2.78 9.91
CA GLY A 75 6.27 1.81 8.96
C GLY A 75 6.88 1.95 7.59
N ILE A 76 7.54 0.90 7.12
CA ILE A 76 8.16 0.90 5.81
C ILE A 76 7.22 0.45 4.72
N TYR A 77 6.24 -0.35 5.12
CA TYR A 77 5.27 -0.88 4.19
C TYR A 77 5.97 -1.46 2.96
N VAL A 78 6.56 -2.63 3.11
CA VAL A 78 7.25 -3.27 1.99
C VAL A 78 6.31 -4.20 1.25
N VAL A 79 5.81 -3.72 0.10
CA VAL A 79 4.87 -4.49 -0.69
C VAL A 79 5.54 -5.19 -1.87
N LEU A 80 5.49 -6.53 -1.87
CA LEU A 80 6.06 -7.32 -2.97
C LEU A 80 4.95 -7.92 -3.80
N VAL A 81 4.58 -7.22 -4.86
CA VAL A 81 3.50 -7.71 -5.72
C VAL A 81 4.02 -8.58 -6.84
N LYS A 82 3.69 -9.87 -6.77
CA LYS A 82 4.13 -10.85 -7.77
C LYS A 82 2.94 -11.37 -8.58
N PRO A 83 2.65 -10.77 -9.74
CA PRO A 83 1.54 -11.18 -10.60
C PRO A 83 1.51 -12.69 -10.81
N ARG A 84 0.60 -13.36 -10.12
CA ARG A 84 0.45 -14.81 -10.23
C ARG A 84 -0.07 -15.18 -11.61
N LYS A 85 -0.91 -14.31 -12.17
CA LYS A 85 -1.49 -14.55 -13.49
C LYS A 85 -1.08 -13.44 -14.45
N ARG A 86 -1.60 -13.49 -15.67
CA ARG A 86 -1.30 -12.48 -16.68
C ARG A 86 -2.58 -11.90 -17.27
N GLY A 87 -2.74 -10.59 -17.15
CA GLY A 87 -3.92 -9.93 -17.67
C GLY A 87 -4.23 -8.64 -16.95
N HIS A 88 -5.28 -8.65 -16.13
CA HIS A 88 -5.69 -7.47 -15.38
C HIS A 88 -5.31 -7.59 -13.90
N HIS A 89 -4.20 -6.95 -13.54
CA HIS A 89 -3.73 -6.99 -12.15
C HIS A 89 -3.46 -5.57 -11.64
N THR A 90 -3.62 -5.36 -10.34
CA THR A 90 -3.39 -4.04 -9.76
C THR A 90 -3.11 -4.13 -8.26
N LEU A 91 -2.29 -3.21 -7.77
CA LEU A 91 -1.92 -3.15 -6.36
C LEU A 91 -2.77 -2.12 -5.63
N GLU A 92 -3.95 -2.52 -5.21
CA GLU A 92 -4.85 -1.63 -4.51
C GLU A 92 -4.32 -1.30 -3.12
N LEU A 93 -3.70 -0.14 -2.99
CA LEU A 93 -3.18 0.31 -1.69
C LEU A 93 -4.01 1.49 -1.21
N VAL A 94 -4.09 1.65 0.10
CA VAL A 94 -4.86 2.73 0.68
C VAL A 94 -4.36 3.11 2.07
N TYR A 95 -4.47 4.41 2.39
CA TYR A 95 -4.05 4.91 3.70
C TYR A 95 -5.27 4.98 4.63
N THR A 96 -5.66 3.82 5.16
CA THR A 96 -6.82 3.72 6.02
C THR A 96 -6.49 3.23 7.42
N ARG A 97 -7.40 3.52 8.36
CA ARG A 97 -7.23 3.09 9.75
C ARG A 97 -8.02 1.82 10.02
N PRO A 98 -7.36 0.65 9.99
CA PRO A 98 -8.00 -0.64 10.23
C PRO A 98 -9.00 -0.60 11.38
N PHE A 99 -8.71 0.20 12.39
CA PHE A 99 -9.56 0.34 13.55
C PHE A 99 -10.89 1.03 13.22
N GLU A 100 -10.80 2.29 12.79
CA GLU A 100 -11.99 3.07 12.45
C GLU A 100 -12.56 2.66 11.09
N GLY A 101 -11.98 1.64 10.49
CA GLY A 101 -12.45 1.19 9.19
C GLY A 101 -11.81 1.97 8.06
N ILE A 102 -12.40 1.87 6.87
CA ILE A 102 -11.86 2.55 5.71
C ILE A 102 -12.81 3.65 5.22
N LYS A 103 -12.29 4.87 5.19
CA LYS A 103 -13.05 6.03 4.74
C LYS A 103 -12.55 6.50 3.37
N PRO A 104 -13.36 7.31 2.66
CA PRO A 104 -12.98 7.82 1.33
C PRO A 104 -11.81 8.79 1.39
N GLU A 105 -11.79 9.61 2.44
CA GLU A 105 -10.73 10.60 2.62
C GLU A 105 -9.34 9.95 2.64
N ASN A 106 -9.30 8.64 2.85
CA ASN A 106 -8.04 7.91 2.88
C ASN A 106 -7.29 8.02 1.56
N GLU A 107 -5.96 8.13 1.66
CA GLU A 107 -5.12 8.23 0.47
C GLU A 107 -5.24 6.98 -0.39
N ARG A 108 -4.63 7.01 -1.56
CA ARG A 108 -4.68 5.88 -2.48
C ARG A 108 -3.31 5.58 -3.08
N TYR A 109 -3.17 4.38 -3.64
CA TYR A 109 -1.95 3.95 -4.31
C TYR A 109 -2.21 2.65 -5.05
N THR A 110 -2.93 2.76 -6.17
CA THR A 110 -3.28 1.61 -6.97
C THR A 110 -2.30 1.40 -8.13
N LEU A 111 -1.29 0.58 -7.90
CA LEU A 111 -0.31 0.30 -8.95
C LEU A 111 -0.88 -0.67 -9.97
N HIS A 112 -1.54 -0.12 -10.98
CA HIS A 112 -2.14 -0.92 -12.03
C HIS A 112 -1.06 -1.50 -12.94
N LEU A 113 -1.30 -2.73 -13.40
CA LEU A 113 -0.36 -3.44 -14.25
C LEU A 113 -1.09 -4.32 -15.26
N ASN A 114 -0.98 -3.99 -16.53
CA ASN A 114 -1.59 -4.77 -17.59
C ASN A 114 -0.68 -5.94 -17.93
N VAL A 115 -0.35 -6.72 -16.92
CA VAL A 115 0.53 -7.88 -17.06
C VAL A 115 0.34 -8.58 -18.39
N LYS A 116 1.43 -8.75 -19.13
CA LYS A 116 1.39 -9.41 -20.42
C LYS A 116 1.00 -10.86 -20.29
N GLY A 1 -2.13 23.05 -4.73
CA GLY A 1 -2.04 23.95 -3.55
C GLY A 1 -3.02 25.11 -3.62
N SER A 2 -4.31 24.79 -3.70
CA SER A 2 -5.34 25.80 -3.78
C SER A 2 -6.53 25.44 -2.89
N HIS A 3 -6.58 24.19 -2.45
CA HIS A 3 -7.65 23.71 -1.59
C HIS A 3 -7.10 22.94 -0.39
N MET A 4 -7.60 23.27 0.80
CA MET A 4 -7.15 22.61 2.02
C MET A 4 -5.65 22.76 2.21
N ILE A 5 -5.10 22.01 3.16
CA ILE A 5 -3.67 22.06 3.45
C ILE A 5 -2.85 21.64 2.24
N ALA A 6 -3.04 20.39 1.81
CA ALA A 6 -2.31 19.86 0.65
C ALA A 6 -2.89 18.53 0.18
N PRO A 7 -3.05 17.53 1.09
CA PRO A 7 -3.59 16.23 0.73
C PRO A 7 -5.07 16.29 0.35
N LEU A 8 -5.33 16.30 -0.96
CA LEU A 8 -6.71 16.36 -1.46
C LEU A 8 -6.73 16.14 -2.97
N SER A 9 -6.90 14.88 -3.38
CA SER A 9 -6.94 14.54 -4.80
C SER A 9 -5.65 14.93 -5.51
N VAL A 10 -4.62 15.25 -4.73
CA VAL A 10 -3.34 15.65 -5.29
C VAL A 10 -2.19 14.86 -4.65
N LYS A 11 -1.82 13.77 -5.30
CA LYS A 11 -0.74 12.91 -4.82
C LYS A 11 -0.53 11.74 -5.77
N ASP A 12 0.68 11.23 -5.81
CA ASP A 12 1.00 10.11 -6.70
C ASP A 12 0.58 8.80 -6.05
N ASN A 13 -0.42 8.14 -6.65
CA ASN A 13 -0.91 6.89 -6.12
C ASN A 13 -1.06 5.83 -7.22
N ASP A 14 -2.26 5.76 -7.77
CA ASP A 14 -2.57 4.79 -8.82
C ASP A 14 -1.58 4.88 -9.97
N LYS A 15 -0.68 3.92 -10.01
CA LYS A 15 0.33 3.85 -11.06
C LYS A 15 -0.17 3.02 -12.24
N TRP A 16 -0.81 3.68 -13.19
CA TRP A 16 -1.35 3.03 -14.38
C TRP A 16 -0.23 2.63 -15.33
N VAL A 17 0.18 1.37 -15.28
CA VAL A 17 1.26 0.89 -16.15
C VAL A 17 1.20 -0.61 -16.37
N ASP A 18 2.02 -1.08 -17.31
CA ASP A 18 2.10 -2.49 -17.65
C ASP A 18 3.06 -3.23 -16.73
N THR A 19 3.33 -4.50 -17.02
CA THR A 19 4.24 -5.29 -16.19
C THR A 19 4.51 -6.68 -16.76
N HIS A 20 5.19 -7.50 -15.98
CA HIS A 20 5.51 -8.88 -16.35
C HIS A 20 4.85 -9.83 -15.37
N VAL A 21 5.36 -11.08 -15.31
CA VAL A 21 4.79 -12.07 -14.40
C VAL A 21 5.64 -12.23 -13.15
N GLY A 22 4.98 -12.22 -11.99
CA GLY A 22 5.66 -12.37 -10.72
C GLY A 22 6.76 -11.36 -10.51
N LYS A 23 6.73 -10.27 -11.28
CA LYS A 23 7.74 -9.23 -11.14
C LYS A 23 7.63 -8.59 -9.77
N THR A 24 8.27 -9.23 -8.79
CA THR A 24 8.24 -8.74 -7.41
C THR A 24 8.54 -7.25 -7.32
N THR A 25 7.48 -6.46 -7.17
CA THR A 25 7.63 -5.02 -7.07
C THR A 25 7.61 -4.58 -5.61
N GLU A 26 8.80 -4.33 -5.07
CA GLU A 26 8.96 -3.91 -3.71
C GLU A 26 8.67 -2.42 -3.55
N ILE A 27 7.90 -2.09 -2.52
CA ILE A 27 7.54 -0.71 -2.28
C ILE A 27 7.60 -0.36 -0.80
N HIS A 28 8.64 0.35 -0.41
CA HIS A 28 8.79 0.79 0.97
C HIS A 28 8.00 2.07 1.18
N LEU A 29 6.79 1.94 1.68
CA LEU A 29 5.92 3.08 1.91
C LEU A 29 6.03 3.57 3.34
N LYS A 30 5.87 4.87 3.53
CA LYS A 30 5.94 5.46 4.86
C LYS A 30 4.58 6.00 5.25
N GLY A 31 4.39 6.22 6.55
CA GLY A 31 3.13 6.72 7.04
C GLY A 31 3.08 6.83 8.54
N ASN A 32 3.94 6.05 9.21
CA ASN A 32 4.00 6.05 10.67
C ASN A 32 2.70 5.54 11.28
N PRO A 33 2.68 4.29 11.79
CA PRO A 33 1.48 3.71 12.40
C PRO A 33 0.94 4.57 13.54
N THR A 34 1.81 5.34 14.17
CA THR A 34 1.43 6.20 15.27
C THR A 34 0.34 7.19 14.85
N THR A 35 0.28 7.48 13.56
CA THR A 35 -0.71 8.41 13.03
C THR A 35 -2.13 7.92 13.31
N GLY A 36 -2.47 6.77 12.74
CA GLY A 36 -3.81 6.22 12.95
C GLY A 36 -4.21 5.25 11.85
N TYR A 37 -4.08 5.69 10.60
CA TYR A 37 -4.45 4.86 9.46
C TYR A 37 -3.38 3.80 9.18
N MET A 38 -3.59 3.04 8.11
CA MET A 38 -2.68 1.98 7.72
C MET A 38 -2.56 1.95 6.21
N TRP A 39 -1.39 1.55 5.74
CA TRP A 39 -1.15 1.45 4.31
C TRP A 39 -1.16 -0.01 3.89
N THR A 40 -2.36 -0.53 3.65
CA THR A 40 -2.52 -1.92 3.25
C THR A 40 -3.35 -2.01 1.98
N ARG A 41 -3.78 -3.22 1.60
CA ARG A 41 -4.57 -3.38 0.38
C ARG A 41 -6.06 -3.14 0.66
N VAL A 42 -6.70 -2.41 -0.25
CA VAL A 42 -8.12 -2.07 -0.14
C VAL A 42 -8.98 -3.30 0.17
N GLY A 43 -10.09 -3.07 0.85
CA GLY A 43 -10.99 -4.16 1.19
C GLY A 43 -10.36 -5.17 2.11
N PHE A 44 -9.12 -4.92 2.49
CA PHE A 44 -8.38 -5.82 3.37
C PHE A 44 -7.84 -5.08 4.57
N VAL A 45 -8.60 -4.07 4.99
CA VAL A 45 -8.23 -3.25 6.14
C VAL A 45 -8.12 -4.10 7.40
N GLY A 46 -6.89 -4.44 7.78
CA GLY A 46 -6.67 -5.25 8.96
C GLY A 46 -5.90 -6.52 8.68
N LYS A 47 -6.01 -7.01 7.44
CA LYS A 47 -5.32 -8.23 7.05
C LYS A 47 -3.80 -8.02 7.00
N ASP A 48 -3.08 -9.08 6.64
CA ASP A 48 -1.63 -9.02 6.55
C ASP A 48 -1.14 -9.43 5.17
N VAL A 49 -1.59 -10.60 4.71
CA VAL A 49 -1.19 -11.12 3.42
C VAL A 49 -1.79 -10.29 2.28
N LEU A 50 -3.07 -9.96 2.41
CA LEU A 50 -3.77 -9.15 1.41
C LEU A 50 -3.99 -9.94 0.13
N SER A 51 -2.90 -10.32 -0.52
CA SER A 51 -2.93 -11.09 -1.76
C SER A 51 -3.89 -12.27 -1.68
N ASP A 52 -4.09 -12.94 -2.82
CA ASP A 52 -4.99 -14.09 -2.89
C ASP A 52 -4.60 -15.03 -4.02
N GLU A 53 -5.07 -14.72 -5.22
CA GLU A 53 -4.80 -15.55 -6.40
C GLU A 53 -4.31 -14.70 -7.57
N ILE A 54 -4.82 -13.48 -7.66
CA ILE A 54 -4.46 -12.57 -8.73
C ILE A 54 -3.03 -12.08 -8.58
N LEU A 55 -2.85 -11.11 -7.69
CA LEU A 55 -1.51 -10.55 -7.44
C LEU A 55 -0.93 -11.09 -6.14
N GLU A 56 0.17 -11.81 -6.23
CA GLU A 56 0.85 -12.33 -5.05
C GLU A 56 1.47 -11.18 -4.27
N VAL A 57 0.62 -10.37 -3.66
CA VAL A 57 1.05 -9.22 -2.90
C VAL A 57 1.60 -9.61 -1.54
N VAL A 58 2.87 -9.99 -1.51
CA VAL A 58 3.51 -10.36 -0.26
C VAL A 58 3.89 -9.09 0.48
N CYS A 59 2.95 -8.59 1.26
CA CYS A 59 3.14 -7.36 2.01
C CYS A 59 3.47 -7.66 3.47
N LYS A 60 4.37 -6.85 4.02
CA LYS A 60 4.78 -7.00 5.40
C LYS A 60 4.78 -5.65 6.10
N TYR A 61 3.81 -5.47 6.99
CA TYR A 61 3.69 -4.22 7.73
C TYR A 61 4.71 -4.21 8.86
N THR A 62 5.82 -3.51 8.66
CA THR A 62 6.88 -3.44 9.65
C THR A 62 6.72 -2.22 10.57
N PRO A 63 6.34 -2.44 11.83
CA PRO A 63 6.16 -1.40 12.82
C PRO A 63 7.31 -1.37 13.82
N THR A 64 8.40 -0.68 13.45
CA THR A 64 9.58 -0.59 14.30
C THR A 64 9.19 -0.21 15.74
N PRO A 65 9.74 -0.95 16.73
CA PRO A 65 9.47 -0.70 18.15
C PRO A 65 9.72 0.75 18.55
N SER A 66 9.03 1.20 19.59
CA SER A 66 9.18 2.56 20.08
C SER A 66 10.55 2.78 20.70
N SER A 67 11.33 3.67 20.11
CA SER A 67 12.66 3.97 20.61
C SER A 67 12.59 4.93 21.79
N THR A 68 11.47 5.63 21.90
CA THR A 68 11.27 6.58 22.99
C THR A 68 10.82 5.87 24.27
N PRO A 69 11.04 6.48 25.44
CA PRO A 69 10.66 5.89 26.72
C PRO A 69 9.17 5.99 26.98
N MET A 70 8.43 6.34 25.95
CA MET A 70 6.98 6.47 26.05
C MET A 70 6.27 5.58 25.02
N VAL A 71 5.76 6.21 23.96
CA VAL A 71 5.06 5.47 22.91
C VAL A 71 5.35 6.09 21.54
N GLY A 72 5.47 5.23 20.52
CA GLY A 72 5.74 5.70 19.18
C GLY A 72 6.42 4.66 18.31
N VAL A 73 5.62 3.82 17.66
CA VAL A 73 6.15 2.77 16.79
C VAL A 73 7.00 3.37 15.68
N GLY A 74 6.36 3.69 14.58
CA GLY A 74 7.05 4.29 13.44
C GLY A 74 7.74 3.25 12.57
N GLY A 75 7.10 2.89 11.46
CA GLY A 75 7.67 1.92 10.55
C GLY A 75 7.28 2.20 9.11
N ILE A 76 7.18 1.16 8.29
CA ILE A 76 6.80 1.33 6.90
C ILE A 76 5.90 0.19 6.44
N TYR A 77 5.71 0.12 5.13
CA TYR A 77 4.86 -0.90 4.53
C TYR A 77 5.56 -1.52 3.32
N VAL A 78 6.21 -2.66 3.53
CA VAL A 78 6.92 -3.36 2.46
C VAL A 78 5.97 -4.22 1.64
N VAL A 79 5.61 -3.72 0.46
CA VAL A 79 4.69 -4.45 -0.41
C VAL A 79 5.40 -5.09 -1.60
N LEU A 80 5.23 -6.41 -1.74
CA LEU A 80 5.81 -7.16 -2.85
C LEU A 80 4.71 -7.67 -3.76
N VAL A 81 4.51 -7.02 -4.88
CA VAL A 81 3.45 -7.42 -5.80
C VAL A 81 3.99 -8.35 -6.90
N LYS A 82 3.59 -9.60 -6.83
CA LYS A 82 4.02 -10.60 -7.81
C LYS A 82 2.82 -11.12 -8.62
N PRO A 83 2.59 -10.56 -9.81
CA PRO A 83 1.48 -10.98 -10.67
C PRO A 83 1.44 -12.49 -10.88
N ARG A 84 0.47 -13.14 -10.25
CA ARG A 84 0.31 -14.58 -10.36
C ARG A 84 -0.26 -14.98 -11.71
N LYS A 85 -1.19 -14.17 -12.22
CA LYS A 85 -1.83 -14.44 -13.50
C LYS A 85 -1.42 -13.41 -14.54
N ARG A 86 -1.88 -13.62 -15.78
CA ARG A 86 -1.56 -12.72 -16.87
C ARG A 86 -2.81 -11.97 -17.33
N GLY A 87 -2.62 -10.71 -17.71
CA GLY A 87 -3.75 -9.90 -18.17
C GLY A 87 -3.79 -8.54 -17.50
N HIS A 88 -4.89 -8.27 -16.79
CA HIS A 88 -5.05 -7.01 -16.09
C HIS A 88 -5.00 -7.21 -14.58
N HIS A 89 -4.00 -6.60 -13.95
CA HIS A 89 -3.81 -6.69 -12.52
C HIS A 89 -3.56 -5.31 -11.91
N THR A 90 -3.81 -5.18 -10.62
CA THR A 90 -3.60 -3.91 -9.93
C THR A 90 -3.45 -4.10 -8.43
N LEU A 91 -2.56 -3.31 -7.82
CA LEU A 91 -2.32 -3.39 -6.39
C LEU A 91 -3.08 -2.29 -5.67
N GLU A 92 -4.29 -2.61 -5.23
CA GLU A 92 -5.12 -1.66 -4.52
C GLU A 92 -4.62 -1.41 -3.12
N LEU A 93 -3.90 -0.31 -2.94
CA LEU A 93 -3.38 0.07 -1.63
C LEU A 93 -4.06 1.35 -1.16
N VAL A 94 -4.59 1.32 0.06
CA VAL A 94 -5.29 2.47 0.60
C VAL A 94 -4.86 2.76 2.05
N TYR A 95 -5.08 4.00 2.47
CA TYR A 95 -4.76 4.43 3.83
C TYR A 95 -6.03 4.37 4.68
N THR A 96 -6.35 3.17 5.18
CA THR A 96 -7.55 2.95 5.96
C THR A 96 -7.29 2.88 7.47
N ARG A 97 -8.35 2.74 8.25
CA ARG A 97 -8.24 2.65 9.71
C ARG A 97 -8.58 1.25 10.20
N PRO A 98 -7.56 0.38 10.37
CA PRO A 98 -7.77 -0.99 10.85
C PRO A 98 -8.62 -1.05 12.12
N PHE A 99 -8.53 0.00 12.92
CA PHE A 99 -9.27 0.11 14.16
C PHE A 99 -10.72 0.51 13.91
N GLU A 100 -10.95 1.30 12.87
CA GLU A 100 -12.29 1.77 12.53
C GLU A 100 -12.77 1.19 11.20
N GLY A 101 -12.26 1.77 10.11
CA GLY A 101 -12.65 1.32 8.79
C GLY A 101 -12.08 2.20 7.71
N ILE A 102 -12.48 1.94 6.48
CA ILE A 102 -11.99 2.70 5.34
C ILE A 102 -12.93 3.86 5.02
N LYS A 103 -12.36 4.93 4.49
CA LYS A 103 -13.14 6.12 4.16
C LYS A 103 -12.69 6.71 2.81
N PRO A 104 -13.48 7.65 2.26
CA PRO A 104 -13.16 8.29 0.97
C PRO A 104 -12.09 9.36 1.11
N GLU A 105 -12.02 9.96 2.28
CA GLU A 105 -11.04 11.00 2.56
C GLU A 105 -9.67 10.39 2.84
N ASN A 106 -9.54 9.10 2.56
CA ASN A 106 -8.29 8.38 2.79
C ASN A 106 -7.43 8.37 1.54
N GLU A 107 -6.11 8.32 1.73
CA GLU A 107 -5.16 8.30 0.63
C GLU A 107 -5.34 7.05 -0.23
N ARG A 108 -4.78 7.09 -1.43
CA ARG A 108 -4.87 5.99 -2.37
C ARG A 108 -3.49 5.63 -2.92
N TYR A 109 -3.38 4.46 -3.52
CA TYR A 109 -2.14 3.99 -4.15
C TYR A 109 -2.40 2.67 -4.86
N THR A 110 -3.04 2.76 -6.02
CA THR A 110 -3.36 1.58 -6.81
C THR A 110 -2.31 1.33 -7.89
N LEU A 111 -1.28 0.56 -7.54
CA LEU A 111 -0.22 0.26 -8.49
C LEU A 111 -0.75 -0.63 -9.61
N HIS A 112 -1.24 0.00 -10.67
CA HIS A 112 -1.78 -0.73 -11.81
C HIS A 112 -0.66 -1.37 -12.61
N LEU A 113 -0.86 -2.63 -12.97
CA LEU A 113 0.13 -3.40 -13.70
C LEU A 113 -0.54 -4.31 -14.73
N ASN A 114 -0.49 -3.91 -16.00
CA ASN A 114 -1.08 -4.70 -17.06
C ASN A 114 -0.14 -5.85 -17.43
N VAL A 115 -0.26 -6.95 -16.70
CA VAL A 115 0.59 -8.11 -16.91
C VAL A 115 0.51 -8.59 -18.35
N LYS A 116 1.61 -8.46 -19.08
CA LYS A 116 1.67 -8.87 -20.48
C LYS A 116 1.88 -10.38 -20.58
N GLY A 1 1.62 28.25 6.26
CA GLY A 1 0.54 28.98 5.54
C GLY A 1 -0.03 28.20 4.38
N SER A 2 -0.24 28.86 3.25
CA SER A 2 -0.78 28.22 2.07
C SER A 2 -0.15 28.79 0.80
N HIS A 3 0.42 27.91 -0.01
CA HIS A 3 1.06 28.33 -1.27
C HIS A 3 1.03 27.20 -2.30
N MET A 4 1.56 26.05 -1.91
CA MET A 4 1.60 24.90 -2.81
C MET A 4 0.35 24.04 -2.64
N ILE A 5 -0.21 24.05 -1.43
CA ILE A 5 -1.42 23.28 -1.10
C ILE A 5 -1.37 21.87 -1.72
N ALA A 6 -0.16 21.36 -1.89
CA ALA A 6 0.03 20.02 -2.47
C ALA A 6 -0.14 18.93 -1.41
N PRO A 7 0.56 19.05 -0.25
CA PRO A 7 0.46 18.04 0.81
C PRO A 7 -0.88 18.09 1.54
N LEU A 8 -1.66 19.13 1.26
CA LEU A 8 -2.96 19.29 1.88
C LEU A 8 -4.05 18.58 1.06
N SER A 9 -4.05 18.83 -0.24
CA SER A 9 -5.02 18.21 -1.13
C SER A 9 -4.37 17.83 -2.45
N VAL A 10 -4.99 16.85 -3.14
CA VAL A 10 -4.48 16.37 -4.42
C VAL A 10 -3.13 15.69 -4.27
N LYS A 11 -2.96 14.57 -4.96
CA LYS A 11 -1.71 13.81 -4.91
C LYS A 11 -1.74 12.68 -5.94
N ASP A 12 -0.63 12.53 -6.64
CA ASP A 12 -0.52 11.48 -7.67
C ASP A 12 -0.14 10.15 -7.05
N ASN A 13 -1.04 9.19 -7.14
CA ASN A 13 -0.81 7.87 -6.58
C ASN A 13 -0.93 6.78 -7.63
N ASP A 14 -2.17 6.41 -7.91
CA ASP A 14 -2.50 5.37 -8.88
C ASP A 14 -1.47 5.32 -10.00
N LYS A 15 -0.61 4.31 -9.94
CA LYS A 15 0.42 4.11 -10.94
C LYS A 15 -0.07 3.17 -12.05
N TRP A 16 -0.67 3.75 -13.08
CA TRP A 16 -1.19 3.00 -14.20
C TRP A 16 -0.07 2.60 -15.15
N VAL A 17 0.37 1.34 -15.05
CA VAL A 17 1.46 0.85 -15.88
C VAL A 17 1.34 -0.62 -16.20
N ASP A 18 2.35 -1.14 -16.88
CA ASP A 18 2.40 -2.54 -17.27
C ASP A 18 3.29 -3.33 -16.31
N THR A 19 3.54 -4.61 -16.61
CA THR A 19 4.37 -5.43 -15.74
C THR A 19 4.63 -6.81 -16.33
N HIS A 20 5.31 -7.66 -15.55
CA HIS A 20 5.64 -9.01 -15.96
C HIS A 20 4.95 -10.01 -15.04
N VAL A 21 5.41 -11.25 -15.03
CA VAL A 21 4.82 -12.27 -14.18
C VAL A 21 5.65 -12.51 -12.92
N GLY A 22 5.01 -12.34 -11.77
CA GLY A 22 5.68 -12.53 -10.49
C GLY A 22 6.82 -11.56 -10.27
N LYS A 23 6.93 -10.55 -11.12
CA LYS A 23 7.98 -9.55 -10.98
C LYS A 23 7.81 -8.83 -9.66
N THR A 24 8.34 -9.42 -8.60
CA THR A 24 8.23 -8.85 -7.26
C THR A 24 8.54 -7.36 -7.25
N THR A 25 7.48 -6.56 -7.21
CA THR A 25 7.63 -5.11 -7.18
C THR A 25 7.66 -4.61 -5.74
N GLU A 26 8.87 -4.29 -5.28
CA GLU A 26 9.08 -3.80 -3.94
C GLU A 26 8.89 -2.30 -3.85
N ILE A 27 8.13 -1.87 -2.86
CA ILE A 27 7.87 -0.45 -2.65
C ILE A 27 7.91 -0.09 -1.18
N HIS A 28 8.99 0.56 -0.77
CA HIS A 28 9.13 1.00 0.61
C HIS A 28 8.34 2.27 0.84
N LEU A 29 7.12 2.11 1.34
CA LEU A 29 6.25 3.25 1.59
C LEU A 29 6.48 3.79 2.99
N LYS A 30 6.40 5.10 3.13
CA LYS A 30 6.61 5.74 4.43
C LYS A 30 5.27 6.00 5.11
N GLY A 31 5.33 6.31 6.40
CA GLY A 31 4.13 6.57 7.15
C GLY A 31 4.39 6.73 8.64
N ASN A 32 3.40 6.37 9.45
CA ASN A 32 3.53 6.47 10.90
C ASN A 32 2.27 5.91 11.59
N PRO A 33 2.32 4.64 12.02
CA PRO A 33 1.18 3.99 12.68
C PRO A 33 0.71 4.73 13.92
N THR A 34 1.53 5.63 14.44
CA THR A 34 1.17 6.41 15.62
C THR A 34 0.31 7.61 15.27
N THR A 35 -0.14 7.66 14.01
CA THR A 35 -0.98 8.76 13.56
C THR A 35 -2.46 8.37 13.59
N GLY A 36 -2.81 7.35 12.81
CA GLY A 36 -4.18 6.89 12.78
C GLY A 36 -4.50 6.06 11.54
N TYR A 37 -3.77 6.30 10.46
CA TYR A 37 -3.98 5.57 9.22
C TYR A 37 -2.91 4.50 9.01
N MET A 38 -3.10 3.72 7.95
CA MET A 38 -2.20 2.64 7.61
C MET A 38 -2.14 2.47 6.10
N TRP A 39 -0.99 2.04 5.59
CA TRP A 39 -0.84 1.80 4.18
C TRP A 39 -1.12 0.34 3.89
N THR A 40 -2.40 0.03 3.78
CA THR A 40 -2.86 -1.33 3.56
C THR A 40 -3.77 -1.43 2.32
N ARG A 41 -3.69 -2.56 1.61
CA ARG A 41 -4.52 -2.77 0.42
C ARG A 41 -5.99 -2.54 0.74
N VAL A 42 -6.84 -2.65 -0.28
CA VAL A 42 -8.26 -2.45 -0.10
C VAL A 42 -8.94 -3.70 0.44
N GLY A 43 -9.24 -3.68 1.73
CA GLY A 43 -9.89 -4.80 2.36
C GLY A 43 -8.96 -5.69 3.16
N PHE A 44 -7.64 -5.50 3.00
CA PHE A 44 -6.69 -6.31 3.73
C PHE A 44 -6.64 -5.89 5.19
N VAL A 45 -6.65 -4.57 5.45
CA VAL A 45 -6.61 -4.06 6.81
C VAL A 45 -7.20 -5.07 7.81
N GLY A 46 -6.33 -5.94 8.34
CA GLY A 46 -6.78 -6.96 9.28
C GLY A 46 -7.17 -8.24 8.55
N LYS A 47 -6.28 -8.71 7.67
CA LYS A 47 -6.53 -9.91 6.87
C LYS A 47 -5.60 -11.06 7.26
N ASP A 48 -5.53 -12.04 6.36
CA ASP A 48 -4.65 -13.19 6.50
C ASP A 48 -3.63 -13.14 5.37
N VAL A 49 -4.09 -12.62 4.23
CA VAL A 49 -3.28 -12.45 3.03
C VAL A 49 -3.87 -11.34 2.17
N LEU A 50 -3.07 -10.30 1.95
CA LEU A 50 -3.51 -9.15 1.16
C LEU A 50 -4.06 -9.64 -0.18
N SER A 51 -3.19 -10.26 -0.96
CA SER A 51 -3.56 -10.79 -2.27
C SER A 51 -4.59 -11.89 -2.17
N ASP A 52 -4.75 -12.63 -3.26
CA ASP A 52 -5.71 -13.73 -3.32
C ASP A 52 -5.26 -14.81 -4.31
N GLU A 53 -5.51 -14.55 -5.59
CA GLU A 53 -5.14 -15.48 -6.64
C GLU A 53 -4.59 -14.77 -7.87
N ILE A 54 -5.09 -13.55 -8.11
CA ILE A 54 -4.66 -12.76 -9.25
C ILE A 54 -3.27 -12.18 -9.05
N LEU A 55 -3.22 -11.02 -8.40
CA LEU A 55 -1.94 -10.37 -8.12
C LEU A 55 -1.46 -10.67 -6.72
N GLU A 56 -0.40 -11.46 -6.61
CA GLU A 56 0.16 -11.80 -5.30
C GLU A 56 0.66 -10.53 -4.63
N VAL A 57 0.57 -10.48 -3.32
CA VAL A 57 1.01 -9.30 -2.58
C VAL A 57 1.59 -9.67 -1.22
N VAL A 58 2.75 -9.09 -0.92
CA VAL A 58 3.41 -9.32 0.35
C VAL A 58 3.95 -8.01 0.90
N CYS A 59 3.09 -7.31 1.62
CA CYS A 59 3.46 -6.03 2.20
C CYS A 59 3.95 -6.20 3.62
N LYS A 60 5.26 -6.24 3.76
CA LYS A 60 5.87 -6.38 5.07
C LYS A 60 5.74 -5.07 5.83
N TYR A 61 4.52 -4.81 6.29
CA TYR A 61 4.25 -3.60 7.04
C TYR A 61 5.02 -3.63 8.34
N THR A 62 6.09 -2.85 8.38
CA THR A 62 6.93 -2.74 9.57
C THR A 62 6.71 -1.37 10.20
N PRO A 63 6.35 -1.33 11.50
CA PRO A 63 6.09 -0.10 12.21
C PRO A 63 7.32 0.42 12.96
N THR A 64 7.08 1.39 13.85
CA THR A 64 8.16 1.99 14.64
C THR A 64 8.87 0.93 15.49
N PRO A 65 10.21 0.97 15.51
CA PRO A 65 11.02 0.02 16.29
C PRO A 65 10.61 -0.02 17.76
N SER A 66 11.04 -1.07 18.45
CA SER A 66 10.72 -1.24 19.86
C SER A 66 11.72 -0.48 20.73
N SER A 67 11.71 -0.78 22.04
CA SER A 67 12.62 -0.14 22.97
C SER A 67 14.03 -0.71 22.86
N THR A 68 14.26 -1.50 21.81
CA THR A 68 15.56 -2.12 21.59
C THR A 68 16.67 -1.06 21.51
N PRO A 69 17.93 -1.46 21.80
CA PRO A 69 19.07 -0.55 21.75
C PRO A 69 19.51 -0.22 20.33
N MET A 70 18.65 -0.56 19.39
CA MET A 70 18.92 -0.32 17.98
C MET A 70 17.71 0.31 17.31
N VAL A 71 17.63 1.64 17.38
CA VAL A 71 16.53 2.38 16.79
C VAL A 71 16.55 2.25 15.26
N GLY A 72 15.45 1.74 14.71
CA GLY A 72 15.35 1.58 13.26
C GLY A 72 15.05 0.15 12.87
N VAL A 73 13.84 -0.32 13.18
CA VAL A 73 13.44 -1.68 12.86
C VAL A 73 12.41 -1.68 11.73
N GLY A 74 11.71 -0.57 11.59
CA GLY A 74 10.69 -0.46 10.57
C GLY A 74 10.27 0.97 10.31
N GLY A 75 8.96 1.19 10.27
CA GLY A 75 8.44 2.52 10.02
C GLY A 75 7.98 2.71 8.59
N ILE A 76 7.82 1.60 7.87
CA ILE A 76 7.39 1.66 6.48
C ILE A 76 6.54 0.45 6.12
N TYR A 77 6.29 0.30 4.81
CA TYR A 77 5.48 -0.80 4.31
C TYR A 77 6.14 -1.40 3.07
N VAL A 78 6.83 -2.54 3.24
CA VAL A 78 7.51 -3.19 2.13
C VAL A 78 6.53 -3.99 1.29
N VAL A 79 5.95 -3.34 0.29
CA VAL A 79 4.96 -3.98 -0.58
C VAL A 79 5.61 -4.79 -1.70
N LEU A 80 5.30 -6.10 -1.73
CA LEU A 80 5.83 -6.98 -2.77
C LEU A 80 4.68 -7.54 -3.60
N VAL A 81 4.45 -6.93 -4.75
CA VAL A 81 3.37 -7.36 -5.62
C VAL A 81 3.89 -8.30 -6.69
N LYS A 82 3.51 -9.57 -6.60
CA LYS A 82 3.95 -10.58 -7.55
C LYS A 82 2.80 -11.07 -8.43
N PRO A 83 2.73 -10.60 -9.68
CA PRO A 83 1.67 -11.02 -10.63
C PRO A 83 1.61 -12.54 -10.78
N ARG A 84 0.65 -13.16 -10.10
CA ARG A 84 0.49 -14.60 -10.17
C ARG A 84 -0.03 -15.03 -11.55
N LYS A 85 -0.99 -14.26 -12.06
CA LYS A 85 -1.58 -14.56 -13.37
C LYS A 85 -1.20 -13.47 -14.37
N ARG A 86 -1.73 -13.59 -15.58
CA ARG A 86 -1.45 -12.61 -16.64
C ARG A 86 -2.74 -11.92 -17.08
N GLY A 87 -2.63 -10.63 -17.38
CA GLY A 87 -3.80 -9.88 -17.81
C GLY A 87 -3.87 -8.50 -17.18
N HIS A 88 -5.05 -8.12 -16.72
CA HIS A 88 -5.25 -6.83 -16.09
C HIS A 88 -5.28 -6.95 -14.57
N HIS A 89 -4.12 -6.81 -13.95
CA HIS A 89 -4.01 -6.91 -12.50
C HIS A 89 -3.75 -5.53 -11.90
N THR A 90 -3.95 -5.40 -10.59
CA THR A 90 -3.74 -4.12 -9.93
C THR A 90 -3.57 -4.27 -8.43
N LEU A 91 -2.89 -3.29 -7.83
CA LEU A 91 -2.64 -3.29 -6.39
C LEU A 91 -3.13 -1.97 -5.80
N GLU A 92 -4.34 -1.97 -5.28
CA GLU A 92 -4.91 -0.75 -4.71
C GLU A 92 -4.47 -0.54 -3.26
N LEU A 93 -3.47 0.31 -3.07
CA LEU A 93 -2.99 0.61 -1.72
C LEU A 93 -3.66 1.89 -1.23
N VAL A 94 -4.22 1.84 -0.03
CA VAL A 94 -4.91 2.99 0.52
C VAL A 94 -4.46 3.31 1.95
N TYR A 95 -4.66 4.55 2.37
CA TYR A 95 -4.31 4.99 3.71
C TYR A 95 -5.57 5.04 4.56
N THR A 96 -5.84 3.96 5.29
CA THR A 96 -7.05 3.86 6.11
C THR A 96 -6.76 3.75 7.60
N ARG A 97 -7.80 3.93 8.41
CA ARG A 97 -7.68 3.81 9.86
C ARG A 97 -8.25 2.47 10.32
N PRO A 98 -7.39 1.45 10.46
CA PRO A 98 -7.81 0.10 10.89
C PRO A 98 -8.69 0.13 12.13
N PHE A 99 -8.47 1.12 12.99
CA PHE A 99 -9.24 1.27 14.21
C PHE A 99 -10.63 1.85 13.94
N GLU A 100 -11.00 1.92 12.66
CA GLU A 100 -12.29 2.47 12.26
C GLU A 100 -12.77 1.83 10.96
N GLY A 101 -12.13 2.20 9.86
CA GLY A 101 -12.50 1.68 8.56
C GLY A 101 -11.85 2.48 7.44
N ILE A 102 -12.05 2.02 6.22
CA ILE A 102 -11.47 2.70 5.07
C ILE A 102 -12.45 3.68 4.45
N LYS A 103 -11.90 4.73 3.85
CA LYS A 103 -12.71 5.78 3.23
C LYS A 103 -12.13 6.18 1.87
N PRO A 104 -12.91 6.93 1.08
CA PRO A 104 -12.50 7.40 -0.24
C PRO A 104 -11.57 8.60 -0.17
N GLU A 105 -11.96 9.60 0.61
CA GLU A 105 -11.16 10.81 0.78
C GLU A 105 -9.74 10.50 1.25
N ASN A 106 -9.54 9.30 1.79
CA ASN A 106 -8.24 8.89 2.28
C ASN A 106 -7.22 8.85 1.15
N GLU A 107 -5.94 8.83 1.52
CA GLU A 107 -4.86 8.79 0.54
C GLU A 107 -4.97 7.54 -0.33
N ARG A 108 -4.31 7.58 -1.48
CA ARG A 108 -4.36 6.45 -2.41
C ARG A 108 -2.97 6.11 -2.95
N TYR A 109 -2.86 4.93 -3.54
CA TYR A 109 -1.64 4.45 -4.16
C TYR A 109 -1.94 3.12 -4.86
N THR A 110 -2.73 3.21 -5.92
CA THR A 110 -3.14 2.03 -6.67
C THR A 110 -2.12 1.70 -7.77
N LEU A 111 -1.24 0.76 -7.48
CA LEU A 111 -0.22 0.34 -8.43
C LEU A 111 -0.81 -0.56 -9.51
N HIS A 112 -1.31 0.04 -10.58
CA HIS A 112 -1.88 -0.71 -11.67
C HIS A 112 -0.79 -1.39 -12.50
N LEU A 113 -1.09 -2.59 -12.96
CA LEU A 113 -0.13 -3.39 -13.73
C LEU A 113 -0.82 -4.20 -14.83
N ASN A 114 -0.60 -3.78 -16.07
CA ASN A 114 -1.17 -4.50 -17.21
C ASN A 114 -0.28 -5.69 -17.53
N VAL A 115 -0.36 -6.70 -16.67
CA VAL A 115 0.45 -7.90 -16.80
C VAL A 115 0.29 -8.53 -18.17
N LYS A 116 1.41 -8.70 -18.88
CA LYS A 116 1.40 -9.28 -20.21
C LYS A 116 1.64 -10.80 -20.14
N GLY A 1 7.23 28.87 7.26
CA GLY A 1 6.83 29.50 5.98
C GLY A 1 6.66 28.48 4.86
N SER A 2 5.43 28.02 4.66
CA SER A 2 5.15 27.03 3.62
C SER A 2 5.10 27.70 2.25
N HIS A 3 5.90 27.20 1.32
CA HIS A 3 5.94 27.74 -0.03
C HIS A 3 4.94 27.03 -0.94
N MET A 4 4.71 25.75 -0.67
CA MET A 4 3.76 24.96 -1.45
C MET A 4 2.66 24.39 -0.57
N ILE A 5 1.45 24.31 -1.12
CA ILE A 5 0.31 23.79 -0.39
C ILE A 5 -0.20 22.49 -1.02
N ALA A 6 0.60 21.93 -1.92
CA ALA A 6 0.23 20.68 -2.59
C ALA A 6 0.05 19.54 -1.60
N PRO A 7 1.02 19.32 -0.68
CA PRO A 7 0.93 18.25 0.31
C PRO A 7 -0.35 18.31 1.13
N LEU A 8 -0.84 17.15 1.56
CA LEU A 8 -2.06 17.07 2.35
C LEU A 8 -3.24 17.66 1.59
N SER A 9 -3.09 17.80 0.28
CA SER A 9 -4.14 18.35 -0.56
C SER A 9 -4.19 17.64 -1.91
N VAL A 10 -3.05 17.11 -2.33
CA VAL A 10 -2.95 16.39 -3.60
C VAL A 10 -1.73 15.49 -3.62
N LYS A 11 -1.83 14.37 -4.34
CA LYS A 11 -0.74 13.42 -4.45
C LYS A 11 -1.05 12.36 -5.48
N ASP A 12 -0.07 12.06 -6.33
CA ASP A 12 -0.23 11.06 -7.37
C ASP A 12 -0.15 9.66 -6.77
N ASN A 13 -1.20 8.87 -6.97
CA ASN A 13 -1.25 7.52 -6.44
C ASN A 13 -1.54 6.49 -7.53
N ASP A 14 -1.99 6.97 -8.67
CA ASP A 14 -2.32 6.09 -9.78
C ASP A 14 -1.11 5.81 -10.66
N LYS A 15 -0.51 4.65 -10.46
CA LYS A 15 0.66 4.23 -11.23
C LYS A 15 0.27 3.10 -12.16
N TRP A 16 -0.65 3.39 -13.06
CA TRP A 16 -1.17 2.41 -13.99
C TRP A 16 -0.21 2.18 -15.15
N VAL A 17 0.36 0.98 -15.19
CA VAL A 17 1.33 0.62 -16.23
C VAL A 17 1.28 -0.88 -16.53
N ASP A 18 2.28 -1.35 -17.25
CA ASP A 18 2.38 -2.76 -17.61
C ASP A 18 3.26 -3.52 -16.61
N THR A 19 3.66 -4.74 -16.97
CA THR A 19 4.50 -5.55 -16.08
C THR A 19 4.78 -6.93 -16.66
N HIS A 20 5.45 -7.76 -15.87
CA HIS A 20 5.78 -9.13 -16.27
C HIS A 20 5.12 -10.11 -15.31
N VAL A 21 5.61 -11.35 -15.27
CA VAL A 21 5.05 -12.36 -14.39
C VAL A 21 5.82 -12.45 -13.08
N GLY A 22 5.12 -12.24 -11.97
CA GLY A 22 5.74 -12.30 -10.66
C GLY A 22 6.78 -11.23 -10.44
N LYS A 23 6.76 -10.19 -11.28
CA LYS A 23 7.70 -9.11 -11.15
C LYS A 23 7.58 -8.48 -9.76
N THR A 24 8.36 -8.99 -8.83
CA THR A 24 8.33 -8.51 -7.45
C THR A 24 8.58 -7.01 -7.37
N THR A 25 7.51 -6.24 -7.22
CA THR A 25 7.61 -4.79 -7.12
C THR A 25 7.52 -4.34 -5.67
N GLU A 26 8.69 -4.07 -5.08
CA GLU A 26 8.79 -3.63 -3.71
C GLU A 26 8.45 -2.15 -3.59
N ILE A 27 7.67 -1.81 -2.58
CA ILE A 27 7.28 -0.42 -2.38
C ILE A 27 7.33 -0.02 -0.91
N HIS A 28 8.37 0.71 -0.54
CA HIS A 28 8.51 1.20 0.82
C HIS A 28 7.72 2.49 0.95
N LEU A 29 6.66 2.45 1.75
CA LEU A 29 5.80 3.61 1.93
C LEU A 29 5.97 4.20 3.32
N LYS A 30 5.68 5.49 3.43
CA LYS A 30 5.80 6.18 4.70
C LYS A 30 4.41 6.55 5.21
N GLY A 31 4.30 6.71 6.52
CA GLY A 31 3.02 7.05 7.11
C GLY A 31 3.09 7.11 8.63
N ASN A 32 4.11 6.48 9.20
CA ASN A 32 4.28 6.44 10.65
C ASN A 32 3.12 5.73 11.32
N PRO A 33 3.23 4.41 11.52
CA PRO A 33 2.17 3.60 12.15
C PRO A 33 1.64 4.21 13.45
N THR A 34 2.42 5.09 14.06
CA THR A 34 2.03 5.72 15.31
C THR A 34 1.15 6.95 15.07
N THR A 35 0.51 7.00 13.91
CA THR A 35 -0.36 8.13 13.57
C THR A 35 -1.83 7.71 13.56
N GLY A 36 -2.10 6.49 13.07
CA GLY A 36 -3.47 6.01 13.02
C GLY A 36 -3.75 5.20 11.76
N TYR A 37 -3.83 5.89 10.62
CA TYR A 37 -4.12 5.23 9.35
C TYR A 37 -3.05 4.19 9.02
N MET A 38 -3.40 3.27 8.12
CA MET A 38 -2.52 2.22 7.69
C MET A 38 -2.36 2.24 6.18
N TRP A 39 -1.21 1.79 5.72
CA TRP A 39 -0.94 1.73 4.29
C TRP A 39 -0.93 0.28 3.83
N THR A 40 -2.12 -0.25 3.55
CA THR A 40 -2.24 -1.63 3.11
C THR A 40 -3.14 -1.72 1.88
N ARG A 41 -3.62 -2.93 1.56
CA ARG A 41 -4.48 -3.11 0.39
C ARG A 41 -5.95 -3.02 0.81
N VAL A 42 -6.66 -2.08 0.20
CA VAL A 42 -8.07 -1.87 0.50
C VAL A 42 -8.85 -3.18 0.40
N GLY A 43 -9.79 -3.39 1.32
CA GLY A 43 -10.57 -4.61 1.32
C GLY A 43 -9.87 -5.72 2.08
N PHE A 44 -8.63 -5.45 2.48
CA PHE A 44 -7.85 -6.41 3.23
C PHE A 44 -7.29 -5.78 4.50
N VAL A 45 -7.64 -4.52 4.69
CA VAL A 45 -7.21 -3.76 5.85
C VAL A 45 -7.60 -4.48 7.15
N GLY A 46 -6.59 -4.82 7.94
CA GLY A 46 -6.84 -5.52 9.20
C GLY A 46 -6.67 -7.01 9.05
N LYS A 47 -6.85 -7.52 7.84
CA LYS A 47 -6.72 -8.94 7.56
C LYS A 47 -5.26 -9.37 7.62
N ASP A 48 -5.03 -10.67 7.51
CA ASP A 48 -3.69 -11.20 7.55
C ASP A 48 -2.97 -10.99 6.22
N VAL A 49 -3.52 -11.57 5.17
CA VAL A 49 -2.94 -11.43 3.83
C VAL A 49 -3.83 -10.59 2.93
N LEU A 50 -3.19 -9.76 2.11
CA LEU A 50 -3.90 -8.90 1.18
C LEU A 50 -4.11 -9.62 -0.14
N SER A 51 -3.01 -10.12 -0.69
CA SER A 51 -3.02 -10.86 -1.94
C SER A 51 -4.02 -12.01 -1.91
N ASP A 52 -4.07 -12.78 -3.00
CA ASP A 52 -5.00 -13.91 -3.10
C ASP A 52 -4.53 -14.91 -4.15
N GLU A 53 -4.98 -14.72 -5.39
CA GLU A 53 -4.63 -15.60 -6.48
C GLU A 53 -4.13 -14.80 -7.69
N ILE A 54 -4.63 -13.58 -7.82
CA ILE A 54 -4.25 -12.70 -8.93
C ILE A 54 -2.84 -12.15 -8.74
N LEU A 55 -2.73 -11.16 -7.86
CA LEU A 55 -1.44 -10.54 -7.57
C LEU A 55 -0.87 -11.04 -6.25
N GLU A 56 0.26 -11.75 -6.30
CA GLU A 56 0.92 -12.24 -5.10
C GLU A 56 1.49 -11.08 -4.31
N VAL A 57 0.62 -10.27 -3.74
CA VAL A 57 1.03 -9.11 -2.98
C VAL A 57 1.59 -9.49 -1.62
N VAL A 58 2.85 -9.89 -1.61
CA VAL A 58 3.51 -10.24 -0.36
C VAL A 58 3.90 -8.97 0.37
N CYS A 59 2.92 -8.40 1.07
CA CYS A 59 3.12 -7.17 1.79
C CYS A 59 3.42 -7.43 3.26
N LYS A 60 4.39 -6.71 3.79
CA LYS A 60 4.77 -6.83 5.18
C LYS A 60 4.75 -5.47 5.84
N TYR A 61 3.84 -5.30 6.78
CA TYR A 61 3.70 -4.05 7.51
C TYR A 61 4.72 -4.01 8.64
N THR A 62 5.75 -3.19 8.48
CA THR A 62 6.78 -3.06 9.50
C THR A 62 6.54 -1.81 10.35
N PRO A 63 6.15 -2.00 11.62
CA PRO A 63 5.88 -0.91 12.54
C PRO A 63 7.07 -0.64 13.46
N THR A 64 6.83 0.14 14.51
CA THR A 64 7.87 0.45 15.47
C THR A 64 7.29 0.70 16.86
N PRO A 65 7.91 0.12 17.91
CA PRO A 65 7.46 0.27 19.28
C PRO A 65 8.09 1.48 19.96
N SER A 66 7.98 2.62 19.30
CA SER A 66 8.56 3.86 19.83
C SER A 66 7.97 5.07 19.12
N SER A 67 8.37 6.26 19.56
CA SER A 67 7.90 7.50 18.97
C SER A 67 8.89 8.02 17.93
N THR A 68 10.00 7.30 17.78
CA THR A 68 11.03 7.67 16.83
C THR A 68 10.51 7.63 15.40
N PRO A 69 11.16 8.35 14.47
CA PRO A 69 10.75 8.38 13.06
C PRO A 69 11.03 7.06 12.34
N MET A 70 11.20 7.13 11.03
CA MET A 70 11.47 5.93 10.23
C MET A 70 12.76 5.25 10.68
N VAL A 71 13.54 5.95 11.49
CA VAL A 71 14.81 5.41 12.00
C VAL A 71 14.57 4.54 13.23
N GLY A 72 14.68 3.23 13.04
CA GLY A 72 14.48 2.32 14.16
C GLY A 72 14.37 0.87 13.70
N VAL A 73 13.25 0.23 14.04
CA VAL A 73 13.02 -1.16 13.67
C VAL A 73 11.87 -1.28 12.67
N GLY A 74 11.58 -0.17 11.99
CA GLY A 74 10.51 -0.16 11.00
C GLY A 74 9.79 1.17 10.93
N GLY A 75 8.47 1.12 10.79
CA GLY A 75 7.69 2.34 10.72
C GLY A 75 7.22 2.65 9.31
N ILE A 76 7.27 1.64 8.43
CA ILE A 76 6.83 1.83 7.05
C ILE A 76 5.98 0.66 6.58
N TYR A 77 5.81 0.56 5.26
CA TYR A 77 5.02 -0.48 4.65
C TYR A 77 5.70 -0.98 3.38
N VAL A 78 6.20 -2.21 3.40
CA VAL A 78 6.87 -2.77 2.24
C VAL A 78 5.96 -3.76 1.52
N VAL A 79 5.57 -3.40 0.30
CA VAL A 79 4.67 -4.24 -0.49
C VAL A 79 5.38 -4.89 -1.67
N LEU A 80 5.28 -6.23 -1.75
CA LEU A 80 5.87 -6.98 -2.85
C LEU A 80 4.76 -7.53 -3.75
N VAL A 81 4.54 -6.87 -4.87
CA VAL A 81 3.49 -7.30 -5.78
C VAL A 81 4.04 -8.21 -6.87
N LYS A 82 3.66 -9.48 -6.81
CA LYS A 82 4.12 -10.47 -7.79
C LYS A 82 2.96 -11.02 -8.62
N PRO A 83 2.74 -10.47 -9.83
CA PRO A 83 1.65 -10.92 -10.71
C PRO A 83 1.64 -12.43 -10.90
N ARG A 84 0.70 -13.09 -10.24
CA ARG A 84 0.57 -14.54 -10.31
C ARG A 84 0.03 -14.97 -11.68
N LYS A 85 -0.95 -14.24 -12.17
CA LYS A 85 -1.56 -14.55 -13.46
C LYS A 85 -1.16 -13.53 -14.52
N ARG A 86 -1.58 -13.78 -15.76
CA ARG A 86 -1.25 -12.89 -16.87
C ARG A 86 -2.52 -12.23 -17.42
N GLY A 87 -2.54 -10.91 -17.44
CA GLY A 87 -3.69 -10.18 -17.94
C GLY A 87 -3.70 -8.73 -17.51
N HIS A 88 -4.52 -8.43 -16.50
CA HIS A 88 -4.62 -7.06 -15.98
C HIS A 88 -4.82 -7.07 -14.47
N HIS A 89 -3.72 -7.02 -13.74
CA HIS A 89 -3.77 -7.02 -12.28
C HIS A 89 -3.61 -5.60 -11.74
N THR A 90 -3.76 -5.45 -10.42
CA THR A 90 -3.63 -4.14 -9.79
C THR A 90 -3.38 -4.26 -8.30
N LEU A 91 -2.67 -3.26 -7.76
CA LEU A 91 -2.35 -3.23 -6.33
C LEU A 91 -3.06 -2.06 -5.66
N GLU A 92 -4.28 -2.30 -5.19
CA GLU A 92 -5.07 -1.28 -4.55
C GLU A 92 -4.58 -1.00 -3.13
N LEU A 93 -3.71 -0.02 -2.98
CA LEU A 93 -3.19 0.36 -1.66
C LEU A 93 -3.86 1.64 -1.19
N VAL A 94 -4.34 1.63 0.03
CA VAL A 94 -5.02 2.78 0.60
C VAL A 94 -4.54 3.10 2.01
N TYR A 95 -4.65 4.37 2.41
CA TYR A 95 -4.26 4.81 3.74
C TYR A 95 -5.50 4.87 4.63
N THR A 96 -5.80 3.75 5.29
CA THR A 96 -6.99 3.66 6.13
C THR A 96 -6.70 3.11 7.53
N ARG A 97 -7.52 3.53 8.49
CA ARG A 97 -7.39 3.07 9.86
C ARG A 97 -8.18 1.76 10.04
N PRO A 98 -7.49 0.60 10.05
CA PRO A 98 -8.14 -0.70 10.21
C PRO A 98 -9.14 -0.74 11.36
N PHE A 99 -8.83 -0.04 12.45
CA PHE A 99 -9.69 -0.01 13.61
C PHE A 99 -10.75 1.10 13.51
N GLU A 100 -10.98 1.59 12.29
CA GLU A 100 -11.95 2.65 12.07
C GLU A 100 -12.59 2.54 10.68
N GLY A 101 -12.20 1.52 9.93
CA GLY A 101 -12.74 1.33 8.60
C GLY A 101 -12.07 2.24 7.59
N ILE A 102 -12.48 2.12 6.33
CA ILE A 102 -11.91 2.93 5.27
C ILE A 102 -12.85 4.04 4.81
N LYS A 103 -12.27 5.10 4.28
CA LYS A 103 -13.03 6.24 3.80
C LYS A 103 -12.50 6.75 2.47
N PRO A 104 -13.30 7.56 1.75
CA PRO A 104 -12.91 8.11 0.45
C PRO A 104 -11.82 9.18 0.57
N GLU A 105 -11.93 9.99 1.61
CA GLU A 105 -10.94 11.05 1.85
C GLU A 105 -9.56 10.47 2.10
N ASN A 106 -9.52 9.22 2.55
CA ASN A 106 -8.26 8.54 2.83
C ASN A 106 -7.34 8.55 1.62
N GLU A 107 -6.04 8.59 1.87
CA GLU A 107 -5.04 8.60 0.81
C GLU A 107 -5.21 7.39 -0.10
N ARG A 108 -4.60 7.46 -1.28
CA ARG A 108 -4.69 6.38 -2.26
C ARG A 108 -3.32 6.03 -2.82
N TYR A 109 -3.24 4.86 -3.45
CA TYR A 109 -2.01 4.39 -4.08
C TYR A 109 -2.30 3.09 -4.83
N THR A 110 -2.97 3.23 -5.96
CA THR A 110 -3.34 2.07 -6.77
C THR A 110 -2.32 1.82 -7.87
N LEU A 111 -1.52 0.77 -7.70
CA LEU A 111 -0.50 0.42 -8.68
C LEU A 111 -1.04 -0.59 -9.68
N HIS A 112 -1.58 -0.09 -10.78
CA HIS A 112 -2.13 -0.96 -11.82
C HIS A 112 -1.00 -1.60 -12.62
N LEU A 113 -1.27 -2.78 -13.17
CA LEU A 113 -0.27 -3.53 -13.92
C LEU A 113 -0.94 -4.37 -15.02
N ASN A 114 -0.61 -4.06 -16.27
CA ASN A 114 -1.16 -4.80 -17.40
C ASN A 114 -0.28 -6.01 -17.68
N VAL A 115 -0.30 -6.95 -16.73
CA VAL A 115 0.51 -8.16 -16.84
C VAL A 115 0.36 -8.83 -18.20
N LYS A 116 1.47 -8.95 -18.92
CA LYS A 116 1.46 -9.57 -20.25
C LYS A 116 1.13 -11.06 -20.15
N GLY A 1 -17.64 14.69 0.64
CA GLY A 1 -16.36 15.02 -0.08
C GLY A 1 -16.55 15.11 -1.58
N SER A 2 -15.50 15.55 -2.27
CA SER A 2 -15.55 15.68 -3.73
C SER A 2 -14.21 15.35 -4.34
N HIS A 3 -14.18 15.21 -5.67
CA HIS A 3 -12.96 14.89 -6.39
C HIS A 3 -12.27 16.16 -6.89
N MET A 4 -12.91 17.30 -6.65
CA MET A 4 -12.37 18.59 -7.07
C MET A 4 -12.17 18.62 -8.58
N ILE A 5 -11.52 19.69 -9.07
CA ILE A 5 -11.26 19.84 -10.49
C ILE A 5 -10.15 18.91 -10.95
N ALA A 6 -9.20 18.65 -10.06
CA ALA A 6 -8.07 17.77 -10.36
C ALA A 6 -7.32 17.37 -9.10
N PRO A 7 -6.70 16.18 -9.09
CA PRO A 7 -5.95 15.69 -7.94
C PRO A 7 -4.64 16.46 -7.72
N LEU A 8 -4.20 16.52 -6.48
CA LEU A 8 -2.96 17.23 -6.14
C LEU A 8 -1.75 16.48 -6.66
N SER A 9 -0.63 17.19 -6.80
CA SER A 9 0.60 16.60 -7.30
C SER A 9 1.55 16.29 -6.15
N VAL A 10 1.12 16.58 -4.93
CA VAL A 10 1.93 16.33 -3.75
C VAL A 10 1.68 14.93 -3.20
N LYS A 11 1.03 14.09 -3.99
CA LYS A 11 0.73 12.73 -3.59
C LYS A 11 1.26 11.73 -4.60
N ASP A 12 0.74 11.81 -5.82
CA ASP A 12 1.14 10.92 -6.89
C ASP A 12 1.08 9.46 -6.47
N ASN A 13 0.00 8.80 -6.85
CA ASN A 13 -0.21 7.41 -6.50
C ASN A 13 -0.57 6.56 -7.72
N ASP A 14 -1.80 6.73 -8.18
CA ASP A 14 -2.32 6.01 -9.32
C ASP A 14 -1.27 5.82 -10.41
N LYS A 15 -0.64 4.65 -10.39
CA LYS A 15 0.38 4.32 -11.36
C LYS A 15 -0.15 3.29 -12.37
N TRP A 16 -0.66 3.79 -13.49
CA TRP A 16 -1.22 2.94 -14.53
C TRP A 16 -0.15 2.52 -15.54
N VAL A 17 0.28 1.25 -15.45
CA VAL A 17 1.31 0.74 -16.36
C VAL A 17 1.17 -0.75 -16.59
N ASP A 18 2.13 -1.30 -17.33
CA ASP A 18 2.17 -2.71 -17.65
C ASP A 18 3.14 -3.45 -16.74
N THR A 19 3.34 -4.75 -16.97
CA THR A 19 4.26 -5.54 -16.14
C THR A 19 4.42 -6.96 -16.66
N HIS A 20 5.21 -7.74 -15.92
CA HIS A 20 5.46 -9.14 -16.27
C HIS A 20 4.86 -10.06 -15.20
N VAL A 21 5.23 -11.33 -15.23
CA VAL A 21 4.70 -12.28 -14.25
C VAL A 21 5.63 -12.44 -13.05
N GLY A 22 5.02 -12.45 -11.86
CA GLY A 22 5.76 -12.60 -10.62
C GLY A 22 6.84 -11.55 -10.44
N LYS A 23 6.79 -10.49 -11.22
CA LYS A 23 7.77 -9.42 -11.11
C LYS A 23 7.62 -8.73 -9.75
N THR A 24 8.21 -9.35 -8.73
CA THR A 24 8.13 -8.84 -7.37
C THR A 24 8.44 -7.35 -7.31
N THR A 25 7.39 -6.55 -7.21
CA THR A 25 7.54 -5.11 -7.12
C THR A 25 7.54 -4.65 -5.67
N GLU A 26 8.74 -4.45 -5.14
CA GLU A 26 8.92 -4.02 -3.78
C GLU A 26 8.67 -2.52 -3.64
N ILE A 27 7.90 -2.16 -2.64
CA ILE A 27 7.57 -0.76 -2.40
C ILE A 27 7.64 -0.40 -0.92
N HIS A 28 8.70 0.30 -0.54
CA HIS A 28 8.87 0.74 0.83
C HIS A 28 8.16 2.07 1.02
N LEU A 29 6.95 2.02 1.57
CA LEU A 29 6.17 3.23 1.78
C LEU A 29 6.39 3.76 3.19
N LYS A 30 6.38 5.08 3.33
CA LYS A 30 6.56 5.70 4.62
C LYS A 30 5.23 6.09 5.23
N GLY A 31 5.24 6.33 6.54
CA GLY A 31 4.01 6.69 7.23
C GLY A 31 4.21 6.79 8.74
N ASN A 32 3.21 6.34 9.48
CA ASN A 32 3.28 6.37 10.94
C ASN A 32 2.10 5.64 11.56
N PRO A 33 2.30 4.38 12.02
CA PRO A 33 1.24 3.58 12.64
C PRO A 33 0.60 4.28 13.84
N THR A 34 1.42 4.99 14.61
CA THR A 34 0.94 5.70 15.79
C THR A 34 -0.02 6.83 15.41
N THR A 35 0.09 7.29 14.16
CA THR A 35 -0.77 8.36 13.68
C THR A 35 -2.24 7.93 13.67
N GLY A 36 -2.52 6.78 13.09
CA GLY A 36 -3.88 6.29 13.04
C GLY A 36 -4.14 5.39 11.83
N TYR A 37 -4.16 5.99 10.64
CA TYR A 37 -4.41 5.24 9.43
C TYR A 37 -3.32 4.19 9.18
N MET A 38 -3.46 3.46 8.08
CA MET A 38 -2.54 2.41 7.71
C MET A 38 -2.41 2.34 6.19
N TRP A 39 -1.28 1.86 5.73
CA TRP A 39 -1.05 1.70 4.30
C TRP A 39 -1.12 0.24 3.93
N THR A 40 -2.30 -0.19 3.48
CA THR A 40 -2.51 -1.59 3.11
C THR A 40 -3.40 -1.69 1.86
N ARG A 41 -3.85 -2.89 1.51
CA ARG A 41 -4.69 -3.07 0.32
C ARG A 41 -6.17 -2.87 0.65
N VAL A 42 -6.95 -2.53 -0.38
CA VAL A 42 -8.39 -2.29 -0.22
C VAL A 42 -9.17 -3.58 0.03
N GLY A 43 -10.03 -3.54 1.04
CA GLY A 43 -10.82 -4.71 1.38
C GLY A 43 -10.03 -5.78 2.10
N PHE A 44 -8.78 -5.46 2.40
CA PHE A 44 -7.90 -6.39 3.09
C PHE A 44 -7.29 -5.75 4.33
N VAL A 45 -7.64 -4.47 4.52
CA VAL A 45 -7.16 -3.72 5.67
C VAL A 45 -7.36 -4.50 6.97
N GLY A 46 -6.25 -4.91 7.58
CA GLY A 46 -6.32 -5.66 8.82
C GLY A 46 -5.75 -7.05 8.68
N LYS A 47 -5.62 -7.51 7.44
CA LYS A 47 -5.09 -8.83 7.15
C LYS A 47 -3.56 -8.82 7.22
N ASP A 48 -2.93 -9.81 6.59
CA ASP A 48 -1.48 -9.92 6.60
C ASP A 48 -0.92 -9.86 5.18
N VAL A 49 -1.40 -10.76 4.33
CA VAL A 49 -0.93 -10.83 2.94
C VAL A 49 -1.71 -9.89 2.05
N LEU A 50 -3.02 -9.80 2.29
CA LEU A 50 -3.90 -8.95 1.49
C LEU A 50 -4.19 -9.59 0.13
N SER A 51 -3.15 -10.13 -0.50
CA SER A 51 -3.28 -10.78 -1.80
C SER A 51 -4.32 -11.90 -1.78
N ASP A 52 -4.44 -12.61 -2.90
CA ASP A 52 -5.40 -13.70 -3.02
C ASP A 52 -4.97 -14.70 -4.10
N GLU A 53 -5.35 -14.41 -5.34
CA GLU A 53 -5.04 -15.29 -6.46
C GLU A 53 -4.48 -14.49 -7.64
N ILE A 54 -4.93 -13.26 -7.78
CA ILE A 54 -4.49 -12.39 -8.87
C ILE A 54 -3.06 -11.90 -8.64
N LEU A 55 -2.90 -10.91 -7.78
CA LEU A 55 -1.59 -10.37 -7.48
C LEU A 55 -1.08 -10.87 -6.13
N GLU A 56 -0.01 -11.65 -6.16
CA GLU A 56 0.61 -12.16 -4.94
C GLU A 56 1.24 -11.03 -4.15
N VAL A 57 0.40 -10.17 -3.59
CA VAL A 57 0.87 -9.03 -2.85
C VAL A 57 1.40 -9.43 -1.48
N VAL A 58 2.65 -9.85 -1.42
CA VAL A 58 3.26 -10.22 -0.17
C VAL A 58 3.66 -8.96 0.59
N CYS A 59 2.68 -8.38 1.27
CA CYS A 59 2.89 -7.15 2.01
C CYS A 59 3.21 -7.44 3.47
N LYS A 60 4.15 -6.68 4.01
CA LYS A 60 4.55 -6.84 5.40
C LYS A 60 4.60 -5.48 6.08
N TYR A 61 3.64 -5.25 6.95
CA TYR A 61 3.56 -4.01 7.70
C TYR A 61 4.56 -4.04 8.85
N THR A 62 5.59 -3.20 8.78
CA THR A 62 6.61 -3.16 9.81
C THR A 62 6.59 -1.84 10.58
N PRO A 63 6.20 -1.88 11.87
CA PRO A 63 6.15 -0.73 12.73
C PRO A 63 7.35 -0.68 13.67
N THR A 64 8.35 0.13 13.32
CA THR A 64 9.55 0.23 14.14
C THR A 64 9.80 1.68 14.57
N PRO A 65 10.18 1.88 15.85
CA PRO A 65 10.47 3.23 16.39
C PRO A 65 11.43 4.01 15.51
N SER A 66 11.08 5.26 15.22
CA SER A 66 11.92 6.12 14.40
C SER A 66 13.20 6.49 15.12
N SER A 67 14.02 7.32 14.48
CA SER A 67 15.28 7.74 15.07
C SER A 67 15.14 9.08 15.80
N THR A 68 13.98 9.73 15.63
CA THR A 68 13.72 11.00 16.28
C THR A 68 12.91 10.85 17.55
N PRO A 69 13.09 11.76 18.51
CA PRO A 69 12.37 11.74 19.79
C PRO A 69 10.95 12.29 19.68
N MET A 70 10.33 12.07 18.53
CA MET A 70 8.98 12.56 18.30
C MET A 70 8.09 11.45 17.76
N VAL A 71 8.68 10.28 17.56
CA VAL A 71 7.95 9.13 17.05
C VAL A 71 8.15 7.91 17.94
N GLY A 72 7.05 7.25 18.29
CA GLY A 72 7.12 6.07 19.13
C GLY A 72 7.42 4.82 18.34
N VAL A 73 6.59 4.52 17.36
CA VAL A 73 6.76 3.34 16.52
C VAL A 73 6.36 3.64 15.08
N GLY A 74 7.28 4.25 14.33
CA GLY A 74 7.01 4.57 12.94
C GLY A 74 7.90 3.84 11.97
N GLY A 75 7.35 2.81 11.33
CA GLY A 75 8.11 2.02 10.37
C GLY A 75 7.71 2.32 8.95
N ILE A 76 7.45 1.27 8.17
CA ILE A 76 7.06 1.44 6.79
C ILE A 76 6.11 0.33 6.35
N TYR A 77 5.90 0.23 5.05
CA TYR A 77 5.02 -0.79 4.48
C TYR A 77 5.68 -1.44 3.28
N VAL A 78 6.26 -2.63 3.50
CA VAL A 78 6.94 -3.36 2.44
C VAL A 78 5.95 -4.18 1.63
N VAL A 79 5.60 -3.69 0.45
CA VAL A 79 4.65 -4.38 -0.41
C VAL A 79 5.32 -5.07 -1.59
N LEU A 80 5.18 -6.39 -1.66
CA LEU A 80 5.74 -7.18 -2.77
C LEU A 80 4.63 -7.68 -3.66
N VAL A 81 4.40 -6.98 -4.75
CA VAL A 81 3.33 -7.35 -5.67
C VAL A 81 3.85 -8.27 -6.77
N LYS A 82 3.55 -9.57 -6.64
CA LYS A 82 3.98 -10.56 -7.60
C LYS A 82 2.82 -11.03 -8.47
N PRO A 83 2.75 -10.57 -9.74
CA PRO A 83 1.68 -10.95 -10.67
C PRO A 83 1.55 -12.46 -10.81
N ARG A 84 0.61 -13.04 -10.07
CA ARG A 84 0.37 -14.47 -10.10
C ARG A 84 -0.14 -14.92 -11.47
N LYS A 85 -1.04 -14.12 -12.04
CA LYS A 85 -1.62 -14.44 -13.35
C LYS A 85 -1.18 -13.44 -14.40
N ARG A 86 -1.53 -13.71 -15.65
CA ARG A 86 -1.18 -12.82 -16.76
C ARG A 86 -2.43 -12.19 -17.36
N GLY A 87 -2.62 -10.90 -17.09
CA GLY A 87 -3.78 -10.19 -17.61
C GLY A 87 -3.92 -8.80 -17.02
N HIS A 88 -5.07 -8.53 -16.42
CA HIS A 88 -5.33 -7.23 -15.82
C HIS A 88 -5.22 -7.30 -14.29
N HIS A 89 -4.06 -6.90 -13.78
CA HIS A 89 -3.82 -6.92 -12.34
C HIS A 89 -3.63 -5.50 -11.81
N THR A 90 -3.84 -5.33 -10.50
CA THR A 90 -3.70 -4.02 -9.88
C THR A 90 -3.50 -4.13 -8.37
N LEU A 91 -2.80 -3.15 -7.79
CA LEU A 91 -2.54 -3.14 -6.36
C LEU A 91 -3.19 -1.92 -5.70
N GLU A 92 -4.42 -2.10 -5.24
CA GLU A 92 -5.15 -1.03 -4.59
C GLU A 92 -4.68 -0.80 -3.17
N LEU A 93 -3.81 0.20 -3.00
CA LEU A 93 -3.30 0.54 -1.68
C LEU A 93 -3.89 1.87 -1.22
N VAL A 94 -4.36 1.91 0.01
CA VAL A 94 -4.97 3.12 0.56
C VAL A 94 -4.51 3.38 1.99
N TYR A 95 -4.80 4.59 2.47
CA TYR A 95 -4.46 4.99 3.83
C TYR A 95 -5.74 5.03 4.66
N THR A 96 -6.09 3.89 5.26
CA THR A 96 -7.31 3.77 6.04
C THR A 96 -7.06 3.45 7.50
N ARG A 97 -8.11 3.53 8.31
CA ARG A 97 -8.02 3.21 9.73
C ARG A 97 -8.61 1.82 10.00
N PRO A 98 -7.76 0.78 10.04
CA PRO A 98 -8.20 -0.60 10.28
C PRO A 98 -9.25 -0.71 11.38
N PHE A 99 -9.11 0.12 12.41
CA PHE A 99 -10.04 0.12 13.52
C PHE A 99 -11.40 0.70 13.12
N GLU A 100 -11.36 1.77 12.33
CA GLU A 100 -12.59 2.43 11.88
C GLU A 100 -13.04 1.88 10.52
N GLY A 101 -12.39 2.35 9.47
CA GLY A 101 -12.74 1.91 8.12
C GLY A 101 -12.10 2.78 7.07
N ILE A 102 -12.33 2.44 5.81
CA ILE A 102 -11.77 3.18 4.70
C ILE A 102 -12.73 4.25 4.20
N LYS A 103 -12.16 5.30 3.62
CA LYS A 103 -12.94 6.41 3.11
C LYS A 103 -12.31 6.99 1.84
N PRO A 104 -13.09 7.77 1.07
CA PRO A 104 -12.61 8.40 -0.16
C PRO A 104 -11.43 9.33 0.08
N GLU A 105 -11.49 10.05 1.20
CA GLU A 105 -10.42 10.98 1.56
C GLU A 105 -9.11 10.26 1.80
N ASN A 106 -9.20 8.97 2.13
CA ASN A 106 -8.01 8.15 2.39
C ASN A 106 -7.01 8.25 1.24
N GLU A 107 -5.74 8.40 1.59
CA GLU A 107 -4.68 8.51 0.59
C GLU A 107 -4.78 7.35 -0.39
N ARG A 108 -4.24 7.54 -1.59
CA ARG A 108 -4.30 6.50 -2.61
C ARG A 108 -2.91 6.04 -3.03
N TYR A 109 -2.87 4.83 -3.61
CA TYR A 109 -1.65 4.23 -4.13
C TYR A 109 -2.02 2.96 -4.88
N THR A 110 -2.76 3.14 -5.96
CA THR A 110 -3.20 2.03 -6.78
C THR A 110 -2.20 1.73 -7.89
N LEU A 111 -1.35 0.73 -7.67
CA LEU A 111 -0.34 0.36 -8.66
C LEU A 111 -0.92 -0.57 -9.71
N HIS A 112 -1.35 0.02 -10.82
CA HIS A 112 -1.92 -0.76 -11.92
C HIS A 112 -0.82 -1.40 -12.75
N LEU A 113 -1.07 -2.64 -13.19
CA LEU A 113 -0.11 -3.40 -13.96
C LEU A 113 -0.81 -4.28 -15.00
N ASN A 114 -0.72 -3.88 -16.27
CA ASN A 114 -1.30 -4.64 -17.34
C ASN A 114 -0.40 -5.82 -17.67
N VAL A 115 -0.41 -6.82 -16.79
CA VAL A 115 0.43 -7.99 -16.94
C VAL A 115 0.20 -8.67 -18.29
N LYS A 116 1.25 -8.71 -19.11
CA LYS A 116 1.17 -9.33 -20.43
C LYS A 116 2.20 -10.45 -20.56
#